data_1P8A
#
_entry.id   1P8A
#
_entity_poly.entity_id   1
_entity_poly.type   'polypeptide(L)'
_entity_poly.pdbx_seq_one_letter_code
;AAEKKAVLFVCLGNICRSPACEGICRDMVGDKLIIDSAATSGFHVGQSPDTRSQKVCKSNGVDISKQRARQITKADFSKF
DVIAALDQSILSDINSMKPSNCRAKVVLFNPPNGVDDPYYSSDGFPTMFASISKEMKPFLTEHGLI
;
_entity_poly.pdbx_strand_id   A
#
# COMPACT_ATOMS: atom_id res chain seq x y z
N ALA A 1 -13.36 -13.99 17.65
CA ALA A 1 -13.98 -12.89 16.84
C ALA A 1 -12.96 -12.34 15.84
N ALA A 2 -12.19 -13.19 15.22
CA ALA A 2 -11.17 -12.72 14.24
C ALA A 2 -11.87 -12.31 12.93
N GLU A 3 -11.75 -11.06 12.55
CA GLU A 3 -12.39 -10.61 11.28
C GLU A 3 -11.35 -10.08 10.32
N LYS A 4 -11.80 -9.54 9.22
CA LYS A 4 -10.84 -8.98 8.22
C LYS A 4 -11.13 -7.50 8.04
N LYS A 5 -10.12 -6.71 7.86
CA LYS A 5 -10.35 -5.25 7.71
C LYS A 5 -9.94 -4.78 6.31
N ALA A 6 -9.18 -3.73 6.22
CA ALA A 6 -8.74 -3.21 4.90
C ALA A 6 -7.80 -2.02 5.09
N VAL A 7 -6.51 -2.23 4.91
CA VAL A 7 -5.55 -1.11 5.10
C VAL A 7 -5.33 -0.37 3.78
N LEU A 8 -5.26 0.94 3.83
CA LEU A 8 -5.05 1.73 2.59
C LEU A 8 -3.55 1.87 2.31
N PHE A 9 -3.01 1.00 1.50
CA PHE A 9 -1.56 1.08 1.18
C PHE A 9 -1.30 2.18 0.16
N VAL A 10 -0.78 3.30 0.59
CA VAL A 10 -0.52 4.42 -0.36
C VAL A 10 0.95 4.83 -0.31
N CYS A 11 1.43 5.53 -1.30
CA CYS A 11 2.86 5.96 -1.30
C CYS A 11 3.01 7.30 -2.04
N LEU A 12 2.53 7.38 -3.26
CA LEU A 12 2.66 8.65 -4.02
C LEU A 12 2.17 8.45 -5.46
N GLY A 13 1.01 7.87 -5.63
CA GLY A 13 0.49 7.66 -7.00
C GLY A 13 -0.10 6.25 -7.12
N ASN A 14 0.04 5.45 -6.08
CA ASN A 14 -0.50 4.07 -6.14
C ASN A 14 0.30 3.22 -7.12
N ILE A 15 1.59 3.40 -7.17
CA ILE A 15 2.42 2.60 -8.11
C ILE A 15 3.70 2.12 -7.41
N CYS A 16 4.30 2.96 -6.59
CA CYS A 16 5.54 2.55 -5.88
C CYS A 16 5.18 1.92 -4.53
N ARG A 17 5.34 0.62 -4.42
CA ARG A 17 5.02 -0.07 -3.13
C ARG A 17 3.51 -0.16 -2.94
N SER A 18 2.74 0.43 -3.83
CA SER A 18 1.26 0.38 -3.69
C SER A 18 0.70 -0.93 -4.29
N PRO A 19 1.09 -1.19 -5.51
CA PRO A 19 0.61 -2.42 -6.20
C PRO A 19 1.33 -3.66 -5.66
N ALA A 20 2.17 -3.48 -4.67
CA ALA A 20 2.90 -4.66 -4.10
C ALA A 20 2.19 -5.15 -2.83
N CYS A 21 1.38 -4.32 -2.24
CA CYS A 21 0.66 -4.74 -1.00
C CYS A 21 -0.42 -5.76 -1.33
N GLU A 22 -1.07 -5.60 -2.45
CA GLU A 22 -2.13 -6.58 -2.84
C GLU A 22 -1.52 -7.96 -3.04
N GLY A 23 -0.35 -8.02 -3.60
CA GLY A 23 0.30 -9.35 -3.83
C GLY A 23 0.88 -9.87 -2.51
N ILE A 24 1.72 -9.11 -1.87
CA ILE A 24 2.31 -9.57 -0.58
C ILE A 24 1.20 -10.05 0.36
N CYS A 25 0.14 -9.31 0.46
CA CYS A 25 -0.98 -9.74 1.36
C CYS A 25 -1.72 -10.93 0.77
N ARG A 26 -2.17 -10.81 -0.46
CA ARG A 26 -2.88 -11.95 -1.10
C ARG A 26 -2.17 -13.27 -0.80
N ASP A 27 -0.86 -13.26 -0.85
CA ASP A 27 -0.11 -14.51 -0.57
C ASP A 27 0.07 -14.70 0.94
N MET A 28 0.20 -13.63 1.67
CA MET A 28 0.37 -13.74 3.15
C MET A 28 -0.82 -14.47 3.77
N VAL A 29 -2.01 -14.12 3.38
CA VAL A 29 -3.22 -14.78 3.96
C VAL A 29 -3.86 -15.71 2.93
N GLY A 30 -3.80 -15.36 1.67
CA GLY A 30 -4.42 -16.23 0.63
C GLY A 30 -5.43 -15.41 -0.18
N ASP A 31 -6.36 -14.78 0.48
CA ASP A 31 -7.37 -13.96 -0.25
C ASP A 31 -8.36 -13.34 0.72
N LYS A 32 -8.08 -12.16 1.19
CA LYS A 32 -9.00 -11.50 2.16
C LYS A 32 -9.08 -9.99 1.87
N LEU A 33 -9.08 -9.18 2.89
CA LEU A 33 -9.15 -7.71 2.67
C LEU A 33 -7.87 -7.04 3.18
N ILE A 34 -7.98 -6.10 4.08
CA ILE A 34 -6.78 -5.39 4.63
C ILE A 34 -5.88 -4.87 3.49
N ILE A 35 -6.29 -5.00 2.26
CA ILE A 35 -5.43 -4.52 1.14
C ILE A 35 -6.17 -3.46 0.31
N ASP A 36 -5.75 -2.23 0.41
CA ASP A 36 -6.42 -1.15 -0.38
C ASP A 36 -5.39 -0.14 -0.86
N SER A 37 -4.85 -0.33 -2.04
CA SER A 37 -3.83 0.61 -2.57
C SER A 37 -4.48 1.96 -2.90
N ALA A 38 -3.84 3.05 -2.56
CA ALA A 38 -4.44 4.38 -2.87
C ALA A 38 -3.33 5.42 -3.06
N ALA A 39 -3.69 6.63 -3.38
CA ALA A 39 -2.66 7.69 -3.59
C ALA A 39 -3.31 9.07 -3.54
N THR A 40 -2.60 10.04 -3.01
CA THR A 40 -3.19 11.41 -2.92
C THR A 40 -2.48 12.35 -3.92
N SER A 41 -2.16 11.85 -5.08
CA SER A 41 -1.47 12.71 -6.09
C SER A 41 -1.63 12.11 -7.49
N GLY A 42 -2.70 12.45 -8.17
CA GLY A 42 -2.91 11.89 -9.54
C GLY A 42 -1.85 12.47 -10.49
N PHE A 43 -0.61 12.08 -10.31
CA PHE A 43 0.46 12.61 -11.20
C PHE A 43 0.94 11.50 -12.15
N HIS A 44 1.47 10.44 -11.60
CA HIS A 44 1.96 9.33 -12.48
C HIS A 44 0.85 8.30 -12.70
N VAL A 45 0.08 8.46 -13.73
CA VAL A 45 -1.02 7.48 -14.00
C VAL A 45 -1.07 7.12 -15.48
N GLY A 46 -1.72 6.05 -15.82
CA GLY A 46 -1.78 5.63 -17.26
C GLY A 46 -0.38 5.54 -17.84
N GLN A 47 0.56 5.09 -17.06
CA GLN A 47 1.96 4.97 -17.56
C GLN A 47 2.83 4.23 -16.54
N SER A 48 4.08 4.62 -16.43
CA SER A 48 4.98 3.93 -15.45
C SER A 48 5.04 2.43 -15.75
N PRO A 49 6.17 2.00 -16.21
CA PRO A 49 6.39 0.57 -16.54
C PRO A 49 6.40 -0.28 -15.26
N ASP A 50 5.27 -0.80 -14.86
CA ASP A 50 5.22 -1.63 -13.63
C ASP A 50 5.56 -3.09 -13.96
N THR A 51 6.17 -3.32 -15.08
CA THR A 51 6.53 -4.71 -15.46
C THR A 51 7.73 -5.17 -14.63
N ARG A 52 8.55 -4.23 -14.24
CA ARG A 52 9.74 -4.60 -13.41
C ARG A 52 9.27 -4.97 -12.01
N SER A 53 8.50 -4.13 -11.38
CA SER A 53 8.00 -4.44 -10.01
C SER A 53 7.11 -5.68 -10.05
N GLN A 54 6.16 -5.71 -10.95
CA GLN A 54 5.27 -6.90 -11.05
C GLN A 54 6.12 -8.13 -11.36
N LYS A 55 7.09 -7.99 -12.22
CA LYS A 55 7.96 -9.16 -12.56
C LYS A 55 8.65 -9.67 -11.30
N VAL A 56 9.54 -8.90 -10.73
CA VAL A 56 10.22 -9.35 -9.49
C VAL A 56 9.18 -9.87 -8.50
N CYS A 57 8.02 -9.27 -8.49
CA CYS A 57 6.95 -9.73 -7.57
C CYS A 57 6.65 -11.20 -7.82
N LYS A 58 6.32 -11.54 -9.04
CA LYS A 58 6.01 -12.96 -9.36
C LYS A 58 7.29 -13.81 -9.24
N SER A 59 8.43 -13.17 -9.31
CA SER A 59 9.71 -13.93 -9.21
C SER A 59 10.12 -14.06 -7.74
N ASN A 60 9.51 -13.30 -6.87
CA ASN A 60 9.85 -13.39 -5.43
C ASN A 60 8.66 -13.93 -4.65
N GLY A 61 7.48 -13.66 -5.11
CA GLY A 61 6.27 -14.16 -4.41
C GLY A 61 5.21 -13.05 -4.32
N VAL A 62 4.49 -12.81 -5.39
CA VAL A 62 3.45 -11.75 -5.36
C VAL A 62 2.42 -11.99 -6.47
N ASP A 63 1.17 -12.10 -6.12
CA ASP A 63 0.13 -12.33 -7.16
C ASP A 63 -0.73 -11.08 -7.34
N ILE A 64 -0.54 -10.35 -8.40
CA ILE A 64 -1.34 -9.12 -8.63
C ILE A 64 -2.11 -9.22 -9.95
N SER A 65 -2.28 -8.13 -10.63
CA SER A 65 -3.03 -8.17 -11.93
C SER A 65 -2.89 -6.83 -12.65
N LYS A 66 -3.42 -5.78 -12.09
CA LYS A 66 -3.32 -4.44 -12.75
C LYS A 66 -3.10 -3.35 -11.70
N GLN A 67 -2.35 -2.33 -12.04
CA GLN A 67 -2.11 -1.24 -11.06
C GLN A 67 -2.58 0.10 -11.64
N ARG A 68 -3.81 0.20 -12.02
CA ARG A 68 -4.33 1.48 -12.59
C ARG A 68 -4.40 2.55 -11.50
N ALA A 69 -3.27 3.03 -11.06
CA ALA A 69 -3.26 4.08 -10.00
C ALA A 69 -4.36 5.12 -10.29
N ARG A 70 -5.08 5.52 -9.28
CA ARG A 70 -6.16 6.53 -9.49
C ARG A 70 -6.19 7.51 -8.32
N GLN A 71 -6.74 8.67 -8.52
CA GLN A 71 -6.81 9.68 -7.42
C GLN A 71 -7.67 9.14 -6.28
N ILE A 72 -7.33 9.47 -5.05
CA ILE A 72 -8.12 8.98 -3.90
C ILE A 72 -9.24 9.98 -3.57
N THR A 73 -10.45 9.51 -3.45
CA THR A 73 -11.57 10.44 -3.13
C THR A 73 -11.69 10.61 -1.61
N LYS A 74 -12.90 10.71 -1.12
CA LYS A 74 -13.08 10.87 0.36
C LYS A 74 -13.67 9.59 0.97
N ALA A 75 -14.01 8.64 0.15
CA ALA A 75 -14.59 7.37 0.68
C ALA A 75 -13.49 6.51 1.29
N ASP A 76 -12.26 6.74 0.91
CA ASP A 76 -11.14 5.93 1.48
C ASP A 76 -11.30 5.79 3.00
N PHE A 77 -11.91 6.75 3.63
CA PHE A 77 -12.10 6.67 5.10
C PHE A 77 -13.28 5.75 5.44
N SER A 78 -14.39 5.91 4.76
CA SER A 78 -15.56 5.04 5.04
C SER A 78 -15.59 3.86 4.07
N LYS A 79 -14.55 3.69 3.30
CA LYS A 79 -14.51 2.55 2.34
C LYS A 79 -13.64 1.43 2.88
N PHE A 80 -13.03 1.62 4.02
CA PHE A 80 -12.15 0.57 4.59
C PHE A 80 -12.12 0.67 6.12
N ASP A 81 -11.10 0.15 6.75
CA ASP A 81 -11.02 0.22 8.23
C ASP A 81 -9.68 0.79 8.68
N VAL A 82 -8.65 0.64 7.87
CA VAL A 82 -7.32 1.17 8.26
C VAL A 82 -6.64 1.86 7.07
N ILE A 83 -5.81 2.83 7.33
CA ILE A 83 -5.12 3.55 6.22
C ILE A 83 -3.60 3.47 6.42
N ALA A 84 -2.90 2.83 5.52
CA ALA A 84 -1.43 2.72 5.66
C ALA A 84 -0.72 3.71 4.72
N ALA A 85 0.04 4.62 5.27
CA ALA A 85 0.76 5.60 4.41
C ALA A 85 2.26 5.32 4.44
N LEU A 86 2.82 4.90 3.33
CA LEU A 86 4.27 4.60 3.29
C LEU A 86 5.08 5.85 3.65
N ASP A 87 5.35 6.69 2.70
CA ASP A 87 6.13 7.94 2.99
C ASP A 87 5.37 8.82 3.98
N GLN A 88 6.06 9.71 4.64
CA GLN A 88 5.38 10.61 5.62
C GLN A 88 4.47 11.60 4.88
N SER A 89 4.85 12.00 3.71
CA SER A 89 4.01 12.96 2.93
C SER A 89 2.57 12.45 2.84
N ILE A 90 2.40 11.18 2.63
CA ILE A 90 1.02 10.62 2.53
C ILE A 90 0.29 10.76 3.86
N LEU A 91 0.90 10.31 4.93
CA LEU A 91 0.24 10.42 6.27
C LEU A 91 0.00 11.90 6.62
N SER A 92 0.96 12.74 6.38
CA SER A 92 0.78 14.19 6.71
C SER A 92 -0.32 14.80 5.84
N ASP A 93 -0.29 14.56 4.56
CA ASP A 93 -1.33 15.13 3.66
C ASP A 93 -2.69 14.53 4.00
N ILE A 94 -2.85 13.24 3.82
CA ILE A 94 -4.15 12.59 4.12
C ILE A 94 -4.72 13.13 5.45
N ASN A 95 -3.87 13.36 6.41
CA ASN A 95 -4.35 13.88 7.72
C ASN A 95 -4.77 15.34 7.58
N SER A 96 -4.24 16.04 6.62
CA SER A 96 -4.61 17.47 6.43
C SER A 96 -5.98 17.57 5.76
N MET A 97 -6.58 16.46 5.42
CA MET A 97 -7.91 16.49 4.76
C MET A 97 -8.92 15.67 5.56
N LYS A 98 -8.45 14.71 6.31
CA LYS A 98 -9.39 13.86 7.12
C LYS A 98 -10.35 14.76 7.91
N PRO A 99 -11.57 14.30 8.02
CA PRO A 99 -12.61 15.05 8.76
C PRO A 99 -12.36 14.97 10.26
N SER A 100 -13.37 15.23 11.05
CA SER A 100 -13.19 15.16 12.54
C SER A 100 -14.00 14.01 13.12
N ASN A 101 -14.66 13.26 12.29
CA ASN A 101 -15.48 12.12 12.79
C ASN A 101 -15.51 10.98 11.77
N CYS A 102 -14.84 9.90 12.03
CA CYS A 102 -14.83 8.77 11.07
C CYS A 102 -14.67 7.44 11.82
N ARG A 103 -14.53 6.36 11.10
CA ARG A 103 -14.36 5.04 11.77
C ARG A 103 -13.11 4.33 11.26
N ALA A 104 -12.22 5.06 10.64
CA ALA A 104 -10.97 4.43 10.11
C ALA A 104 -9.75 5.02 10.82
N LYS A 105 -8.66 4.30 10.82
CA LYS A 105 -7.43 4.82 11.50
C LYS A 105 -6.32 5.06 10.47
N VAL A 106 -5.38 5.90 10.80
CA VAL A 106 -4.27 6.18 9.84
C VAL A 106 -2.92 5.79 10.45
N VAL A 107 -2.28 4.80 9.89
CA VAL A 107 -0.96 4.36 10.44
C VAL A 107 0.13 4.47 9.37
N LEU A 108 1.34 4.75 9.77
CA LEU A 108 2.45 4.87 8.77
C LEU A 108 3.05 3.50 8.49
N PHE A 109 3.60 3.32 7.32
CA PHE A 109 4.20 1.99 6.98
C PHE A 109 5.71 2.14 6.77
N ASN A 110 6.50 1.63 7.68
CA ASN A 110 7.98 1.73 7.53
C ASN A 110 8.39 3.20 7.43
N PRO A 111 9.62 3.45 7.78
CA PRO A 111 10.16 4.83 7.74
C PRO A 111 10.43 5.25 6.29
N PRO A 112 10.81 6.50 6.13
CA PRO A 112 11.10 7.03 4.79
C PRO A 112 12.44 6.50 4.28
N ASN A 113 12.63 5.21 4.31
CA ASN A 113 13.92 4.64 3.82
C ASN A 113 13.68 3.28 3.16
N GLY A 114 12.91 2.42 3.78
CA GLY A 114 12.64 1.09 3.17
C GLY A 114 12.00 1.27 1.80
N VAL A 115 10.71 1.09 1.71
CA VAL A 115 10.02 1.25 0.39
C VAL A 115 10.33 2.63 -0.20
N ASP A 116 11.18 2.68 -1.19
CA ASP A 116 11.52 4.00 -1.80
C ASP A 116 11.82 3.82 -3.29
N ASP A 117 11.22 2.86 -3.93
CA ASP A 117 11.47 2.63 -5.38
C ASP A 117 11.35 3.95 -6.14
N PRO A 118 12.46 4.41 -6.65
CA PRO A 118 12.48 5.68 -7.42
C PRO A 118 11.84 5.48 -8.79
N TYR A 119 12.61 5.19 -9.79
CA TYR A 119 12.03 4.99 -11.16
C TYR A 119 13.15 4.95 -12.20
N TYR A 120 14.28 4.39 -11.86
CA TYR A 120 15.40 4.33 -12.84
C TYR A 120 16.16 3.00 -12.68
N SER A 121 16.47 2.62 -11.48
CA SER A 121 17.21 1.34 -11.27
C SER A 121 16.29 0.31 -10.62
N SER A 122 16.69 -0.93 -10.61
CA SER A 122 15.84 -1.99 -9.98
C SER A 122 16.15 -2.11 -8.49
N ASP A 123 16.50 -1.03 -7.86
CA ASP A 123 16.82 -1.08 -6.40
C ASP A 123 15.54 -0.93 -5.58
N GLY A 124 14.41 -1.12 -6.18
CA GLY A 124 13.12 -0.99 -5.43
C GLY A 124 12.38 -2.33 -5.46
N PHE A 125 12.32 -2.96 -6.60
CA PHE A 125 11.60 -4.26 -6.69
C PHE A 125 11.97 -5.15 -5.50
N PRO A 126 13.24 -5.26 -5.22
CA PRO A 126 13.71 -6.09 -4.09
C PRO A 126 13.38 -5.40 -2.75
N THR A 127 13.81 -4.19 -2.59
CA THR A 127 13.51 -3.47 -1.31
C THR A 127 12.01 -3.30 -1.13
N MET A 128 11.34 -2.74 -2.11
CA MET A 128 9.86 -2.55 -2.00
C MET A 128 9.22 -3.80 -1.38
N PHE A 129 9.28 -4.90 -2.06
CA PHE A 129 8.67 -6.15 -1.51
C PHE A 129 9.27 -6.46 -0.14
N ALA A 130 10.57 -6.35 0.00
CA ALA A 130 11.21 -6.62 1.31
C ALA A 130 10.41 -5.97 2.44
N SER A 131 10.25 -4.68 2.40
CA SER A 131 9.47 -3.99 3.47
C SER A 131 7.99 -4.32 3.32
N ILE A 132 7.49 -4.32 2.11
CA ILE A 132 6.05 -4.64 1.89
C ILE A 132 5.63 -5.82 2.79
N SER A 133 6.46 -6.82 2.87
CA SER A 133 6.10 -8.00 3.73
C SER A 133 6.82 -7.90 5.08
N LYS A 134 8.06 -7.48 5.07
CA LYS A 134 8.80 -7.36 6.36
C LYS A 134 8.04 -6.47 7.35
N GLU A 135 7.10 -5.70 6.85
CA GLU A 135 6.32 -4.82 7.75
C GLU A 135 4.84 -5.21 7.72
N MET A 136 4.55 -6.38 7.23
CA MET A 136 3.13 -6.84 7.16
C MET A 136 2.85 -7.84 8.28
N LYS A 137 3.87 -8.46 8.81
CA LYS A 137 3.66 -9.45 9.91
C LYS A 137 3.52 -8.73 11.25
N PRO A 138 4.41 -7.82 11.48
CA PRO A 138 4.39 -7.05 12.75
C PRO A 138 3.32 -5.95 12.68
N PHE A 139 2.65 -5.85 11.57
CA PHE A 139 1.57 -4.81 11.44
C PHE A 139 0.20 -5.47 11.37
N LEU A 140 -0.10 -6.10 10.27
CA LEU A 140 -1.43 -6.78 10.13
C LEU A 140 -1.71 -7.62 11.38
N THR A 141 -0.78 -8.43 11.79
CA THR A 141 -0.99 -9.28 12.99
C THR A 141 -1.29 -8.41 14.21
N GLU A 142 -0.79 -7.21 14.23
CA GLU A 142 -1.05 -6.32 15.40
C GLU A 142 -2.03 -5.21 15.01
N HIS A 143 -2.57 -5.27 13.83
CA HIS A 143 -3.54 -4.21 13.40
C HIS A 143 -4.98 -4.68 13.63
N GLY A 144 -5.16 -5.90 14.03
CA GLY A 144 -6.53 -6.41 14.28
C GLY A 144 -6.77 -7.68 13.45
N LEU A 145 -5.74 -8.42 13.16
CA LEU A 145 -5.92 -9.66 12.35
C LEU A 145 -4.94 -10.74 12.84
N ILE A 146 -3.89 -10.98 12.11
CA ILE A 146 -2.91 -12.03 12.53
C ILE A 146 -1.75 -12.08 11.54
N ALA A 1 -13.03 -7.59 16.59
CA ALA A 1 -13.60 -8.70 17.40
C ALA A 1 -13.01 -10.04 16.95
N ALA A 2 -11.71 -10.11 16.83
CA ALA A 2 -11.08 -11.40 16.40
C ALA A 2 -11.46 -11.72 14.95
N GLU A 3 -11.94 -10.74 14.23
CA GLU A 3 -12.32 -10.99 12.81
C GLU A 3 -11.25 -10.45 11.87
N LYS A 4 -11.60 -10.24 10.63
CA LYS A 4 -10.62 -9.70 9.65
C LYS A 4 -11.15 -8.37 9.11
N LYS A 5 -10.27 -7.44 8.84
CA LYS A 5 -10.74 -6.13 8.34
C LYS A 5 -10.05 -5.77 7.02
N ALA A 6 -9.99 -4.50 6.72
CA ALA A 6 -9.33 -4.06 5.46
C ALA A 6 -8.23 -3.04 5.75
N VAL A 7 -7.28 -2.90 4.87
CA VAL A 7 -6.18 -1.92 5.10
C VAL A 7 -5.85 -1.18 3.81
N LEU A 8 -5.96 0.12 3.81
CA LEU A 8 -5.67 0.90 2.58
C LEU A 8 -4.16 1.03 2.39
N PHE A 9 -3.60 0.28 1.48
CA PHE A 9 -2.13 0.36 1.24
C PHE A 9 -1.82 1.53 0.29
N VAL A 10 -1.67 2.72 0.83
CA VAL A 10 -1.37 3.89 -0.04
C VAL A 10 0.14 4.12 -0.13
N CYS A 11 0.58 4.73 -1.20
CA CYS A 11 2.04 4.99 -1.34
C CYS A 11 2.27 6.30 -2.10
N LEU A 12 2.00 6.32 -3.37
CA LEU A 12 2.20 7.57 -4.16
C LEU A 12 1.91 7.32 -5.64
N GLY A 13 0.87 7.91 -6.17
CA GLY A 13 0.54 7.70 -7.60
C GLY A 13 -0.19 6.35 -7.78
N ASN A 14 -0.36 5.62 -6.72
CA ASN A 14 -1.05 4.30 -6.83
C ASN A 14 -0.20 3.32 -7.63
N ILE A 15 1.01 3.69 -7.94
CA ILE A 15 1.90 2.78 -8.72
C ILE A 15 3.14 2.41 -7.90
N CYS A 16 3.49 3.22 -6.94
CA CYS A 16 4.69 2.91 -6.11
C CYS A 16 4.30 1.99 -4.94
N ARG A 17 4.77 0.77 -4.97
CA ARG A 17 4.43 -0.18 -3.86
C ARG A 17 2.91 -0.39 -3.79
N SER A 18 2.20 0.04 -4.80
CA SER A 18 0.72 -0.14 -4.78
C SER A 18 0.35 -1.57 -5.18
N PRO A 19 0.83 -1.97 -6.32
CA PRO A 19 0.55 -3.34 -6.82
C PRO A 19 1.36 -4.38 -6.05
N ALA A 20 2.13 -3.96 -5.08
CA ALA A 20 2.94 -4.93 -4.30
C ALA A 20 2.23 -5.28 -3.00
N CYS A 21 1.44 -4.39 -2.47
CA CYS A 21 0.71 -4.68 -1.21
C CYS A 21 -0.43 -5.66 -1.47
N GLU A 22 -1.04 -5.57 -2.62
CA GLU A 22 -2.16 -6.49 -2.95
C GLU A 22 -1.65 -7.94 -3.02
N GLY A 23 -0.54 -8.17 -3.67
CA GLY A 23 -0.01 -9.55 -3.77
C GLY A 23 0.66 -9.94 -2.44
N ILE A 24 1.55 -9.12 -1.95
CA ILE A 24 2.23 -9.45 -0.66
C ILE A 24 1.20 -9.78 0.41
N CYS A 25 0.17 -9.00 0.52
CA CYS A 25 -0.87 -9.27 1.57
C CYS A 25 -1.75 -10.45 1.13
N ARG A 26 -2.29 -10.39 -0.05
CA ARG A 26 -3.16 -11.52 -0.53
C ARG A 26 -2.50 -12.85 -0.18
N ASP A 27 -1.21 -12.95 -0.35
CA ASP A 27 -0.52 -14.23 -0.03
C ASP A 27 -0.27 -14.33 1.48
N MET A 28 0.16 -13.26 2.10
CA MET A 28 0.41 -13.30 3.56
C MET A 28 -0.86 -13.70 4.32
N VAL A 29 -1.95 -13.02 4.07
CA VAL A 29 -3.21 -13.36 4.78
C VAL A 29 -3.98 -14.44 4.01
N GLY A 30 -3.92 -14.42 2.71
CA GLY A 30 -4.64 -15.45 1.91
C GLY A 30 -5.70 -14.76 1.04
N ASP A 31 -6.84 -14.47 1.60
CA ASP A 31 -7.91 -13.81 0.80
C ASP A 31 -8.87 -13.07 1.74
N LYS A 32 -8.55 -11.86 2.09
CA LYS A 32 -9.46 -11.08 3.00
C LYS A 32 -9.73 -9.69 2.40
N LEU A 33 -9.75 -8.69 3.23
CA LEU A 33 -10.02 -7.31 2.72
C LEU A 33 -8.81 -6.41 3.00
N ILE A 34 -8.13 -6.65 4.10
CA ILE A 34 -6.95 -5.80 4.46
C ILE A 34 -6.22 -5.31 3.20
N ILE A 35 -6.24 -6.08 2.16
CA ILE A 35 -5.55 -5.65 0.90
C ILE A 35 -6.34 -4.55 0.20
N ASP A 36 -6.09 -3.31 0.54
CA ASP A 36 -6.84 -2.20 -0.12
C ASP A 36 -5.85 -1.17 -0.68
N SER A 37 -5.11 -1.53 -1.69
CA SER A 37 -4.13 -0.58 -2.28
C SER A 37 -4.84 0.73 -2.68
N ALA A 38 -4.22 1.85 -2.44
CA ALA A 38 -4.86 3.15 -2.80
C ALA A 38 -3.79 4.21 -3.05
N ALA A 39 -4.20 5.42 -3.36
CA ALA A 39 -3.21 6.50 -3.62
C ALA A 39 -3.81 7.85 -3.23
N THR A 40 -3.11 8.93 -3.51
CA THR A 40 -3.64 10.27 -3.16
C THR A 40 -2.89 11.35 -3.96
N SER A 41 -3.08 11.38 -5.25
CA SER A 41 -2.38 12.41 -6.09
C SER A 41 -2.98 12.46 -7.48
N GLY A 42 -2.79 11.42 -8.26
CA GLY A 42 -3.35 11.40 -9.64
C GLY A 42 -2.26 11.77 -10.64
N PHE A 43 -1.24 12.44 -10.20
CA PHE A 43 -0.14 12.83 -11.13
C PHE A 43 0.55 11.58 -11.69
N HIS A 44 1.16 10.79 -10.84
CA HIS A 44 1.84 9.56 -11.32
C HIS A 44 0.82 8.58 -11.88
N VAL A 45 0.24 8.88 -13.01
CA VAL A 45 -0.77 7.95 -13.60
C VAL A 45 -0.66 7.97 -15.14
N GLY A 46 -0.83 6.83 -15.76
CA GLY A 46 -0.74 6.78 -17.25
C GLY A 46 0.72 6.60 -17.66
N GLN A 47 1.54 6.14 -16.76
CA GLN A 47 2.98 5.93 -17.11
C GLN A 47 3.68 5.13 -16.01
N SER A 48 4.92 5.46 -15.72
CA SER A 48 5.65 4.72 -14.65
C SER A 48 5.79 3.25 -15.04
N PRO A 49 7.00 2.87 -15.37
CA PRO A 49 7.29 1.47 -15.77
C PRO A 49 7.17 0.53 -14.57
N ASP A 50 6.09 -0.19 -14.48
CA ASP A 50 5.90 -1.12 -13.32
C ASP A 50 6.35 -2.54 -13.70
N THR A 51 7.16 -2.66 -14.72
CA THR A 51 7.63 -4.01 -15.14
C THR A 51 8.68 -4.49 -14.14
N ARG A 52 9.37 -3.58 -13.51
CA ARG A 52 10.40 -3.97 -12.52
C ARG A 52 9.69 -4.45 -11.24
N SER A 53 8.81 -3.66 -10.71
CA SER A 53 8.07 -4.05 -9.49
C SER A 53 7.28 -5.34 -9.74
N GLN A 54 6.48 -5.35 -10.79
CA GLN A 54 5.70 -6.57 -11.10
C GLN A 54 6.65 -7.73 -11.37
N LYS A 55 7.72 -7.48 -12.08
CA LYS A 55 8.70 -8.56 -12.37
C LYS A 55 9.14 -9.21 -11.06
N VAL A 56 9.83 -8.48 -10.22
CA VAL A 56 10.28 -9.05 -8.93
C VAL A 56 9.08 -9.64 -8.19
N CYS A 57 7.92 -9.04 -8.39
CA CYS A 57 6.70 -9.56 -7.71
C CYS A 57 6.49 -11.03 -8.08
N LYS A 58 6.50 -11.33 -9.35
CA LYS A 58 6.32 -12.75 -9.77
C LYS A 58 7.60 -13.55 -9.47
N SER A 59 8.71 -12.88 -9.38
CA SER A 59 9.99 -13.58 -9.08
C SER A 59 10.12 -13.82 -7.58
N ASN A 60 9.28 -13.19 -6.80
CA ASN A 60 9.35 -13.37 -5.32
C ASN A 60 8.07 -14.05 -4.84
N GLY A 61 6.98 -13.82 -5.53
CA GLY A 61 5.71 -14.45 -5.12
C GLY A 61 4.60 -13.40 -5.10
N VAL A 62 4.04 -13.09 -6.25
CA VAL A 62 2.95 -12.07 -6.29
C VAL A 62 2.15 -12.21 -7.58
N ASP A 63 0.85 -12.20 -7.49
CA ASP A 63 0.02 -12.34 -8.72
C ASP A 63 -0.92 -11.13 -8.86
N ILE A 64 -0.49 -10.13 -9.59
CA ILE A 64 -1.35 -8.92 -9.77
C ILE A 64 -2.11 -9.00 -11.09
N SER A 65 -3.11 -8.18 -11.27
CA SER A 65 -3.89 -8.22 -12.54
C SER A 65 -4.91 -7.07 -12.57
N LYS A 66 -4.53 -5.93 -12.06
CA LYS A 66 -5.49 -4.77 -12.06
C LYS A 66 -4.82 -3.54 -11.43
N GLN A 67 -4.10 -2.79 -12.20
CA GLN A 67 -3.43 -1.57 -11.65
C GLN A 67 -4.16 -0.31 -12.10
N ARG A 68 -3.93 0.12 -13.31
CA ARG A 68 -4.62 1.35 -13.80
C ARG A 68 -4.62 2.43 -12.72
N ALA A 69 -3.50 3.08 -12.51
CA ALA A 69 -3.43 4.14 -11.47
C ALA A 69 -4.68 5.03 -11.53
N ARG A 70 -5.10 5.56 -10.42
CA ARG A 70 -6.31 6.42 -10.42
C ARG A 70 -6.26 7.39 -9.24
N GLN A 71 -7.33 8.09 -8.98
CA GLN A 71 -7.35 9.06 -7.84
C GLN A 71 -8.21 8.52 -6.70
N ILE A 72 -7.95 8.95 -5.49
CA ILE A 72 -8.75 8.46 -4.34
C ILE A 72 -9.84 9.49 -3.98
N THR A 73 -10.90 9.04 -3.36
CA THR A 73 -11.99 9.98 -2.98
C THR A 73 -12.09 10.10 -1.46
N LYS A 74 -12.85 11.04 -0.98
CA LYS A 74 -12.99 11.21 0.50
C LYS A 74 -13.55 9.93 1.12
N ALA A 75 -14.12 9.07 0.33
CA ALA A 75 -14.69 7.81 0.87
C ALA A 75 -13.60 6.99 1.57
N ASP A 76 -12.36 7.23 1.23
CA ASP A 76 -11.26 6.46 1.87
C ASP A 76 -11.42 6.48 3.39
N PHE A 77 -11.86 7.57 3.94
CA PHE A 77 -12.04 7.64 5.42
C PHE A 77 -13.15 6.68 5.86
N SER A 78 -13.89 6.15 4.93
CA SER A 78 -14.99 5.21 5.30
C SER A 78 -15.11 4.10 4.24
N LYS A 79 -14.03 3.75 3.61
CA LYS A 79 -14.08 2.67 2.58
C LYS A 79 -13.35 1.42 3.07
N PHE A 80 -12.71 1.50 4.20
CA PHE A 80 -11.98 0.31 4.73
C PHE A 80 -11.94 0.36 6.26
N ASP A 81 -10.83 0.00 6.85
CA ASP A 81 -10.74 0.02 8.34
C ASP A 81 -9.41 0.66 8.78
N VAL A 82 -8.30 0.18 8.28
CA VAL A 82 -6.99 0.76 8.67
C VAL A 82 -6.27 1.33 7.46
N ILE A 83 -6.14 2.63 7.38
CA ILE A 83 -5.44 3.24 6.21
C ILE A 83 -3.93 3.24 6.45
N ALA A 84 -3.20 2.44 5.71
CA ALA A 84 -1.72 2.40 5.90
C ALA A 84 -1.03 3.30 4.88
N ALA A 85 -0.07 4.07 5.31
CA ALA A 85 0.65 4.97 4.36
C ALA A 85 2.13 4.58 4.28
N LEU A 86 2.60 4.26 3.11
CA LEU A 86 4.04 3.87 2.96
C LEU A 86 4.95 5.06 3.27
N ASP A 87 5.12 5.94 2.32
CA ASP A 87 6.00 7.12 2.56
C ASP A 87 5.37 8.05 3.60
N GLN A 88 6.05 9.12 3.94
CA GLN A 88 5.48 10.06 4.95
C GLN A 88 4.54 11.06 4.27
N SER A 89 4.86 11.46 3.07
CA SER A 89 3.99 12.44 2.36
C SER A 89 2.53 11.97 2.37
N ILE A 90 2.32 10.68 2.33
CA ILE A 90 0.93 10.15 2.34
C ILE A 90 0.30 10.34 3.73
N LEU A 91 0.97 9.90 4.76
CA LEU A 91 0.40 10.06 6.13
C LEU A 91 0.30 11.55 6.49
N SER A 92 1.22 12.35 6.03
CA SER A 92 1.17 13.81 6.33
C SER A 92 0.14 14.50 5.46
N ASP A 93 0.15 14.23 4.18
CA ASP A 93 -0.85 14.87 3.28
C ASP A 93 -2.26 14.38 3.59
N ILE A 94 -2.47 13.09 3.53
CA ILE A 94 -3.83 12.54 3.84
C ILE A 94 -4.38 13.18 5.12
N ASN A 95 -3.55 13.35 6.11
CA ASN A 95 -4.03 13.96 7.38
C ASN A 95 -4.38 15.43 7.16
N SER A 96 -3.79 16.06 6.18
CA SER A 96 -4.09 17.48 5.91
C SER A 96 -5.48 17.63 5.29
N MET A 97 -6.02 16.56 4.78
CA MET A 97 -7.38 16.64 4.16
C MET A 97 -8.40 15.91 5.04
N LYS A 98 -7.97 14.94 5.79
CA LYS A 98 -8.91 14.19 6.67
C LYS A 98 -9.88 15.16 7.36
N PRO A 99 -11.12 14.77 7.41
CA PRO A 99 -12.17 15.61 8.05
C PRO A 99 -12.00 15.60 9.58
N SER A 100 -13.04 15.95 10.28
CA SER A 100 -12.94 15.96 11.78
C SER A 100 -13.86 14.89 12.37
N ASN A 101 -14.30 13.96 11.56
CA ASN A 101 -15.20 12.89 12.08
C ASN A 101 -15.10 11.64 11.20
N CYS A 102 -14.42 10.63 11.68
CA CYS A 102 -14.27 9.38 10.87
C CYS A 102 -14.46 8.15 11.75
N ARG A 103 -14.37 6.97 11.19
CA ARG A 103 -14.54 5.74 12.00
C ARG A 103 -13.34 4.81 11.80
N ALA A 104 -12.45 5.14 10.91
CA ALA A 104 -11.26 4.27 10.68
C ALA A 104 -10.02 4.89 11.32
N LYS A 105 -8.86 4.38 11.00
CA LYS A 105 -7.61 4.93 11.60
C LYS A 105 -6.49 4.95 10.55
N VAL A 106 -5.59 5.88 10.67
CA VAL A 106 -4.46 5.95 9.68
C VAL A 106 -3.13 5.69 10.38
N VAL A 107 -2.23 5.01 9.74
CA VAL A 107 -0.90 4.73 10.37
C VAL A 107 0.18 4.58 9.30
N LEU A 108 1.41 4.82 9.64
CA LEU A 108 2.51 4.69 8.63
C LEU A 108 3.05 3.26 8.64
N PHE A 109 3.39 2.74 7.49
CA PHE A 109 3.92 1.35 7.42
C PHE A 109 5.23 1.32 6.63
N ASN A 110 6.31 1.77 7.21
CA ASN A 110 7.61 1.76 6.49
C ASN A 110 8.73 2.25 7.41
N PRO A 111 9.93 2.04 6.98
CA PRO A 111 11.12 2.46 7.77
C PRO A 111 11.31 3.98 7.66
N PRO A 112 12.28 4.47 8.39
CA PRO A 112 12.58 5.92 8.38
C PRO A 112 13.28 6.31 7.08
N ASN A 113 13.42 5.38 6.16
CA ASN A 113 14.10 5.70 4.87
C ASN A 113 13.15 5.41 3.70
N GLY A 114 12.10 4.68 3.94
CA GLY A 114 11.15 4.35 2.83
C GLY A 114 11.58 3.05 2.16
N VAL A 115 10.65 2.23 1.77
CA VAL A 115 11.00 0.94 1.11
C VAL A 115 11.31 1.19 -0.37
N ASP A 116 11.31 2.42 -0.79
CA ASP A 116 11.61 2.72 -2.22
C ASP A 116 11.51 4.22 -2.48
N ASP A 117 11.94 4.67 -3.63
CA ASP A 117 11.87 6.13 -3.94
C ASP A 117 12.42 6.40 -5.33
N PRO A 118 13.67 6.04 -5.51
CA PRO A 118 14.35 6.25 -6.83
C PRO A 118 13.83 5.25 -7.85
N TYR A 119 12.77 5.59 -8.55
CA TYR A 119 12.23 4.65 -9.57
C TYR A 119 13.23 4.46 -10.72
N TYR A 120 12.79 3.89 -11.80
CA TYR A 120 13.72 3.68 -12.95
C TYR A 120 14.81 2.66 -12.58
N SER A 121 15.61 2.98 -11.60
CA SER A 121 16.69 2.04 -11.18
C SER A 121 16.09 0.83 -10.48
N SER A 122 16.67 -0.33 -10.67
CA SER A 122 16.12 -1.55 -10.01
C SER A 122 16.60 -1.63 -8.56
N ASP A 123 16.47 -0.56 -7.82
CA ASP A 123 16.91 -0.57 -6.41
C ASP A 123 15.75 -0.25 -5.48
N GLY A 124 14.59 -0.81 -5.74
CA GLY A 124 13.41 -0.53 -4.89
C GLY A 124 12.37 -1.64 -5.07
N PHE A 125 12.21 -2.13 -6.27
CA PHE A 125 11.21 -3.21 -6.52
C PHE A 125 11.43 -4.38 -5.55
N PRO A 126 12.68 -4.75 -5.38
CA PRO A 126 13.01 -5.87 -4.47
C PRO A 126 12.89 -5.42 -3.01
N THR A 127 13.64 -4.42 -2.61
CA THR A 127 13.56 -3.94 -1.21
C THR A 127 12.12 -3.56 -0.87
N MET A 128 11.44 -2.89 -1.76
CA MET A 128 10.03 -2.51 -1.49
C MET A 128 9.25 -3.72 -0.98
N PHE A 129 8.82 -4.57 -1.86
CA PHE A 129 8.06 -5.77 -1.42
C PHE A 129 8.79 -6.47 -0.27
N ALA A 130 10.03 -6.84 -0.50
CA ALA A 130 10.80 -7.53 0.57
C ALA A 130 10.59 -6.84 1.92
N SER A 131 10.32 -5.56 1.92
CA SER A 131 10.09 -4.85 3.20
C SER A 131 8.61 -4.92 3.59
N ILE A 132 7.76 -4.40 2.75
CA ILE A 132 6.30 -4.45 3.05
C ILE A 132 5.92 -5.90 3.41
N SER A 133 6.72 -6.85 3.02
CA SER A 133 6.41 -8.27 3.35
C SER A 133 7.19 -8.71 4.59
N LYS A 134 8.47 -8.44 4.62
CA LYS A 134 9.28 -8.84 5.82
C LYS A 134 8.92 -7.95 7.01
N GLU A 135 8.05 -7.01 6.82
CA GLU A 135 7.65 -6.12 7.96
C GLU A 135 6.14 -6.20 8.17
N MET A 136 5.49 -7.06 7.45
CA MET A 136 4.01 -7.18 7.60
C MET A 136 3.68 -8.10 8.79
N LYS A 137 4.65 -8.41 9.60
CA LYS A 137 4.39 -9.30 10.77
C LYS A 137 4.01 -8.45 11.99
N PRO A 138 4.88 -7.53 12.32
CA PRO A 138 4.65 -6.65 13.49
C PRO A 138 3.60 -5.58 13.14
N PHE A 139 3.14 -5.56 11.92
CA PHE A 139 2.12 -4.54 11.52
C PHE A 139 0.76 -5.20 11.33
N LEU A 140 0.69 -6.25 10.54
CA LEU A 140 -0.61 -6.94 10.31
C LEU A 140 -1.03 -7.70 11.57
N THR A 141 -0.19 -8.57 12.06
CA THR A 141 -0.55 -9.35 13.27
C THR A 141 -1.22 -8.45 14.31
N GLU A 142 -0.78 -7.22 14.41
CA GLU A 142 -1.39 -6.30 15.41
C GLU A 142 -2.29 -5.27 14.72
N HIS A 143 -1.74 -4.44 13.88
CA HIS A 143 -2.58 -3.42 13.18
C HIS A 143 -2.89 -3.86 11.75
N GLY A 144 -3.61 -4.94 11.60
CA GLY A 144 -3.96 -5.41 10.22
C GLY A 144 -4.80 -6.68 10.32
N LEU A 145 -4.55 -7.47 11.33
CA LEU A 145 -5.34 -8.72 11.49
C LEU A 145 -4.74 -9.57 12.63
N ILE A 146 -3.82 -10.44 12.32
CA ILE A 146 -3.20 -11.28 13.38
C ILE A 146 -2.20 -12.26 12.76
N ALA A 1 -8.38 -12.94 11.99
CA ALA A 1 -9.33 -14.02 12.35
C ALA A 1 -10.77 -13.49 12.40
N ALA A 2 -11.73 -14.34 12.59
CA ALA A 2 -13.15 -13.89 12.65
C ALA A 2 -13.56 -13.26 11.31
N GLU A 3 -13.20 -12.03 11.07
CA GLU A 3 -13.57 -11.38 9.79
C GLU A 3 -12.32 -10.94 9.04
N LYS A 4 -12.42 -10.77 7.75
CA LYS A 4 -11.24 -10.33 6.96
C LYS A 4 -11.04 -8.82 7.18
N LYS A 5 -10.11 -8.22 6.50
CA LYS A 5 -9.90 -6.76 6.69
C LYS A 5 -9.48 -6.09 5.39
N ALA A 6 -9.31 -4.80 5.42
CA ALA A 6 -8.89 -4.07 4.19
C ALA A 6 -7.98 -2.89 4.56
N VAL A 7 -6.81 -2.83 3.99
CA VAL A 7 -5.88 -1.71 4.31
C VAL A 7 -5.67 -0.84 3.07
N LEU A 8 -5.90 0.44 3.18
CA LEU A 8 -5.70 1.32 2.00
C LEU A 8 -4.22 1.65 1.83
N PHE A 9 -3.54 0.97 0.95
CA PHE A 9 -2.10 1.24 0.73
C PHE A 9 -1.93 2.39 -0.28
N VAL A 10 -1.59 3.55 0.19
CA VAL A 10 -1.41 4.71 -0.74
C VAL A 10 0.08 4.98 -0.97
N CYS A 11 0.43 5.47 -2.13
CA CYS A 11 1.86 5.77 -2.40
C CYS A 11 2.02 7.21 -2.88
N LEU A 12 3.02 7.48 -3.68
CA LEU A 12 3.22 8.88 -4.18
C LEU A 12 2.39 9.11 -5.44
N GLY A 13 2.17 8.09 -6.23
CA GLY A 13 1.38 8.26 -7.46
C GLY A 13 0.53 7.00 -7.71
N ASN A 14 0.47 6.12 -6.75
CA ASN A 14 -0.34 4.88 -6.93
C ASN A 14 0.17 4.08 -8.14
N ILE A 15 1.45 3.85 -8.21
CA ILE A 15 2.01 3.08 -9.36
C ILE A 15 3.04 2.06 -8.87
N CYS A 16 4.06 2.52 -8.20
CA CYS A 16 5.11 1.59 -7.70
C CYS A 16 5.28 1.75 -6.19
N ARG A 17 6.50 1.73 -5.71
CA ARG A 17 6.74 1.89 -4.24
C ARG A 17 6.30 0.63 -3.50
N SER A 18 5.06 0.23 -3.66
CA SER A 18 4.57 -0.99 -2.95
C SER A 18 3.31 -1.52 -3.62
N PRO A 19 3.41 -1.74 -4.91
CA PRO A 19 2.26 -2.27 -5.68
C PRO A 19 2.06 -3.76 -5.40
N ALA A 20 3.09 -4.43 -4.98
CA ALA A 20 2.97 -5.89 -4.70
C ALA A 20 2.31 -6.12 -3.34
N CYS A 21 1.83 -5.08 -2.72
CA CYS A 21 1.17 -5.24 -1.39
C CYS A 21 -0.05 -6.14 -1.54
N GLU A 22 -0.69 -6.09 -2.67
CA GLU A 22 -1.89 -6.94 -2.88
C GLU A 22 -1.53 -8.42 -2.65
N GLY A 23 -0.52 -8.89 -3.33
CA GLY A 23 -0.12 -10.32 -3.15
C GLY A 23 0.65 -10.48 -1.83
N ILE A 24 1.48 -9.53 -1.49
CA ILE A 24 2.26 -9.64 -0.23
C ILE A 24 1.30 -9.88 0.95
N CYS A 25 0.25 -9.12 1.03
CA CYS A 25 -0.71 -9.30 2.15
C CYS A 25 -1.64 -10.48 1.86
N ARG A 26 -2.23 -10.52 0.70
CA ARG A 26 -3.13 -11.65 0.35
C ARG A 26 -2.42 -12.98 0.56
N ASP A 27 -1.13 -13.01 0.36
CA ASP A 27 -0.38 -14.28 0.54
C ASP A 27 0.08 -14.43 1.99
N MET A 28 0.54 -13.37 2.60
CA MET A 28 1.00 -13.45 4.02
C MET A 28 -0.14 -13.89 4.93
N VAL A 29 -1.36 -13.53 4.61
CA VAL A 29 -2.49 -13.93 5.48
C VAL A 29 -3.56 -14.70 4.69
N GLY A 30 -3.59 -14.51 3.39
CA GLY A 30 -4.61 -15.23 2.57
C GLY A 30 -5.73 -14.27 2.18
N ASP A 31 -6.68 -14.05 3.05
CA ASP A 31 -7.80 -13.13 2.72
C ASP A 31 -8.32 -12.46 4.00
N LYS A 32 -7.53 -11.60 4.59
CA LYS A 32 -7.97 -10.91 5.84
C LYS A 32 -7.34 -9.52 5.93
N LEU A 33 -7.22 -8.85 4.82
CA LEU A 33 -6.61 -7.49 4.81
C LEU A 33 -6.28 -7.08 3.38
N ILE A 34 -7.26 -7.09 2.51
CA ILE A 34 -7.00 -6.70 1.10
C ILE A 34 -6.10 -5.47 1.04
N ILE A 35 -5.61 -5.15 -0.13
CA ILE A 35 -4.72 -3.97 -0.26
C ILE A 35 -5.31 -2.98 -1.26
N ASP A 36 -5.91 -1.92 -0.78
CA ASP A 36 -6.51 -0.92 -1.70
C ASP A 36 -5.47 0.13 -2.09
N SER A 37 -5.09 0.18 -3.33
CA SER A 37 -4.07 1.18 -3.76
C SER A 37 -4.70 2.57 -3.85
N ALA A 38 -4.25 3.49 -3.05
CA ALA A 38 -4.84 4.85 -3.09
C ALA A 38 -3.76 5.89 -3.41
N ALA A 39 -4.13 7.13 -3.57
CA ALA A 39 -3.13 8.18 -3.89
C ALA A 39 -3.70 9.57 -3.57
N THR A 40 -2.86 10.49 -3.20
CA THR A 40 -3.36 11.87 -2.88
C THR A 40 -2.76 12.88 -3.86
N SER A 41 -1.91 12.43 -4.73
CA SER A 41 -1.29 13.38 -5.72
C SER A 41 -1.42 12.82 -7.13
N GLY A 42 -1.09 13.60 -8.12
CA GLY A 42 -1.19 13.11 -9.53
C GLY A 42 -0.05 13.70 -10.36
N PHE A 43 1.16 13.59 -9.88
CA PHE A 43 2.31 14.16 -10.65
C PHE A 43 2.84 13.11 -11.64
N HIS A 44 2.49 11.87 -11.46
CA HIS A 44 2.98 10.81 -12.39
C HIS A 44 1.88 9.78 -12.63
N VAL A 45 0.94 10.07 -13.50
CA VAL A 45 -0.16 9.11 -13.78
C VAL A 45 -0.37 8.99 -15.29
N GLY A 46 -0.74 7.83 -15.75
CA GLY A 46 -0.98 7.65 -17.22
C GLY A 46 0.30 7.13 -17.88
N GLN A 47 1.27 6.74 -17.10
CA GLN A 47 2.54 6.22 -17.68
C GLN A 47 3.29 5.37 -16.65
N SER A 48 4.59 5.39 -16.69
CA SER A 48 5.37 4.57 -15.71
C SER A 48 5.13 3.08 -15.96
N PRO A 49 6.06 2.47 -16.63
CA PRO A 49 5.96 1.03 -16.94
C PRO A 49 6.12 0.19 -15.68
N ASP A 50 5.04 -0.28 -15.12
CA ASP A 50 5.14 -1.10 -13.88
C ASP A 50 5.29 -2.59 -14.23
N THR A 51 5.82 -2.88 -15.38
CA THR A 51 6.00 -4.31 -15.78
C THR A 51 7.18 -4.89 -15.01
N ARG A 52 8.16 -4.07 -14.72
CA ARG A 52 9.34 -4.57 -13.97
C ARG A 52 8.92 -4.87 -12.52
N SER A 53 8.26 -3.93 -11.89
CA SER A 53 7.81 -4.15 -10.49
C SER A 53 6.81 -5.31 -10.45
N GLN A 54 5.77 -5.25 -11.24
CA GLN A 54 4.78 -6.35 -11.25
C GLN A 54 5.48 -7.65 -11.67
N LYS A 55 6.48 -7.54 -12.50
CA LYS A 55 7.20 -8.77 -12.94
C LYS A 55 7.86 -9.43 -11.73
N VAL A 56 8.82 -8.78 -11.13
CA VAL A 56 9.48 -9.38 -9.94
C VAL A 56 8.41 -9.77 -8.92
N CYS A 57 7.35 -9.01 -8.85
CA CYS A 57 6.26 -9.34 -7.90
C CYS A 57 5.74 -10.76 -8.17
N LYS A 58 5.38 -11.04 -9.39
CA LYS A 58 4.89 -12.41 -9.72
C LYS A 58 6.05 -13.40 -9.66
N SER A 59 7.26 -12.93 -9.80
CA SER A 59 8.44 -13.84 -9.76
C SER A 59 8.87 -14.04 -8.30
N ASN A 60 8.34 -13.26 -7.40
CA ASN A 60 8.72 -13.42 -5.96
C ASN A 60 7.50 -13.92 -5.18
N GLY A 61 6.33 -13.67 -5.69
CA GLY A 61 5.10 -14.13 -5.00
C GLY A 61 4.17 -12.94 -4.74
N VAL A 62 3.50 -12.47 -5.75
CA VAL A 62 2.58 -11.31 -5.56
C VAL A 62 1.53 -11.28 -6.67
N ASP A 63 0.32 -11.72 -6.39
CA ASP A 63 -0.73 -11.70 -7.43
C ASP A 63 -1.29 -10.29 -7.60
N ILE A 64 -0.55 -9.41 -8.22
CA ILE A 64 -1.03 -8.01 -8.40
C ILE A 64 -2.33 -8.01 -9.22
N SER A 65 -2.80 -6.85 -9.58
CA SER A 65 -4.07 -6.76 -10.36
C SER A 65 -4.16 -5.42 -11.08
N LYS A 66 -3.35 -5.20 -12.06
CA LYS A 66 -3.40 -3.91 -12.80
C LYS A 66 -3.33 -2.74 -11.82
N GLN A 67 -2.17 -2.19 -11.59
CA GLN A 67 -2.04 -1.05 -10.64
C GLN A 67 -2.96 0.09 -11.07
N ARG A 68 -2.76 0.61 -12.26
CA ARG A 68 -3.62 1.73 -12.73
C ARG A 68 -3.69 2.84 -11.67
N ALA A 69 -2.82 3.81 -11.74
CA ALA A 69 -2.84 4.91 -10.74
C ALA A 69 -4.18 5.64 -10.79
N ARG A 70 -4.79 5.86 -9.66
CA ARG A 70 -6.10 6.57 -9.64
C ARG A 70 -6.17 7.52 -8.45
N GLN A 71 -6.93 8.58 -8.56
CA GLN A 71 -7.04 9.54 -7.43
C GLN A 71 -7.95 8.99 -6.34
N ILE A 72 -7.65 9.25 -5.10
CA ILE A 72 -8.50 8.73 -3.99
C ILE A 72 -9.79 9.55 -3.89
N THR A 73 -10.88 8.92 -3.54
CA THR A 73 -12.16 9.65 -3.43
C THR A 73 -12.33 10.20 -2.00
N LYS A 74 -13.54 10.25 -1.51
CA LYS A 74 -13.77 10.77 -0.13
C LYS A 74 -14.39 9.69 0.75
N ALA A 75 -14.73 8.56 0.16
CA ALA A 75 -15.35 7.47 0.97
C ALA A 75 -14.28 6.45 1.39
N ASP A 76 -13.08 6.58 0.88
CA ASP A 76 -12.01 5.62 1.25
C ASP A 76 -12.00 5.40 2.76
N PHE A 77 -12.06 6.45 3.53
CA PHE A 77 -12.05 6.29 5.02
C PHE A 77 -13.08 5.24 5.44
N SER A 78 -14.20 5.19 4.77
CA SER A 78 -15.24 4.18 5.14
C SER A 78 -15.21 3.01 4.15
N LYS A 79 -14.57 3.18 3.03
CA LYS A 79 -14.50 2.08 2.03
C LYS A 79 -13.69 0.91 2.58
N PHE A 80 -12.79 1.19 3.49
CA PHE A 80 -11.96 0.09 4.07
C PHE A 80 -11.94 0.20 5.60
N ASP A 81 -11.43 -0.81 6.26
CA ASP A 81 -11.38 -0.77 7.75
C ASP A 81 -10.11 -0.05 8.23
N VAL A 82 -9.04 -0.18 7.51
CA VAL A 82 -7.78 0.50 7.92
C VAL A 82 -7.12 1.18 6.72
N ILE A 83 -6.36 2.22 6.96
CA ILE A 83 -5.70 2.93 5.84
C ILE A 83 -4.21 3.11 6.13
N ALA A 84 -3.36 2.72 5.21
CA ALA A 84 -1.90 2.86 5.44
C ALA A 84 -1.25 3.64 4.29
N ALA A 85 -0.28 4.45 4.58
CA ALA A 85 0.39 5.23 3.50
C ALA A 85 1.84 4.78 3.34
N LEU A 86 2.42 4.99 2.19
CA LEU A 86 3.84 4.56 1.98
C LEU A 86 4.80 5.65 2.48
N ASP A 87 4.63 6.86 2.03
CA ASP A 87 5.54 7.95 2.48
C ASP A 87 4.86 8.77 3.58
N GLN A 88 5.49 9.84 4.01
CA GLN A 88 4.89 10.69 5.08
C GLN A 88 3.98 11.76 4.47
N SER A 89 4.35 12.28 3.33
CA SER A 89 3.51 13.32 2.67
C SER A 89 2.04 12.90 2.70
N ILE A 90 1.76 11.65 2.44
CA ILE A 90 0.34 11.18 2.45
C ILE A 90 -0.20 11.16 3.88
N LEU A 91 0.48 10.47 4.76
CA LEU A 91 0.00 10.40 6.18
C LEU A 91 -0.05 11.81 6.78
N SER A 92 0.58 12.76 6.16
CA SER A 92 0.57 14.15 6.70
C SER A 92 -0.57 14.96 6.06
N ASP A 93 -0.78 14.80 4.79
CA ASP A 93 -1.87 15.56 4.11
C ASP A 93 -3.20 14.82 4.28
N ILE A 94 -3.16 13.57 4.63
CA ILE A 94 -4.42 12.79 4.80
C ILE A 94 -5.12 13.21 6.09
N ASN A 95 -4.38 13.43 7.15
CA ASN A 95 -5.01 13.84 8.43
C ASN A 95 -5.58 15.25 8.31
N SER A 96 -5.29 15.94 7.23
CA SER A 96 -5.83 17.31 7.05
C SER A 96 -7.25 17.26 6.50
N MET A 97 -7.52 16.34 5.60
CA MET A 97 -8.88 16.24 5.03
C MET A 97 -9.79 15.41 5.94
N LYS A 98 -9.23 14.41 6.58
CA LYS A 98 -10.05 13.56 7.49
C LYS A 98 -10.82 14.43 8.49
N PRO A 99 -12.11 14.22 8.54
CA PRO A 99 -12.96 15.00 9.47
C PRO A 99 -12.76 14.52 10.91
N SER A 100 -13.49 13.53 11.32
CA SER A 100 -13.34 13.01 12.72
C SER A 100 -14.46 12.03 13.05
N ASN A 101 -15.56 12.12 12.36
CA ASN A 101 -16.69 11.19 12.64
C ASN A 101 -16.65 10.00 11.66
N CYS A 102 -15.49 9.46 11.44
CA CYS A 102 -15.38 8.30 10.51
C CYS A 102 -15.31 6.98 11.29
N ARG A 103 -14.59 6.03 10.80
CA ARG A 103 -14.48 4.72 11.52
C ARG A 103 -13.25 3.95 11.06
N ALA A 104 -12.24 4.64 10.61
CA ALA A 104 -11.01 3.94 10.14
C ALA A 104 -9.76 4.60 10.74
N LYS A 105 -8.65 3.92 10.72
CA LYS A 105 -7.40 4.51 11.29
C LYS A 105 -6.33 4.61 10.21
N VAL A 106 -5.51 5.62 10.25
CA VAL A 106 -4.43 5.77 9.23
C VAL A 106 -3.07 5.47 9.84
N VAL A 107 -2.27 4.66 9.18
CA VAL A 107 -0.93 4.33 9.73
C VAL A 107 0.14 4.50 8.65
N LEU A 108 1.37 4.72 9.04
CA LEU A 108 2.45 4.90 8.04
C LEU A 108 3.12 3.54 7.75
N PHE A 109 2.80 2.93 6.64
CA PHE A 109 3.41 1.63 6.31
C PHE A 109 4.80 1.82 5.70
N ASN A 110 5.80 2.01 6.53
CA ASN A 110 7.17 2.21 6.00
C ASN A 110 8.19 2.15 7.14
N PRO A 111 9.33 1.56 6.86
CA PRO A 111 10.40 1.43 7.87
C PRO A 111 11.08 2.78 8.09
N PRO A 112 11.98 2.80 9.03
CA PRO A 112 12.73 4.04 9.36
C PRO A 112 13.76 4.35 8.26
N ASN A 113 13.33 4.38 7.03
CA ASN A 113 14.28 4.67 5.92
C ASN A 113 13.54 5.25 4.71
N GLY A 114 12.35 4.77 4.46
CA GLY A 114 11.57 5.29 3.30
C GLY A 114 11.67 4.30 2.13
N VAL A 115 10.66 3.51 1.92
CA VAL A 115 10.70 2.54 0.79
C VAL A 115 10.93 3.27 -0.54
N ASP A 116 12.14 3.30 -1.01
CA ASP A 116 12.43 3.99 -2.29
C ASP A 116 12.15 3.06 -3.47
N ASP A 117 11.72 3.60 -4.59
CA ASP A 117 11.43 2.74 -5.77
C ASP A 117 11.77 3.49 -7.06
N PRO A 118 13.00 3.37 -7.46
CA PRO A 118 13.47 4.04 -8.70
C PRO A 118 12.90 3.34 -9.93
N TYR A 119 13.12 3.89 -11.09
CA TYR A 119 12.59 3.25 -12.34
C TYR A 119 13.75 2.80 -13.24
N TYR A 120 13.49 1.92 -14.16
CA TYR A 120 14.58 1.47 -15.08
C TYR A 120 15.79 1.03 -14.26
N SER A 121 15.58 0.33 -13.18
CA SER A 121 16.73 -0.11 -12.34
C SER A 121 16.38 -1.41 -11.61
N SER A 122 17.25 -1.88 -10.76
CA SER A 122 16.96 -3.13 -10.01
C SER A 122 17.51 -3.04 -8.58
N ASP A 123 17.37 -1.90 -7.96
CA ASP A 123 17.89 -1.75 -6.56
C ASP A 123 16.74 -1.39 -5.62
N GLY A 124 15.70 -2.18 -5.61
CA GLY A 124 14.55 -1.87 -4.70
C GLY A 124 13.48 -2.95 -4.86
N PHE A 125 13.35 -3.49 -6.04
CA PHE A 125 12.32 -4.55 -6.27
C PHE A 125 12.29 -5.54 -5.10
N PRO A 126 13.44 -6.03 -4.73
CA PRO A 126 13.53 -7.00 -3.61
C PRO A 126 13.27 -6.30 -2.27
N THR A 127 14.22 -5.56 -1.78
CA THR A 127 14.02 -4.86 -0.48
C THR A 127 12.61 -4.32 -0.37
N MET A 128 12.08 -3.77 -1.44
CA MET A 128 10.69 -3.24 -1.41
C MET A 128 9.73 -4.32 -0.92
N PHE A 129 9.35 -5.23 -1.79
CA PHE A 129 8.41 -6.31 -1.37
C PHE A 129 8.81 -6.85 0.01
N ALA A 130 10.05 -7.20 0.18
CA ALA A 130 10.49 -7.75 1.50
C ALA A 130 10.24 -6.72 2.61
N SER A 131 10.13 -5.47 2.27
CA SER A 131 9.87 -4.44 3.31
C SER A 131 8.37 -4.26 3.47
N ILE A 132 7.69 -4.04 2.38
CA ILE A 132 6.21 -3.88 2.45
C ILE A 132 5.61 -5.18 3.00
N SER A 133 6.36 -6.25 2.98
CA SER A 133 5.85 -7.54 3.51
C SER A 133 6.31 -7.73 4.96
N LYS A 134 7.58 -7.58 5.21
CA LYS A 134 8.09 -7.74 6.60
C LYS A 134 7.47 -6.69 7.52
N GLU A 135 6.98 -5.61 6.96
CA GLU A 135 6.37 -4.54 7.80
C GLU A 135 4.96 -4.96 8.24
N MET A 136 4.29 -5.74 7.45
CA MET A 136 2.91 -6.18 7.81
C MET A 136 2.97 -7.29 8.86
N LYS A 137 4.14 -7.61 9.33
CA LYS A 137 4.26 -8.69 10.35
C LYS A 137 4.13 -8.10 11.76
N PRO A 138 4.95 -7.14 12.03
CA PRO A 138 4.93 -6.47 13.37
C PRO A 138 3.75 -5.49 13.45
N PHE A 139 3.10 -5.23 12.35
CA PHE A 139 1.95 -4.28 12.37
C PHE A 139 0.63 -5.05 12.34
N LEU A 140 0.25 -5.53 11.19
CA LEU A 140 -1.04 -6.28 11.08
C LEU A 140 -1.21 -7.20 12.29
N THR A 141 -0.33 -8.15 12.46
CA THR A 141 -0.44 -9.08 13.62
C THR A 141 -0.84 -8.30 14.88
N GLU A 142 -0.48 -7.06 14.97
CA GLU A 142 -0.85 -6.26 16.17
C GLU A 142 -2.03 -5.34 15.86
N HIS A 143 -2.20 -4.99 14.62
CA HIS A 143 -3.35 -4.10 14.25
C HIS A 143 -4.68 -4.82 14.48
N GLY A 144 -4.65 -6.13 14.51
CA GLY A 144 -5.92 -6.90 14.73
C GLY A 144 -5.96 -8.09 13.77
N LEU A 145 -4.83 -8.69 13.51
CA LEU A 145 -4.80 -9.86 12.59
C LEU A 145 -3.41 -10.50 12.58
N ILE A 146 -3.20 -11.49 13.39
CA ILE A 146 -1.86 -12.16 13.43
C ILE A 146 -1.30 -12.30 12.01
N ALA A 1 -7.46 -15.80 14.86
CA ALA A 1 -8.51 -15.15 15.69
C ALA A 1 -8.74 -13.70 15.24
N ALA A 2 -9.27 -12.88 16.10
CA ALA A 2 -9.51 -11.46 15.72
C ALA A 2 -10.37 -11.39 14.45
N GLU A 3 -10.79 -10.22 14.07
CA GLU A 3 -11.63 -10.09 12.84
C GLU A 3 -10.77 -9.64 11.67
N LYS A 4 -11.30 -9.70 10.48
CA LYS A 4 -10.52 -9.25 9.29
C LYS A 4 -10.60 -7.74 9.20
N LYS A 5 -9.83 -7.12 8.34
CA LYS A 5 -9.89 -5.65 8.25
C LYS A 5 -9.53 -5.16 6.84
N ALA A 6 -9.85 -3.93 6.55
CA ALA A 6 -9.54 -3.37 5.21
C ALA A 6 -8.36 -2.40 5.32
N VAL A 7 -7.17 -2.83 4.98
CA VAL A 7 -6.00 -1.93 5.07
C VAL A 7 -5.60 -1.44 3.68
N LEU A 8 -5.84 -0.18 3.40
CA LEU A 8 -5.47 0.37 2.07
C LEU A 8 -4.06 0.98 2.12
N PHE A 9 -3.12 0.37 1.47
CA PHE A 9 -1.74 0.92 1.48
C PHE A 9 -1.58 1.97 0.38
N VAL A 10 -1.10 3.14 0.71
CA VAL A 10 -0.94 4.20 -0.33
C VAL A 10 0.32 5.02 -0.07
N CYS A 11 0.67 5.89 -0.99
CA CYS A 11 1.90 6.72 -0.81
C CYS A 11 1.75 8.03 -1.59
N LEU A 12 1.77 7.96 -2.89
CA LEU A 12 1.63 9.21 -3.70
C LEU A 12 1.86 8.90 -5.19
N GLY A 13 0.84 8.46 -5.88
CA GLY A 13 1.00 8.15 -7.32
C GLY A 13 0.35 6.79 -7.63
N ASN A 14 0.35 5.89 -6.70
CA ASN A 14 -0.26 4.55 -6.93
C ASN A 14 0.60 3.73 -7.88
N ILE A 15 1.69 4.28 -8.33
CA ILE A 15 2.58 3.51 -9.27
C ILE A 15 3.72 2.85 -8.48
N CYS A 16 4.78 3.57 -8.24
CA CYS A 16 5.92 2.99 -7.48
C CYS A 16 5.68 3.15 -5.97
N ARG A 17 4.47 2.87 -5.53
CA ARG A 17 4.17 3.00 -4.08
C ARG A 17 3.83 1.64 -3.49
N SER A 18 4.79 0.77 -3.38
CA SER A 18 4.52 -0.57 -2.80
C SER A 18 3.22 -1.15 -3.37
N PRO A 19 3.18 -1.25 -4.66
CA PRO A 19 1.98 -1.80 -5.36
C PRO A 19 1.88 -3.31 -5.10
N ALA A 20 2.92 -3.90 -4.60
CA ALA A 20 2.89 -5.36 -4.31
C ALA A 20 2.21 -5.63 -2.97
N CYS A 21 1.66 -4.61 -2.37
CA CYS A 21 0.98 -4.79 -1.06
C CYS A 21 -0.23 -5.71 -1.23
N GLU A 22 -0.93 -5.56 -2.31
CA GLU A 22 -2.12 -6.42 -2.57
C GLU A 22 -1.67 -7.87 -2.78
N GLY A 23 -0.64 -8.08 -3.56
CA GLY A 23 -0.15 -9.46 -3.81
C GLY A 23 0.46 -10.02 -2.52
N ILE A 24 1.42 -9.31 -1.95
CA ILE A 24 2.05 -9.82 -0.70
C ILE A 24 0.96 -10.19 0.31
N CYS A 25 -0.02 -9.34 0.47
CA CYS A 25 -1.11 -9.65 1.45
C CYS A 25 -1.98 -10.79 0.93
N ARG A 26 -2.14 -10.89 -0.36
CA ARG A 26 -2.98 -11.99 -0.93
C ARG A 26 -2.37 -13.35 -0.59
N ASP A 27 -1.13 -13.56 -0.93
CA ASP A 27 -0.48 -14.87 -0.62
C ASP A 27 -0.18 -14.99 0.88
N MET A 28 0.15 -13.90 1.51
CA MET A 28 0.45 -13.95 2.96
C MET A 28 -0.84 -14.15 3.76
N VAL A 29 -1.76 -13.24 3.64
CA VAL A 29 -3.04 -13.37 4.40
C VAL A 29 -4.23 -12.92 3.52
N GLY A 30 -4.28 -13.35 2.29
CA GLY A 30 -5.40 -12.94 1.41
C GLY A 30 -6.74 -13.39 2.03
N ASP A 31 -7.22 -12.67 3.02
CA ASP A 31 -8.50 -13.06 3.68
C ASP A 31 -8.65 -12.31 4.99
N LYS A 32 -7.58 -11.84 5.56
CA LYS A 32 -7.65 -11.10 6.85
C LYS A 32 -6.70 -9.92 6.83
N LEU A 33 -7.23 -8.72 6.83
CA LEU A 33 -6.37 -7.50 6.78
C LEU A 33 -5.88 -7.29 5.36
N ILE A 34 -6.80 -7.02 4.48
CA ILE A 34 -6.43 -6.80 3.05
C ILE A 34 -5.46 -5.64 2.91
N ILE A 35 -4.56 -5.73 1.97
CA ILE A 35 -3.58 -4.63 1.75
C ILE A 35 -3.74 -4.09 0.34
N ASP A 36 -4.59 -3.11 0.17
CA ASP A 36 -4.82 -2.55 -1.20
C ASP A 36 -3.78 -1.48 -1.53
N SER A 37 -3.85 -0.93 -2.72
CA SER A 37 -2.88 0.13 -3.11
C SER A 37 -3.62 1.33 -3.69
N ALA A 38 -3.42 2.49 -3.12
CA ALA A 38 -4.13 3.70 -3.65
C ALA A 38 -3.15 4.86 -3.81
N ALA A 39 -3.66 6.07 -3.87
CA ALA A 39 -2.76 7.25 -4.04
C ALA A 39 -3.56 8.54 -3.87
N THR A 40 -2.97 9.55 -3.29
CA THR A 40 -3.69 10.84 -3.10
C THR A 40 -3.65 11.66 -4.40
N SER A 41 -2.50 11.82 -4.98
CA SER A 41 -2.39 12.60 -6.25
C SER A 41 -1.66 11.80 -7.31
N GLY A 42 -2.08 11.88 -8.55
CA GLY A 42 -1.41 11.11 -9.63
C GLY A 42 -1.30 11.98 -10.87
N PHE A 43 -0.17 12.61 -11.08
CA PHE A 43 0.00 13.48 -12.28
C PHE A 43 0.87 12.77 -13.32
N HIS A 44 0.94 11.47 -13.27
CA HIS A 44 1.77 10.73 -14.26
C HIS A 44 0.96 9.62 -14.92
N VAL A 45 -0.33 9.78 -14.99
CA VAL A 45 -1.19 8.73 -15.62
C VAL A 45 -0.87 8.61 -17.11
N GLY A 46 -0.55 7.43 -17.56
CA GLY A 46 -0.21 7.24 -19.00
C GLY A 46 1.15 6.55 -19.13
N GLN A 47 1.47 5.68 -18.22
CA GLN A 47 2.79 4.98 -18.30
C GLN A 47 2.92 3.99 -17.13
N SER A 48 3.65 4.35 -16.11
CA SER A 48 3.82 3.43 -14.95
C SER A 48 4.49 2.13 -15.40
N PRO A 49 5.76 2.24 -15.70
CA PRO A 49 6.54 1.06 -16.15
C PRO A 49 6.74 0.07 -15.00
N ASP A 50 5.68 -0.54 -14.54
CA ASP A 50 5.80 -1.50 -13.40
C ASP A 50 5.98 -2.92 -13.95
N THR A 51 6.69 -3.07 -15.04
CA THR A 51 6.91 -4.43 -15.60
C THR A 51 7.96 -5.15 -14.77
N ARG A 52 8.88 -4.41 -14.22
CA ARG A 52 9.94 -5.04 -13.39
C ARG A 52 9.33 -5.44 -12.04
N SER A 53 8.62 -4.54 -11.41
CA SER A 53 8.00 -4.87 -10.10
C SER A 53 6.99 -6.01 -10.30
N GLN A 54 6.14 -5.90 -11.28
CA GLN A 54 5.14 -6.98 -11.52
C GLN A 54 5.87 -8.26 -11.93
N LYS A 55 6.94 -8.12 -12.67
CA LYS A 55 7.71 -9.33 -13.09
C LYS A 55 8.19 -10.08 -11.85
N VAL A 56 9.04 -9.46 -11.07
CA VAL A 56 9.53 -10.14 -9.84
C VAL A 56 8.34 -10.57 -8.99
N CYS A 57 7.30 -9.78 -8.98
CA CYS A 57 6.09 -10.14 -8.18
C CYS A 57 5.64 -11.55 -8.56
N LYS A 58 5.41 -11.78 -9.83
CA LYS A 58 4.98 -13.14 -10.26
C LYS A 58 6.13 -14.13 -10.09
N SER A 59 7.34 -13.66 -10.14
CA SER A 59 8.51 -14.58 -9.97
C SER A 59 8.70 -14.90 -8.48
N ASN A 60 8.06 -14.16 -7.62
CA ASN A 60 8.21 -14.44 -6.16
C ASN A 60 6.88 -14.97 -5.61
N GLY A 61 5.78 -14.54 -6.17
CA GLY A 61 4.46 -15.02 -5.71
C GLY A 61 3.68 -13.87 -5.07
N VAL A 62 2.98 -13.10 -5.87
CA VAL A 62 2.19 -11.96 -5.30
C VAL A 62 1.15 -11.50 -6.32
N ASP A 63 -0.01 -12.10 -6.32
CA ASP A 63 -1.06 -11.69 -7.29
C ASP A 63 -1.30 -10.18 -7.21
N ILE A 64 -0.66 -9.42 -8.05
CA ILE A 64 -0.86 -7.94 -8.01
C ILE A 64 -1.76 -7.50 -9.17
N SER A 65 -1.68 -6.25 -9.55
CA SER A 65 -2.53 -5.76 -10.66
C SER A 65 -1.77 -4.72 -11.49
N LYS A 66 -2.44 -4.06 -12.40
CA LYS A 66 -1.75 -3.04 -13.24
C LYS A 66 -1.62 -1.73 -12.46
N GLN A 67 -2.03 -1.71 -11.22
CA GLN A 67 -1.93 -0.46 -10.41
C GLN A 67 -2.75 0.66 -11.06
N ARG A 68 -2.24 1.24 -12.11
CA ARG A 68 -3.00 2.34 -12.78
C ARG A 68 -3.09 3.55 -11.86
N ALA A 69 -2.32 4.57 -12.11
CA ALA A 69 -2.37 5.78 -11.25
C ALA A 69 -3.76 6.41 -11.30
N ARG A 70 -4.48 6.39 -10.20
CA ARG A 70 -5.84 6.98 -10.18
C ARG A 70 -6.04 7.81 -8.90
N GLN A 71 -6.74 8.90 -9.00
CA GLN A 71 -6.96 9.74 -7.79
C GLN A 71 -7.96 9.07 -6.85
N ILE A 72 -7.72 9.12 -5.57
CA ILE A 72 -8.64 8.48 -4.60
C ILE A 72 -9.65 9.50 -4.07
N THR A 73 -10.89 9.14 -3.98
CA THR A 73 -11.92 10.09 -3.47
C THR A 73 -11.82 10.20 -1.95
N LYS A 74 -12.64 11.03 -1.35
CA LYS A 74 -12.59 11.19 0.14
C LYS A 74 -13.42 10.09 0.81
N ALA A 75 -13.96 9.18 0.04
CA ALA A 75 -14.78 8.10 0.64
C ALA A 75 -13.87 6.95 1.13
N ASP A 76 -12.63 6.97 0.75
CA ASP A 76 -11.70 5.90 1.20
C ASP A 76 -11.79 5.71 2.72
N PHE A 77 -12.22 6.72 3.43
CA PHE A 77 -12.33 6.60 4.91
C PHE A 77 -13.57 5.79 5.27
N SER A 78 -14.42 5.51 4.31
CA SER A 78 -15.64 4.71 4.60
C SER A 78 -15.50 3.29 4.04
N LYS A 79 -15.04 3.17 2.83
CA LYS A 79 -14.88 1.82 2.23
C LYS A 79 -13.95 0.97 3.10
N PHE A 80 -12.80 1.47 3.44
CA PHE A 80 -11.85 0.69 4.30
C PHE A 80 -11.66 1.39 5.64
N ASP A 81 -11.51 0.64 6.70
CA ASP A 81 -11.32 1.26 8.03
C ASP A 81 -9.82 1.45 8.32
N VAL A 82 -8.98 0.66 7.70
CA VAL A 82 -7.52 0.79 7.93
C VAL A 82 -6.81 1.29 6.68
N ILE A 83 -5.87 2.18 6.82
CA ILE A 83 -5.15 2.70 5.63
C ILE A 83 -3.65 2.81 5.93
N ALA A 84 -2.84 2.05 5.25
CA ALA A 84 -1.38 2.10 5.50
C ALA A 84 -0.71 3.12 4.57
N ALA A 85 0.26 3.85 5.06
CA ALA A 85 0.93 4.86 4.21
C ALA A 85 2.41 4.50 4.05
N LEU A 86 2.96 4.70 2.87
CA LEU A 86 4.39 4.37 2.65
C LEU A 86 5.28 5.42 3.34
N ASP A 87 5.06 6.67 3.08
CA ASP A 87 5.89 7.73 3.71
C ASP A 87 5.07 8.48 4.77
N GLN A 88 5.66 9.46 5.41
CA GLN A 88 4.92 10.23 6.44
C GLN A 88 4.20 11.42 5.81
N SER A 89 4.73 11.93 4.74
CA SER A 89 4.09 13.10 4.07
C SER A 89 2.63 12.79 3.76
N ILE A 90 2.39 11.78 2.97
CA ILE A 90 0.99 11.42 2.62
C ILE A 90 0.14 11.29 3.89
N LEU A 91 0.70 10.73 4.93
CA LEU A 91 -0.07 10.58 6.19
C LEU A 91 -0.22 11.94 6.89
N SER A 92 0.69 12.83 6.68
CA SER A 92 0.60 14.17 7.34
C SER A 92 -0.39 15.06 6.60
N ASP A 93 -0.55 14.84 5.31
CA ASP A 93 -1.51 15.67 4.53
C ASP A 93 -2.88 14.99 4.48
N ILE A 94 -2.89 13.71 4.20
CA ILE A 94 -4.19 12.97 4.13
C ILE A 94 -5.05 13.30 5.36
N ASN A 95 -4.44 13.47 6.49
CA ASN A 95 -5.23 13.79 7.72
C ASN A 95 -5.76 15.23 7.65
N SER A 96 -5.32 15.98 6.68
CA SER A 96 -5.79 17.39 6.56
C SER A 96 -7.19 17.43 5.95
N MET A 97 -7.58 16.37 5.27
CA MET A 97 -8.94 16.35 4.65
C MET A 97 -9.89 15.49 5.50
N LYS A 98 -9.36 14.56 6.24
CA LYS A 98 -10.24 13.70 7.09
C LYS A 98 -11.14 14.55 7.97
N PRO A 99 -12.37 14.13 8.10
CA PRO A 99 -13.35 14.87 8.93
C PRO A 99 -13.05 14.68 10.42
N SER A 100 -13.70 15.42 11.26
CA SER A 100 -13.45 15.28 12.73
C SER A 100 -14.03 13.97 13.24
N ASN A 101 -14.75 13.26 12.41
CA ASN A 101 -15.35 11.97 12.85
C ASN A 101 -15.19 10.91 11.75
N CYS A 102 -13.99 10.49 11.49
CA CYS A 102 -13.78 9.47 10.42
C CYS A 102 -14.00 8.06 10.99
N ARG A 103 -14.17 7.08 10.14
CA ARG A 103 -14.39 5.69 10.64
C ARG A 103 -13.24 4.78 10.20
N ALA A 104 -12.04 5.28 10.22
CA ALA A 104 -10.87 4.45 9.82
C ALA A 104 -9.58 5.00 10.42
N LYS A 105 -8.55 4.20 10.48
CA LYS A 105 -7.26 4.68 11.06
C LYS A 105 -6.13 4.54 10.04
N VAL A 106 -5.34 5.57 9.87
CA VAL A 106 -4.22 5.50 8.88
C VAL A 106 -2.92 5.14 9.60
N VAL A 107 -2.37 4.00 9.29
CA VAL A 107 -1.09 3.60 9.95
C VAL A 107 0.10 3.94 9.06
N LEU A 108 1.28 4.00 9.61
CA LEU A 108 2.49 4.33 8.80
C LEU A 108 3.32 3.08 8.55
N PHE A 109 3.39 2.63 7.32
CA PHE A 109 4.19 1.42 7.01
C PHE A 109 5.67 1.79 6.82
N ASN A 110 6.54 1.18 7.59
CA ASN A 110 7.99 1.50 7.46
C ASN A 110 8.23 2.99 7.73
N PRO A 111 9.48 3.34 7.85
CA PRO A 111 9.87 4.74 8.10
C PRO A 111 9.71 5.58 6.83
N PRO A 112 9.94 6.85 6.97
CA PRO A 112 9.83 7.77 5.81
C PRO A 112 11.03 7.59 4.87
N ASN A 113 11.89 6.65 5.15
CA ASN A 113 13.06 6.42 4.27
C ASN A 113 12.62 6.23 2.82
N GLY A 114 11.89 5.18 2.55
CA GLY A 114 11.43 4.94 1.16
C GLY A 114 11.53 3.45 0.83
N VAL A 115 10.48 2.88 0.30
CA VAL A 115 10.51 1.43 -0.03
C VAL A 115 10.17 1.21 -1.51
N ASP A 116 10.43 2.20 -2.33
CA ASP A 116 10.13 2.05 -3.78
C ASP A 116 11.12 2.85 -4.62
N ASP A 117 11.46 4.04 -4.18
CA ASP A 117 12.43 4.87 -4.95
C ASP A 117 11.81 5.29 -6.29
N PRO A 118 12.15 6.48 -6.72
CA PRO A 118 11.64 7.02 -7.99
C PRO A 118 12.30 6.32 -9.18
N TYR A 119 11.95 5.09 -9.43
CA TYR A 119 12.57 4.36 -10.58
C TYR A 119 14.10 4.44 -10.50
N TYR A 120 14.74 3.40 -10.06
CA TYR A 120 16.23 3.42 -9.98
C TYR A 120 16.79 2.01 -10.13
N SER A 121 17.16 1.64 -11.32
CA SER A 121 17.72 0.27 -11.53
C SER A 121 16.89 -0.77 -10.77
N SER A 122 17.52 -1.79 -10.27
CA SER A 122 16.77 -2.83 -9.50
C SER A 122 16.30 -2.27 -8.17
N ASP A 123 16.90 -1.20 -7.71
CA ASP A 123 16.49 -0.61 -6.41
C ASP A 123 14.97 -0.49 -6.34
N GLY A 124 14.32 -1.39 -5.64
CA GLY A 124 12.83 -1.32 -5.54
C GLY A 124 12.26 -2.74 -5.58
N PHE A 125 12.30 -3.38 -6.71
CA PHE A 125 11.76 -4.77 -6.80
C PHE A 125 12.18 -5.59 -5.57
N PRO A 126 13.45 -5.54 -5.26
CA PRO A 126 13.96 -6.28 -4.09
C PRO A 126 13.52 -5.62 -2.79
N THR A 127 13.81 -4.35 -2.62
CA THR A 127 13.40 -3.65 -1.37
C THR A 127 11.88 -3.62 -1.26
N MET A 128 11.20 -3.15 -2.27
CA MET A 128 9.71 -3.09 -2.22
C MET A 128 9.16 -4.37 -1.58
N PHE A 129 9.26 -5.48 -2.25
CA PHE A 129 8.73 -6.75 -1.67
C PHE A 129 9.42 -7.03 -0.33
N ALA A 130 10.72 -6.89 -0.29
CA ALA A 130 11.45 -7.14 0.99
C ALA A 130 10.69 -6.52 2.16
N SER A 131 10.61 -5.22 2.21
CA SER A 131 9.88 -4.56 3.32
C SER A 131 8.39 -4.90 3.24
N ILE A 132 7.85 -4.94 2.05
CA ILE A 132 6.41 -5.27 1.89
C ILE A 132 6.04 -6.44 2.81
N SER A 133 6.88 -7.44 2.87
CA SER A 133 6.58 -8.60 3.75
C SER A 133 7.32 -8.48 5.08
N LYS A 134 8.56 -8.08 5.05
CA LYS A 134 9.34 -7.93 6.32
C LYS A 134 8.53 -7.18 7.36
N GLU A 135 7.67 -6.28 6.93
CA GLU A 135 6.85 -5.52 7.91
C GLU A 135 5.41 -6.02 7.91
N MET A 136 5.10 -6.96 7.06
CA MET A 136 3.72 -7.49 7.01
C MET A 136 3.52 -8.61 8.05
N LYS A 137 4.36 -8.64 9.05
CA LYS A 137 4.21 -9.69 10.09
C LYS A 137 3.63 -9.09 11.38
N PRO A 138 4.38 -8.22 11.99
CA PRO A 138 3.92 -7.56 13.24
C PRO A 138 2.82 -6.54 12.93
N PHE A 139 2.49 -6.37 11.68
CA PHE A 139 1.43 -5.39 11.31
C PHE A 139 0.04 -5.96 11.62
N LEU A 140 -0.44 -6.85 10.80
CA LEU A 140 -1.78 -7.45 11.05
C LEU A 140 -1.74 -8.39 12.25
N THR A 141 -0.63 -9.06 12.45
CA THR A 141 -0.53 -10.00 13.60
C THR A 141 -0.79 -9.26 14.92
N GLU A 142 -0.48 -7.99 14.97
CA GLU A 142 -0.71 -7.22 16.22
C GLU A 142 -1.93 -6.31 16.06
N HIS A 143 -2.02 -5.62 14.95
CA HIS A 143 -3.19 -4.71 14.74
C HIS A 143 -4.48 -5.41 15.16
N GLY A 144 -4.50 -6.71 15.15
CA GLY A 144 -5.73 -7.45 15.56
C GLY A 144 -6.13 -8.43 14.46
N LEU A 145 -5.32 -9.43 14.23
CA LEU A 145 -5.66 -10.42 13.16
C LEU A 145 -5.03 -11.78 13.49
N ILE A 146 -3.78 -11.79 13.89
CA ILE A 146 -3.12 -13.08 14.22
C ILE A 146 -2.33 -12.94 15.52
N ALA A 1 -14.18 -12.08 16.39
CA ALA A 1 -14.19 -12.52 14.96
C ALA A 1 -13.01 -11.92 14.22
N ALA A 2 -12.31 -12.70 13.45
CA ALA A 2 -11.14 -12.17 12.70
C ALA A 2 -11.61 -11.47 11.42
N GLU A 3 -11.97 -10.22 11.52
CA GLU A 3 -12.43 -9.48 10.32
C GLU A 3 -11.33 -9.42 9.27
N LYS A 4 -11.29 -8.35 8.52
CA LYS A 4 -10.24 -8.24 7.46
C LYS A 4 -10.06 -6.78 7.04
N LYS A 5 -11.13 -6.08 6.87
CA LYS A 5 -11.04 -4.65 6.47
C LYS A 5 -9.89 -4.45 5.48
N ALA A 6 -9.36 -3.27 5.39
CA ALA A 6 -8.24 -3.02 4.43
C ALA A 6 -7.45 -1.77 4.84
N VAL A 7 -6.15 -1.83 4.74
CA VAL A 7 -5.33 -0.64 5.11
C VAL A 7 -4.85 0.06 3.84
N LEU A 8 -5.33 1.24 3.59
CA LEU A 8 -4.91 1.98 2.37
C LEU A 8 -3.40 2.19 2.37
N PHE A 9 -2.66 1.33 1.71
CA PHE A 9 -1.19 1.49 1.67
C PHE A 9 -0.82 2.44 0.52
N VAL A 10 -0.38 3.62 0.83
CA VAL A 10 -0.03 4.58 -0.27
C VAL A 10 1.27 5.33 0.05
N CYS A 11 1.78 6.07 -0.90
CA CYS A 11 3.04 6.83 -0.67
C CYS A 11 3.18 7.92 -1.74
N LEU A 12 2.20 8.78 -1.86
CA LEU A 12 2.29 9.85 -2.89
C LEU A 12 2.44 9.24 -4.28
N GLY A 13 2.94 9.98 -5.23
CA GLY A 13 3.10 9.43 -6.60
C GLY A 13 3.78 8.06 -6.52
N ASN A 14 3.02 7.02 -6.34
CA ASN A 14 3.62 5.66 -6.26
C ASN A 14 2.83 4.67 -7.13
N ILE A 15 1.86 5.17 -7.86
CA ILE A 15 1.05 4.27 -8.73
C ILE A 15 0.39 3.16 -7.91
N CYS A 16 0.05 3.44 -6.69
CA CYS A 16 -0.61 2.40 -5.83
C CYS A 16 0.22 1.11 -5.79
N ARG A 17 0.69 0.73 -4.64
CA ARG A 17 1.49 -0.53 -4.54
C ARG A 17 0.56 -1.74 -4.43
N SER A 18 -0.18 -2.02 -5.47
CA SER A 18 -1.11 -3.18 -5.42
C SER A 18 -0.34 -4.50 -5.37
N PRO A 19 0.67 -4.60 -6.21
CA PRO A 19 1.49 -5.83 -6.27
C PRO A 19 2.41 -5.93 -5.06
N ALA A 20 2.41 -4.93 -4.22
CA ALA A 20 3.30 -4.98 -3.02
C ALA A 20 2.48 -5.34 -1.77
N CYS A 21 1.54 -4.51 -1.41
CA CYS A 21 0.71 -4.80 -0.21
C CYS A 21 -0.31 -5.88 -0.53
N GLU A 22 -1.01 -5.74 -1.62
CA GLU A 22 -2.03 -6.76 -1.99
C GLU A 22 -1.33 -8.09 -2.32
N GLY A 23 -0.15 -8.02 -2.88
CA GLY A 23 0.58 -9.27 -3.23
C GLY A 23 1.13 -9.90 -1.94
N ILE A 24 1.92 -9.17 -1.20
CA ILE A 24 2.48 -9.74 0.06
C ILE A 24 1.36 -10.26 0.95
N CYS A 25 0.27 -9.55 1.02
CA CYS A 25 -0.87 -10.01 1.87
C CYS A 25 -1.61 -11.17 1.19
N ARG A 26 -2.26 -10.91 0.09
CA ARG A 26 -3.01 -11.99 -0.61
C ARG A 26 -2.18 -13.28 -0.61
N ASP A 27 -0.88 -13.16 -0.70
CA ASP A 27 -0.02 -14.39 -0.71
C ASP A 27 0.28 -14.85 0.72
N MET A 28 0.44 -13.93 1.63
CA MET A 28 0.73 -14.33 3.04
C MET A 28 -0.56 -14.63 3.79
N VAL A 29 -1.68 -14.50 3.13
CA VAL A 29 -2.99 -14.79 3.82
C VAL A 29 -3.84 -15.73 2.96
N GLY A 30 -3.90 -15.50 1.68
CA GLY A 30 -4.71 -16.39 0.81
C GLY A 30 -5.70 -15.54 0.00
N ASP A 31 -5.20 -14.72 -0.89
CA ASP A 31 -6.12 -13.86 -1.71
C ASP A 31 -7.16 -13.19 -0.81
N LYS A 32 -6.78 -12.15 -0.12
CA LYS A 32 -7.76 -11.46 0.77
C LYS A 32 -7.76 -9.95 0.47
N LEU A 33 -7.80 -9.13 1.48
CA LEU A 33 -7.81 -7.66 1.25
C LEU A 33 -6.94 -6.96 2.30
N ILE A 34 -7.55 -6.48 3.37
CA ILE A 34 -6.78 -5.78 4.44
C ILE A 34 -5.72 -4.85 3.85
N ILE A 35 -5.84 -4.48 2.60
CA ILE A 35 -4.82 -3.58 2.00
C ILE A 35 -5.39 -2.85 0.77
N ASP A 36 -5.02 -1.62 0.59
CA ASP A 36 -5.51 -0.85 -0.58
C ASP A 36 -4.42 0.11 -1.07
N SER A 37 -3.79 -0.20 -2.17
CA SER A 37 -2.70 0.68 -2.68
C SER A 37 -3.30 2.00 -3.19
N ALA A 38 -2.80 3.11 -2.70
CA ALA A 38 -3.33 4.42 -3.16
C ALA A 38 -2.18 5.32 -3.62
N ALA A 39 -2.45 6.57 -3.86
CA ALA A 39 -1.37 7.50 -4.30
C ALA A 39 -1.90 8.93 -4.39
N THR A 40 -1.81 9.67 -3.31
CA THR A 40 -2.30 11.07 -3.32
C THR A 40 -1.37 11.96 -4.14
N SER A 41 -1.60 12.04 -5.42
CA SER A 41 -0.73 12.89 -6.28
C SER A 41 -1.45 13.24 -7.59
N GLY A 42 -1.99 12.27 -8.26
CA GLY A 42 -2.71 12.56 -9.54
C GLY A 42 -1.70 12.92 -10.63
N PHE A 43 -0.66 12.14 -10.77
CA PHE A 43 0.35 12.44 -11.81
C PHE A 43 0.90 11.13 -12.42
N HIS A 44 1.24 10.18 -11.59
CA HIS A 44 1.78 8.90 -12.12
C HIS A 44 0.65 7.87 -12.26
N VAL A 45 -0.47 8.29 -12.78
CA VAL A 45 -1.62 7.34 -12.95
C VAL A 45 -1.87 7.07 -14.44
N GLY A 46 -2.46 5.95 -14.75
CA GLY A 46 -2.73 5.64 -16.18
C GLY A 46 -1.41 5.47 -16.93
N GLN A 47 -0.37 5.06 -16.24
CA GLN A 47 0.94 4.88 -16.91
C GLN A 47 1.92 4.18 -15.98
N SER A 48 3.18 4.49 -16.08
CA SER A 48 4.19 3.84 -15.18
C SER A 48 4.20 2.33 -15.41
N PRO A 49 5.25 1.87 -16.04
CA PRO A 49 5.39 0.43 -16.34
C PRO A 49 5.63 -0.37 -15.05
N ASP A 50 4.61 -0.98 -14.51
CA ASP A 50 4.77 -1.77 -13.25
C ASP A 50 5.12 -3.22 -13.58
N THR A 51 5.75 -3.45 -14.71
CA THR A 51 6.12 -4.84 -15.08
C THR A 51 7.32 -5.27 -14.24
N ARG A 52 8.12 -4.33 -13.83
CA ARG A 52 9.30 -4.68 -12.99
C ARG A 52 8.83 -5.05 -11.58
N SER A 53 8.04 -4.20 -10.97
CA SER A 53 7.53 -4.50 -9.61
C SER A 53 6.67 -5.76 -9.65
N GLN A 54 5.71 -5.82 -10.54
CA GLN A 54 4.85 -7.03 -10.62
C GLN A 54 5.72 -8.25 -10.96
N LYS A 55 6.68 -8.07 -11.82
CA LYS A 55 7.58 -9.20 -12.19
C LYS A 55 8.27 -9.73 -10.93
N VAL A 56 9.19 -8.97 -10.39
CA VAL A 56 9.90 -9.42 -9.16
C VAL A 56 8.87 -9.91 -8.14
N CYS A 57 7.72 -9.31 -8.14
CA CYS A 57 6.66 -9.74 -7.18
C CYS A 57 6.34 -11.22 -7.39
N LYS A 58 6.04 -11.59 -8.61
CA LYS A 58 5.74 -13.03 -8.89
C LYS A 58 7.02 -13.86 -8.75
N SER A 59 8.15 -13.25 -8.90
CA SER A 59 9.43 -14.01 -8.77
C SER A 59 9.86 -14.05 -7.31
N ASN A 60 9.22 -13.29 -6.47
CA ASN A 60 9.58 -13.30 -5.02
C ASN A 60 8.41 -13.85 -4.21
N GLY A 61 7.21 -13.61 -4.65
CA GLY A 61 6.03 -14.12 -3.92
C GLY A 61 4.91 -13.07 -3.93
N VAL A 62 4.10 -13.06 -4.96
CA VAL A 62 2.99 -12.08 -5.03
C VAL A 62 1.94 -12.54 -6.05
N ASP A 63 0.69 -12.40 -5.73
CA ASP A 63 -0.38 -12.83 -6.67
C ASP A 63 -0.98 -11.61 -7.38
N ILE A 64 -0.52 -11.30 -8.55
CA ILE A 64 -1.07 -10.13 -9.30
C ILE A 64 -1.26 -10.48 -10.77
N SER A 65 -1.57 -9.50 -11.59
CA SER A 65 -1.77 -9.78 -13.04
C SER A 65 -2.04 -8.48 -13.79
N LYS A 66 -2.82 -7.60 -13.21
CA LYS A 66 -3.12 -6.30 -13.90
C LYS A 66 -3.80 -5.34 -12.92
N GLN A 67 -3.46 -4.08 -12.99
CA GLN A 67 -4.08 -3.09 -12.07
C GLN A 67 -3.67 -1.67 -12.46
N ARG A 68 -4.61 -0.76 -12.51
CA ARG A 68 -4.27 0.64 -12.89
C ARG A 68 -3.92 1.45 -11.64
N ALA A 69 -4.32 2.68 -11.59
CA ALA A 69 -4.01 3.52 -10.40
C ALA A 69 -5.05 4.63 -10.23
N ARG A 70 -5.25 5.09 -9.03
CA ARG A 70 -6.26 6.17 -8.80
C ARG A 70 -5.74 7.17 -7.76
N GLN A 71 -6.62 7.75 -7.00
CA GLN A 71 -6.18 8.73 -5.96
C GLN A 71 -6.93 8.49 -4.65
N ILE A 72 -6.42 9.00 -3.56
CA ILE A 72 -7.10 8.80 -2.25
C ILE A 72 -8.32 9.72 -2.14
N THR A 73 -8.09 10.99 -1.96
CA THR A 73 -9.25 11.94 -1.83
C THR A 73 -10.04 11.64 -0.57
N LYS A 74 -11.34 11.82 -0.61
CA LYS A 74 -12.17 11.55 0.59
C LYS A 74 -12.86 10.18 0.47
N ALA A 75 -12.87 9.63 -0.70
CA ALA A 75 -13.51 8.29 -0.89
C ALA A 75 -12.71 7.20 -0.17
N ASP A 76 -11.41 7.23 -0.30
CA ASP A 76 -10.57 6.19 0.38
C ASP A 76 -10.90 6.15 1.87
N PHE A 77 -10.97 7.30 2.51
CA PHE A 77 -11.28 7.32 3.97
C PHE A 77 -12.72 6.85 4.20
N SER A 78 -13.03 5.65 3.82
CA SER A 78 -14.41 5.12 4.01
C SER A 78 -14.58 3.80 3.26
N LYS A 79 -13.82 3.60 2.22
CA LYS A 79 -13.93 2.33 1.44
C LYS A 79 -13.30 1.18 2.23
N PHE A 80 -12.77 1.45 3.39
CA PHE A 80 -12.14 0.37 4.19
C PHE A 80 -12.15 0.75 5.68
N ASP A 81 -11.23 0.23 6.44
CA ASP A 81 -11.21 0.56 7.90
C ASP A 81 -9.81 1.00 8.33
N VAL A 82 -8.81 0.78 7.51
CA VAL A 82 -7.43 1.19 7.91
C VAL A 82 -6.73 1.91 6.76
N ILE A 83 -5.74 2.71 7.06
CA ILE A 83 -5.01 3.45 6.00
C ILE A 83 -3.53 3.57 6.38
N ALA A 84 -2.66 2.97 5.62
CA ALA A 84 -1.20 3.03 5.96
C ALA A 84 -0.46 3.98 5.01
N ALA A 85 0.34 4.85 5.55
CA ALA A 85 1.11 5.80 4.70
C ALA A 85 2.59 5.41 4.72
N LEU A 86 3.17 5.21 3.56
CA LEU A 86 4.60 4.81 3.51
C LEU A 86 5.49 5.88 4.19
N ASP A 87 5.94 6.85 3.45
CA ASP A 87 6.80 7.91 4.06
C ASP A 87 5.99 8.76 5.03
N GLN A 88 6.59 9.79 5.57
CA GLN A 88 5.86 10.65 6.53
C GLN A 88 5.05 11.71 5.77
N SER A 89 5.62 12.31 4.76
CA SER A 89 4.88 13.34 3.99
C SER A 89 3.45 12.87 3.72
N ILE A 90 3.30 11.73 3.12
CA ILE A 90 1.92 11.22 2.83
C ILE A 90 1.07 11.27 4.11
N LEU A 91 1.64 10.92 5.22
CA LEU A 91 0.86 10.95 6.50
C LEU A 91 0.60 12.40 6.93
N SER A 92 1.57 13.26 6.78
CA SER A 92 1.39 14.68 7.19
C SER A 92 0.29 15.33 6.34
N ASP A 93 0.24 14.99 5.07
CA ASP A 93 -0.80 15.58 4.19
C ASP A 93 -2.10 14.78 4.29
N ILE A 94 -2.03 13.50 4.03
CA ILE A 94 -3.27 12.66 4.11
C ILE A 94 -4.06 13.00 5.37
N ASN A 95 -3.39 13.16 6.48
CA ASN A 95 -4.10 13.49 7.74
C ASN A 95 -4.54 14.96 7.73
N SER A 96 -4.04 15.73 6.80
CA SER A 96 -4.42 17.16 6.74
C SER A 96 -5.57 17.36 5.74
N MET A 97 -6.11 16.29 5.22
CA MET A 97 -7.23 16.42 4.25
C MET A 97 -8.40 15.54 4.67
N LYS A 98 -8.13 14.42 5.29
CA LYS A 98 -9.24 13.52 5.72
C LYS A 98 -10.38 14.33 6.33
N PRO A 99 -11.56 13.81 6.20
CA PRO A 99 -12.77 14.50 6.75
C PRO A 99 -12.79 14.39 8.28
N SER A 100 -13.94 14.62 8.88
CA SER A 100 -14.02 14.54 10.36
C SER A 100 -15.25 13.70 10.76
N ASN A 101 -15.64 12.77 9.93
CA ASN A 101 -16.82 11.93 10.27
C ASN A 101 -16.67 10.52 9.67
N CYS A 102 -15.90 9.68 10.32
CA CYS A 102 -15.71 8.30 9.78
C CYS A 102 -15.34 7.35 10.91
N ARG A 103 -15.02 6.11 10.58
CA ARG A 103 -14.65 5.14 11.65
C ARG A 103 -13.48 4.28 11.18
N ALA A 104 -12.45 4.88 10.68
CA ALA A 104 -11.28 4.10 10.20
C ALA A 104 -10.03 4.47 11.00
N LYS A 105 -8.91 3.85 10.72
CA LYS A 105 -7.66 4.17 11.47
C LYS A 105 -6.50 4.38 10.49
N VAL A 106 -5.70 5.38 10.72
CA VAL A 106 -4.55 5.63 9.80
C VAL A 106 -3.23 5.38 10.53
N VAL A 107 -2.35 4.61 9.94
CA VAL A 107 -1.04 4.33 10.60
C VAL A 107 0.11 4.59 9.63
N LEU A 108 1.32 4.55 10.12
CA LEU A 108 2.49 4.80 9.22
C LEU A 108 3.21 3.48 8.93
N PHE A 109 3.93 3.43 7.84
CA PHE A 109 4.66 2.18 7.49
C PHE A 109 5.93 2.51 6.71
N ASN A 110 7.07 2.38 7.34
CA ASN A 110 8.34 2.68 6.63
C ASN A 110 9.54 2.25 7.49
N PRO A 111 10.16 1.17 7.06
CA PRO A 111 11.34 0.64 7.79
C PRO A 111 12.56 1.52 7.55
N PRO A 112 13.64 1.19 8.21
CA PRO A 112 14.90 1.96 8.06
C PRO A 112 15.52 1.69 6.69
N ASN A 113 14.78 1.89 5.63
CA ASN A 113 15.33 1.66 4.26
C ASN A 113 14.56 2.49 3.24
N GLY A 114 13.27 2.58 3.38
CA GLY A 114 12.46 3.37 2.40
C GLY A 114 11.62 2.42 1.54
N VAL A 115 10.37 2.72 1.38
CA VAL A 115 9.50 1.84 0.54
C VAL A 115 8.90 2.63 -0.62
N ASP A 116 9.04 3.93 -0.60
CA ASP A 116 8.48 4.76 -1.71
C ASP A 116 9.02 4.27 -3.06
N ASP A 117 8.16 4.11 -4.04
CA ASP A 117 8.62 3.64 -5.36
C ASP A 117 9.04 4.83 -6.23
N PRO A 118 10.32 4.93 -6.46
CA PRO A 118 10.86 6.04 -7.29
C PRO A 118 10.54 5.81 -8.77
N TYR A 119 11.25 6.47 -9.64
CA TYR A 119 10.98 6.29 -11.10
C TYR A 119 12.25 6.61 -11.91
N TYR A 120 13.39 6.26 -11.39
CA TYR A 120 14.66 6.55 -12.13
C TYR A 120 15.41 5.25 -12.43
N SER A 121 14.99 4.16 -11.83
CA SER A 121 15.68 2.86 -12.08
C SER A 121 15.09 1.77 -11.18
N SER A 122 15.38 0.53 -11.46
CA SER A 122 14.84 -0.58 -10.62
C SER A 122 15.40 -0.47 -9.20
N ASP A 123 14.91 0.46 -8.42
CA ASP A 123 15.41 0.61 -7.03
C ASP A 123 14.24 0.56 -6.03
N GLY A 124 13.04 0.41 -6.53
CA GLY A 124 11.87 0.35 -5.61
C GLY A 124 11.21 -1.03 -5.70
N PHE A 125 11.05 -1.55 -6.89
CA PHE A 125 10.42 -2.89 -7.04
C PHE A 125 11.00 -3.87 -6.01
N PRO A 126 12.30 -3.90 -5.91
CA PRO A 126 12.96 -4.80 -4.94
C PRO A 126 12.78 -4.28 -3.51
N THR A 127 13.09 -3.03 -3.28
CA THR A 127 12.92 -2.46 -1.90
C THR A 127 11.46 -2.50 -1.50
N MET A 128 10.58 -1.98 -2.33
CA MET A 128 9.13 -1.99 -2.00
C MET A 128 8.74 -3.33 -1.38
N PHE A 129 8.80 -4.39 -2.13
CA PHE A 129 8.44 -5.72 -1.57
C PHE A 129 9.28 -6.02 -0.34
N ALA A 130 10.56 -5.77 -0.40
CA ALA A 130 11.44 -6.03 0.77
C ALA A 130 10.76 -5.50 2.05
N SER A 131 10.54 -4.21 2.11
CA SER A 131 9.88 -3.64 3.32
C SER A 131 8.50 -4.28 3.51
N ILE A 132 7.72 -4.35 2.47
CA ILE A 132 6.37 -4.96 2.58
C ILE A 132 6.44 -6.22 3.44
N SER A 133 7.12 -7.23 2.97
CA SER A 133 7.23 -8.50 3.75
C SER A 133 8.13 -8.30 4.98
N LYS A 134 8.98 -7.30 4.95
CA LYS A 134 9.87 -7.06 6.12
C LYS A 134 9.04 -6.71 7.36
N GLU A 135 7.95 -6.01 7.17
CA GLU A 135 7.10 -5.64 8.34
C GLU A 135 5.63 -5.94 8.05
N MET A 136 5.29 -7.20 7.91
CA MET A 136 3.87 -7.57 7.64
C MET A 136 3.31 -8.42 8.78
N LYS A 137 4.14 -8.79 9.72
CA LYS A 137 3.66 -9.62 10.85
C LYS A 137 3.11 -8.73 11.97
N PRO A 138 3.88 -7.75 12.34
CA PRO A 138 3.47 -6.82 13.42
C PRO A 138 2.44 -5.82 12.89
N PHE A 139 2.23 -5.80 11.60
CA PHE A 139 1.24 -4.84 11.03
C PHE A 139 -0.16 -5.45 11.04
N LEU A 140 -0.30 -6.66 10.54
CA LEU A 140 -1.65 -7.30 10.52
C LEU A 140 -1.94 -7.94 11.88
N THR A 141 -0.93 -8.37 12.58
CA THR A 141 -1.15 -8.99 13.92
C THR A 141 -1.58 -7.92 14.94
N GLU A 142 -1.24 -6.69 14.70
CA GLU A 142 -1.63 -5.62 15.66
C GLU A 142 -2.80 -4.80 15.09
N HIS A 143 -2.73 -4.45 13.83
CA HIS A 143 -3.84 -3.66 13.23
C HIS A 143 -5.20 -4.25 13.63
N GLY A 144 -5.30 -5.54 13.67
CA GLY A 144 -6.59 -6.17 14.06
C GLY A 144 -6.76 -7.51 13.33
N LEU A 145 -5.79 -8.38 13.43
CA LEU A 145 -5.90 -9.70 12.74
C LEU A 145 -4.93 -10.70 13.38
N ILE A 146 -3.78 -10.89 12.79
CA ILE A 146 -2.80 -11.86 13.36
C ILE A 146 -1.57 -11.98 12.45
N ALA A 1 -13.75 -16.93 13.80
CA ALA A 1 -15.13 -16.42 13.49
C ALA A 1 -15.12 -14.89 13.47
N ALA A 2 -14.19 -14.29 12.78
CA ALA A 2 -14.13 -12.80 12.72
C ALA A 2 -14.44 -12.32 11.29
N GLU A 3 -14.50 -11.03 11.11
CA GLU A 3 -14.80 -10.49 9.75
C GLU A 3 -13.50 -10.03 9.07
N LYS A 4 -13.52 -9.91 7.78
CA LYS A 4 -12.29 -9.43 7.08
C LYS A 4 -12.12 -7.94 7.35
N LYS A 5 -11.37 -7.26 6.53
CA LYS A 5 -11.19 -5.80 6.76
C LYS A 5 -10.77 -5.10 5.46
N ALA A 6 -10.26 -3.89 5.57
CA ALA A 6 -9.84 -3.14 4.36
C ALA A 6 -8.65 -2.25 4.66
N VAL A 7 -7.55 -2.47 3.99
CA VAL A 7 -6.33 -1.64 4.22
C VAL A 7 -6.02 -0.83 2.96
N LEU A 8 -5.99 0.47 3.07
CA LEU A 8 -5.69 1.31 1.88
C LEU A 8 -4.21 1.71 1.88
N PHE A 9 -3.37 0.88 1.30
CA PHE A 9 -1.92 1.22 1.26
C PHE A 9 -1.68 2.33 0.25
N VAL A 10 -0.76 3.21 0.54
CA VAL A 10 -0.47 4.33 -0.41
C VAL A 10 1.03 4.63 -0.43
N CYS A 11 1.52 5.21 -1.50
CA CYS A 11 2.97 5.53 -1.58
C CYS A 11 3.16 6.90 -2.24
N LEU A 12 2.73 7.04 -3.46
CA LEU A 12 2.89 8.35 -4.17
C LEU A 12 1.86 8.49 -5.28
N GLY A 13 1.82 7.55 -6.18
CA GLY A 13 0.84 7.62 -7.30
C GLY A 13 0.12 6.28 -7.44
N ASN A 14 0.12 5.48 -6.41
CA ASN A 14 -0.56 4.16 -6.47
C ASN A 14 0.14 3.26 -7.49
N ILE A 15 1.38 3.54 -7.80
CA ILE A 15 2.12 2.70 -8.77
C ILE A 15 3.38 2.11 -8.13
N CYS A 16 3.92 2.78 -7.14
CA CYS A 16 5.14 2.26 -6.47
C CYS A 16 4.78 1.69 -5.09
N ARG A 17 5.11 0.46 -4.84
CA ARG A 17 4.78 -0.15 -3.51
C ARG A 17 3.26 -0.28 -3.34
N SER A 18 2.54 0.79 -3.50
CA SER A 18 1.06 0.72 -3.34
C SER A 18 0.51 -0.54 -4.01
N PRO A 19 0.89 -0.73 -5.24
CA PRO A 19 0.42 -1.92 -6.00
C PRO A 19 1.10 -3.20 -5.49
N ALA A 20 2.06 -3.05 -4.61
CA ALA A 20 2.77 -4.25 -4.07
C ALA A 20 2.11 -4.71 -2.77
N CYS A 21 1.39 -3.84 -2.13
CA CYS A 21 0.71 -4.22 -0.86
C CYS A 21 -0.43 -5.19 -1.18
N GLU A 22 -1.33 -4.78 -2.03
CA GLU A 22 -2.46 -5.68 -2.39
C GLU A 22 -1.93 -7.10 -2.63
N GLY A 23 -0.77 -7.21 -3.22
CA GLY A 23 -0.18 -8.55 -3.48
C GLY A 23 0.29 -9.16 -2.16
N ILE A 24 1.10 -8.45 -1.42
CA ILE A 24 1.58 -9.01 -0.13
C ILE A 24 0.40 -9.43 0.75
N CYS A 25 -0.69 -8.71 0.66
CA CYS A 25 -1.88 -9.07 1.48
C CYS A 25 -2.54 -10.32 0.93
N ARG A 26 -2.85 -10.33 -0.34
CA ARG A 26 -3.51 -11.52 -0.95
C ARG A 26 -2.65 -12.77 -0.73
N ASP A 27 -1.36 -12.61 -0.67
CA ASP A 27 -0.47 -13.78 -0.46
C ASP A 27 -0.28 -14.03 1.05
N MET A 28 0.22 -13.06 1.77
CA MET A 28 0.42 -13.25 3.23
C MET A 28 -0.87 -13.77 3.87
N VAL A 29 -1.99 -13.47 3.29
CA VAL A 29 -3.28 -13.94 3.87
C VAL A 29 -3.85 -15.08 3.04
N GLY A 30 -3.64 -15.05 1.75
CA GLY A 30 -4.17 -16.14 0.88
C GLY A 30 -5.10 -15.55 -0.18
N ASP A 31 -6.23 -15.04 0.23
CA ASP A 31 -7.19 -14.44 -0.74
C ASP A 31 -8.37 -13.81 -0.02
N LYS A 32 -8.12 -13.18 1.10
CA LYS A 32 -9.23 -12.54 1.86
C LYS A 32 -9.67 -11.25 1.15
N LEU A 33 -9.46 -10.12 1.77
CA LEU A 33 -9.87 -8.83 1.11
C LEU A 33 -8.99 -7.68 1.60
N ILE A 34 -9.52 -6.82 2.43
CA ILE A 34 -8.73 -5.67 2.95
C ILE A 34 -7.71 -5.17 1.92
N ILE A 35 -8.01 -5.27 0.66
CA ILE A 35 -7.04 -4.78 -0.37
C ILE A 35 -7.49 -3.43 -0.91
N ASP A 36 -6.87 -2.37 -0.47
CA ASP A 36 -7.26 -1.02 -0.97
C ASP A 36 -6.01 -0.19 -1.29
N SER A 37 -6.04 0.57 -2.35
CA SER A 37 -4.85 1.39 -2.71
C SER A 37 -5.24 2.87 -2.83
N ALA A 38 -4.37 3.75 -2.42
CA ALA A 38 -4.68 5.21 -2.53
C ALA A 38 -3.41 6.01 -2.82
N ALA A 39 -3.55 7.25 -3.17
CA ALA A 39 -2.35 8.09 -3.48
C ALA A 39 -2.67 9.57 -3.27
N THR A 40 -1.68 10.37 -2.98
CA THR A 40 -1.93 11.82 -2.77
C THR A 40 -0.88 12.65 -3.52
N SER A 41 -1.06 12.84 -4.79
CA SER A 41 -0.08 13.65 -5.58
C SER A 41 -0.63 13.94 -6.98
N GLY A 42 -0.54 12.99 -7.87
CA GLY A 42 -1.05 13.22 -9.25
C GLY A 42 0.11 13.46 -10.20
N PHE A 43 1.23 12.84 -9.95
CA PHE A 43 2.42 13.04 -10.84
C PHE A 43 2.76 11.73 -11.55
N HIS A 44 2.62 10.62 -10.87
CA HIS A 44 2.94 9.31 -11.51
C HIS A 44 1.71 8.39 -11.48
N VAL A 45 0.84 8.52 -12.44
CA VAL A 45 -0.38 7.65 -12.47
C VAL A 45 -0.78 7.35 -13.92
N GLY A 46 -1.09 6.12 -14.22
CA GLY A 46 -1.49 5.76 -15.60
C GLY A 46 -0.34 6.10 -16.57
N GLN A 47 0.87 5.96 -16.11
CA GLN A 47 2.03 6.27 -17.00
C GLN A 47 3.32 5.67 -16.42
N SER A 48 3.31 4.41 -16.10
CA SER A 48 4.53 3.78 -15.53
C SER A 48 4.52 2.28 -15.81
N PRO A 49 5.61 1.79 -16.33
CA PRO A 49 5.74 0.36 -16.66
C PRO A 49 5.82 -0.48 -15.38
N ASP A 50 4.77 -1.18 -15.05
CA ASP A 50 4.79 -2.01 -13.80
C ASP A 50 5.29 -3.42 -14.12
N THR A 51 6.02 -3.59 -15.18
CA THR A 51 6.54 -4.94 -15.52
C THR A 51 7.65 -5.30 -14.54
N ARG A 52 8.32 -4.30 -14.01
CA ARG A 52 9.40 -4.58 -13.04
C ARG A 52 8.78 -4.97 -11.70
N SER A 53 7.78 -4.25 -11.26
CA SER A 53 7.12 -4.59 -9.97
C SER A 53 6.47 -5.96 -10.06
N GLN A 54 5.64 -6.17 -11.05
CA GLN A 54 4.99 -7.50 -11.20
C GLN A 54 6.06 -8.56 -11.43
N LYS A 55 7.04 -8.27 -12.23
CA LYS A 55 8.12 -9.25 -12.49
C LYS A 55 8.74 -9.69 -11.15
N VAL A 56 9.45 -8.81 -10.51
CA VAL A 56 10.07 -9.17 -9.20
C VAL A 56 9.01 -9.83 -8.32
N CYS A 57 7.80 -9.36 -8.39
CA CYS A 57 6.72 -9.97 -7.57
C CYS A 57 6.66 -11.47 -7.82
N LYS A 58 6.62 -11.87 -9.06
CA LYS A 58 6.58 -13.32 -9.37
C LYS A 58 7.94 -13.95 -9.07
N SER A 59 8.98 -13.16 -9.09
CA SER A 59 10.35 -13.69 -8.80
C SER A 59 10.55 -13.79 -7.29
N ASN A 60 9.69 -13.18 -6.51
CA ASN A 60 9.83 -13.24 -5.03
C ASN A 60 8.68 -14.06 -4.46
N GLY A 61 7.54 -14.03 -5.09
CA GLY A 61 6.38 -14.82 -4.59
C GLY A 61 5.23 -13.87 -4.26
N VAL A 62 4.32 -13.68 -5.19
CA VAL A 62 3.16 -12.77 -4.92
C VAL A 62 2.24 -12.74 -6.14
N ASP A 63 0.98 -12.51 -5.93
CA ASP A 63 0.02 -12.46 -7.08
C ASP A 63 -0.78 -11.16 -7.05
N ILE A 64 -1.02 -10.57 -8.19
CA ILE A 64 -1.80 -9.31 -8.23
C ILE A 64 -3.00 -9.45 -9.16
N SER A 65 -3.96 -8.57 -9.07
CA SER A 65 -5.16 -8.66 -9.95
C SER A 65 -5.18 -7.49 -10.93
N LYS A 66 -4.71 -6.35 -10.52
CA LYS A 66 -4.72 -5.17 -11.44
C LYS A 66 -3.85 -4.05 -10.86
N GLN A 67 -3.26 -3.24 -11.70
CA GLN A 67 -2.40 -2.13 -11.20
C GLN A 67 -2.76 -0.83 -11.91
N ARG A 68 -3.86 -0.23 -11.55
CA ARG A 68 -4.26 1.05 -12.21
C ARG A 68 -4.52 2.12 -11.14
N ALA A 69 -3.68 3.12 -11.08
CA ALA A 69 -3.89 4.20 -10.06
C ALA A 69 -5.30 4.77 -10.19
N ARG A 70 -5.90 5.13 -9.09
CA ARG A 70 -7.27 5.71 -9.14
C ARG A 70 -7.48 6.72 -8.00
N GLN A 71 -6.48 7.50 -7.72
CA GLN A 71 -6.60 8.50 -6.62
C GLN A 71 -7.04 7.83 -5.32
N ILE A 72 -7.50 8.58 -4.36
CA ILE A 72 -7.94 7.97 -3.07
C ILE A 72 -9.41 8.31 -2.80
N THR A 73 -9.81 9.52 -3.09
CA THR A 73 -11.23 9.91 -2.84
C THR A 73 -11.54 9.85 -1.35
N LYS A 74 -12.55 10.57 -0.91
CA LYS A 74 -12.90 10.55 0.54
C LYS A 74 -13.44 9.18 0.94
N ALA A 75 -13.94 8.43 -0.01
CA ALA A 75 -14.49 7.09 0.32
C ALA A 75 -13.39 6.21 0.94
N ASP A 76 -12.15 6.48 0.63
CA ASP A 76 -11.04 5.67 1.21
C ASP A 76 -11.23 5.52 2.73
N PHE A 77 -11.74 6.54 3.37
CA PHE A 77 -11.94 6.46 4.85
C PHE A 77 -13.11 5.53 5.17
N SER A 78 -14.16 5.59 4.40
CA SER A 78 -15.33 4.71 4.66
C SER A 78 -15.17 3.37 3.93
N LYS A 79 -14.93 3.41 2.65
CA LYS A 79 -14.76 2.14 1.88
C LYS A 79 -13.87 1.17 2.65
N PHE A 80 -13.00 1.68 3.48
CA PHE A 80 -12.09 0.79 4.25
C PHE A 80 -12.04 1.23 5.72
N ASP A 81 -11.41 0.45 6.56
CA ASP A 81 -11.32 0.82 8.00
C ASP A 81 -9.86 1.06 8.41
N VAL A 82 -8.94 0.54 7.65
CA VAL A 82 -7.50 0.74 8.00
C VAL A 82 -6.74 1.34 6.81
N ILE A 83 -5.86 2.27 7.05
CA ILE A 83 -5.10 2.90 5.94
C ILE A 83 -3.59 2.75 6.19
N ALA A 84 -2.82 2.55 5.16
CA ALA A 84 -1.35 2.39 5.35
C ALA A 84 -0.60 3.43 4.51
N ALA A 85 0.15 4.28 5.16
CA ALA A 85 0.92 5.32 4.41
C ALA A 85 2.40 4.95 4.36
N LEU A 86 2.93 4.72 3.18
CA LEU A 86 4.36 4.35 3.06
C LEU A 86 5.25 5.49 3.57
N ASP A 87 5.55 6.44 2.72
CA ASP A 87 6.41 7.58 3.15
C ASP A 87 5.63 8.52 4.07
N GLN A 88 6.24 9.60 4.49
CA GLN A 88 5.54 10.56 5.39
C GLN A 88 4.60 11.45 4.58
N SER A 89 5.03 11.89 3.43
CA SER A 89 4.17 12.77 2.59
C SER A 89 2.72 12.25 2.60
N ILE A 90 2.55 10.95 2.53
CA ILE A 90 1.17 10.39 2.53
C ILE A 90 0.51 10.59 3.90
N LEU A 91 1.21 10.25 4.95
CA LEU A 91 0.64 10.41 6.31
C LEU A 91 0.34 11.89 6.59
N SER A 92 1.22 12.77 6.20
CA SER A 92 0.98 14.22 6.43
C SER A 92 -0.10 14.75 5.49
N ASP A 93 -0.08 14.32 4.26
CA ASP A 93 -1.10 14.79 3.28
C ASP A 93 -2.50 14.30 3.70
N ILE A 94 -2.69 13.01 3.73
CA ILE A 94 -4.02 12.47 4.13
C ILE A 94 -4.58 13.25 5.33
N ASN A 95 -3.75 13.51 6.30
CA ASN A 95 -4.23 14.28 7.49
C ASN A 95 -4.71 15.67 7.06
N SER A 96 -4.09 16.24 6.07
CA SER A 96 -4.51 17.59 5.60
C SER A 96 -5.91 17.53 4.99
N MET A 97 -6.38 16.34 4.70
CA MET A 97 -7.74 16.21 4.09
C MET A 97 -8.62 15.33 4.98
N LYS A 98 -8.03 14.47 5.76
CA LYS A 98 -8.84 13.58 6.65
C LYS A 98 -9.97 14.38 7.30
N PRO A 99 -11.11 13.76 7.40
CA PRO A 99 -12.29 14.41 8.02
C PRO A 99 -12.11 14.50 9.53
N SER A 100 -13.19 14.66 10.25
CA SER A 100 -13.09 14.75 11.74
C SER A 100 -14.07 13.78 12.39
N ASN A 101 -14.77 13.00 11.61
CA ASN A 101 -15.74 12.03 12.18
C ASN A 101 -15.91 10.83 11.26
N CYS A 102 -15.09 9.82 11.43
CA CYS A 102 -15.21 8.62 10.55
C CYS A 102 -14.89 7.36 11.35
N ARG A 103 -14.73 6.24 10.69
CA ARG A 103 -14.43 4.97 11.41
C ARG A 103 -13.24 4.27 10.76
N ALA A 104 -12.18 4.97 10.50
CA ALA A 104 -11.00 4.34 9.85
C ALA A 104 -9.71 4.71 10.61
N LYS A 105 -8.65 4.01 10.37
CA LYS A 105 -7.37 4.32 11.09
C LYS A 105 -6.26 4.60 10.07
N VAL A 106 -5.22 5.25 10.48
CA VAL A 106 -4.10 5.55 9.54
C VAL A 106 -2.75 5.16 10.17
N VAL A 107 -2.16 4.10 9.71
CA VAL A 107 -0.85 3.67 10.27
C VAL A 107 0.27 3.90 9.26
N LEU A 108 1.43 4.28 9.72
CA LEU A 108 2.56 4.52 8.77
C LEU A 108 3.27 3.21 8.45
N PHE A 109 3.21 2.78 7.22
CA PHE A 109 3.88 1.49 6.85
C PHE A 109 5.33 1.50 7.34
N ASN A 110 6.17 2.31 6.76
CA ASN A 110 7.59 2.37 7.20
C ASN A 110 8.14 3.78 7.06
N PRO A 111 9.28 4.00 7.65
CA PRO A 111 9.94 5.33 7.59
C PRO A 111 10.55 5.56 6.21
N PRO A 112 11.06 6.73 6.01
CA PRO A 112 11.70 7.09 4.72
C PRO A 112 13.05 6.38 4.57
N ASN A 113 13.08 5.09 4.74
CA ASN A 113 14.36 4.35 4.61
C ASN A 113 14.11 2.94 4.09
N GLY A 114 13.04 2.32 4.51
CA GLY A 114 12.73 0.94 4.05
C GLY A 114 12.39 0.96 2.55
N VAL A 115 11.13 0.99 2.22
CA VAL A 115 10.73 1.02 0.79
C VAL A 115 11.24 2.30 0.12
N ASP A 116 11.78 2.18 -1.07
CA ASP A 116 12.30 3.39 -1.77
C ASP A 116 12.45 3.10 -3.27
N ASP A 117 12.29 4.10 -4.10
CA ASP A 117 12.42 3.88 -5.57
C ASP A 117 12.49 5.23 -6.29
N PRO A 118 13.66 5.54 -6.77
CA PRO A 118 13.86 6.82 -7.51
C PRO A 118 13.22 6.75 -8.89
N TYR A 119 12.63 5.63 -9.23
CA TYR A 119 11.98 5.50 -10.57
C TYR A 119 13.03 5.68 -11.68
N TYR A 120 14.27 5.40 -11.38
CA TYR A 120 15.33 5.55 -12.42
C TYR A 120 16.14 4.26 -12.54
N SER A 121 16.40 3.61 -11.44
CA SER A 121 17.18 2.34 -11.48
C SER A 121 16.39 1.20 -10.83
N SER A 122 16.98 0.05 -10.72
CA SER A 122 16.27 -1.10 -10.08
C SER A 122 16.48 -1.08 -8.58
N ASP A 123 16.81 0.06 -8.02
CA ASP A 123 17.04 0.13 -6.54
C ASP A 123 15.73 0.47 -5.82
N GLY A 124 14.75 -0.38 -5.93
CA GLY A 124 13.45 -0.10 -5.25
C GLY A 124 12.44 -1.20 -5.62
N PHE A 125 12.55 -1.75 -6.80
CA PHE A 125 11.60 -2.81 -7.22
C PHE A 125 11.62 -3.97 -6.21
N PRO A 126 12.81 -4.48 -5.96
CA PRO A 126 12.96 -5.60 -5.01
C PRO A 126 12.76 -5.11 -3.57
N THR A 127 13.31 -3.98 -3.24
CA THR A 127 13.15 -3.44 -1.86
C THR A 127 11.68 -3.14 -1.58
N MET A 128 10.96 -2.69 -2.57
CA MET A 128 9.52 -2.38 -2.37
C MET A 128 8.80 -3.60 -1.76
N PHE A 129 8.65 -4.65 -2.50
CA PHE A 129 7.97 -5.86 -1.95
C PHE A 129 8.79 -6.42 -0.79
N ALA A 130 10.08 -6.26 -0.83
CA ALA A 130 10.93 -6.77 0.27
C ALA A 130 10.49 -6.18 1.61
N SER A 131 10.07 -4.94 1.60
CA SER A 131 9.60 -4.31 2.87
C SER A 131 8.12 -4.60 3.08
N ILE A 132 7.35 -4.50 2.03
CA ILE A 132 5.90 -4.79 2.15
C ILE A 132 5.69 -6.20 2.70
N SER A 133 6.63 -7.08 2.48
CA SER A 133 6.48 -8.47 2.99
C SER A 133 7.35 -8.66 4.24
N LYS A 134 8.54 -8.12 4.24
CA LYS A 134 9.43 -8.27 5.43
C LYS A 134 8.97 -7.34 6.56
N GLU A 135 7.99 -6.52 6.31
CA GLU A 135 7.51 -5.60 7.37
C GLU A 135 6.00 -5.76 7.56
N MET A 136 5.45 -6.85 7.11
CA MET A 136 3.99 -7.08 7.26
C MET A 136 3.71 -7.93 8.49
N LYS A 137 4.71 -8.18 9.29
CA LYS A 137 4.50 -9.01 10.52
C LYS A 137 4.04 -8.12 11.68
N PRO A 138 4.76 -7.05 11.88
CA PRO A 138 4.42 -6.10 12.97
C PRO A 138 3.25 -5.20 12.58
N PHE A 139 2.64 -5.47 11.45
CA PHE A 139 1.50 -4.62 11.01
C PHE A 139 0.18 -5.39 11.16
N LEU A 140 0.11 -6.58 10.63
CA LEU A 140 -1.15 -7.37 10.74
C LEU A 140 -1.20 -8.10 12.08
N THR A 141 -0.09 -8.19 12.77
CA THR A 141 -0.08 -8.89 14.09
C THR A 141 -0.57 -7.95 15.19
N GLU A 142 -0.36 -6.66 15.03
CA GLU A 142 -0.82 -5.70 16.08
C GLU A 142 -2.08 -4.96 15.61
N HIS A 143 -2.28 -4.86 14.33
CA HIS A 143 -3.49 -4.14 13.82
C HIS A 143 -4.75 -4.73 14.47
N GLY A 144 -4.66 -5.92 15.01
CA GLY A 144 -5.86 -6.53 15.65
C GLY A 144 -6.26 -7.78 14.88
N LEU A 145 -5.33 -8.68 14.65
CA LEU A 145 -5.67 -9.93 13.91
C LEU A 145 -4.88 -11.10 14.49
N ILE A 146 -3.59 -10.97 14.59
CA ILE A 146 -2.76 -12.08 15.14
C ILE A 146 -1.64 -11.52 16.03
N ALA A 1 -11.47 -12.52 16.77
CA ALA A 1 -9.98 -12.70 16.85
C ALA A 1 -9.28 -11.94 15.73
N ALA A 2 -9.09 -12.57 14.60
CA ALA A 2 -8.42 -11.88 13.46
C ALA A 2 -9.46 -11.27 12.52
N GLU A 3 -9.50 -9.96 12.45
CA GLU A 3 -10.50 -9.30 11.55
C GLU A 3 -9.92 -9.16 10.14
N LYS A 4 -10.77 -9.09 9.15
CA LYS A 4 -10.27 -8.96 7.75
C LYS A 4 -9.92 -7.50 7.45
N LYS A 5 -10.85 -6.61 7.64
CA LYS A 5 -10.59 -5.18 7.37
C LYS A 5 -9.64 -5.02 6.16
N ALA A 6 -8.93 -3.92 6.08
CA ALA A 6 -8.01 -3.71 4.94
C ALA A 6 -7.07 -2.54 5.24
N VAL A 7 -5.93 -2.51 4.60
CA VAL A 7 -4.97 -1.40 4.86
C VAL A 7 -4.68 -0.65 3.55
N LEU A 8 -5.26 0.51 3.39
CA LEU A 8 -5.03 1.29 2.14
C LEU A 8 -3.54 1.59 1.99
N PHE A 9 -2.83 0.77 1.27
CA PHE A 9 -1.38 1.01 1.07
C PHE A 9 -1.17 2.11 0.02
N VAL A 10 -0.84 3.30 0.45
CA VAL A 10 -0.63 4.42 -0.52
C VAL A 10 0.76 5.04 -0.34
N CYS A 11 1.22 5.75 -1.32
CA CYS A 11 2.56 6.39 -1.21
C CYS A 11 2.74 7.45 -2.30
N LEU A 12 1.95 8.49 -2.25
CA LEU A 12 2.06 9.56 -3.29
C LEU A 12 1.88 8.96 -4.68
N GLY A 13 1.06 7.96 -4.80
CA GLY A 13 0.83 7.34 -6.15
C GLY A 13 0.57 5.84 -5.97
N ASN A 14 1.16 5.23 -4.99
CA ASN A 14 0.95 3.77 -4.76
C ASN A 14 1.51 2.97 -5.95
N ILE A 15 2.21 3.62 -6.83
CA ILE A 15 2.79 2.91 -8.00
C ILE A 15 4.25 2.54 -7.73
N CYS A 16 4.79 2.99 -6.63
CA CYS A 16 6.21 2.66 -6.32
C CYS A 16 6.40 2.46 -4.81
N ARG A 17 7.62 2.30 -4.38
CA ARG A 17 7.87 2.09 -2.92
C ARG A 17 7.25 0.77 -2.45
N SER A 18 5.96 0.74 -2.22
CA SER A 18 5.32 -0.52 -1.76
C SER A 18 4.10 -0.85 -2.62
N PRO A 19 4.34 -0.94 -3.90
CA PRO A 19 3.23 -1.27 -4.84
C PRO A 19 2.97 -2.77 -4.84
N ALA A 20 3.70 -3.51 -4.04
CA ALA A 20 3.49 -4.98 -3.99
C ALA A 20 2.56 -5.36 -2.82
N CYS A 21 1.99 -4.38 -2.17
CA CYS A 21 1.07 -4.69 -1.04
C CYS A 21 -0.08 -5.56 -1.55
N GLU A 22 -0.50 -5.31 -2.75
CA GLU A 22 -1.61 -6.11 -3.33
C GLU A 22 -1.16 -7.56 -3.51
N GLY A 23 -0.01 -7.77 -4.09
CA GLY A 23 0.48 -9.16 -4.29
C GLY A 23 0.87 -9.76 -2.94
N ILE A 24 1.76 -9.13 -2.22
CA ILE A 24 2.17 -9.67 -0.90
C ILE A 24 0.93 -10.03 -0.08
N CYS A 25 -0.07 -9.19 -0.09
CA CYS A 25 -1.30 -9.49 0.68
C CYS A 25 -2.00 -10.71 0.09
N ARG A 26 -2.24 -10.72 -1.19
CA ARG A 26 -2.91 -11.89 -1.82
C ARG A 26 -2.18 -13.19 -1.45
N ASP A 27 -0.87 -13.15 -1.43
CA ASP A 27 -0.10 -14.38 -1.08
C ASP A 27 -0.15 -14.61 0.43
N MET A 28 -0.24 -13.57 1.20
CA MET A 28 -0.29 -13.74 2.69
C MET A 28 -1.68 -14.18 3.13
N VAL A 29 -2.69 -13.42 2.81
CA VAL A 29 -4.08 -13.80 3.23
C VAL A 29 -4.71 -14.73 2.19
N GLY A 30 -4.20 -14.74 0.98
CA GLY A 30 -4.77 -15.62 -0.07
C GLY A 30 -5.58 -14.77 -1.05
N ASP A 31 -6.67 -14.20 -0.60
CA ASP A 31 -7.51 -13.36 -1.50
C ASP A 31 -8.66 -12.73 -0.72
N LYS A 32 -8.37 -11.99 0.30
CA LYS A 32 -9.45 -11.36 1.11
C LYS A 32 -9.29 -9.83 1.11
N LEU A 33 -8.75 -9.28 2.16
CA LEU A 33 -8.56 -7.79 2.21
C LEU A 33 -7.27 -7.46 2.95
N ILE A 34 -7.35 -6.64 3.96
CA ILE A 34 -6.14 -6.24 4.76
C ILE A 34 -5.22 -5.32 3.93
N ILE A 35 -5.38 -5.29 2.65
CA ILE A 35 -4.49 -4.42 1.82
C ILE A 35 -5.31 -3.67 0.75
N ASP A 36 -4.94 -2.46 0.46
CA ASP A 36 -5.66 -1.68 -0.57
C ASP A 36 -4.75 -0.61 -1.16
N SER A 37 -4.10 -0.90 -2.26
CA SER A 37 -3.20 0.09 -2.89
C SER A 37 -4.00 1.32 -3.35
N ALA A 38 -3.61 2.48 -2.92
CA ALA A 38 -4.35 3.71 -3.34
C ALA A 38 -3.41 4.92 -3.39
N ALA A 39 -3.88 6.01 -3.93
CA ALA A 39 -3.01 7.23 -4.02
C ALA A 39 -3.82 8.47 -3.67
N THR A 40 -3.21 9.44 -3.05
CA THR A 40 -3.96 10.68 -2.68
C THR A 40 -3.32 11.90 -3.37
N SER A 41 -2.18 11.72 -3.97
CA SER A 41 -1.52 12.87 -4.65
C SER A 41 -1.52 12.66 -6.17
N GLY A 42 -2.30 13.41 -6.89
CA GLY A 42 -2.33 13.25 -8.37
C GLY A 42 -0.92 13.40 -8.94
N PHE A 43 -0.28 12.31 -9.26
CA PHE A 43 1.10 12.39 -9.81
C PHE A 43 1.47 11.08 -10.51
N HIS A 44 2.46 11.11 -11.36
CA HIS A 44 2.86 9.86 -12.08
C HIS A 44 1.72 9.35 -12.96
N VAL A 45 0.84 10.22 -13.37
CA VAL A 45 -0.30 9.79 -14.23
C VAL A 45 0.13 9.77 -15.70
N GLY A 46 -0.43 8.87 -16.47
CA GLY A 46 -0.04 8.79 -17.91
C GLY A 46 1.13 7.83 -18.08
N GLN A 47 1.15 6.76 -17.34
CA GLN A 47 2.27 5.78 -17.47
C GLN A 47 2.07 4.62 -16.48
N SER A 48 2.87 4.55 -15.45
CA SER A 48 2.72 3.44 -14.47
C SER A 48 3.05 2.09 -15.13
N PRO A 49 4.28 1.70 -14.99
CA PRO A 49 4.74 0.42 -15.59
C PRO A 49 4.11 -0.77 -14.86
N ASP A 50 4.40 -0.93 -13.60
CA ASP A 50 3.81 -2.07 -12.83
C ASP A 50 4.45 -3.39 -13.26
N THR A 51 5.29 -3.36 -14.27
CA THR A 51 5.94 -4.61 -14.73
C THR A 51 7.02 -5.00 -13.74
N ARG A 52 7.58 -4.03 -13.06
CA ARG A 52 8.63 -4.33 -12.06
C ARG A 52 7.99 -4.98 -10.83
N SER A 53 6.99 -4.35 -10.27
CA SER A 53 6.32 -4.92 -9.09
C SER A 53 5.70 -6.27 -9.45
N GLN A 54 4.89 -6.31 -10.48
CA GLN A 54 4.28 -7.60 -10.89
C GLN A 54 5.39 -8.61 -11.19
N LYS A 55 6.42 -8.17 -11.86
CA LYS A 55 7.54 -9.11 -12.18
C LYS A 55 8.00 -9.78 -10.89
N VAL A 56 8.54 -9.02 -9.97
CA VAL A 56 9.00 -9.61 -8.68
C VAL A 56 7.89 -10.49 -8.12
N CYS A 57 6.67 -10.08 -8.31
CA CYS A 57 5.51 -10.87 -7.79
C CYS A 57 5.57 -12.28 -8.37
N LYS A 58 5.78 -12.39 -9.66
CA LYS A 58 5.86 -13.74 -10.29
C LYS A 58 7.24 -14.36 -10.04
N SER A 59 8.21 -13.53 -9.69
CA SER A 59 9.57 -14.06 -9.43
C SER A 59 9.70 -14.47 -7.96
N ASN A 60 8.76 -14.10 -7.14
CA ASN A 60 8.83 -14.47 -5.70
C ASN A 60 7.65 -15.38 -5.35
N GLY A 61 6.60 -15.29 -6.10
CA GLY A 61 5.40 -16.14 -5.82
C GLY A 61 4.21 -15.27 -5.47
N VAL A 62 3.78 -14.44 -6.38
CA VAL A 62 2.61 -13.56 -6.08
C VAL A 62 1.92 -13.14 -7.40
N ASP A 63 0.78 -12.53 -7.31
CA ASP A 63 0.06 -12.11 -8.54
C ASP A 63 -0.89 -10.95 -8.25
N ILE A 64 -0.72 -9.83 -8.89
CA ILE A 64 -1.62 -8.67 -8.64
C ILE A 64 -2.54 -8.45 -9.84
N SER A 65 -3.52 -7.60 -9.70
CA SER A 65 -4.44 -7.34 -10.84
C SER A 65 -4.16 -5.97 -11.46
N LYS A 66 -4.44 -4.91 -10.76
CA LYS A 66 -4.18 -3.55 -11.30
C LYS A 66 -3.74 -2.60 -10.19
N GLN A 67 -2.64 -1.93 -10.38
CA GLN A 67 -2.16 -0.98 -9.32
C GLN A 67 -1.55 0.26 -9.97
N ARG A 68 -2.31 1.33 -10.05
CA ARG A 68 -1.77 2.57 -10.67
C ARG A 68 -2.25 3.80 -9.88
N ALA A 69 -2.16 4.97 -10.46
CA ALA A 69 -2.61 6.19 -9.74
C ALA A 69 -3.84 6.79 -10.43
N ARG A 70 -4.91 6.96 -9.71
CA ARG A 70 -6.13 7.54 -10.32
C ARG A 70 -6.84 8.49 -9.33
N GLN A 71 -6.08 9.15 -8.51
CA GLN A 71 -6.69 10.08 -7.52
C GLN A 71 -7.64 9.32 -6.59
N ILE A 72 -7.92 9.86 -5.43
CA ILE A 72 -8.84 9.16 -4.49
C ILE A 72 -9.78 10.16 -3.82
N THR A 73 -10.94 9.72 -3.43
CA THR A 73 -11.90 10.66 -2.77
C THR A 73 -12.09 10.28 -1.30
N LYS A 74 -13.12 10.78 -0.67
CA LYS A 74 -13.35 10.44 0.76
C LYS A 74 -13.76 8.97 0.90
N ALA A 75 -13.95 8.29 -0.19
CA ALA A 75 -14.35 6.86 -0.12
C ALA A 75 -13.33 6.06 0.70
N ASP A 76 -12.07 6.29 0.47
CA ASP A 76 -11.02 5.55 1.24
C ASP A 76 -11.35 5.58 2.73
N PHE A 77 -11.97 6.62 3.19
CA PHE A 77 -12.31 6.72 4.64
C PHE A 77 -13.46 5.75 4.97
N SER A 78 -14.28 5.43 4.01
CA SER A 78 -15.41 4.50 4.27
C SER A 78 -15.39 3.35 3.25
N LYS A 79 -14.23 2.83 2.96
CA LYS A 79 -14.15 1.70 1.98
C LYS A 79 -13.47 0.49 2.63
N PHE A 80 -12.85 0.68 3.76
CA PHE A 80 -12.17 -0.47 4.44
C PHE A 80 -12.14 -0.25 5.95
N ASP A 81 -10.98 -0.23 6.55
CA ASP A 81 -10.90 -0.02 8.02
C ASP A 81 -9.58 0.65 8.39
N VAL A 82 -8.50 0.24 7.77
CA VAL A 82 -7.18 0.85 8.11
C VAL A 82 -6.49 1.36 6.84
N ILE A 83 -5.65 2.35 6.96
CA ILE A 83 -4.94 2.89 5.77
C ILE A 83 -3.45 3.02 6.08
N ALA A 84 -2.61 2.59 5.16
CA ALA A 84 -1.14 2.68 5.41
C ALA A 84 -0.53 3.82 4.58
N ALA A 85 0.20 4.69 5.21
CA ALA A 85 0.82 5.82 4.46
C ALA A 85 2.35 5.63 4.39
N LEU A 86 2.84 5.25 3.25
CA LEU A 86 4.32 5.04 3.11
C LEU A 86 5.08 6.25 3.66
N ASP A 87 5.17 7.30 2.89
CA ASP A 87 5.91 8.50 3.35
C ASP A 87 5.02 9.35 4.28
N GLN A 88 5.52 10.47 4.73
CA GLN A 88 4.70 11.33 5.63
C GLN A 88 3.79 12.26 4.81
N SER A 89 4.30 12.80 3.73
CA SER A 89 3.48 13.71 2.89
C SER A 89 2.06 13.15 2.75
N ILE A 90 1.94 11.86 2.61
CA ILE A 90 0.59 11.25 2.46
C ILE A 90 -0.19 11.36 3.77
N LEU A 91 0.37 10.85 4.84
CA LEU A 91 -0.33 10.93 6.16
C LEU A 91 -0.63 12.38 6.53
N SER A 92 0.18 13.29 6.06
CA SER A 92 -0.05 14.73 6.39
C SER A 92 -1.17 15.30 5.50
N ASP A 93 -1.18 14.95 4.24
CA ASP A 93 -2.24 15.48 3.33
C ASP A 93 -3.52 14.65 3.49
N ILE A 94 -3.45 13.37 3.22
CA ILE A 94 -4.66 12.52 3.34
C ILE A 94 -5.33 12.75 4.71
N ASN A 95 -4.58 13.17 5.69
CA ASN A 95 -5.17 13.42 7.03
C ASN A 95 -5.66 14.86 7.14
N SER A 96 -5.13 15.74 6.35
CA SER A 96 -5.58 17.17 6.40
C SER A 96 -7.01 17.30 5.89
N MET A 97 -7.56 16.24 5.37
CA MET A 97 -8.96 16.30 4.85
C MET A 97 -9.90 15.53 5.78
N LYS A 98 -9.56 14.29 6.08
CA LYS A 98 -10.43 13.49 6.98
C LYS A 98 -10.97 14.34 8.13
N PRO A 99 -12.25 14.23 8.35
CA PRO A 99 -12.90 15.01 9.43
C PRO A 99 -12.54 14.42 10.81
N SER A 100 -11.74 13.39 10.83
CA SER A 100 -11.35 12.78 12.14
C SER A 100 -12.56 12.12 12.78
N ASN A 101 -13.58 11.82 12.02
CA ASN A 101 -14.78 11.17 12.59
C ASN A 101 -15.36 10.15 11.60
N CYS A 102 -14.66 9.08 11.34
CA CYS A 102 -15.16 8.07 10.39
C CYS A 102 -15.03 6.67 10.98
N ARG A 103 -15.04 5.66 10.16
CA ARG A 103 -14.92 4.26 10.68
C ARG A 103 -13.60 3.64 10.21
N ALA A 104 -12.61 4.44 9.93
CA ALA A 104 -11.31 3.89 9.45
C ALA A 104 -10.16 4.52 10.25
N LYS A 105 -8.94 4.20 9.89
CA LYS A 105 -7.77 4.77 10.62
C LYS A 105 -6.58 4.92 9.68
N VAL A 106 -5.65 5.77 10.01
CA VAL A 106 -4.47 5.95 9.13
C VAL A 106 -3.18 5.79 9.94
N VAL A 107 -2.31 4.91 9.52
CA VAL A 107 -1.03 4.71 10.27
C VAL A 107 0.16 4.94 9.35
N LEU A 108 1.22 5.51 9.87
CA LEU A 108 2.42 5.75 9.02
C LEU A 108 3.20 4.45 8.80
N PHE A 109 3.59 4.18 7.59
CA PHE A 109 4.35 2.93 7.33
C PHE A 109 5.83 3.24 7.07
N ASN A 110 6.71 2.59 7.77
CA ASN A 110 8.17 2.85 7.57
C ASN A 110 8.50 4.29 7.97
N PRO A 111 9.78 4.60 7.91
CA PRO A 111 10.25 5.95 8.27
C PRO A 111 9.91 6.95 7.15
N PRO A 112 10.19 8.19 7.42
CA PRO A 112 9.91 9.26 6.43
C PRO A 112 10.89 9.18 5.25
N ASN A 113 10.98 8.03 4.63
CA ASN A 113 11.92 7.88 3.48
C ASN A 113 11.30 7.00 2.40
N GLY A 114 10.60 5.97 2.79
CA GLY A 114 9.97 5.08 1.78
C GLY A 114 10.94 3.96 1.41
N VAL A 115 10.45 2.78 1.15
CA VAL A 115 11.36 1.66 0.77
C VAL A 115 11.94 1.89 -0.62
N ASP A 116 13.09 1.34 -0.89
CA ASP A 116 13.72 1.53 -2.23
C ASP A 116 12.66 1.41 -3.34
N ASP A 117 12.67 2.32 -4.27
CA ASP A 117 11.67 2.25 -5.38
C ASP A 117 12.25 1.51 -6.59
N PRO A 118 11.69 0.36 -6.87
CA PRO A 118 12.17 -0.46 -8.00
C PRO A 118 11.72 0.15 -9.33
N TYR A 119 12.10 1.37 -9.59
CA TYR A 119 11.70 2.03 -10.87
C TYR A 119 12.93 2.34 -11.72
N TYR A 120 12.84 2.19 -13.00
CA TYR A 120 14.01 2.48 -13.88
C TYR A 120 15.18 1.56 -13.52
N SER A 121 15.82 1.81 -12.42
CA SER A 121 16.98 0.94 -12.00
C SER A 121 16.47 -0.22 -11.15
N SER A 122 16.67 -1.43 -11.60
CA SER A 122 16.20 -2.61 -10.81
C SER A 122 16.91 -2.63 -9.45
N ASP A 123 16.32 -2.02 -8.46
CA ASP A 123 16.96 -2.02 -7.11
C ASP A 123 15.88 -2.07 -6.02
N GLY A 124 14.66 -2.32 -6.41
CA GLY A 124 13.57 -2.40 -5.39
C GLY A 124 12.93 -3.79 -5.44
N PHE A 125 13.08 -4.49 -6.53
CA PHE A 125 12.49 -5.85 -6.65
C PHE A 125 12.54 -6.57 -5.29
N PRO A 126 13.74 -6.72 -4.78
CA PRO A 126 13.91 -7.39 -3.47
C PRO A 126 13.42 -6.50 -2.33
N THR A 127 13.89 -5.28 -2.28
CA THR A 127 13.45 -4.34 -1.20
C THR A 127 11.93 -4.18 -1.23
N MET A 128 11.39 -3.74 -2.34
CA MET A 128 9.91 -3.55 -2.43
C MET A 128 9.19 -4.70 -1.73
N PHE A 129 9.57 -5.92 -2.03
CA PHE A 129 8.89 -7.08 -1.36
C PHE A 129 9.28 -7.15 0.11
N ALA A 130 10.54 -7.33 0.39
CA ALA A 130 10.97 -7.40 1.83
C ALA A 130 10.27 -6.31 2.64
N SER A 131 10.41 -5.07 2.23
CA SER A 131 9.74 -3.97 2.98
C SER A 131 8.22 -4.17 2.96
N ILE A 132 7.66 -4.49 1.82
CA ILE A 132 6.20 -4.71 1.74
C ILE A 132 5.74 -5.59 2.91
N SER A 133 6.43 -6.68 3.14
CA SER A 133 6.04 -7.59 4.25
C SER A 133 6.54 -7.03 5.58
N LYS A 134 7.82 -6.84 5.72
CA LYS A 134 8.36 -6.29 7.01
C LYS A 134 7.51 -5.11 7.48
N GLU A 135 6.92 -4.39 6.57
CA GLU A 135 6.08 -3.22 6.97
C GLU A 135 4.74 -3.71 7.53
N MET A 136 4.25 -4.82 7.05
CA MET A 136 2.95 -5.33 7.56
C MET A 136 3.18 -6.50 8.52
N LYS A 137 4.41 -6.74 8.89
CA LYS A 137 4.69 -7.87 9.82
C LYS A 137 4.44 -7.42 11.26
N PRO A 138 5.00 -6.29 11.58
CA PRO A 138 4.85 -5.73 12.95
C PRO A 138 3.50 -5.01 13.07
N PHE A 139 2.80 -4.84 11.99
CA PHE A 139 1.48 -4.14 12.05
C PHE A 139 0.34 -5.14 11.83
N LEU A 140 0.09 -5.53 10.62
CA LEU A 140 -1.01 -6.49 10.35
C LEU A 140 -0.98 -7.63 11.38
N THR A 141 0.15 -7.89 11.96
CA THR A 141 0.24 -8.99 12.98
C THR A 141 -0.13 -8.46 14.36
N GLU A 142 0.13 -7.20 14.62
CA GLU A 142 -0.19 -6.64 15.95
C GLU A 142 -1.44 -5.75 15.87
N HIS A 143 -1.86 -5.40 14.68
CA HIS A 143 -3.07 -4.53 14.55
C HIS A 143 -4.33 -5.40 14.57
N GLY A 144 -4.38 -6.40 15.41
CA GLY A 144 -5.58 -7.27 15.46
C GLY A 144 -5.82 -7.90 14.09
N LEU A 145 -4.78 -8.27 13.40
CA LEU A 145 -4.95 -8.88 12.06
C LEU A 145 -4.13 -10.16 11.95
N ILE A 146 -3.02 -10.24 12.63
CA ILE A 146 -2.18 -11.46 12.57
C ILE A 146 -1.76 -11.73 11.12
N ALA A 1 -7.85 -12.13 15.51
CA ALA A 1 -9.19 -11.89 16.12
C ALA A 1 -10.25 -12.77 15.45
N ALA A 2 -11.47 -12.65 15.86
CA ALA A 2 -12.55 -13.48 15.24
C ALA A 2 -12.56 -13.28 13.71
N GLU A 3 -12.66 -12.06 13.26
CA GLU A 3 -12.67 -11.81 11.80
C GLU A 3 -11.51 -10.87 11.41
N LYS A 4 -11.12 -10.89 10.17
CA LYS A 4 -10.01 -10.00 9.74
C LYS A 4 -10.55 -8.58 9.50
N LYS A 5 -9.82 -7.77 8.80
CA LYS A 5 -10.32 -6.38 8.55
C LYS A 5 -9.82 -5.88 7.19
N ALA A 6 -9.89 -4.61 6.95
CA ALA A 6 -9.43 -4.06 5.65
C ALA A 6 -8.49 -2.86 5.88
N VAL A 7 -7.54 -2.64 5.01
CA VAL A 7 -6.62 -1.48 5.20
C VAL A 7 -6.19 -0.93 3.83
N LEU A 8 -6.17 0.37 3.70
CA LEU A 8 -5.78 0.98 2.40
C LEU A 8 -4.28 1.24 2.35
N PHE A 9 -3.60 0.61 1.42
CA PHE A 9 -2.13 0.82 1.30
C PHE A 9 -1.84 1.93 0.29
N VAL A 10 -1.66 3.14 0.75
CA VAL A 10 -1.38 4.26 -0.20
C VAL A 10 0.11 4.58 -0.23
N CYS A 11 0.57 5.17 -1.30
CA CYS A 11 2.02 5.52 -1.40
C CYS A 11 2.20 6.77 -2.28
N LEU A 12 1.88 6.68 -3.53
CA LEU A 12 2.03 7.85 -4.43
C LEU A 12 1.67 7.46 -5.87
N GLY A 13 0.44 7.62 -6.25
CA GLY A 13 0.02 7.26 -7.63
C GLY A 13 -0.31 5.77 -7.70
N ASN A 14 -0.11 5.06 -6.62
CA ASN A 14 -0.41 3.60 -6.63
C ASN A 14 0.41 2.88 -7.70
N ILE A 15 1.58 3.39 -8.00
CA ILE A 15 2.42 2.74 -9.04
C ILE A 15 3.69 2.15 -8.40
N CYS A 16 4.05 2.61 -7.23
CA CYS A 16 5.27 2.07 -6.57
C CYS A 16 4.96 1.72 -5.10
N ARG A 17 5.37 0.56 -4.67
CA ARG A 17 5.10 0.15 -3.26
C ARG A 17 3.60 -0.01 -3.03
N SER A 18 2.84 1.03 -3.23
CA SER A 18 1.37 0.95 -3.02
C SER A 18 0.82 -0.34 -3.65
N PRO A 19 1.17 -0.56 -4.90
CA PRO A 19 0.69 -1.76 -5.61
C PRO A 19 1.40 -3.01 -5.10
N ALA A 20 2.52 -2.84 -4.45
CA ALA A 20 3.26 -4.02 -3.91
C ALA A 20 2.49 -4.63 -2.75
N CYS A 21 1.66 -3.86 -2.10
CA CYS A 21 0.87 -4.38 -0.95
C CYS A 21 -0.15 -5.42 -1.46
N GLU A 22 -0.65 -5.23 -2.65
CA GLU A 22 -1.64 -6.20 -3.19
C GLU A 22 -1.02 -7.60 -3.23
N GLY A 23 0.10 -7.75 -3.87
CA GLY A 23 0.75 -9.08 -3.93
C GLY A 23 1.21 -9.50 -2.53
N ILE A 24 1.85 -8.61 -1.81
CA ILE A 24 2.33 -8.96 -0.45
C ILE A 24 1.16 -9.49 0.40
N CYS A 25 0.10 -8.74 0.51
CA CYS A 25 -1.06 -9.20 1.31
C CYS A 25 -1.61 -10.51 0.74
N ARG A 26 -1.87 -10.56 -0.53
CA ARG A 26 -2.40 -11.80 -1.14
C ARG A 26 -1.59 -13.01 -0.63
N ASP A 27 -0.29 -12.96 -0.76
CA ASP A 27 0.54 -14.09 -0.28
C ASP A 27 0.61 -14.10 1.25
N MET A 28 0.33 -12.98 1.87
CA MET A 28 0.39 -12.93 3.36
C MET A 28 -0.84 -13.62 3.98
N VAL A 29 -2.01 -13.35 3.47
CA VAL A 29 -3.23 -13.98 4.05
C VAL A 29 -4.19 -14.47 2.96
N GLY A 30 -3.98 -14.05 1.74
CA GLY A 30 -4.89 -14.48 0.64
C GLY A 30 -6.32 -14.04 0.96
N ASP A 31 -6.93 -13.28 0.09
CA ASP A 31 -8.32 -12.82 0.34
C ASP A 31 -8.48 -12.43 1.81
N LYS A 32 -8.00 -11.28 2.19
CA LYS A 32 -8.12 -10.84 3.62
C LYS A 32 -8.67 -9.41 3.69
N LEU A 33 -9.14 -8.87 2.60
CA LEU A 33 -9.68 -7.49 2.61
C LEU A 33 -8.58 -6.47 2.93
N ILE A 34 -8.00 -6.55 4.09
CA ILE A 34 -6.92 -5.59 4.49
C ILE A 34 -6.19 -5.07 3.24
N ILE A 35 -5.91 -5.92 2.32
CA ILE A 35 -5.19 -5.50 1.09
C ILE A 35 -6.02 -4.49 0.30
N ASP A 36 -5.91 -3.22 0.60
CA ASP A 36 -6.68 -2.21 -0.17
C ASP A 36 -5.72 -1.13 -0.71
N SER A 37 -4.85 -1.49 -1.61
CA SER A 37 -3.90 -0.49 -2.15
C SER A 37 -4.66 0.70 -2.77
N ALA A 38 -4.07 1.86 -2.76
CA ALA A 38 -4.75 3.05 -3.33
C ALA A 38 -3.75 4.18 -3.55
N ALA A 39 -4.23 5.35 -3.90
CA ALA A 39 -3.30 6.49 -4.13
C ALA A 39 -4.00 7.82 -3.80
N THR A 40 -3.47 8.57 -2.87
CA THR A 40 -4.10 9.86 -2.50
C THR A 40 -4.01 10.85 -3.66
N SER A 41 -2.91 10.87 -4.35
CA SER A 41 -2.76 11.82 -5.49
C SER A 41 -2.31 11.06 -6.75
N GLY A 42 -2.94 11.31 -7.86
CA GLY A 42 -2.55 10.61 -9.12
C GLY A 42 -1.16 11.07 -9.55
N PHE A 43 -1.07 12.22 -10.17
CA PHE A 43 0.27 12.72 -10.62
C PHE A 43 0.84 11.81 -11.70
N HIS A 44 1.29 10.64 -11.34
CA HIS A 44 1.85 9.71 -12.35
C HIS A 44 0.75 8.81 -12.92
N VAL A 45 0.14 9.23 -14.00
CA VAL A 45 -0.94 8.38 -14.60
C VAL A 45 -0.70 8.22 -16.10
N GLY A 46 -1.49 7.41 -16.75
CA GLY A 46 -1.31 7.21 -18.21
C GLY A 46 0.11 6.71 -18.49
N GLN A 47 0.78 6.21 -17.49
CA GLN A 47 2.17 5.71 -17.70
C GLN A 47 2.71 5.12 -16.40
N SER A 48 3.62 4.17 -16.50
CA SER A 48 4.19 3.55 -15.27
C SER A 48 4.79 2.18 -15.60
N PRO A 49 6.10 2.15 -15.64
CA PRO A 49 6.83 0.90 -15.94
C PRO A 49 6.69 -0.09 -14.78
N ASP A 50 5.52 -0.64 -14.60
CA ASP A 50 5.32 -1.61 -13.48
C ASP A 50 5.76 -3.02 -13.91
N THR A 51 6.50 -3.11 -14.97
CA THR A 51 6.97 -4.46 -15.43
C THR A 51 8.09 -4.93 -14.52
N ARG A 52 8.87 -4.02 -14.01
CA ARG A 52 9.97 -4.42 -13.11
C ARG A 52 9.40 -4.80 -11.74
N SER A 53 8.66 -3.91 -11.15
CA SER A 53 8.04 -4.22 -9.82
C SER A 53 7.15 -5.46 -9.95
N GLN A 54 6.23 -5.45 -10.88
CA GLN A 54 5.35 -6.62 -11.07
C GLN A 54 6.20 -7.86 -11.34
N LYS A 55 7.16 -7.74 -12.21
CA LYS A 55 8.04 -8.90 -12.52
C LYS A 55 8.56 -9.52 -11.22
N VAL A 56 9.37 -8.79 -10.49
CA VAL A 56 9.91 -9.33 -9.22
C VAL A 56 8.76 -9.74 -8.31
N CYS A 57 7.67 -9.03 -8.36
CA CYS A 57 6.51 -9.37 -7.51
C CYS A 57 6.09 -10.82 -7.77
N LYS A 58 5.97 -11.19 -9.02
CA LYS A 58 5.57 -12.59 -9.35
C LYS A 58 6.75 -13.53 -9.08
N SER A 59 7.96 -13.04 -9.25
CA SER A 59 9.14 -13.89 -9.01
C SER A 59 9.41 -14.03 -7.51
N ASN A 60 8.75 -13.22 -6.70
CA ASN A 60 8.95 -13.32 -5.24
C ASN A 60 7.65 -13.74 -4.57
N GLY A 61 6.54 -13.43 -5.20
CA GLY A 61 5.23 -13.83 -4.60
C GLY A 61 4.22 -12.69 -4.77
N VAL A 62 3.37 -12.78 -5.76
CA VAL A 62 2.35 -11.72 -5.98
C VAL A 62 1.24 -12.24 -6.90
N ASP A 63 0.15 -11.52 -7.01
CA ASP A 63 -0.96 -11.97 -7.89
C ASP A 63 -1.77 -10.76 -8.38
N ILE A 64 -1.18 -9.94 -9.20
CA ILE A 64 -1.91 -8.75 -9.72
C ILE A 64 -2.08 -8.84 -11.24
N SER A 65 -2.57 -7.81 -11.86
CA SER A 65 -2.76 -7.85 -13.33
C SER A 65 -2.72 -6.43 -13.91
N LYS A 66 -1.55 -5.95 -14.25
CA LYS A 66 -1.45 -4.58 -14.82
C LYS A 66 -2.03 -3.55 -13.83
N GLN A 67 -1.56 -2.33 -13.90
CA GLN A 67 -2.08 -1.29 -12.97
C GLN A 67 -1.54 0.09 -13.37
N ARG A 68 -2.39 1.06 -13.55
CA ARG A 68 -1.93 2.42 -13.94
C ARG A 68 -1.88 3.33 -12.72
N ALA A 69 -2.97 4.00 -12.42
CA ALA A 69 -3.00 4.90 -11.24
C ALA A 69 -4.33 5.62 -11.15
N ARG A 70 -5.35 4.97 -10.65
CA ARG A 70 -6.68 5.62 -10.53
C ARG A 70 -6.69 6.59 -9.35
N GLN A 71 -7.34 7.72 -9.50
CA GLN A 71 -7.38 8.69 -8.38
C GLN A 71 -8.27 8.17 -7.25
N ILE A 72 -8.01 8.56 -6.03
CA ILE A 72 -8.84 8.08 -4.90
C ILE A 72 -10.01 9.05 -4.65
N THR A 73 -10.91 8.69 -3.78
CA THR A 73 -12.07 9.59 -3.50
C THR A 73 -12.15 9.90 -2.00
N LYS A 74 -13.02 10.79 -1.62
CA LYS A 74 -13.14 11.13 -0.17
C LYS A 74 -13.94 10.05 0.56
N ALA A 75 -14.33 9.02 -0.13
CA ALA A 75 -15.12 7.93 0.53
C ALA A 75 -14.18 6.82 1.00
N ASP A 76 -12.96 6.83 0.56
CA ASP A 76 -12.00 5.77 0.99
C ASP A 76 -11.96 5.68 2.52
N PHE A 77 -11.95 6.80 3.18
CA PHE A 77 -11.92 6.78 4.68
C PHE A 77 -12.91 5.76 5.21
N SER A 78 -14.16 5.87 4.84
CA SER A 78 -15.18 4.90 5.32
C SER A 78 -15.36 3.76 4.32
N LYS A 79 -14.34 3.48 3.55
CA LYS A 79 -14.44 2.38 2.55
C LYS A 79 -13.68 1.14 3.03
N PHE A 80 -12.89 1.28 4.06
CA PHE A 80 -12.12 0.11 4.58
C PHE A 80 -12.06 0.16 6.11
N ASP A 81 -10.91 -0.13 6.67
CA ASP A 81 -10.80 -0.10 8.16
C ASP A 81 -9.61 0.76 8.59
N VAL A 82 -8.44 0.49 8.06
CA VAL A 82 -7.24 1.31 8.45
C VAL A 82 -6.47 1.73 7.21
N ILE A 83 -6.26 3.00 7.03
CA ILE A 83 -5.49 3.47 5.83
C ILE A 83 -4.00 3.57 6.17
N ALA A 84 -3.22 2.64 5.68
CA ALA A 84 -1.76 2.68 5.97
C ALA A 84 -1.01 3.42 4.87
N ALA A 85 0.01 4.16 5.24
CA ALA A 85 0.78 4.92 4.21
C ALA A 85 2.11 4.21 3.93
N LEU A 86 2.59 4.30 2.72
CA LEU A 86 3.89 3.63 2.38
C LEU A 86 5.03 4.64 2.43
N ASP A 87 4.95 5.61 3.29
CA ASP A 87 6.03 6.62 3.38
C ASP A 87 5.64 7.73 4.35
N GLN A 88 6.11 8.93 4.13
CA GLN A 88 5.76 10.06 5.04
C GLN A 88 4.87 11.07 4.31
N SER A 89 5.10 11.26 3.04
CA SER A 89 4.27 12.24 2.28
C SER A 89 2.80 11.83 2.31
N ILE A 90 2.51 10.57 2.14
CA ILE A 90 1.09 10.11 2.17
C ILE A 90 0.45 10.49 3.51
N LEU A 91 0.94 9.95 4.59
CA LEU A 91 0.37 10.27 5.93
C LEU A 91 0.31 11.79 6.12
N SER A 92 1.30 12.50 5.65
CA SER A 92 1.31 13.98 5.81
C SER A 92 0.24 14.62 4.92
N ASP A 93 -0.10 13.97 3.84
CA ASP A 93 -1.14 14.54 2.93
C ASP A 93 -2.53 14.01 3.30
N ILE A 94 -2.72 12.73 3.22
CA ILE A 94 -4.05 12.16 3.57
C ILE A 94 -4.56 12.77 4.89
N ASN A 95 -3.69 12.95 5.83
CA ASN A 95 -4.12 13.54 7.14
C ASN A 95 -4.43 15.03 6.96
N SER A 96 -4.01 15.61 5.87
CA SER A 96 -4.29 17.05 5.64
C SER A 96 -5.74 17.25 5.21
N MET A 97 -6.42 16.20 4.88
CA MET A 97 -7.85 16.32 4.45
C MET A 97 -8.77 15.73 5.52
N LYS A 98 -8.51 14.52 5.94
CA LYS A 98 -9.37 13.89 6.98
C LYS A 98 -9.72 14.90 8.07
N PRO A 99 -10.98 14.91 8.43
CA PRO A 99 -11.46 15.84 9.48
C PRO A 99 -10.98 15.39 10.87
N SER A 100 -11.49 15.99 11.91
CA SER A 100 -11.06 15.60 13.28
C SER A 100 -11.96 14.50 13.82
N ASN A 101 -12.60 13.75 12.96
CA ASN A 101 -13.50 12.67 13.44
C ASN A 101 -14.06 11.88 12.24
N CYS A 102 -13.85 10.60 12.21
CA CYS A 102 -14.38 9.78 11.07
C CYS A 102 -14.84 8.42 11.57
N ARG A 103 -14.78 7.42 10.74
CA ARG A 103 -15.21 6.06 11.17
C ARG A 103 -14.02 5.09 11.14
N ALA A 104 -12.98 5.43 10.45
CA ALA A 104 -11.79 4.53 10.38
C ALA A 104 -10.56 5.23 10.98
N LYS A 105 -9.40 4.90 10.49
CA LYS A 105 -8.16 5.56 11.03
C LYS A 105 -7.04 5.47 10.00
N VAL A 106 -5.96 6.18 10.23
CA VAL A 106 -4.81 6.12 9.27
C VAL A 106 -3.52 5.81 10.01
N VAL A 107 -2.62 5.11 9.39
CA VAL A 107 -1.33 4.76 10.05
C VAL A 107 -0.19 4.78 9.04
N LEU A 108 1.04 4.70 9.50
CA LEU A 108 2.19 4.70 8.56
C LEU A 108 2.84 3.32 8.51
N PHE A 109 2.91 2.72 7.35
CA PHE A 109 3.52 1.37 7.24
C PHE A 109 4.88 1.35 7.95
N ASN A 110 5.73 2.28 7.65
CA ASN A 110 7.07 2.31 8.32
C ASN A 110 7.86 3.54 7.87
N PRO A 111 9.06 3.64 8.37
CA PRO A 111 9.94 4.79 8.01
C PRO A 111 10.49 4.62 6.59
N PRO A 112 11.19 5.62 6.14
CA PRO A 112 11.78 5.58 4.78
C PRO A 112 12.97 4.62 4.73
N ASN A 113 12.78 3.40 5.17
CA ASN A 113 13.90 2.42 5.15
C ASN A 113 13.49 1.16 4.37
N GLY A 114 12.23 0.87 4.33
CA GLY A 114 11.77 -0.35 3.60
C GLY A 114 11.47 0.02 2.14
N VAL A 115 10.26 0.41 1.86
CA VAL A 115 9.90 0.78 0.46
C VAL A 115 10.46 2.16 0.12
N ASP A 116 11.53 2.22 -0.62
CA ASP A 116 12.11 3.53 -0.99
C ASP A 116 12.52 3.55 -2.47
N ASP A 117 13.44 4.39 -2.83
CA ASP A 117 13.88 4.45 -4.26
C ASP A 117 12.68 4.69 -5.18
N PRO A 118 12.18 5.90 -5.14
CA PRO A 118 11.01 6.27 -5.98
C PRO A 118 11.42 6.40 -7.45
N TYR A 119 10.96 5.51 -8.28
CA TYR A 119 11.32 5.59 -9.72
C TYR A 119 12.85 5.71 -9.88
N TYR A 120 13.29 6.55 -10.78
CA TYR A 120 14.76 6.71 -10.98
C TYR A 120 15.36 5.43 -11.59
N SER A 121 15.28 4.34 -10.89
CA SER A 121 15.84 3.06 -11.42
C SER A 121 15.39 1.88 -10.57
N SER A 122 16.19 0.85 -10.51
CA SER A 122 15.80 -0.34 -9.69
C SER A 122 16.34 -0.19 -8.26
N ASP A 123 16.85 -1.26 -7.69
CA ASP A 123 17.39 -1.16 -6.30
C ASP A 123 16.25 -0.91 -5.32
N GLY A 124 15.03 -1.15 -5.72
CA GLY A 124 13.89 -0.92 -4.80
C GLY A 124 12.81 -1.99 -5.05
N PHE A 125 12.55 -2.30 -6.28
CA PHE A 125 11.51 -3.32 -6.59
C PHE A 125 11.63 -4.51 -5.63
N PRO A 126 12.83 -5.02 -5.51
CA PRO A 126 13.07 -6.17 -4.60
C PRO A 126 13.00 -5.72 -3.14
N THR A 127 13.79 -4.75 -2.76
CA THR A 127 13.76 -4.25 -1.36
C THR A 127 12.34 -3.83 -0.98
N MET A 128 11.67 -3.14 -1.86
CA MET A 128 10.28 -2.69 -1.56
C MET A 128 9.45 -3.89 -1.09
N PHE A 129 9.05 -4.74 -1.99
CA PHE A 129 8.24 -5.92 -1.59
C PHE A 129 8.87 -6.61 -0.37
N ALA A 130 10.11 -6.98 -0.47
CA ALA A 130 10.78 -7.65 0.69
C ALA A 130 10.62 -6.82 1.97
N SER A 131 10.38 -5.54 1.82
CA SER A 131 10.20 -4.68 3.03
C SER A 131 8.73 -4.65 3.42
N ILE A 132 7.89 -4.28 2.51
CA ILE A 132 6.43 -4.24 2.82
C ILE A 132 5.97 -5.64 3.20
N SER A 133 6.76 -6.64 2.90
CA SER A 133 6.38 -8.03 3.25
C SER A 133 7.12 -8.50 4.50
N LYS A 134 8.42 -8.32 4.53
CA LYS A 134 9.20 -8.75 5.72
C LYS A 134 8.70 -8.02 6.97
N GLU A 135 8.22 -6.81 6.81
CA GLU A 135 7.71 -6.05 7.99
C GLU A 135 6.19 -6.08 8.01
N MET A 136 5.58 -7.04 7.37
CA MET A 136 4.10 -7.12 7.36
C MET A 136 3.60 -7.96 8.55
N LYS A 137 4.50 -8.42 9.38
CA LYS A 137 4.08 -9.24 10.55
C LYS A 137 3.86 -8.37 11.79
N PRO A 138 4.75 -7.43 12.00
CA PRO A 138 4.64 -6.54 13.18
C PRO A 138 3.55 -5.48 12.97
N PHE A 139 2.83 -5.57 11.88
CA PHE A 139 1.75 -4.57 11.62
C PHE A 139 0.38 -5.22 11.79
N LEU A 140 0.01 -6.08 10.88
CA LEU A 140 -1.33 -6.74 11.00
C LEU A 140 -1.42 -7.53 12.31
N THR A 141 -0.48 -8.42 12.54
CA THR A 141 -0.52 -9.21 13.80
C THR A 141 -0.42 -8.29 15.02
N GLU A 142 -0.07 -7.04 14.80
CA GLU A 142 0.05 -6.10 15.94
C GLU A 142 -1.15 -5.14 15.97
N HIS A 143 -1.39 -4.45 14.89
CA HIS A 143 -2.54 -3.50 14.84
C HIS A 143 -3.77 -4.13 15.50
N GLY A 144 -3.85 -5.44 15.50
CA GLY A 144 -5.02 -6.11 16.12
C GLY A 144 -5.59 -7.15 15.15
N LEU A 145 -4.74 -7.95 14.56
CA LEU A 145 -5.24 -8.99 13.61
C LEU A 145 -4.40 -10.25 13.71
N ILE A 146 -3.46 -10.43 12.83
CA ILE A 146 -2.60 -11.65 12.88
C ILE A 146 -1.56 -11.63 11.76
N ALA A 1 -14.65 -11.75 17.25
CA ALA A 1 -13.40 -10.97 17.49
C ALA A 1 -12.35 -11.30 16.43
N ALA A 2 -11.33 -10.48 16.33
CA ALA A 2 -10.27 -10.76 15.31
C ALA A 2 -10.90 -10.89 13.92
N GLU A 3 -11.41 -9.82 13.39
CA GLU A 3 -12.04 -9.88 12.03
C GLU A 3 -11.06 -9.35 10.98
N LYS A 4 -11.34 -9.59 9.73
CA LYS A 4 -10.43 -9.08 8.66
C LYS A 4 -10.79 -7.63 8.38
N LYS A 5 -9.87 -6.87 7.86
CA LYS A 5 -10.18 -5.44 7.58
C LYS A 5 -9.58 -5.00 6.24
N ALA A 6 -9.53 -3.72 6.01
CA ALA A 6 -8.96 -3.22 4.73
C ALA A 6 -7.73 -2.33 5.00
N VAL A 7 -6.86 -2.20 4.03
CA VAL A 7 -5.65 -1.34 4.21
C VAL A 7 -5.35 -0.60 2.92
N LEU A 8 -5.47 0.70 2.94
CA LEU A 8 -5.22 1.51 1.71
C LEU A 8 -3.72 1.77 1.54
N PHE A 9 -2.99 0.83 1.01
CA PHE A 9 -1.53 1.05 0.80
C PHE A 9 -1.33 2.31 -0.05
N VAL A 10 -0.53 3.23 0.43
CA VAL A 10 -0.30 4.49 -0.34
C VAL A 10 1.16 4.95 -0.22
N CYS A 11 1.59 5.79 -1.13
CA CYS A 11 3.00 6.28 -1.08
C CYS A 11 3.11 7.65 -1.73
N LEU A 12 2.74 7.76 -2.98
CA LEU A 12 2.82 9.08 -3.66
C LEU A 12 2.57 8.92 -5.18
N GLY A 13 2.04 9.93 -5.81
CA GLY A 13 1.78 9.83 -7.27
C GLY A 13 0.73 8.75 -7.54
N ASN A 14 0.10 8.25 -6.51
CA ASN A 14 -0.93 7.19 -6.70
C ASN A 14 -0.26 5.87 -7.07
N ILE A 15 0.57 5.87 -8.07
CA ILE A 15 1.27 4.63 -8.47
C ILE A 15 1.74 3.86 -7.24
N CYS A 16 2.09 4.56 -6.19
CA CYS A 16 2.54 3.87 -4.94
C CYS A 16 3.89 3.19 -5.19
N ARG A 17 4.95 3.76 -4.67
CA ARG A 17 6.30 3.14 -4.87
C ARG A 17 6.27 1.67 -4.45
N SER A 18 5.29 1.28 -3.68
CA SER A 18 5.21 -0.14 -3.24
C SER A 18 3.98 -0.82 -3.86
N PRO A 19 4.04 -0.99 -5.15
CA PRO A 19 2.92 -1.63 -5.89
C PRO A 19 2.90 -3.14 -5.60
N ALA A 20 3.95 -3.65 -5.00
CA ALA A 20 4.00 -5.10 -4.68
C ALA A 20 3.13 -5.41 -3.45
N CYS A 21 2.43 -4.42 -2.95
CA CYS A 21 1.57 -4.66 -1.76
C CYS A 21 0.38 -5.53 -2.15
N GLU A 22 -0.15 -5.33 -3.32
CA GLU A 22 -1.31 -6.15 -3.77
C GLU A 22 -0.86 -7.60 -4.02
N GLY A 23 0.27 -7.77 -4.65
CA GLY A 23 0.76 -9.15 -4.92
C GLY A 23 1.21 -9.80 -3.61
N ILE A 24 2.05 -9.14 -2.85
CA ILE A 24 2.51 -9.73 -1.57
C ILE A 24 1.30 -10.08 -0.68
N CYS A 25 0.36 -9.18 -0.55
CA CYS A 25 -0.83 -9.48 0.30
C CYS A 25 -1.73 -10.50 -0.40
N ARG A 26 -2.03 -10.30 -1.65
CA ARG A 26 -2.90 -11.26 -2.38
C ARG A 26 -2.38 -12.69 -2.16
N ASP A 27 -1.10 -12.89 -2.29
CA ASP A 27 -0.54 -14.26 -2.09
C ASP A 27 -0.32 -14.53 -0.60
N MET A 28 -0.17 -13.50 0.19
CA MET A 28 0.06 -13.70 1.64
C MET A 28 -1.25 -14.13 2.34
N VAL A 29 -2.37 -13.83 1.75
CA VAL A 29 -3.66 -14.21 2.38
C VAL A 29 -4.69 -14.65 1.32
N GLY A 30 -4.64 -14.05 0.16
CA GLY A 30 -5.60 -14.44 -0.92
C GLY A 30 -6.98 -14.72 -0.32
N ASP A 31 -7.45 -13.89 0.57
CA ASP A 31 -8.79 -14.14 1.18
C ASP A 31 -9.15 -13.03 2.16
N LYS A 32 -8.82 -11.80 1.87
CA LYS A 32 -9.14 -10.69 2.80
C LYS A 32 -9.56 -9.44 2.00
N LEU A 33 -9.19 -8.29 2.48
CA LEU A 33 -9.55 -7.03 1.77
C LEU A 33 -8.45 -5.98 1.99
N ILE A 34 -7.84 -5.98 3.14
CA ILE A 34 -6.77 -4.99 3.44
C ILE A 34 -6.00 -4.58 2.19
N ILE A 35 -5.88 -5.44 1.23
CA ILE A 35 -5.14 -5.09 -0.01
C ILE A 35 -5.82 -3.92 -0.74
N ASP A 36 -5.49 -2.71 -0.38
CA ASP A 36 -6.10 -1.54 -1.09
C ASP A 36 -4.98 -0.58 -1.51
N SER A 37 -5.26 0.31 -2.43
CA SER A 37 -4.20 1.26 -2.87
C SER A 37 -4.78 2.65 -3.12
N ALA A 38 -4.06 3.67 -2.73
CA ALA A 38 -4.57 5.06 -2.95
C ALA A 38 -3.46 6.08 -2.71
N ALA A 39 -3.77 7.34 -2.78
CA ALA A 39 -2.73 8.39 -2.56
C ALA A 39 -3.30 9.77 -2.83
N THR A 40 -2.64 10.81 -2.37
CA THR A 40 -3.16 12.19 -2.60
C THR A 40 -2.53 12.79 -3.86
N SER A 41 -2.91 12.30 -5.02
CA SER A 41 -2.34 12.84 -6.28
C SER A 41 -2.88 12.06 -7.48
N GLY A 42 -3.83 12.63 -8.18
CA GLY A 42 -4.40 11.92 -9.36
C GLY A 42 -3.74 12.46 -10.64
N PHE A 43 -2.54 12.04 -10.92
CA PHE A 43 -1.85 12.53 -12.15
C PHE A 43 -1.34 11.35 -12.98
N HIS A 44 -0.53 10.51 -12.40
CA HIS A 44 -0.02 9.34 -13.17
C HIS A 44 -0.98 8.16 -13.04
N VAL A 45 -1.88 8.02 -13.98
CA VAL A 45 -2.84 6.89 -13.92
C VAL A 45 -2.81 6.09 -15.23
N GLY A 46 -2.04 6.53 -16.18
CA GLY A 46 -1.97 5.79 -17.48
C GLY A 46 -0.55 5.24 -17.67
N GLN A 47 0.04 4.71 -16.63
CA GLN A 47 1.41 4.16 -16.77
C GLN A 47 1.71 3.22 -15.59
N SER A 48 2.58 3.61 -14.69
CA SER A 48 2.91 2.74 -13.53
C SER A 48 3.59 1.46 -14.02
N PRO A 49 4.81 1.61 -14.46
CA PRO A 49 5.59 0.46 -14.97
C PRO A 49 5.98 -0.48 -13.83
N ASP A 50 5.00 -1.10 -13.22
CA ASP A 50 5.31 -2.03 -12.08
C ASP A 50 5.57 -3.44 -12.61
N THR A 51 6.11 -3.56 -13.80
CA THR A 51 6.39 -4.91 -14.36
C THR A 51 7.63 -5.47 -13.68
N ARG A 52 8.56 -4.61 -13.35
CA ARG A 52 9.79 -5.09 -12.67
C ARG A 52 9.44 -5.52 -11.24
N SER A 53 8.72 -4.68 -10.54
CA SER A 53 8.33 -5.04 -9.15
C SER A 53 7.46 -6.30 -9.16
N GLN A 54 6.38 -6.27 -9.89
CA GLN A 54 5.51 -7.48 -9.96
C GLN A 54 6.34 -8.67 -10.45
N LYS A 55 7.27 -8.42 -11.35
CA LYS A 55 8.12 -9.52 -11.85
C LYS A 55 8.84 -10.18 -10.68
N VAL A 56 9.71 -9.47 -10.02
CA VAL A 56 10.43 -10.07 -8.85
C VAL A 56 9.39 -10.71 -7.92
N CYS A 57 8.25 -10.10 -7.80
CA CYS A 57 7.19 -10.67 -6.93
C CYS A 57 6.93 -12.12 -7.34
N LYS A 58 6.67 -12.34 -8.60
CA LYS A 58 6.42 -13.74 -9.07
C LYS A 58 7.72 -14.54 -9.05
N SER A 59 8.84 -13.85 -9.06
CA SER A 59 10.15 -14.56 -9.04
C SER A 59 10.56 -14.83 -7.59
N ASN A 60 9.86 -14.28 -6.64
CA ASN A 60 10.20 -14.52 -5.22
C ASN A 60 9.09 -15.34 -4.57
N GLY A 61 7.95 -15.39 -5.20
CA GLY A 61 6.82 -16.18 -4.65
C GLY A 61 5.61 -15.27 -4.43
N VAL A 62 5.32 -14.42 -5.38
CA VAL A 62 4.15 -13.50 -5.23
C VAL A 62 3.68 -13.01 -6.61
N ASP A 63 2.40 -12.83 -6.77
CA ASP A 63 1.88 -12.36 -8.09
C ASP A 63 0.84 -11.26 -7.88
N ILE A 64 0.91 -10.20 -8.65
CA ILE A 64 -0.08 -9.10 -8.50
C ILE A 64 -1.25 -9.31 -9.46
N SER A 65 -2.12 -8.35 -9.57
CA SER A 65 -3.28 -8.49 -10.48
C SER A 65 -3.40 -7.28 -11.39
N LYS A 66 -3.39 -6.09 -10.83
CA LYS A 66 -3.51 -4.86 -11.67
C LYS A 66 -3.22 -3.62 -10.82
N GLN A 67 -2.67 -2.60 -11.41
CA GLN A 67 -2.37 -1.36 -10.64
C GLN A 67 -3.28 -0.22 -11.10
N ARG A 68 -4.32 0.05 -10.37
CA ARG A 68 -5.24 1.17 -10.77
C ARG A 68 -4.95 2.42 -9.94
N ALA A 69 -4.44 3.44 -10.56
CA ALA A 69 -4.12 4.69 -9.81
C ALA A 69 -5.30 5.67 -9.89
N ARG A 70 -6.08 5.77 -8.85
CA ARG A 70 -7.24 6.70 -8.88
C ARG A 70 -7.13 7.69 -7.72
N GLN A 71 -7.79 8.81 -7.82
CA GLN A 71 -7.72 9.83 -6.73
C GLN A 71 -8.34 9.26 -5.45
N ILE A 72 -7.79 9.60 -4.31
CA ILE A 72 -8.36 9.08 -3.03
C ILE A 72 -9.52 9.96 -2.57
N THR A 73 -10.71 9.67 -3.01
CA THR A 73 -11.87 10.50 -2.59
C THR A 73 -12.02 10.48 -1.07
N LYS A 74 -12.87 11.32 -0.53
CA LYS A 74 -13.05 11.34 0.95
C LYS A 74 -13.67 10.02 1.43
N ALA A 75 -14.10 9.19 0.53
CA ALA A 75 -14.72 7.90 0.93
C ALA A 75 -13.63 6.91 1.37
N ASP A 76 -12.44 7.04 0.84
CA ASP A 76 -11.35 6.11 1.24
C ASP A 76 -11.25 6.03 2.77
N PHE A 77 -11.60 7.08 3.45
CA PHE A 77 -11.52 7.07 4.94
C PHE A 77 -12.37 5.92 5.50
N SER A 78 -13.54 5.71 4.94
CA SER A 78 -14.41 4.62 5.44
C SER A 78 -14.30 3.40 4.53
N LYS A 79 -14.11 3.61 3.25
CA LYS A 79 -13.98 2.47 2.31
C LYS A 79 -13.07 1.38 2.89
N PHE A 80 -12.09 1.77 3.68
CA PHE A 80 -11.18 0.77 4.28
C PHE A 80 -11.03 1.00 5.77
N ASP A 81 -10.75 -0.05 6.52
CA ASP A 81 -10.58 0.11 8.00
C ASP A 81 -9.34 0.92 8.32
N VAL A 82 -8.23 0.60 7.70
CA VAL A 82 -6.98 1.36 7.99
C VAL A 82 -6.29 1.79 6.69
N ILE A 83 -5.48 2.81 6.75
CA ILE A 83 -4.79 3.28 5.51
C ILE A 83 -3.27 3.16 5.70
N ALA A 84 -2.56 2.75 4.69
CA ALA A 84 -1.09 2.61 4.82
C ALA A 84 -0.38 3.81 4.19
N ALA A 85 0.32 4.58 4.97
CA ALA A 85 1.04 5.76 4.42
C ALA A 85 2.55 5.51 4.43
N LEU A 86 3.11 5.13 3.31
CA LEU A 86 4.58 4.87 3.26
C LEU A 86 5.36 6.14 3.63
N ASP A 87 5.22 7.18 2.86
CA ASP A 87 5.96 8.44 3.16
C ASP A 87 5.18 9.29 4.17
N GLN A 88 5.77 10.34 4.67
CA GLN A 88 5.06 11.20 5.65
C GLN A 88 4.16 12.21 4.91
N SER A 89 4.63 12.76 3.83
CA SER A 89 3.81 13.75 3.09
C SER A 89 2.36 13.26 2.98
N ILE A 90 2.17 11.98 2.81
CA ILE A 90 0.78 11.44 2.70
C ILE A 90 0.10 11.47 4.07
N LEU A 91 0.72 10.88 5.06
CA LEU A 91 0.10 10.88 6.42
C LEU A 91 -0.05 12.31 6.95
N SER A 92 0.69 13.23 6.38
CA SER A 92 0.59 14.65 6.85
C SER A 92 -0.54 15.37 6.12
N ASP A 93 -0.47 15.42 4.82
CA ASP A 93 -1.55 16.12 4.04
C ASP A 93 -2.88 15.39 4.22
N ILE A 94 -2.89 14.10 4.01
CA ILE A 94 -4.16 13.33 4.17
C ILE A 94 -4.90 13.78 5.43
N ASN A 95 -4.19 13.96 6.51
CA ASN A 95 -4.86 14.40 7.77
C ASN A 95 -5.53 15.76 7.57
N SER A 96 -4.97 16.59 6.72
CA SER A 96 -5.57 17.92 6.48
C SER A 96 -6.95 17.77 5.83
N MET A 97 -7.27 16.58 5.38
CA MET A 97 -8.60 16.36 4.74
C MET A 97 -9.36 15.24 5.46
N LYS A 98 -8.66 14.43 6.21
CA LYS A 98 -9.33 13.33 6.94
C LYS A 98 -10.48 13.87 7.80
N PRO A 99 -11.44 13.03 8.05
CA PRO A 99 -12.61 13.43 8.88
C PRO A 99 -12.21 13.54 10.35
N SER A 100 -13.17 13.47 11.24
CA SER A 100 -12.84 13.56 12.70
C SER A 100 -13.41 12.35 13.45
N ASN A 101 -12.58 11.39 13.76
CA ASN A 101 -13.08 10.19 14.48
C ASN A 101 -14.08 9.43 13.62
N CYS A 102 -13.72 8.27 13.15
CA CYS A 102 -14.65 7.47 12.31
C CYS A 102 -14.38 5.97 12.48
N ARG A 103 -14.90 5.17 11.59
CA ARG A 103 -14.67 3.69 11.70
C ARG A 103 -13.40 3.30 10.94
N ALA A 104 -12.42 4.16 10.92
CA ALA A 104 -11.15 3.83 10.19
C ALA A 104 -10.02 4.74 10.68
N LYS A 105 -8.86 4.61 10.09
CA LYS A 105 -7.71 5.47 10.52
C LYS A 105 -6.49 5.18 9.63
N VAL A 106 -5.57 6.11 9.56
CA VAL A 106 -4.36 5.90 8.73
C VAL A 106 -3.12 5.75 9.61
N VAL A 107 -2.14 5.02 9.15
CA VAL A 107 -0.90 4.84 9.97
C VAL A 107 0.34 4.93 9.07
N LEU A 108 1.42 5.44 9.58
CA LEU A 108 2.67 5.54 8.77
C LEU A 108 3.40 4.20 8.74
N PHE A 109 3.68 3.70 7.57
CA PHE A 109 4.40 2.39 7.48
C PHE A 109 5.91 2.62 7.37
N ASN A 110 6.59 2.69 8.49
CA ASN A 110 8.06 2.91 8.44
C ASN A 110 8.39 4.20 7.68
N PRO A 111 9.59 4.67 7.88
CA PRO A 111 10.04 5.92 7.21
C PRO A 111 10.32 5.64 5.72
N PRO A 112 10.62 6.69 5.01
CA PRO A 112 10.92 6.57 3.57
C PRO A 112 12.30 5.92 3.35
N ASN A 113 12.54 4.80 3.98
CA ASN A 113 13.87 4.13 3.81
C ASN A 113 13.67 2.71 3.28
N GLY A 114 13.02 1.87 4.03
CA GLY A 114 12.81 0.47 3.57
C GLY A 114 12.36 0.47 2.11
N VAL A 115 11.14 0.88 1.85
CA VAL A 115 10.65 0.91 0.45
C VAL A 115 11.34 2.03 -0.33
N ASP A 116 11.98 1.70 -1.43
CA ASP A 116 12.68 2.75 -2.23
C ASP A 116 12.12 2.78 -3.66
N ASP A 117 12.30 3.88 -4.34
CA ASP A 117 11.78 3.97 -5.73
C ASP A 117 12.64 3.12 -6.68
N PRO A 118 12.00 2.22 -7.36
CA PRO A 118 12.72 1.33 -8.31
C PRO A 118 13.13 2.11 -9.57
N TYR A 119 12.29 2.14 -10.57
CA TYR A 119 12.64 2.87 -11.81
C TYR A 119 13.93 2.32 -12.42
N TYR A 120 14.76 3.17 -12.96
CA TYR A 120 16.03 2.70 -13.56
C TYR A 120 16.98 2.22 -12.46
N SER A 121 17.81 1.27 -12.76
CA SER A 121 18.77 0.75 -11.73
C SER A 121 18.02 -0.07 -10.68
N SER A 122 16.74 -0.25 -10.86
CA SER A 122 15.96 -1.05 -9.87
C SER A 122 16.37 -0.66 -8.44
N ASP A 123 17.27 -1.40 -7.86
CA ASP A 123 17.72 -1.08 -6.48
C ASP A 123 16.51 -0.78 -5.60
N GLY A 124 15.52 -1.63 -5.62
CA GLY A 124 14.31 -1.39 -4.78
C GLY A 124 13.36 -2.58 -4.90
N PHE A 125 13.19 -3.10 -6.09
CA PHE A 125 12.27 -4.26 -6.27
C PHE A 125 12.44 -5.27 -5.12
N PRO A 126 13.67 -5.63 -4.85
CA PRO A 126 13.93 -6.59 -3.76
C PRO A 126 13.68 -5.93 -2.40
N THR A 127 14.38 -4.87 -2.10
CA THR A 127 14.17 -4.18 -0.80
C THR A 127 12.68 -3.87 -0.62
N MET A 128 12.07 -3.30 -1.62
CA MET A 128 10.62 -2.96 -1.51
C MET A 128 9.85 -4.19 -1.03
N PHE A 129 9.91 -5.27 -1.76
CA PHE A 129 9.18 -6.50 -1.34
C PHE A 129 9.50 -6.82 0.13
N ALA A 130 10.76 -6.86 0.47
CA ALA A 130 11.13 -7.16 1.88
C ALA A 130 10.34 -6.26 2.83
N SER A 131 10.42 -4.97 2.66
CA SER A 131 9.66 -4.04 3.54
C SER A 131 8.17 -4.37 3.45
N ILE A 132 7.66 -4.53 2.26
CA ILE A 132 6.22 -4.86 2.11
C ILE A 132 5.83 -5.96 3.10
N SER A 133 6.50 -7.08 3.07
CA SER A 133 6.18 -8.17 4.02
C SER A 133 6.37 -7.71 5.46
N LYS A 134 7.47 -7.05 5.74
CA LYS A 134 7.71 -6.56 7.13
C LYS A 134 6.66 -5.52 7.51
N GLU A 135 5.94 -5.01 6.55
CA GLU A 135 4.90 -3.98 6.85
C GLU A 135 3.57 -4.64 7.17
N MET A 136 3.24 -5.71 6.48
CA MET A 136 1.94 -6.39 6.74
C MET A 136 2.11 -7.48 7.80
N LYS A 137 3.31 -7.70 8.25
CA LYS A 137 3.54 -8.75 9.28
C LYS A 137 3.25 -8.19 10.67
N PRO A 138 3.84 -7.06 10.95
CA PRO A 138 3.64 -6.40 12.26
C PRO A 138 2.32 -5.64 12.28
N PHE A 139 1.71 -5.46 11.15
CA PHE A 139 0.41 -4.72 11.10
C PHE A 139 -0.75 -5.70 10.93
N LEU A 140 -0.65 -6.60 9.98
CA LEU A 140 -1.75 -7.57 9.76
C LEU A 140 -1.77 -8.62 10.88
N THR A 141 -0.88 -8.50 11.83
CA THR A 141 -0.85 -9.51 12.94
C THR A 141 -1.45 -8.92 14.22
N GLU A 142 -0.92 -7.83 14.70
CA GLU A 142 -1.48 -7.24 15.96
C GLU A 142 -2.32 -5.99 15.67
N HIS A 143 -1.85 -5.11 14.82
CA HIS A 143 -2.63 -3.88 14.52
C HIS A 143 -4.13 -4.19 14.48
N GLY A 144 -4.48 -5.39 14.11
CA GLY A 144 -5.93 -5.75 14.05
C GLY A 144 -6.23 -6.44 12.72
N LEU A 145 -5.87 -7.69 12.59
CA LEU A 145 -6.14 -8.41 11.31
C LEU A 145 -6.11 -9.92 11.55
N ILE A 146 -5.21 -10.39 12.38
CA ILE A 146 -5.14 -11.85 12.65
C ILE A 146 -5.05 -12.11 14.15
N ALA A 1 -17.36 -15.82 12.94
CA ALA A 1 -16.47 -14.94 13.76
C ALA A 1 -15.16 -14.66 13.00
N ALA A 2 -14.34 -13.80 13.54
CA ALA A 2 -13.05 -13.49 12.85
C ALA A 2 -13.31 -12.96 11.44
N GLU A 3 -13.53 -11.68 11.31
CA GLU A 3 -13.79 -11.09 9.96
C GLU A 3 -12.54 -10.41 9.43
N LYS A 4 -12.40 -10.33 8.14
CA LYS A 4 -11.21 -9.65 7.56
C LYS A 4 -11.36 -8.15 7.78
N LYS A 5 -10.64 -7.35 7.05
CA LYS A 5 -10.78 -5.87 7.24
C LYS A 5 -10.32 -5.13 5.98
N ALA A 6 -10.00 -3.87 6.12
CA ALA A 6 -9.55 -3.08 4.93
C ALA A 6 -8.43 -2.11 5.30
N VAL A 7 -7.31 -2.21 4.64
CA VAL A 7 -6.18 -1.29 4.92
C VAL A 7 -5.90 -0.43 3.69
N LEU A 8 -5.77 0.86 3.87
CA LEU A 8 -5.51 1.75 2.70
C LEU A 8 -4.01 1.92 2.48
N PHE A 9 -3.43 1.10 1.66
CA PHE A 9 -1.96 1.22 1.39
C PHE A 9 -1.73 2.29 0.32
N VAL A 10 -1.23 3.44 0.70
CA VAL A 10 -1.00 4.52 -0.30
C VAL A 10 0.45 4.99 -0.24
N CYS A 11 0.84 5.86 -1.15
CA CYS A 11 2.24 6.36 -1.16
C CYS A 11 2.34 7.64 -2.00
N LEU A 12 1.64 7.69 -3.10
CA LEU A 12 1.71 8.91 -3.97
C LEU A 12 1.02 8.63 -5.31
N GLY A 13 1.68 7.91 -6.18
CA GLY A 13 1.07 7.60 -7.52
C GLY A 13 0.30 6.30 -7.44
N ASN A 14 0.44 5.57 -6.36
CA ASN A 14 -0.28 4.28 -6.22
C ASN A 14 0.27 3.25 -7.23
N ILE A 15 1.54 3.30 -7.51
CA ILE A 15 2.13 2.34 -8.47
C ILE A 15 3.03 1.34 -7.73
N CYS A 16 4.29 1.64 -7.61
CA CYS A 16 5.21 0.70 -6.89
C CYS A 16 5.37 1.13 -5.42
N ARG A 17 4.31 1.09 -4.68
CA ARG A 17 4.39 1.49 -3.24
C ARG A 17 2.99 1.55 -2.63
N SER A 18 2.23 0.50 -2.75
CA SER A 18 0.86 0.49 -2.18
C SER A 18 0.10 -0.75 -2.63
N PRO A 19 0.02 -0.94 -3.92
CA PRO A 19 -0.68 -2.11 -4.49
C PRO A 19 0.13 -3.39 -4.23
N ALA A 20 1.36 -3.26 -3.84
CA ALA A 20 2.19 -4.47 -3.58
C ALA A 20 1.63 -5.23 -2.38
N CYS A 21 0.74 -4.63 -1.64
CA CYS A 21 0.15 -5.32 -0.47
C CYS A 21 -0.81 -6.41 -0.94
N GLU A 22 -1.40 -6.22 -2.08
CA GLU A 22 -2.34 -7.25 -2.62
C GLU A 22 -1.55 -8.48 -3.05
N GLY A 23 -0.44 -8.29 -3.71
CA GLY A 23 0.38 -9.44 -4.16
C GLY A 23 1.04 -10.11 -2.95
N ILE A 24 1.61 -9.33 -2.08
CA ILE A 24 2.27 -9.92 -0.87
C ILE A 24 1.23 -10.61 0.02
N CYS A 25 0.10 -9.99 0.22
CA CYS A 25 -0.95 -10.60 1.07
C CYS A 25 -1.48 -11.88 0.42
N ARG A 26 -1.84 -11.82 -0.83
CA ARG A 26 -2.37 -13.03 -1.51
C ARG A 26 -1.26 -14.08 -1.68
N ASP A 27 -0.03 -13.66 -1.74
CA ASP A 27 1.09 -14.63 -1.91
C ASP A 27 1.52 -15.19 -0.54
N MET A 28 1.30 -14.44 0.51
CA MET A 28 1.71 -14.92 1.86
C MET A 28 0.54 -15.65 2.53
N VAL A 29 -0.67 -15.40 2.11
CA VAL A 29 -1.84 -16.08 2.74
C VAL A 29 -2.71 -16.74 1.67
N GLY A 30 -2.51 -16.41 0.42
CA GLY A 30 -3.34 -17.02 -0.65
C GLY A 30 -4.52 -16.11 -0.96
N ASP A 31 -4.88 -15.27 -0.03
CA ASP A 31 -6.03 -14.35 -0.27
C ASP A 31 -5.84 -13.04 0.50
N LYS A 32 -6.25 -12.99 1.73
CA LYS A 32 -6.08 -11.75 2.54
C LYS A 32 -6.78 -10.57 1.84
N LEU A 33 -7.70 -9.93 2.52
CA LEU A 33 -8.41 -8.78 1.90
C LEU A 33 -7.79 -7.46 2.35
N ILE A 34 -8.51 -6.65 3.09
CA ILE A 34 -7.96 -5.35 3.56
C ILE A 34 -6.98 -4.76 2.54
N ILE A 35 -7.20 -4.98 1.28
CA ILE A 35 -6.25 -4.43 0.26
C ILE A 35 -6.85 -3.20 -0.43
N ASP A 36 -6.53 -2.02 0.05
CA ASP A 36 -7.08 -0.79 -0.58
C ASP A 36 -5.94 0.16 -0.95
N SER A 37 -5.53 0.18 -2.19
CA SER A 37 -4.41 1.07 -2.60
C SER A 37 -4.93 2.50 -2.78
N ALA A 38 -4.27 3.46 -2.20
CA ALA A 38 -4.72 4.88 -2.34
C ALA A 38 -3.60 5.73 -2.94
N ALA A 39 -3.79 7.02 -2.99
CA ALA A 39 -2.74 7.92 -3.56
C ALA A 39 -3.28 9.34 -3.73
N THR A 40 -2.81 10.25 -2.92
CA THR A 40 -3.29 11.66 -3.03
C THR A 40 -2.80 12.29 -4.33
N SER A 41 -1.89 11.65 -5.00
CA SER A 41 -1.36 12.22 -6.29
C SER A 41 -1.53 11.20 -7.42
N GLY A 42 -2.61 11.28 -8.15
CA GLY A 42 -2.83 10.32 -9.26
C GLY A 42 -2.47 10.98 -10.59
N PHE A 43 -1.23 10.91 -10.97
CA PHE A 43 -0.81 11.55 -12.26
C PHE A 43 0.22 10.66 -12.97
N HIS A 44 0.24 9.39 -12.66
CA HIS A 44 1.21 8.48 -13.33
C HIS A 44 0.56 7.13 -13.62
N VAL A 45 -0.68 7.13 -14.04
CA VAL A 45 -1.37 5.84 -14.34
C VAL A 45 -1.16 5.45 -15.80
N GLY A 46 -1.52 4.26 -16.16
CA GLY A 46 -1.33 3.82 -17.58
C GLY A 46 0.08 4.15 -18.04
N GLN A 47 1.05 4.00 -17.17
CA GLN A 47 2.45 4.32 -17.56
C GLN A 47 3.42 3.83 -16.48
N SER A 48 4.52 4.50 -16.31
CA SER A 48 5.50 4.08 -15.28
C SER A 48 6.01 2.67 -15.58
N PRO A 49 7.31 2.51 -15.53
CA PRO A 49 7.94 1.20 -15.80
C PRO A 49 7.62 0.22 -14.66
N ASP A 50 6.40 -0.22 -14.58
CA ASP A 50 6.03 -1.18 -13.50
C ASP A 50 6.11 -2.63 -14.01
N THR A 51 6.72 -2.82 -15.16
CA THR A 51 6.84 -4.20 -15.70
C THR A 51 7.92 -4.94 -14.93
N ARG A 52 8.93 -4.23 -14.51
CA ARG A 52 10.02 -4.89 -13.74
C ARG A 52 9.52 -5.20 -12.32
N SER A 53 8.86 -4.26 -11.71
CA SER A 53 8.33 -4.50 -10.34
C SER A 53 7.30 -5.62 -10.38
N GLN A 54 6.35 -5.56 -11.29
CA GLN A 54 5.33 -6.64 -11.38
C GLN A 54 6.02 -7.96 -11.72
N LYS A 55 6.95 -7.93 -12.64
CA LYS A 55 7.68 -9.17 -13.02
C LYS A 55 8.34 -9.78 -11.77
N VAL A 56 9.34 -9.14 -11.26
CA VAL A 56 10.02 -9.68 -10.04
C VAL A 56 8.95 -9.99 -8.99
N CYS A 57 7.90 -9.23 -8.96
CA CYS A 57 6.82 -9.49 -7.97
C CYS A 57 6.33 -10.92 -8.12
N LYS A 58 5.94 -11.31 -9.30
CA LYS A 58 5.47 -12.71 -9.51
C LYS A 58 6.63 -13.67 -9.31
N SER A 59 7.83 -13.23 -9.62
CA SER A 59 9.01 -14.12 -9.44
C SER A 59 9.41 -14.20 -7.96
N ASN A 60 8.85 -13.34 -7.16
CA ASN A 60 9.20 -13.36 -5.70
C ASN A 60 7.96 -13.76 -4.91
N GLY A 61 6.80 -13.37 -5.38
CA GLY A 61 5.55 -13.74 -4.67
C GLY A 61 4.55 -12.57 -4.73
N VAL A 62 4.12 -12.21 -5.91
CA VAL A 62 3.14 -11.09 -6.04
C VAL A 62 2.40 -11.18 -7.37
N ASP A 63 1.71 -12.27 -7.59
CA ASP A 63 0.95 -12.42 -8.87
C ASP A 63 -0.28 -11.51 -8.87
N ILE A 64 -0.47 -10.76 -9.93
CA ILE A 64 -1.65 -9.85 -9.99
C ILE A 64 -2.17 -9.76 -11.43
N SER A 65 -3.11 -8.89 -11.68
CA SER A 65 -3.65 -8.75 -13.06
C SER A 65 -3.07 -7.50 -13.73
N LYS A 66 -3.33 -6.34 -13.18
CA LYS A 66 -2.80 -5.09 -13.79
C LYS A 66 -2.57 -4.05 -12.71
N GLN A 67 -2.13 -2.88 -13.08
CA GLN A 67 -1.88 -1.81 -12.07
C GLN A 67 -2.44 -0.47 -12.56
N ARG A 68 -3.64 -0.13 -12.18
CA ARG A 68 -4.23 1.16 -12.63
C ARG A 68 -4.29 2.16 -11.46
N ALA A 69 -3.17 2.73 -11.12
CA ALA A 69 -3.15 3.70 -9.99
C ALA A 69 -4.34 4.66 -10.10
N ARG A 70 -5.33 4.50 -9.27
CA ARG A 70 -6.52 5.40 -9.34
C ARG A 70 -6.44 6.45 -8.22
N GLN A 71 -7.14 7.54 -8.37
CA GLN A 71 -7.11 8.60 -7.31
C GLN A 71 -7.88 8.13 -6.07
N ILE A 72 -7.56 8.69 -4.93
CA ILE A 72 -8.28 8.27 -3.69
C ILE A 72 -9.64 8.97 -3.61
N THR A 73 -10.54 8.43 -2.83
CA THR A 73 -11.89 9.05 -2.70
C THR A 73 -12.16 9.45 -1.26
N LYS A 74 -13.27 10.09 -0.99
CA LYS A 74 -13.58 10.50 0.40
C LYS A 74 -13.96 9.28 1.24
N ALA A 75 -14.34 8.20 0.61
CA ALA A 75 -14.72 6.99 1.37
C ALA A 75 -13.51 6.44 2.13
N ASP A 76 -12.35 6.51 1.55
CA ASP A 76 -11.13 6.00 2.24
C ASP A 76 -11.09 6.50 3.69
N PHE A 77 -11.52 7.72 3.92
CA PHE A 77 -11.50 8.27 5.30
C PHE A 77 -12.86 8.04 5.97
N SER A 78 -13.68 7.18 5.43
CA SER A 78 -15.02 6.93 6.03
C SER A 78 -15.44 5.48 5.80
N LYS A 79 -14.54 4.64 5.36
CA LYS A 79 -14.90 3.22 5.13
C LYS A 79 -13.78 2.31 5.65
N PHE A 80 -13.60 1.18 5.05
CA PHE A 80 -12.52 0.24 5.48
C PHE A 80 -12.37 0.27 7.01
N ASP A 81 -11.19 0.03 7.50
CA ASP A 81 -10.99 0.05 8.99
C ASP A 81 -9.67 0.71 9.35
N VAL A 82 -8.66 0.55 8.54
CA VAL A 82 -7.34 1.18 8.85
C VAL A 82 -6.70 1.74 7.58
N ILE A 83 -5.92 2.79 7.72
CA ILE A 83 -5.26 3.39 6.53
C ILE A 83 -3.74 3.40 6.74
N ALA A 84 -3.00 2.85 5.81
CA ALA A 84 -1.52 2.83 5.97
C ALA A 84 -0.84 3.57 4.81
N ALA A 85 0.13 4.39 5.11
CA ALA A 85 0.83 5.14 4.03
C ALA A 85 2.25 4.58 3.85
N LEU A 86 2.85 4.85 2.72
CA LEU A 86 4.23 4.33 2.47
C LEU A 86 5.25 5.46 2.60
N ASP A 87 4.80 6.64 2.94
CA ASP A 87 5.74 7.79 3.08
C ASP A 87 5.39 8.61 4.31
N GLN A 88 6.19 9.59 4.64
CA GLN A 88 5.90 10.43 5.84
C GLN A 88 5.04 11.63 5.44
N SER A 89 5.56 12.53 4.66
CA SER A 89 4.76 13.71 4.24
C SER A 89 3.38 13.26 3.78
N ILE A 90 3.30 12.19 3.04
CA ILE A 90 1.98 11.71 2.56
C ILE A 90 1.00 11.59 3.74
N LEU A 91 1.46 11.12 4.86
CA LEU A 91 0.56 10.98 6.05
C LEU A 91 0.42 12.32 6.75
N SER A 92 1.46 13.12 6.78
CA SER A 92 1.38 14.44 7.46
C SER A 92 0.47 15.39 6.66
N ASP A 93 0.26 15.10 5.41
CA ASP A 93 -0.62 15.97 4.57
C ASP A 93 -2.00 15.32 4.39
N ILE A 94 -2.03 14.05 4.09
CA ILE A 94 -3.34 13.36 3.91
C ILE A 94 -4.29 13.71 5.06
N ASN A 95 -3.77 13.84 6.25
CA ASN A 95 -4.64 14.17 7.42
C ASN A 95 -5.15 15.61 7.30
N SER A 96 -4.60 16.37 6.40
CA SER A 96 -5.05 17.78 6.25
C SER A 96 -6.40 17.84 5.53
N MET A 97 -6.70 16.85 4.72
CA MET A 97 -8.00 16.84 4.00
C MET A 97 -9.02 15.99 4.75
N LYS A 98 -8.58 14.93 5.37
CA LYS A 98 -9.53 14.06 6.13
C LYS A 98 -10.48 14.92 6.97
N PRO A 99 -11.69 14.45 7.10
CA PRO A 99 -12.70 15.18 7.90
C PRO A 99 -12.41 15.05 9.39
N SER A 100 -13.29 15.54 10.23
CA SER A 100 -13.06 15.44 11.70
C SER A 100 -14.16 14.61 12.35
N ASN A 101 -15.13 14.19 11.59
CA ASN A 101 -16.24 13.38 12.17
C ASN A 101 -16.28 11.99 11.50
N CYS A 102 -15.15 11.34 11.42
CA CYS A 102 -15.12 9.99 10.78
C CYS A 102 -14.51 8.96 11.75
N ARG A 103 -14.09 7.84 11.24
CA ARG A 103 -13.48 6.80 12.12
C ARG A 103 -12.17 6.29 11.53
N ALA A 104 -11.91 5.02 11.66
CA ALA A 104 -10.64 4.46 11.10
C ALA A 104 -9.43 5.20 11.68
N LYS A 105 -8.31 5.14 11.02
CA LYS A 105 -7.10 5.84 11.54
C LYS A 105 -5.97 5.76 10.52
N VAL A 106 -5.13 6.76 10.46
CA VAL A 106 -4.00 6.74 9.49
C VAL A 106 -2.70 6.34 10.20
N VAL A 107 -1.95 5.44 9.62
CA VAL A 107 -0.67 5.02 10.26
C VAL A 107 0.44 4.89 9.21
N LEU A 108 1.67 4.90 9.64
CA LEU A 108 2.78 4.77 8.66
C LEU A 108 3.04 3.30 8.33
N PHE A 109 3.49 3.02 7.14
CA PHE A 109 3.75 1.60 6.75
C PHE A 109 5.09 1.49 6.01
N ASN A 110 6.17 1.37 6.72
CA ASN A 110 7.50 1.26 6.07
C ASN A 110 8.60 1.05 7.11
N PRO A 111 9.60 0.29 6.73
CA PRO A 111 10.73 0.01 7.65
C PRO A 111 11.63 1.25 7.77
N PRO A 112 12.60 1.13 8.63
CA PRO A 112 13.55 2.26 8.87
C PRO A 112 14.51 2.40 7.67
N ASN A 113 13.97 2.49 6.48
CA ASN A 113 14.86 2.63 5.29
C ASN A 113 14.18 3.51 4.23
N GLY A 114 12.96 3.22 3.89
CA GLY A 114 12.26 4.05 2.87
C GLY A 114 11.88 3.17 1.68
N VAL A 115 10.70 2.60 1.69
CA VAL A 115 10.27 1.74 0.55
C VAL A 115 10.37 2.52 -0.76
N ASP A 116 11.24 2.12 -1.64
CA ASP A 116 11.38 2.84 -2.94
C ASP A 116 11.69 4.32 -2.70
N ASP A 117 12.06 5.03 -3.73
CA ASP A 117 12.38 6.48 -3.55
C ASP A 117 12.98 7.05 -4.84
N PRO A 118 14.05 6.44 -5.27
CA PRO A 118 14.74 6.89 -6.50
C PRO A 118 13.92 6.52 -7.74
N TYR A 119 13.30 5.37 -7.73
CA TYR A 119 12.49 4.95 -8.91
C TYR A 119 13.37 4.92 -10.17
N TYR A 120 12.80 4.56 -11.28
CA TYR A 120 13.60 4.51 -12.55
C TYR A 120 14.75 3.52 -12.40
N SER A 121 14.61 2.54 -11.54
CA SER A 121 15.70 1.55 -11.36
C SER A 121 15.17 0.31 -10.63
N SER A 122 16.03 -0.52 -10.12
CA SER A 122 15.58 -1.74 -9.40
C SER A 122 15.71 -1.54 -7.88
N ASP A 123 15.82 -0.32 -7.44
CA ASP A 123 15.95 -0.06 -5.98
C ASP A 123 14.58 0.13 -5.35
N GLY A 124 13.59 -0.57 -5.83
CA GLY A 124 12.22 -0.43 -5.26
C GLY A 124 11.49 -1.77 -5.35
N PHE A 125 11.55 -2.42 -6.46
CA PHE A 125 10.85 -3.74 -6.61
C PHE A 125 11.23 -4.66 -5.44
N PRO A 126 12.49 -4.72 -5.14
CA PRO A 126 12.96 -5.58 -4.03
C PRO A 126 12.62 -4.93 -2.68
N THR A 127 12.98 -3.69 -2.50
CA THR A 127 12.67 -3.00 -1.22
C THR A 127 11.16 -3.00 -0.98
N MET A 128 10.41 -2.49 -1.91
CA MET A 128 8.93 -2.47 -1.74
C MET A 128 8.43 -3.81 -1.21
N PHE A 129 8.98 -4.89 -1.71
CA PHE A 129 8.54 -6.23 -1.22
C PHE A 129 9.03 -6.46 0.21
N ALA A 130 10.32 -6.46 0.41
CA ALA A 130 10.85 -6.67 1.79
C ALA A 130 10.07 -5.81 2.79
N SER A 131 9.88 -4.55 2.47
CA SER A 131 9.14 -3.66 3.39
C SER A 131 7.66 -4.03 3.40
N ILE A 132 7.09 -4.31 2.26
CA ILE A 132 5.65 -4.69 2.20
C ILE A 132 5.37 -5.80 3.22
N SER A 133 6.23 -6.78 3.29
CA SER A 133 6.01 -7.90 4.26
C SER A 133 6.55 -7.53 5.64
N LYS A 134 7.83 -7.26 5.74
CA LYS A 134 8.42 -6.90 7.06
C LYS A 134 7.62 -5.77 7.72
N GLU A 135 6.85 -5.05 6.94
CA GLU A 135 6.04 -3.94 7.52
C GLU A 135 4.60 -4.40 7.79
N MET A 136 4.20 -5.48 7.17
CA MET A 136 2.81 -5.98 7.39
C MET A 136 2.82 -7.17 8.36
N LYS A 137 3.98 -7.54 8.84
CA LYS A 137 4.04 -8.68 9.80
C LYS A 137 3.73 -8.19 11.21
N PRO A 138 4.38 -7.12 11.58
CA PRO A 138 4.18 -6.54 12.92
C PRO A 138 2.89 -5.71 12.96
N PHE A 139 2.32 -5.45 11.82
CA PHE A 139 1.06 -4.65 11.78
C PHE A 139 -0.15 -5.58 11.59
N LEU A 140 -0.21 -6.27 10.48
CA LEU A 140 -1.35 -7.18 10.24
C LEU A 140 -1.54 -8.13 11.42
N THR A 141 -0.49 -8.38 12.16
CA THR A 141 -0.61 -9.30 13.33
C THR A 141 -1.27 -8.58 14.51
N GLU A 142 -0.92 -7.34 14.73
CA GLU A 142 -1.54 -6.59 15.87
C GLU A 142 -2.57 -5.57 15.36
N HIS A 143 -2.12 -4.58 14.65
CA HIS A 143 -3.08 -3.55 14.14
C HIS A 143 -3.48 -3.86 12.69
N GLY A 144 -4.07 -5.00 12.45
CA GLY A 144 -4.48 -5.34 11.06
C GLY A 144 -5.23 -6.67 11.08
N LEU A 145 -4.84 -7.56 11.95
CA LEU A 145 -5.53 -8.89 12.03
C LEU A 145 -4.76 -9.81 12.98
N ILE A 146 -3.83 -10.57 12.47
CA ILE A 146 -3.06 -11.49 13.34
C ILE A 146 -2.03 -12.27 12.51
N ALA A 1 -13.43 -12.11 17.42
CA ALA A 1 -13.64 -11.21 16.24
C ALA A 1 -13.09 -11.86 14.97
N ALA A 2 -13.93 -12.12 14.01
CA ALA A 2 -13.45 -12.76 12.74
C ALA A 2 -13.78 -11.87 11.55
N GLU A 3 -12.84 -11.09 11.09
CA GLU A 3 -13.11 -10.20 9.92
C GLU A 3 -11.83 -9.98 9.12
N LYS A 4 -11.74 -8.89 8.42
CA LYS A 4 -10.53 -8.63 7.61
C LYS A 4 -10.34 -7.13 7.37
N LYS A 5 -11.37 -6.45 6.97
CA LYS A 5 -11.26 -4.98 6.74
C LYS A 5 -10.38 -4.69 5.54
N ALA A 6 -9.78 -3.54 5.53
CA ALA A 6 -8.88 -3.14 4.40
C ALA A 6 -7.94 -2.02 4.84
N VAL A 7 -6.69 -2.13 4.50
CA VAL A 7 -5.72 -1.09 4.90
C VAL A 7 -5.39 -0.20 3.70
N LEU A 8 -5.73 1.05 3.77
CA LEU A 8 -5.44 1.96 2.63
C LEU A 8 -3.92 2.15 2.48
N PHE A 9 -3.28 1.32 1.71
CA PHE A 9 -1.82 1.46 1.52
C PHE A 9 -1.54 2.59 0.52
N VAL A 10 -1.16 3.74 1.01
CA VAL A 10 -0.90 4.89 0.08
C VAL A 10 0.57 5.32 0.16
N CYS A 11 1.06 5.95 -0.86
CA CYS A 11 2.48 6.42 -0.85
C CYS A 11 2.61 7.73 -1.61
N LEU A 12 2.64 7.68 -2.91
CA LEU A 12 2.76 8.94 -3.71
C LEU A 12 2.66 8.63 -5.20
N GLY A 13 1.49 8.24 -5.67
CA GLY A 13 1.33 7.94 -7.11
C GLY A 13 0.48 6.68 -7.28
N ASN A 14 0.40 5.86 -6.26
CA ASN A 14 -0.41 4.61 -6.35
C ASN A 14 0.26 3.60 -7.28
N ILE A 15 1.41 3.95 -7.82
CA ILE A 15 2.12 3.00 -8.74
C ILE A 15 3.05 2.09 -7.94
N CYS A 16 3.66 2.62 -6.91
CA CYS A 16 4.58 1.79 -6.08
C CYS A 16 4.37 2.09 -4.60
N ARG A 17 4.90 1.28 -3.73
CA ARG A 17 4.72 1.52 -2.28
C ARG A 17 3.22 1.59 -1.93
N SER A 18 2.43 0.71 -2.48
CA SER A 18 0.97 0.74 -2.19
C SER A 18 0.29 -0.48 -2.81
N PRO A 19 0.38 -0.57 -4.11
CA PRO A 19 -0.24 -1.72 -4.82
C PRO A 19 0.55 -3.01 -4.57
N ALA A 20 1.71 -2.90 -3.97
CA ALA A 20 2.52 -4.10 -3.69
C ALA A 20 1.93 -4.87 -2.50
N CYS A 21 1.09 -4.23 -1.73
CA CYS A 21 0.48 -4.91 -0.56
C CYS A 21 -0.44 -6.03 -1.06
N GLU A 22 -1.38 -5.69 -1.90
CA GLU A 22 -2.29 -6.74 -2.44
C GLU A 22 -1.49 -7.98 -2.81
N GLY A 23 -0.30 -7.78 -3.33
CA GLY A 23 0.54 -8.94 -3.71
C GLY A 23 1.06 -9.62 -2.44
N ILE A 24 1.62 -8.87 -1.54
CA ILE A 24 2.13 -9.49 -0.28
C ILE A 24 1.00 -10.27 0.41
N CYS A 25 -0.16 -9.68 0.50
CA CYS A 25 -1.31 -10.38 1.16
C CYS A 25 -1.81 -11.52 0.26
N ARG A 26 -1.69 -11.36 -1.03
CA ARG A 26 -2.16 -12.43 -1.94
C ARG A 26 -1.29 -13.68 -1.78
N ASP A 27 -0.02 -13.50 -1.58
CA ASP A 27 0.88 -14.67 -1.40
C ASP A 27 0.83 -15.17 0.04
N MET A 28 0.68 -14.27 0.98
CA MET A 28 0.62 -14.70 2.41
C MET A 28 -0.77 -15.25 2.75
N VAL A 29 -1.78 -14.79 2.06
CA VAL A 29 -3.16 -15.30 2.35
C VAL A 29 -4.10 -14.95 1.20
N GLY A 30 -3.67 -15.09 -0.01
CA GLY A 30 -4.55 -14.78 -1.17
C GLY A 30 -5.95 -15.34 -0.93
N ASP A 31 -6.83 -14.53 -0.39
CA ASP A 31 -8.22 -15.02 -0.12
C ASP A 31 -8.98 -13.98 0.71
N LYS A 32 -8.28 -13.17 1.45
CA LYS A 32 -8.97 -12.13 2.27
C LYS A 32 -8.94 -10.78 1.55
N LEU A 33 -8.70 -9.72 2.28
CA LEU A 33 -8.65 -8.37 1.64
C LEU A 33 -7.75 -7.44 2.44
N ILE A 34 -8.28 -6.83 3.47
CA ILE A 34 -7.46 -5.90 4.30
C ILE A 34 -6.48 -5.09 3.43
N ILE A 35 -6.79 -4.88 2.18
CA ILE A 35 -5.86 -4.12 1.31
C ILE A 35 -6.59 -3.02 0.54
N ASP A 36 -6.06 -1.83 0.54
CA ASP A 36 -6.69 -0.71 -0.20
C ASP A 36 -5.61 0.20 -0.79
N SER A 37 -5.18 -0.08 -1.99
CA SER A 37 -4.12 0.77 -2.61
C SER A 37 -4.66 2.17 -2.90
N ALA A 38 -4.02 3.19 -2.39
CA ALA A 38 -4.50 4.58 -2.65
C ALA A 38 -3.33 5.53 -2.87
N ALA A 39 -3.60 6.76 -3.18
CA ALA A 39 -2.50 7.74 -3.40
C ALA A 39 -3.02 9.17 -3.24
N THR A 40 -2.31 10.14 -3.74
CA THR A 40 -2.76 11.56 -3.62
C THR A 40 -1.78 12.49 -4.33
N SER A 41 -1.50 12.23 -5.58
CA SER A 41 -0.54 13.11 -6.32
C SER A 41 -0.64 12.83 -7.82
N GLY A 42 -1.17 13.77 -8.58
CA GLY A 42 -1.29 13.55 -10.04
C GLY A 42 0.08 13.74 -10.70
N PHE A 43 0.68 12.66 -11.15
CA PHE A 43 2.02 12.77 -11.80
C PHE A 43 2.26 11.57 -12.71
N HIS A 44 1.90 10.39 -12.27
CA HIS A 44 2.11 9.18 -13.12
C HIS A 44 1.12 8.08 -12.73
N VAL A 45 -0.08 8.15 -13.21
CA VAL A 45 -1.09 7.11 -12.86
C VAL A 45 -1.55 6.37 -14.12
N GLY A 46 -1.38 6.98 -15.26
CA GLY A 46 -1.81 6.31 -16.53
C GLY A 46 -0.58 5.82 -17.29
N GLN A 47 0.45 5.44 -16.58
CA GLN A 47 1.68 4.95 -17.27
C GLN A 47 2.59 4.22 -16.28
N SER A 48 3.88 4.40 -16.39
CA SER A 48 4.81 3.73 -15.44
C SER A 48 4.80 2.21 -15.70
N PRO A 49 5.89 1.72 -16.22
CA PRO A 49 6.02 0.27 -16.51
C PRO A 49 6.10 -0.53 -15.22
N ASP A 50 5.05 -1.24 -14.89
CA ASP A 50 5.07 -2.05 -13.63
C ASP A 50 5.50 -3.49 -13.94
N THR A 51 6.17 -3.70 -15.04
CA THR A 51 6.63 -5.07 -15.39
C THR A 51 7.75 -5.46 -14.43
N ARG A 52 8.47 -4.49 -13.94
CA ARG A 52 9.58 -4.79 -13.00
C ARG A 52 8.98 -5.16 -11.64
N SER A 53 8.00 -4.42 -11.19
CA SER A 53 7.36 -4.71 -9.89
C SER A 53 6.69 -6.08 -9.95
N GLN A 54 5.82 -6.29 -10.89
CA GLN A 54 5.15 -7.61 -11.00
C GLN A 54 6.20 -8.70 -11.25
N LYS A 55 7.17 -8.40 -12.07
CA LYS A 55 8.24 -9.40 -12.35
C LYS A 55 8.90 -9.84 -11.04
N VAL A 56 9.66 -8.97 -10.44
CA VAL A 56 10.33 -9.34 -9.16
C VAL A 56 9.29 -9.93 -8.20
N CYS A 57 8.09 -9.44 -8.26
CA CYS A 57 7.04 -9.98 -7.35
C CYS A 57 6.92 -11.49 -7.55
N LYS A 58 6.74 -11.93 -8.76
CA LYS A 58 6.63 -13.39 -9.02
C LYS A 58 8.00 -14.05 -8.80
N SER A 59 9.05 -13.28 -8.92
CA SER A 59 10.42 -13.85 -8.71
C SER A 59 10.74 -13.89 -7.22
N ASN A 60 9.95 -13.24 -6.41
CA ASN A 60 10.20 -13.24 -4.94
C ASN A 60 9.10 -14.03 -4.24
N GLY A 61 7.92 -14.01 -4.79
CA GLY A 61 6.80 -14.76 -4.17
C GLY A 61 5.58 -13.86 -4.01
N VAL A 62 4.91 -13.55 -5.09
CA VAL A 62 3.71 -12.67 -5.01
C VAL A 62 3.21 -12.33 -6.41
N ASP A 63 1.92 -12.37 -6.61
CA ASP A 63 1.37 -12.04 -7.95
C ASP A 63 0.43 -10.83 -7.87
N ILE A 64 0.53 -9.93 -8.81
CA ILE A 64 -0.35 -8.72 -8.77
C ILE A 64 -1.20 -8.66 -10.05
N SER A 65 -0.65 -9.08 -11.15
CA SER A 65 -1.43 -9.04 -12.43
C SER A 65 -1.97 -7.62 -12.67
N LYS A 66 -1.29 -6.85 -13.48
CA LYS A 66 -1.77 -5.47 -13.76
C LYS A 66 -1.84 -4.66 -12.46
N GLN A 67 -1.56 -3.39 -12.52
CA GLN A 67 -1.61 -2.55 -11.30
C GLN A 67 -2.83 -1.61 -11.35
N ARG A 68 -2.98 -0.87 -12.40
CA ARG A 68 -4.15 0.05 -12.50
C ARG A 68 -4.13 1.05 -11.34
N ALA A 69 -3.17 1.93 -11.33
CA ALA A 69 -3.10 2.93 -10.23
C ALA A 69 -4.41 3.74 -10.16
N ARG A 70 -4.75 4.24 -9.00
CA ARG A 70 -6.01 5.03 -8.87
C ARG A 70 -5.76 6.27 -8.01
N GLN A 71 -6.81 6.88 -7.53
CA GLN A 71 -6.64 8.10 -6.67
C GLN A 71 -7.52 7.98 -5.42
N ILE A 72 -6.93 8.16 -4.27
CA ILE A 72 -7.73 8.07 -3.01
C ILE A 72 -8.99 8.93 -3.11
N THR A 73 -9.97 8.67 -2.30
CA THR A 73 -11.23 9.47 -2.36
C THR A 73 -11.57 10.00 -0.97
N LYS A 74 -12.52 10.89 -0.88
CA LYS A 74 -12.90 11.45 0.45
C LYS A 74 -13.67 10.41 1.26
N ALA A 75 -13.91 9.26 0.69
CA ALA A 75 -14.66 8.20 1.44
C ALA A 75 -13.70 7.14 1.97
N ASP A 76 -12.45 7.20 1.57
CA ASP A 76 -11.46 6.19 2.06
C ASP A 76 -11.58 6.02 3.57
N PHE A 77 -11.83 7.09 4.28
CA PHE A 77 -11.95 6.99 5.76
C PHE A 77 -13.23 6.23 6.14
N SER A 78 -14.15 6.11 5.21
CA SER A 78 -15.41 5.38 5.51
C SER A 78 -15.60 4.23 4.53
N LYS A 79 -14.58 3.88 3.79
CA LYS A 79 -14.71 2.76 2.82
C LYS A 79 -14.23 1.45 3.45
N PHE A 80 -13.39 1.53 4.45
CA PHE A 80 -12.89 0.29 5.11
C PHE A 80 -12.65 0.56 6.61
N ASP A 81 -11.60 0.01 7.16
CA ASP A 81 -11.33 0.24 8.60
C ASP A 81 -9.84 0.51 8.84
N VAL A 82 -8.98 0.08 7.96
CA VAL A 82 -7.53 0.34 8.16
C VAL A 82 -6.99 1.30 7.10
N ILE A 83 -6.15 2.22 7.50
CA ILE A 83 -5.58 3.19 6.52
C ILE A 83 -4.15 3.55 6.91
N ALA A 84 -3.24 3.55 5.98
CA ALA A 84 -1.83 3.89 6.33
C ALA A 84 -1.04 4.26 5.06
N ALA A 85 0.09 4.90 5.23
CA ALA A 85 0.90 5.29 4.05
C ALA A 85 2.34 4.77 4.21
N LEU A 86 3.06 4.66 3.13
CA LEU A 86 4.46 4.17 3.22
C LEU A 86 5.42 5.33 3.54
N ASP A 87 5.16 6.49 2.99
CA ASP A 87 6.05 7.65 3.27
C ASP A 87 5.40 8.57 4.29
N GLN A 88 6.04 9.68 4.58
CA GLN A 88 5.45 10.64 5.57
C GLN A 88 4.59 11.69 4.87
N SER A 89 5.01 12.14 3.73
CA SER A 89 4.23 13.17 2.99
C SER A 89 2.73 12.81 3.02
N ILE A 90 2.42 11.55 2.87
CA ILE A 90 0.98 11.13 2.89
C ILE A 90 0.39 11.37 4.29
N LEU A 91 1.15 11.09 5.32
CA LEU A 91 0.63 11.31 6.71
C LEU A 91 0.46 12.81 6.98
N SER A 92 1.29 13.62 6.39
CA SER A 92 1.17 15.09 6.62
C SER A 92 0.06 15.67 5.73
N ASP A 93 -0.17 15.09 4.59
CA ASP A 93 -1.24 15.61 3.68
C ASP A 93 -2.59 14.97 4.04
N ILE A 94 -2.64 13.66 4.04
CA ILE A 94 -3.93 12.97 4.37
C ILE A 94 -4.56 13.60 5.62
N ASN A 95 -3.77 13.93 6.60
CA ASN A 95 -4.32 14.54 7.83
C ASN A 95 -4.78 15.98 7.57
N SER A 96 -4.47 16.49 6.41
CA SER A 96 -4.89 17.89 6.08
C SER A 96 -6.17 17.87 5.26
N MET A 97 -6.69 16.71 4.97
CA MET A 97 -7.95 16.63 4.18
C MET A 97 -9.02 15.86 4.95
N LYS A 98 -8.64 15.23 6.02
CA LYS A 98 -9.63 14.46 6.82
C LYS A 98 -10.70 15.41 7.40
N PRO A 99 -11.90 14.91 7.44
CA PRO A 99 -13.03 15.70 7.97
C PRO A 99 -12.94 15.83 9.49
N SER A 100 -14.03 16.13 10.15
CA SER A 100 -13.99 16.27 11.63
C SER A 100 -14.66 15.06 12.28
N ASN A 101 -14.62 13.93 11.64
CA ASN A 101 -15.25 12.71 12.23
C ASN A 101 -15.04 11.51 11.31
N CYS A 102 -14.50 10.44 11.82
CA CYS A 102 -14.27 9.23 10.97
C CYS A 102 -14.37 7.96 11.81
N ARG A 103 -13.84 6.87 11.33
CA ARG A 103 -13.90 5.60 12.10
C ARG A 103 -12.86 4.61 11.58
N ALA A 104 -11.83 5.09 10.94
CA ALA A 104 -10.78 4.17 10.41
C ALA A 104 -9.53 4.24 11.27
N LYS A 105 -8.38 3.98 10.69
CA LYS A 105 -7.12 4.04 11.48
C LYS A 105 -5.96 4.47 10.59
N VAL A 106 -5.43 5.65 10.79
CA VAL A 106 -4.30 6.12 9.95
C VAL A 106 -2.97 5.65 10.55
N VAL A 107 -2.17 4.98 9.77
CA VAL A 107 -0.86 4.49 10.29
C VAL A 107 0.25 4.78 9.28
N LEU A 108 1.48 4.81 9.72
CA LEU A 108 2.61 5.08 8.78
C LEU A 108 3.58 3.89 8.77
N PHE A 109 3.58 3.14 7.70
CA PHE A 109 4.50 1.96 7.62
C PHE A 109 5.94 2.40 7.87
N ASN A 110 6.89 1.53 7.65
CA ASN A 110 8.31 1.89 7.88
C ASN A 110 8.59 3.30 7.34
N PRO A 111 9.72 3.83 7.72
CA PRO A 111 10.11 5.19 7.27
C PRO A 111 10.57 5.15 5.82
N PRO A 112 10.85 6.31 5.29
CA PRO A 112 11.31 6.40 3.88
C PRO A 112 12.74 5.88 3.75
N ASN A 113 12.98 4.67 4.18
CA ASN A 113 14.36 4.11 4.07
C ASN A 113 14.34 2.83 3.24
N GLY A 114 13.25 2.11 3.25
CA GLY A 114 13.17 0.85 2.46
C GLY A 114 12.25 1.07 1.25
N VAL A 115 10.99 0.76 1.38
CA VAL A 115 10.05 0.94 0.24
C VAL A 115 10.34 2.27 -0.48
N ASP A 116 10.50 2.22 -1.77
CA ASP A 116 10.80 3.47 -2.54
C ASP A 116 10.40 3.29 -4.00
N ASP A 117 11.07 2.42 -4.71
CA ASP A 117 10.73 2.20 -6.14
C ASP A 117 10.94 3.50 -6.94
N PRO A 118 12.17 3.72 -7.32
CA PRO A 118 12.52 4.94 -8.09
C PRO A 118 12.02 4.82 -9.54
N TYR A 119 12.20 5.85 -10.32
CA TYR A 119 11.72 5.79 -11.74
C TYR A 119 12.90 5.94 -12.70
N TYR A 120 14.09 5.63 -12.25
CA TYR A 120 15.27 5.77 -13.14
C TYR A 120 16.10 4.48 -13.13
N SER A 121 16.17 3.81 -12.01
CA SER A 121 16.95 2.55 -11.94
C SER A 121 16.03 1.36 -11.71
N SER A 122 16.47 0.37 -10.98
CA SER A 122 15.61 -0.82 -10.71
C SER A 122 16.01 -1.49 -9.41
N ASP A 123 16.03 -0.74 -8.34
CA ASP A 123 16.43 -1.33 -7.02
C ASP A 123 15.32 -1.10 -5.98
N GLY A 124 14.32 -0.34 -6.34
CA GLY A 124 13.21 -0.08 -5.37
C GLY A 124 12.09 -1.09 -5.60
N PHE A 125 12.02 -1.68 -6.77
CA PHE A 125 10.95 -2.67 -7.03
C PHE A 125 10.97 -3.79 -5.97
N PRO A 126 12.14 -4.33 -5.76
CA PRO A 126 12.30 -5.42 -4.76
C PRO A 126 12.21 -4.85 -3.34
N THR A 127 12.70 -3.67 -3.13
CA THR A 127 12.64 -3.06 -1.76
C THR A 127 11.18 -2.85 -1.36
N MET A 128 10.41 -2.21 -2.19
CA MET A 128 8.98 -1.97 -1.85
C MET A 128 8.37 -3.26 -1.29
N PHE A 129 8.46 -4.33 -2.02
CA PHE A 129 7.89 -5.62 -1.54
C PHE A 129 8.71 -6.12 -0.35
N ALA A 130 9.99 -5.87 -0.35
CA ALA A 130 10.84 -6.32 0.78
C ALA A 130 10.31 -5.78 2.10
N SER A 131 9.78 -4.58 2.09
CA SER A 131 9.23 -4.00 3.34
C SER A 131 7.78 -4.45 3.51
N ILE A 132 7.03 -4.41 2.45
CA ILE A 132 5.61 -4.84 2.54
C ILE A 132 5.55 -6.29 3.03
N SER A 133 6.61 -7.04 2.85
CA SER A 133 6.62 -8.45 3.32
C SER A 133 7.35 -8.55 4.66
N LYS A 134 8.46 -7.87 4.79
CA LYS A 134 9.22 -7.94 6.08
C LYS A 134 8.51 -7.10 7.15
N GLU A 135 7.47 -6.39 6.78
CA GLU A 135 6.75 -5.56 7.79
C GLU A 135 5.25 -5.85 7.72
N MET A 136 4.89 -7.07 7.45
CA MET A 136 3.44 -7.42 7.36
C MET A 136 3.08 -8.43 8.46
N LYS A 137 4.06 -9.00 9.10
CA LYS A 137 3.78 -9.99 10.18
C LYS A 137 3.46 -9.26 11.48
N PRO A 138 4.29 -8.31 11.80
CA PRO A 138 4.10 -7.53 13.05
C PRO A 138 3.01 -6.47 12.85
N PHE A 139 2.42 -6.42 11.69
CA PHE A 139 1.35 -5.41 11.44
C PHE A 139 -0.02 -6.10 11.35
N LEU A 140 -0.31 -6.75 10.25
CA LEU A 140 -1.63 -7.43 10.12
C LEU A 140 -1.89 -8.33 11.32
N THR A 141 -0.85 -8.78 11.99
CA THR A 141 -1.05 -9.67 13.17
C THR A 141 -1.38 -8.85 14.41
N GLU A 142 -0.87 -7.64 14.49
CA GLU A 142 -1.16 -6.80 15.69
C GLU A 142 -2.18 -5.70 15.34
N HIS A 143 -2.41 -5.47 14.08
CA HIS A 143 -3.40 -4.43 13.68
C HIS A 143 -4.82 -4.99 13.69
N GLY A 144 -5.13 -5.81 14.66
CA GLY A 144 -6.50 -6.39 14.73
C GLY A 144 -6.74 -7.27 13.50
N LEU A 145 -5.95 -8.31 13.33
CA LEU A 145 -6.15 -9.20 12.16
C LEU A 145 -5.41 -10.52 12.37
N ILE A 146 -5.35 -10.97 13.59
CA ILE A 146 -4.64 -12.25 13.87
C ILE A 146 -5.58 -13.24 14.57
N ALA A 1 -12.29 -11.76 19.53
CA ALA A 1 -13.22 -11.43 18.41
C ALA A 1 -12.41 -11.18 17.13
N ALA A 2 -12.26 -12.18 16.31
CA ALA A 2 -11.48 -12.00 15.04
C ALA A 2 -12.39 -11.44 13.95
N GLU A 3 -11.90 -10.51 13.17
CA GLU A 3 -12.73 -9.92 12.08
C GLU A 3 -11.84 -9.41 10.95
N LYS A 4 -12.32 -9.44 9.74
CA LYS A 4 -11.50 -8.94 8.61
C LYS A 4 -11.63 -7.42 8.52
N LYS A 5 -10.63 -6.76 8.06
CA LYS A 5 -10.71 -5.27 7.97
C LYS A 5 -10.30 -4.79 6.57
N ALA A 6 -9.86 -3.56 6.49
CA ALA A 6 -9.45 -2.99 5.17
C ALA A 6 -8.30 -2.00 5.33
N VAL A 7 -7.17 -2.30 4.76
CA VAL A 7 -6.00 -1.38 4.86
C VAL A 7 -5.76 -0.70 3.51
N LEU A 8 -5.71 0.60 3.49
CA LEU A 8 -5.49 1.33 2.20
C LEU A 8 -4.02 1.70 2.04
N PHE A 9 -3.20 0.78 1.61
CA PHE A 9 -1.75 1.11 1.42
C PHE A 9 -1.61 2.19 0.36
N VAL A 10 -0.81 3.20 0.61
CA VAL A 10 -0.65 4.28 -0.40
C VAL A 10 0.69 5.01 -0.20
N CYS A 11 1.09 5.80 -1.16
CA CYS A 11 2.38 6.53 -1.03
C CYS A 11 2.27 7.89 -1.74
N LEU A 12 2.75 7.98 -2.95
CA LEU A 12 2.68 9.28 -3.68
C LEU A 12 2.30 9.04 -5.15
N GLY A 13 1.03 8.96 -5.44
CA GLY A 13 0.60 8.72 -6.85
C GLY A 13 0.60 7.22 -7.13
N ASN A 14 1.17 6.43 -6.25
CA ASN A 14 1.21 4.95 -6.45
C ASN A 14 2.25 4.61 -7.51
N ILE A 15 2.21 3.42 -8.04
CA ILE A 15 3.20 3.04 -9.09
C ILE A 15 4.62 3.17 -8.53
N CYS A 16 4.75 3.31 -7.25
CA CYS A 16 6.12 3.45 -6.64
C CYS A 16 6.02 3.48 -5.12
N ARG A 17 7.14 3.50 -4.45
CA ARG A 17 7.12 3.51 -2.97
C ARG A 17 6.65 2.16 -2.43
N SER A 18 5.50 1.70 -2.83
CA SER A 18 4.99 0.38 -2.35
C SER A 18 3.68 0.02 -3.05
N PRO A 19 3.73 0.02 -4.36
CA PRO A 19 2.53 -0.32 -5.15
C PRO A 19 2.29 -1.84 -5.13
N ALA A 20 3.14 -2.57 -4.47
CA ALA A 20 2.98 -4.04 -4.41
C ALA A 20 2.34 -4.46 -3.09
N CYS A 21 1.91 -3.51 -2.30
CA CYS A 21 1.27 -3.85 -1.00
C CYS A 21 0.04 -4.71 -1.25
N GLU A 22 -0.68 -4.41 -2.29
CA GLU A 22 -1.89 -5.19 -2.64
C GLU A 22 -1.50 -6.63 -3.00
N GLY A 23 -0.54 -6.78 -3.88
CA GLY A 23 -0.10 -8.15 -4.27
C GLY A 23 0.48 -8.86 -3.05
N ILE A 24 1.50 -8.30 -2.46
CA ILE A 24 2.10 -8.96 -1.26
C ILE A 24 1.02 -9.21 -0.20
N CYS A 25 0.01 -8.39 -0.17
CA CYS A 25 -1.07 -8.57 0.85
C CYS A 25 -1.87 -9.83 0.54
N ARG A 26 -2.49 -9.88 -0.61
CA ARG A 26 -3.30 -11.08 -0.98
C ARG A 26 -2.41 -12.33 -1.03
N ASP A 27 -1.16 -12.16 -1.34
CA ASP A 27 -0.25 -13.35 -1.41
C ASP A 27 0.21 -13.73 0.00
N MET A 28 0.75 -12.79 0.73
CA MET A 28 1.22 -13.09 2.11
C MET A 28 0.07 -13.70 2.93
N VAL A 29 -1.11 -13.20 2.76
CA VAL A 29 -2.26 -13.73 3.54
C VAL A 29 -2.84 -14.98 2.85
N GLY A 30 -2.90 -14.97 1.54
CA GLY A 30 -3.44 -16.15 0.80
C GLY A 30 -4.84 -15.81 0.27
N ASP A 31 -5.77 -15.57 1.15
CA ASP A 31 -7.15 -15.24 0.68
C ASP A 31 -7.91 -14.49 1.77
N LYS A 32 -7.33 -13.46 2.32
CA LYS A 32 -8.01 -12.68 3.39
C LYS A 32 -8.74 -11.47 2.79
N LEU A 33 -8.57 -10.32 3.38
CA LEU A 33 -9.25 -9.11 2.83
C LEU A 33 -8.41 -7.86 3.10
N ILE A 34 -8.97 -6.91 3.81
CA ILE A 34 -8.23 -5.65 4.13
C ILE A 34 -7.30 -5.24 2.98
N ILE A 35 -7.65 -5.56 1.76
CA ILE A 35 -6.77 -5.17 0.62
C ILE A 35 -7.26 -3.86 0.00
N ASP A 36 -6.68 -2.75 0.37
CA ASP A 36 -7.12 -1.45 -0.20
C ASP A 36 -5.88 -0.62 -0.56
N SER A 37 -5.94 0.13 -1.63
CA SER A 37 -4.77 0.95 -2.03
C SER A 37 -5.21 2.35 -2.47
N ALA A 38 -4.37 3.33 -2.31
CA ALA A 38 -4.74 4.71 -2.72
C ALA A 38 -3.51 5.47 -3.23
N ALA A 39 -3.65 6.74 -3.49
CA ALA A 39 -2.50 7.54 -3.99
C ALA A 39 -2.84 9.03 -3.97
N THR A 40 -2.38 9.74 -2.98
CA THR A 40 -2.68 11.21 -2.92
C THR A 40 -2.25 11.89 -4.22
N SER A 41 -0.98 11.96 -4.47
CA SER A 41 -0.50 12.63 -5.71
C SER A 41 -0.97 11.85 -6.94
N GLY A 42 -0.59 12.27 -8.11
CA GLY A 42 -1.02 11.55 -9.35
C GLY A 42 -0.03 11.84 -10.48
N PHE A 43 1.23 11.95 -10.16
CA PHE A 43 2.25 12.24 -11.23
C PHE A 43 2.57 10.96 -12.01
N HIS A 44 2.51 9.82 -11.35
CA HIS A 44 2.82 8.55 -12.06
C HIS A 44 1.58 7.65 -12.09
N VAL A 45 0.59 8.02 -12.86
CA VAL A 45 -0.65 7.18 -12.93
C VAL A 45 -1.14 7.07 -14.37
N GLY A 46 -1.63 5.93 -14.76
CA GLY A 46 -2.13 5.76 -16.16
C GLY A 46 -0.96 5.35 -17.06
N GLN A 47 0.04 4.74 -16.51
CA GLN A 47 1.21 4.31 -17.34
C GLN A 47 2.22 3.54 -16.48
N SER A 48 3.49 3.75 -16.71
CA SER A 48 4.51 3.03 -15.91
C SER A 48 4.34 1.51 -16.08
N PRO A 49 5.27 0.93 -16.80
CA PRO A 49 5.24 -0.53 -17.04
C PRO A 49 5.53 -1.30 -15.75
N ASP A 50 4.52 -1.81 -15.10
CA ASP A 50 4.74 -2.56 -13.84
C ASP A 50 5.01 -4.04 -14.15
N THR A 51 5.53 -4.33 -15.31
CA THR A 51 5.81 -5.75 -15.67
C THR A 51 7.05 -6.21 -14.91
N ARG A 52 7.93 -5.30 -14.59
CA ARG A 52 9.15 -5.67 -13.84
C ARG A 52 8.79 -5.96 -12.38
N SER A 53 8.09 -5.06 -11.74
CA SER A 53 7.70 -5.28 -10.32
C SER A 53 6.76 -6.50 -10.24
N GLN A 54 5.78 -6.56 -11.11
CA GLN A 54 4.85 -7.72 -11.08
C GLN A 54 5.63 -9.00 -11.38
N LYS A 55 6.52 -8.95 -12.34
CA LYS A 55 7.32 -10.16 -12.67
C LYS A 55 8.09 -10.63 -11.44
N VAL A 56 9.03 -9.86 -10.99
CA VAL A 56 9.81 -10.26 -9.78
C VAL A 56 8.83 -10.64 -8.66
N CYS A 57 7.71 -9.97 -8.60
CA CYS A 57 6.71 -10.29 -7.55
C CYS A 57 6.33 -11.77 -7.63
N LYS A 58 5.89 -12.21 -8.78
CA LYS A 58 5.52 -13.64 -8.93
C LYS A 58 6.76 -14.52 -8.75
N SER A 59 7.91 -14.00 -9.09
CA SER A 59 9.16 -14.79 -8.92
C SER A 59 9.60 -14.78 -7.46
N ASN A 60 9.05 -13.90 -6.68
CA ASN A 60 9.43 -13.84 -5.24
C ASN A 60 8.24 -14.29 -4.38
N GLY A 61 7.05 -13.97 -4.82
CA GLY A 61 5.85 -14.39 -4.04
C GLY A 61 4.95 -13.18 -3.78
N VAL A 62 4.10 -12.84 -4.70
CA VAL A 62 3.20 -11.67 -4.51
C VAL A 62 2.50 -11.31 -5.82
N ASP A 63 1.46 -12.03 -6.17
CA ASP A 63 0.74 -11.74 -7.45
C ASP A 63 0.19 -10.31 -7.43
N ILE A 64 -0.04 -9.75 -8.58
CA ILE A 64 -0.58 -8.36 -8.64
C ILE A 64 -1.48 -8.18 -9.87
N SER A 65 -0.92 -8.29 -11.04
CA SER A 65 -1.73 -8.14 -12.28
C SER A 65 -2.24 -6.70 -12.40
N LYS A 66 -1.57 -5.89 -13.16
CA LYS A 66 -2.01 -4.48 -13.33
C LYS A 66 -2.07 -3.77 -11.97
N GLN A 67 -1.90 -2.48 -11.95
CA GLN A 67 -1.95 -1.74 -10.66
C GLN A 67 -3.27 -0.97 -10.55
N ARG A 68 -3.24 0.18 -9.94
CA ARG A 68 -4.49 0.99 -9.80
C ARG A 68 -4.18 2.34 -9.14
N ALA A 69 -3.51 3.21 -9.85
CA ALA A 69 -3.18 4.54 -9.27
C ALA A 69 -4.24 5.57 -9.66
N ARG A 70 -4.62 6.42 -8.75
CA ARG A 70 -5.66 7.44 -9.06
C ARG A 70 -5.78 8.44 -7.91
N GLN A 71 -6.57 9.46 -8.08
CA GLN A 71 -6.73 10.47 -6.99
C GLN A 71 -7.61 9.91 -5.87
N ILE A 72 -7.03 9.57 -4.75
CA ILE A 72 -7.83 9.03 -3.63
C ILE A 72 -9.08 9.87 -3.41
N THR A 73 -10.09 9.32 -2.79
CA THR A 73 -11.34 10.11 -2.54
C THR A 73 -11.79 9.94 -1.09
N LYS A 74 -12.60 10.85 -0.61
CA LYS A 74 -13.08 10.74 0.80
C LYS A 74 -13.74 9.38 1.04
N ALA A 75 -14.14 8.72 -0.02
CA ALA A 75 -14.80 7.39 0.14
C ALA A 75 -13.81 6.39 0.75
N ASP A 76 -12.55 6.72 0.79
CA ASP A 76 -11.54 5.79 1.36
C ASP A 76 -11.67 5.74 2.88
N PHE A 77 -12.36 6.69 3.46
CA PHE A 77 -12.52 6.70 4.94
C PHE A 77 -13.65 5.75 5.36
N SER A 78 -14.38 5.24 4.41
CA SER A 78 -15.50 4.31 4.76
C SER A 78 -15.24 2.93 4.14
N LYS A 79 -14.90 2.88 2.88
CA LYS A 79 -14.63 1.56 2.24
C LYS A 79 -13.63 0.76 3.06
N PHE A 80 -12.79 1.42 3.80
CA PHE A 80 -11.78 0.69 4.63
C PHE A 80 -11.73 1.28 6.05
N ASP A 81 -11.28 0.51 6.99
CA ASP A 81 -11.21 1.02 8.40
C ASP A 81 -9.77 1.37 8.77
N VAL A 82 -8.83 1.02 7.93
CA VAL A 82 -7.40 1.33 8.23
C VAL A 82 -6.68 1.81 6.97
N ILE A 83 -5.80 2.76 7.11
CA ILE A 83 -5.06 3.29 5.92
C ILE A 83 -3.56 3.17 6.15
N ALA A 84 -2.82 2.86 5.12
CA ALA A 84 -1.34 2.73 5.29
C ALA A 84 -0.61 3.82 4.48
N ALA A 85 0.15 4.65 5.14
CA ALA A 85 0.88 5.72 4.42
C ALA A 85 2.39 5.44 4.44
N LEU A 86 2.97 5.18 3.31
CA LEU A 86 4.44 4.89 3.26
C LEU A 86 5.21 6.00 3.99
N ASP A 87 5.47 7.08 3.31
CA ASP A 87 6.23 8.19 3.96
C ASP A 87 5.35 8.91 4.98
N GLN A 88 5.86 9.91 5.63
CA GLN A 88 5.05 10.65 6.64
C GLN A 88 4.19 11.71 5.96
N SER A 89 4.76 12.46 5.05
CA SER A 89 3.97 13.51 4.35
C SER A 89 2.62 12.95 3.92
N ILE A 90 2.61 11.83 3.25
CA ILE A 90 1.33 11.23 2.81
C ILE A 90 0.37 11.08 4.00
N LEU A 91 0.85 10.57 5.10
CA LEU A 91 -0.03 10.41 6.28
C LEU A 91 -0.59 11.76 6.71
N SER A 92 0.26 12.74 6.90
CA SER A 92 -0.24 14.09 7.30
C SER A 92 -1.27 14.59 6.29
N ASP A 93 -0.90 14.62 5.04
CA ASP A 93 -1.86 15.10 4.00
C ASP A 93 -3.21 14.42 4.18
N ILE A 94 -3.25 13.12 4.10
CA ILE A 94 -4.53 12.40 4.26
C ILE A 94 -5.13 12.71 5.63
N ASN A 95 -4.34 12.64 6.66
CA ASN A 95 -4.87 12.94 8.02
C ASN A 95 -5.24 14.43 8.11
N SER A 96 -4.76 15.21 7.18
CA SER A 96 -5.08 16.67 7.21
C SER A 96 -6.46 16.91 6.60
N MET A 97 -6.88 16.07 5.69
CA MET A 97 -8.22 16.25 5.07
C MET A 97 -9.25 15.36 5.77
N LYS A 98 -8.83 14.24 6.28
CA LYS A 98 -9.78 13.34 6.98
C LYS A 98 -10.75 14.14 7.85
N PRO A 99 -11.96 13.68 7.91
CA PRO A 99 -13.01 14.35 8.72
C PRO A 99 -12.73 14.17 10.21
N SER A 100 -13.54 14.75 11.06
CA SER A 100 -13.32 14.61 12.52
C SER A 100 -14.24 13.52 13.09
N ASN A 101 -14.70 12.63 12.26
CA ASN A 101 -15.60 11.55 12.74
C ASN A 101 -15.33 10.25 11.99
N CYS A 102 -16.35 9.54 11.60
CA CYS A 102 -16.15 8.26 10.85
C CYS A 102 -15.60 7.19 11.80
N ARG A 103 -15.29 6.04 11.28
CA ARG A 103 -14.74 4.95 12.15
C ARG A 103 -13.50 4.34 11.50
N ALA A 104 -12.70 5.14 10.84
CA ALA A 104 -11.48 4.59 10.19
C ALA A 104 -10.23 5.09 10.93
N LYS A 105 -9.07 4.83 10.38
CA LYS A 105 -7.82 5.28 11.05
C LYS A 105 -6.65 5.28 10.06
N VAL A 106 -5.74 6.20 10.20
CA VAL A 106 -4.58 6.24 9.25
C VAL A 106 -3.28 5.88 10.00
N VAL A 107 -2.54 4.93 9.50
CA VAL A 107 -1.27 4.54 10.18
C VAL A 107 -0.09 4.68 9.20
N LEU A 108 1.11 4.54 9.71
CA LEU A 108 2.31 4.67 8.83
C LEU A 108 2.82 3.29 8.43
N PHE A 109 3.41 3.18 7.28
CA PHE A 109 3.94 1.85 6.83
C PHE A 109 5.43 1.97 6.48
N ASN A 110 6.29 1.60 7.39
CA ASN A 110 7.75 1.69 7.11
C ASN A 110 8.15 3.13 6.81
N PRO A 111 9.34 3.48 7.23
CA PRO A 111 9.85 4.86 6.99
C PRO A 111 10.27 5.02 5.53
N PRO A 112 10.68 6.22 5.19
CA PRO A 112 11.12 6.51 3.81
C PRO A 112 12.47 5.84 3.52
N ASN A 113 12.99 5.10 4.45
CA ASN A 113 14.30 4.43 4.22
C ASN A 113 14.09 3.06 3.57
N GLY A 114 13.06 2.36 3.97
CA GLY A 114 12.79 1.02 3.37
C GLY A 114 12.14 1.19 2.01
N VAL A 115 10.88 1.51 1.97
CA VAL A 115 10.18 1.70 0.67
C VAL A 115 10.87 2.80 -0.14
N ASP A 116 10.13 3.48 -0.97
CA ASP A 116 10.75 4.57 -1.79
C ASP A 116 11.78 3.99 -2.75
N ASP A 117 11.77 4.41 -3.98
CA ASP A 117 12.77 3.88 -4.97
C ASP A 117 12.71 4.70 -6.26
N PRO A 118 13.79 4.65 -6.99
CA PRO A 118 13.88 5.38 -8.28
C PRO A 118 13.02 4.71 -9.35
N TYR A 119 12.82 3.42 -9.24
CA TYR A 119 11.99 2.70 -10.24
C TYR A 119 12.55 2.92 -11.65
N TYR A 120 13.85 3.01 -11.78
CA TYR A 120 14.46 3.23 -13.11
C TYR A 120 15.21 1.98 -13.58
N SER A 121 15.78 1.25 -12.66
CA SER A 121 16.53 0.02 -13.04
C SER A 121 15.94 -1.21 -12.31
N SER A 122 16.40 -1.47 -11.12
CA SER A 122 15.86 -2.64 -10.37
C SER A 122 16.04 -2.43 -8.86
N ASP A 123 16.23 -1.21 -8.45
CA ASP A 123 16.39 -0.93 -6.99
C ASP A 123 15.03 -0.84 -6.31
N GLY A 124 13.98 -1.09 -7.03
CA GLY A 124 12.62 -1.01 -6.41
C GLY A 124 12.07 -2.41 -6.20
N PHE A 125 12.18 -3.27 -7.19
CA PHE A 125 11.67 -4.66 -7.03
C PHE A 125 12.18 -5.29 -5.72
N PRO A 126 13.45 -5.12 -5.48
CA PRO A 126 14.06 -5.68 -4.24
C PRO A 126 13.62 -4.86 -3.02
N THR A 127 13.79 -3.57 -3.07
CA THR A 127 13.39 -2.72 -1.92
C THR A 127 11.86 -2.70 -1.77
N MET A 128 11.16 -2.31 -2.80
CA MET A 128 9.67 -2.29 -2.73
C MET A 128 9.16 -3.53 -2.00
N PHE A 129 9.29 -4.68 -2.59
CA PHE A 129 8.81 -5.93 -1.92
C PHE A 129 9.51 -6.11 -0.57
N ALA A 130 10.79 -5.90 -0.52
CA ALA A 130 11.53 -6.06 0.76
C ALA A 130 10.74 -5.40 1.90
N SER A 131 10.57 -4.10 1.84
CA SER A 131 9.81 -3.39 2.92
C SER A 131 8.36 -3.88 2.92
N ILE A 132 7.76 -3.98 1.77
CA ILE A 132 6.34 -4.45 1.72
C ILE A 132 6.13 -5.60 2.70
N SER A 133 6.91 -6.65 2.57
CA SER A 133 6.76 -7.81 3.49
C SER A 133 7.34 -7.47 4.86
N LYS A 134 8.52 -6.91 4.91
CA LYS A 134 9.14 -6.56 6.21
C LYS A 134 8.12 -5.81 7.09
N GLU A 135 7.14 -5.20 6.48
CA GLU A 135 6.12 -4.46 7.28
C GLU A 135 4.72 -4.96 6.93
N MET A 136 4.60 -6.22 6.59
CA MET A 136 3.27 -6.78 6.24
C MET A 136 2.85 -7.84 7.26
N LYS A 137 3.80 -8.41 7.94
CA LYS A 137 3.45 -9.45 8.95
C LYS A 137 3.15 -8.81 10.30
N PRO A 138 4.07 -7.99 10.75
CA PRO A 138 3.92 -7.31 12.05
C PRO A 138 2.94 -6.12 11.92
N PHE A 139 2.34 -5.96 10.77
CA PHE A 139 1.40 -4.83 10.58
C PHE A 139 -0.03 -5.26 10.88
N LEU A 140 -0.65 -5.99 9.97
CA LEU A 140 -2.05 -6.44 10.20
C LEU A 140 -2.11 -7.42 11.37
N THR A 141 -1.07 -8.19 11.58
CA THR A 141 -1.07 -9.16 12.71
C THR A 141 -1.35 -8.44 14.03
N GLU A 142 -0.91 -7.23 14.16
CA GLU A 142 -1.15 -6.48 15.44
C GLU A 142 -2.24 -5.43 15.21
N HIS A 143 -2.28 -4.84 14.05
CA HIS A 143 -3.32 -3.80 13.78
C HIS A 143 -4.68 -4.26 14.31
N GLY A 144 -4.89 -5.55 14.35
CA GLY A 144 -6.20 -6.08 14.85
C GLY A 144 -6.79 -7.04 13.82
N LEU A 145 -6.17 -8.17 13.62
CA LEU A 145 -6.70 -9.15 12.62
C LEU A 145 -6.22 -10.56 12.96
N ILE A 146 -4.93 -10.75 13.08
CA ILE A 146 -4.40 -12.10 13.40
C ILE A 146 -3.23 -11.99 14.39
N ALA A 1 -9.10 -12.48 14.15
CA ALA A 1 -10.18 -12.29 15.15
C ALA A 1 -11.46 -13.00 14.69
N ALA A 2 -12.06 -12.54 13.62
CA ALA A 2 -13.30 -13.18 13.13
C ALA A 2 -13.64 -12.68 11.72
N GLU A 3 -13.45 -11.42 11.47
CA GLU A 3 -13.75 -10.87 10.11
C GLU A 3 -12.51 -10.21 9.52
N LYS A 4 -12.46 -10.08 8.22
CA LYS A 4 -11.28 -9.43 7.58
C LYS A 4 -11.39 -7.91 7.75
N LYS A 5 -10.62 -7.17 7.00
CA LYS A 5 -10.69 -5.69 7.13
C LYS A 5 -10.21 -5.01 5.85
N ALA A 6 -9.85 -3.75 5.94
CA ALA A 6 -9.39 -3.02 4.73
C ALA A 6 -8.29 -2.02 5.09
N VAL A 7 -7.13 -2.16 4.47
CA VAL A 7 -6.02 -1.22 4.75
C VAL A 7 -5.74 -0.36 3.51
N LEU A 8 -5.70 0.93 3.67
CA LEU A 8 -5.43 1.82 2.49
C LEU A 8 -3.93 2.00 2.28
N PHE A 9 -3.31 1.10 1.58
CA PHE A 9 -1.84 1.23 1.33
C PHE A 9 -1.59 2.30 0.27
N VAL A 10 -1.22 3.48 0.69
CA VAL A 10 -0.95 4.57 -0.30
C VAL A 10 0.48 5.07 -0.18
N CYS A 11 0.93 5.87 -1.12
CA CYS A 11 2.32 6.38 -1.07
C CYS A 11 2.42 7.71 -1.83
N LEU A 12 2.00 7.73 -3.07
CA LEU A 12 2.06 8.99 -3.85
C LEU A 12 1.59 8.75 -5.29
N GLY A 13 2.20 7.83 -5.99
CA GLY A 13 1.79 7.55 -7.38
C GLY A 13 0.97 6.26 -7.44
N ASN A 14 1.03 5.46 -6.42
CA ASN A 14 0.25 4.18 -6.42
C ASN A 14 0.83 3.22 -7.46
N ILE A 15 2.13 3.18 -7.59
CA ILE A 15 2.75 2.27 -8.58
C ILE A 15 3.58 1.20 -7.86
N CYS A 16 3.67 1.28 -6.55
CA CYS A 16 4.46 0.27 -5.79
C CYS A 16 3.70 -0.17 -4.54
N ARG A 17 2.43 -0.45 -4.67
CA ARG A 17 1.62 -0.87 -3.49
C ARG A 17 0.55 -1.87 -3.91
N SER A 18 -0.30 -1.49 -4.82
CA SER A 18 -1.38 -2.42 -5.28
C SER A 18 -0.79 -3.81 -5.52
N PRO A 19 0.19 -3.86 -6.38
CA PRO A 19 0.85 -5.15 -6.71
C PRO A 19 1.76 -5.59 -5.56
N ALA A 20 1.84 -4.81 -4.53
CA ALA A 20 2.71 -5.19 -3.38
C ALA A 20 1.86 -5.71 -2.22
N CYS A 21 0.79 -5.04 -1.91
CA CYS A 21 -0.08 -5.51 -0.79
C CYS A 21 -0.87 -6.74 -1.22
N GLU A 22 -1.33 -6.76 -2.44
CA GLU A 22 -2.11 -7.93 -2.94
C GLU A 22 -1.21 -9.15 -3.08
N GLY A 23 -0.05 -8.98 -3.66
CA GLY A 23 0.87 -10.13 -3.84
C GLY A 23 1.45 -10.53 -2.48
N ILE A 24 1.91 -9.57 -1.71
CA ILE A 24 2.49 -9.91 -0.38
C ILE A 24 1.43 -10.58 0.51
N CYS A 25 0.24 -10.06 0.52
CA CYS A 25 -0.83 -10.68 1.36
C CYS A 25 -1.24 -12.04 0.80
N ARG A 26 -1.34 -12.15 -0.49
CA ARG A 26 -1.73 -13.46 -1.10
C ARG A 26 -0.64 -14.50 -0.88
N ASP A 27 0.61 -14.09 -0.86
CA ASP A 27 1.71 -15.07 -0.66
C ASP A 27 1.94 -15.31 0.84
N MET A 28 2.04 -14.27 1.62
CA MET A 28 2.27 -14.45 3.09
C MET A 28 0.99 -14.92 3.78
N VAL A 29 -0.15 -14.68 3.19
CA VAL A 29 -1.42 -15.11 3.83
C VAL A 29 -2.18 -16.10 2.94
N GLY A 30 -1.95 -16.06 1.65
CA GLY A 30 -2.66 -16.99 0.74
C GLY A 30 -3.72 -16.22 -0.04
N ASP A 31 -4.67 -15.64 0.64
CA ASP A 31 -5.74 -14.87 -0.08
C ASP A 31 -6.70 -14.25 0.95
N LYS A 32 -6.47 -13.02 1.31
CA LYS A 32 -7.38 -12.35 2.30
C LYS A 32 -8.01 -11.10 1.67
N LEU A 33 -7.97 -9.99 2.34
CA LEU A 33 -8.58 -8.76 1.77
C LEU A 33 -7.83 -7.51 2.26
N ILE A 34 -8.51 -6.64 2.96
CA ILE A 34 -7.86 -5.40 3.46
C ILE A 34 -6.83 -4.86 2.47
N ILE A 35 -7.01 -5.09 1.20
CA ILE A 35 -6.03 -4.58 0.21
C ILE A 35 -6.59 -3.36 -0.53
N ASP A 36 -6.34 -2.19 -0.02
CA ASP A 36 -6.86 -0.96 -0.68
C ASP A 36 -5.70 -0.03 -1.04
N SER A 37 -5.24 -0.07 -2.27
CA SER A 37 -4.11 0.81 -2.67
C SER A 37 -4.63 2.22 -2.97
N ALA A 38 -3.96 3.22 -2.48
CA ALA A 38 -4.42 4.62 -2.73
C ALA A 38 -3.23 5.52 -3.08
N ALA A 39 -3.51 6.71 -3.55
CA ALA A 39 -2.40 7.64 -3.92
C ALA A 39 -2.76 9.07 -3.50
N THR A 40 -1.80 9.82 -3.03
CA THR A 40 -2.10 11.23 -2.60
C THR A 40 -1.61 12.21 -3.66
N SER A 41 -1.82 11.91 -4.91
CA SER A 41 -1.36 12.84 -6.00
C SER A 41 -1.49 12.16 -7.36
N GLY A 42 -2.50 12.51 -8.12
CA GLY A 42 -2.68 11.88 -9.46
C GLY A 42 -1.58 12.38 -10.41
N PHE A 43 -0.34 12.17 -10.06
CA PHE A 43 0.77 12.64 -10.94
C PHE A 43 1.12 11.55 -11.96
N HIS A 44 1.56 10.41 -11.51
CA HIS A 44 1.92 9.32 -12.46
C HIS A 44 0.99 8.12 -12.25
N VAL A 45 0.03 7.95 -13.12
CA VAL A 45 -0.90 6.80 -12.97
C VAL A 45 -1.26 6.23 -14.36
N GLY A 46 -1.32 4.93 -14.47
CA GLY A 46 -1.66 4.32 -15.78
C GLY A 46 -0.38 4.12 -16.60
N GLN A 47 0.69 4.73 -16.18
CA GLN A 47 1.98 4.58 -16.94
C GLN A 47 3.07 4.05 -16.01
N SER A 48 4.27 4.54 -16.14
CA SER A 48 5.38 4.06 -15.27
C SER A 48 5.70 2.59 -15.59
N PRO A 49 6.94 2.34 -15.86
CA PRO A 49 7.40 0.96 -16.19
C PRO A 49 7.33 0.07 -14.94
N ASP A 50 6.22 -0.58 -14.72
CA ASP A 50 6.10 -1.46 -13.53
C ASP A 50 6.33 -2.91 -13.92
N THR A 51 7.03 -3.15 -14.99
CA THR A 51 7.29 -4.55 -15.42
C THR A 51 8.38 -5.14 -14.52
N ARG A 52 9.27 -4.33 -14.05
CA ARG A 52 10.34 -4.84 -13.16
C ARG A 52 9.76 -5.15 -11.78
N SER A 53 9.02 -4.22 -11.23
CA SER A 53 8.40 -4.46 -9.90
C SER A 53 7.42 -5.63 -9.99
N GLN A 54 6.54 -5.60 -10.95
CA GLN A 54 5.57 -6.72 -11.10
C GLN A 54 6.33 -8.02 -11.36
N LYS A 55 7.34 -7.96 -12.19
CA LYS A 55 8.14 -9.18 -12.49
C LYS A 55 8.65 -9.78 -11.17
N VAL A 56 9.52 -9.07 -10.49
CA VAL A 56 10.03 -9.60 -9.20
C VAL A 56 8.86 -10.03 -8.33
N CYS A 57 7.77 -9.31 -8.42
CA CYS A 57 6.58 -9.68 -7.61
C CYS A 57 6.20 -11.12 -7.88
N LYS A 58 6.08 -11.48 -9.13
CA LYS A 58 5.72 -12.90 -9.47
C LYS A 58 6.90 -13.81 -9.13
N SER A 59 8.10 -13.30 -9.19
CA SER A 59 9.29 -14.14 -8.87
C SER A 59 9.46 -14.24 -7.36
N ASN A 60 8.75 -13.45 -6.61
CA ASN A 60 8.85 -13.50 -5.13
C ASN A 60 7.55 -14.04 -4.55
N GLY A 61 6.48 -13.85 -5.25
CA GLY A 61 5.17 -14.35 -4.76
C GLY A 61 4.11 -13.24 -4.85
N VAL A 62 3.57 -13.02 -6.02
CA VAL A 62 2.55 -11.95 -6.17
C VAL A 62 1.70 -12.20 -7.42
N ASP A 63 0.44 -12.52 -7.25
CA ASP A 63 -0.44 -12.78 -8.42
C ASP A 63 -1.25 -11.52 -8.77
N ILE A 64 -0.88 -10.83 -9.81
CA ILE A 64 -1.63 -9.60 -10.19
C ILE A 64 -1.70 -9.48 -11.72
N SER A 65 -2.18 -8.37 -12.21
CA SER A 65 -2.28 -8.19 -13.69
C SER A 65 -2.80 -6.79 -14.01
N LYS A 66 -2.10 -6.04 -14.81
CA LYS A 66 -2.56 -4.67 -15.17
C LYS A 66 -2.70 -3.83 -13.89
N GLN A 67 -1.69 -3.07 -13.57
CA GLN A 67 -1.76 -2.22 -12.34
C GLN A 67 -2.47 -0.90 -12.65
N ARG A 68 -3.74 -0.83 -12.38
CA ARG A 68 -4.49 0.44 -12.64
C ARG A 68 -4.44 1.35 -11.42
N ALA A 69 -3.33 1.97 -11.18
CA ALA A 69 -3.21 2.87 -10.00
C ALA A 69 -4.47 3.72 -9.85
N ARG A 70 -5.09 3.71 -8.71
CA ARG A 70 -6.32 4.52 -8.51
C ARG A 70 -6.02 5.74 -7.65
N GLN A 71 -6.75 6.81 -7.82
CA GLN A 71 -6.51 8.04 -7.01
C GLN A 71 -7.36 8.01 -5.75
N ILE A 72 -6.84 8.51 -4.65
CA ILE A 72 -7.62 8.50 -3.39
C ILE A 72 -8.58 9.70 -3.35
N THR A 73 -9.47 9.74 -2.40
CA THR A 73 -10.42 10.88 -2.32
C THR A 73 -10.77 11.17 -0.86
N LYS A 74 -11.27 12.34 -0.58
CA LYS A 74 -11.64 12.69 0.82
C LYS A 74 -12.67 11.71 1.36
N ALA A 75 -13.30 10.96 0.50
CA ALA A 75 -14.32 9.98 0.96
C ALA A 75 -13.64 8.72 1.49
N ASP A 76 -12.37 8.56 1.25
CA ASP A 76 -11.65 7.36 1.75
C ASP A 76 -11.98 7.10 3.21
N PHE A 77 -12.42 8.11 3.92
CA PHE A 77 -12.76 7.92 5.36
C PHE A 77 -14.10 7.21 5.50
N SER A 78 -14.26 6.08 4.86
CA SER A 78 -15.55 5.33 4.96
C SER A 78 -15.54 4.13 4.03
N LYS A 79 -14.39 3.54 3.82
CA LYS A 79 -14.32 2.35 2.91
C LYS A 79 -13.44 1.27 3.54
N PHE A 80 -12.41 1.67 4.23
CA PHE A 80 -11.50 0.67 4.85
C PHE A 80 -11.40 0.90 6.36
N ASP A 81 -11.05 -0.11 7.11
CA ASP A 81 -10.94 0.05 8.58
C ASP A 81 -9.71 0.89 8.95
N VAL A 82 -8.64 0.74 8.23
CA VAL A 82 -7.41 1.53 8.56
C VAL A 82 -6.71 1.99 7.28
N ILE A 83 -5.94 3.05 7.36
CA ILE A 83 -5.22 3.55 6.16
C ILE A 83 -3.71 3.49 6.38
N ALA A 84 -2.98 2.99 5.43
CA ALA A 84 -1.50 2.90 5.59
C ALA A 84 -0.80 3.94 4.71
N ALA A 85 0.17 4.63 5.25
CA ALA A 85 0.88 5.67 4.45
C ALA A 85 2.35 5.27 4.30
N LEU A 86 2.84 5.21 3.09
CA LEU A 86 4.27 4.84 2.88
C LEU A 86 5.19 6.04 3.15
N ASP A 87 5.29 6.94 2.22
CA ASP A 87 6.16 8.13 2.43
C ASP A 87 5.76 8.89 3.70
N GLN A 88 6.46 9.95 4.02
CA GLN A 88 6.11 10.73 5.24
C GLN A 88 5.09 11.81 4.90
N SER A 89 5.40 12.65 3.95
CA SER A 89 4.44 13.73 3.57
C SER A 89 3.03 13.14 3.45
N ILE A 90 2.89 12.05 2.74
CA ILE A 90 1.54 11.42 2.59
C ILE A 90 0.85 11.35 3.96
N LEU A 91 1.53 10.84 4.95
CA LEU A 91 0.92 10.74 6.30
C LEU A 91 0.62 12.15 6.83
N SER A 92 1.58 13.03 6.78
CA SER A 92 1.34 14.41 7.28
C SER A 92 0.22 15.07 6.48
N ASP A 93 -0.10 14.53 5.34
CA ASP A 93 -1.19 15.11 4.49
C ASP A 93 -2.55 14.53 4.91
N ILE A 94 -2.75 13.27 4.66
CA ILE A 94 -4.03 12.63 5.03
C ILE A 94 -4.44 13.06 6.44
N ASN A 95 -3.58 12.85 7.40
CA ASN A 95 -3.91 13.26 8.79
C ASN A 95 -4.16 14.77 8.85
N SER A 96 -3.77 15.48 7.82
CA SER A 96 -3.98 16.95 7.80
C SER A 96 -5.41 17.28 7.36
N MET A 97 -5.96 16.49 6.47
CA MET A 97 -7.35 16.76 6.01
C MET A 97 -8.35 15.89 6.79
N LYS A 98 -7.91 14.75 7.26
CA LYS A 98 -8.83 13.86 8.02
C LYS A 98 -9.71 14.69 8.96
N PRO A 99 -10.96 14.31 9.04
CA PRO A 99 -11.92 15.01 9.92
C PRO A 99 -11.64 14.70 11.39
N SER A 100 -12.58 14.98 12.25
CA SER A 100 -12.35 14.70 13.70
C SER A 100 -13.26 13.55 14.16
N ASN A 101 -13.72 12.74 13.25
CA ASN A 101 -14.62 11.61 13.64
C ASN A 101 -14.83 10.67 12.44
N CYS A 102 -14.48 9.42 12.58
CA CYS A 102 -14.66 8.46 11.46
C CYS A 102 -14.34 7.04 11.93
N ARG A 103 -14.63 6.06 11.12
CA ARG A 103 -14.35 4.65 11.51
C ARG A 103 -13.06 4.16 10.84
N ALA A 104 -12.05 4.99 10.79
CA ALA A 104 -10.78 4.57 10.15
C ALA A 104 -9.64 5.49 10.58
N LYS A 105 -8.54 4.93 10.98
CA LYS A 105 -7.39 5.78 11.42
C LYS A 105 -6.26 5.72 10.38
N VAL A 106 -5.24 6.52 10.55
CA VAL A 106 -4.12 6.50 9.58
C VAL A 106 -2.82 6.10 10.27
N VAL A 107 -1.98 5.35 9.59
CA VAL A 107 -0.70 4.92 10.21
C VAL A 107 0.46 5.11 9.24
N LEU A 108 1.67 5.13 9.72
CA LEU A 108 2.84 5.31 8.81
C LEU A 108 3.56 3.98 8.61
N PHE A 109 3.39 3.37 7.46
CA PHE A 109 4.07 2.06 7.20
C PHE A 109 5.58 2.19 7.44
N ASN A 110 6.22 3.09 6.75
CA ASN A 110 7.69 3.25 6.93
C ASN A 110 8.14 4.61 6.39
N PRO A 111 9.33 4.99 6.78
CA PRO A 111 9.89 6.29 6.33
C PRO A 111 10.34 6.19 4.88
N PRO A 112 10.77 7.30 4.34
CA PRO A 112 11.23 7.35 2.93
C PRO A 112 12.58 6.65 2.79
N ASN A 113 12.68 5.42 3.26
CA ASN A 113 13.97 4.69 3.15
C ASN A 113 13.74 3.32 2.53
N GLY A 114 12.51 2.94 2.33
CA GLY A 114 12.22 1.61 1.72
C GLY A 114 11.44 1.80 0.42
N VAL A 115 10.14 1.80 0.48
CA VAL A 115 9.33 1.98 -0.76
C VAL A 115 9.15 3.47 -1.05
N ASP A 116 9.28 3.88 -2.27
CA ASP A 116 9.11 5.31 -2.61
C ASP A 116 9.02 5.49 -4.13
N ASP A 117 8.43 4.54 -4.82
CA ASP A 117 8.31 4.66 -6.30
C ASP A 117 9.63 5.16 -6.90
N PRO A 118 10.70 4.51 -6.51
CA PRO A 118 12.04 4.89 -7.00
C PRO A 118 12.21 4.46 -8.47
N TYR A 119 12.82 5.28 -9.27
CA TYR A 119 13.02 4.91 -10.71
C TYR A 119 14.47 5.18 -11.12
N TYR A 120 15.41 4.80 -10.30
CA TYR A 120 16.84 5.03 -10.66
C TYR A 120 17.51 3.70 -11.04
N SER A 121 17.14 2.63 -10.39
CA SER A 121 17.76 1.32 -10.71
C SER A 121 16.85 0.18 -10.23
N SER A 122 17.41 -0.92 -9.82
CA SER A 122 16.58 -2.06 -9.35
C SER A 122 15.76 -1.64 -8.13
N ASP A 123 16.23 -0.66 -7.40
CA ASP A 123 15.47 -0.19 -6.21
C ASP A 123 13.99 -0.01 -6.54
N GLY A 124 13.13 -0.69 -5.83
CA GLY A 124 11.66 -0.57 -6.12
C GLY A 124 11.04 -1.95 -6.17
N PHE A 125 11.81 -2.95 -6.51
CA PHE A 125 11.25 -4.34 -6.59
C PHE A 125 11.56 -5.12 -5.30
N PRO A 126 12.79 -5.04 -4.87
CA PRO A 126 13.22 -5.76 -3.65
C PRO A 126 12.85 -4.96 -2.40
N THR A 127 13.56 -3.90 -2.13
CA THR A 127 13.25 -3.08 -0.92
C THR A 127 11.73 -2.89 -0.78
N MET A 128 11.03 -2.81 -1.88
CA MET A 128 9.56 -2.64 -1.80
C MET A 128 8.92 -3.84 -1.11
N PHE A 129 8.94 -4.98 -1.74
CA PHE A 129 8.33 -6.19 -1.10
C PHE A 129 8.87 -6.34 0.33
N ALA A 130 10.16 -6.28 0.51
CA ALA A 130 10.73 -6.40 1.87
C ALA A 130 10.03 -5.43 2.81
N SER A 131 9.87 -4.20 2.41
CA SER A 131 9.18 -3.21 3.28
C SER A 131 7.71 -3.61 3.47
N ILE A 132 7.05 -3.95 2.40
CA ILE A 132 5.62 -4.37 2.53
C ILE A 132 5.48 -5.38 3.67
N SER A 133 6.22 -6.46 3.60
CA SER A 133 6.12 -7.49 4.69
C SER A 133 6.60 -6.89 6.01
N LYS A 134 7.72 -6.24 6.01
CA LYS A 134 8.23 -5.64 7.28
C LYS A 134 7.14 -4.77 7.92
N GLU A 135 6.24 -4.24 7.14
CA GLU A 135 5.16 -3.39 7.70
C GLU A 135 3.80 -4.04 7.47
N MET A 136 3.78 -5.30 7.13
CA MET A 136 2.49 -6.00 6.88
C MET A 136 2.32 -7.16 7.86
N LYS A 137 3.39 -7.65 8.41
CA LYS A 137 3.29 -8.77 9.37
C LYS A 137 3.01 -8.25 10.78
N PRO A 138 3.76 -7.26 11.17
CA PRO A 138 3.59 -6.65 12.51
C PRO A 138 2.39 -5.71 12.53
N PHE A 139 1.78 -5.50 11.39
CA PHE A 139 0.60 -4.59 11.33
C PHE A 139 -0.69 -5.39 11.13
N LEU A 140 -0.68 -6.29 10.18
CA LEU A 140 -1.90 -7.11 9.93
C LEU A 140 -2.21 -8.00 11.14
N THR A 141 -1.30 -8.06 12.08
CA THR A 141 -1.54 -8.91 13.28
C THR A 141 -2.56 -8.25 14.20
N GLU A 142 -2.18 -7.20 14.86
CA GLU A 142 -3.14 -6.51 15.78
C GLU A 142 -3.64 -5.20 15.15
N HIS A 143 -3.10 -4.83 14.02
CA HIS A 143 -3.53 -3.57 13.36
C HIS A 143 -4.34 -3.89 12.10
N GLY A 144 -4.91 -5.06 12.03
CA GLY A 144 -5.72 -5.43 10.83
C GLY A 144 -6.40 -6.77 11.07
N LEU A 145 -5.66 -7.78 11.41
CA LEU A 145 -6.28 -9.11 11.66
C LEU A 145 -5.46 -9.88 12.71
N ILE A 146 -4.48 -10.62 12.28
CA ILE A 146 -3.66 -11.39 13.24
C ILE A 146 -2.56 -12.17 12.50
N ALA A 1 -12.37 -16.35 14.18
CA ALA A 1 -12.86 -16.07 12.80
C ALA A 1 -12.68 -14.58 12.48
N ALA A 2 -13.15 -13.71 13.32
CA ALA A 2 -13.00 -12.26 13.05
C ALA A 2 -13.60 -11.89 11.69
N GLU A 3 -13.80 -10.64 11.43
CA GLU A 3 -14.38 -10.23 10.12
C GLU A 3 -13.28 -9.75 9.18
N LYS A 4 -13.60 -9.51 7.93
CA LYS A 4 -12.57 -9.03 6.98
C LYS A 4 -12.46 -7.51 7.07
N LYS A 5 -11.34 -6.95 6.68
CA LYS A 5 -11.20 -5.48 6.77
C LYS A 5 -10.61 -4.91 5.47
N ALA A 6 -10.15 -3.69 5.53
CA ALA A 6 -9.56 -3.06 4.31
C ALA A 6 -8.44 -2.08 4.67
N VAL A 7 -7.25 -2.38 4.25
CA VAL A 7 -6.11 -1.45 4.54
C VAL A 7 -5.77 -0.66 3.28
N LEU A 8 -5.74 0.64 3.37
CA LEU A 8 -5.43 1.46 2.17
C LEU A 8 -3.91 1.71 2.08
N PHE A 9 -3.18 0.80 1.49
CA PHE A 9 -1.72 1.01 1.36
C PHE A 9 -1.45 2.16 0.39
N VAL A 10 -1.00 3.28 0.90
CA VAL A 10 -0.73 4.44 0.01
C VAL A 10 0.70 4.95 0.20
N CYS A 11 1.24 5.60 -0.80
CA CYS A 11 2.62 6.13 -0.68
C CYS A 11 2.74 7.44 -1.45
N LEU A 12 3.43 7.44 -2.57
CA LEU A 12 3.56 8.70 -3.35
C LEU A 12 2.93 8.53 -4.74
N GLY A 13 1.64 8.68 -4.83
CA GLY A 13 0.96 8.53 -6.16
C GLY A 13 0.83 7.04 -6.48
N ASN A 14 1.29 6.19 -5.61
CA ASN A 14 1.20 4.72 -5.88
C ASN A 14 2.18 4.33 -6.97
N ILE A 15 1.95 3.22 -7.62
CA ILE A 15 2.89 2.79 -8.70
C ILE A 15 4.30 2.62 -8.14
N CYS A 16 4.45 2.62 -6.85
CA CYS A 16 5.81 2.46 -6.25
C CYS A 16 5.74 2.56 -4.73
N ARG A 17 6.84 2.37 -4.06
CA ARG A 17 6.85 2.44 -2.57
C ARG A 17 6.16 1.22 -1.98
N SER A 18 4.90 1.02 -2.30
CA SER A 18 4.18 -0.16 -1.74
C SER A 18 3.28 -0.79 -2.82
N PRO A 19 3.84 -1.01 -3.98
CA PRO A 19 3.08 -1.61 -5.09
C PRO A 19 2.96 -3.12 -4.88
N ALA A 20 3.69 -3.66 -3.94
CA ALA A 20 3.65 -5.12 -3.68
C ALA A 20 2.69 -5.42 -2.53
N CYS A 21 1.99 -4.44 -2.04
CA CYS A 21 1.05 -4.69 -0.91
C CYS A 21 -0.03 -5.66 -1.35
N GLU A 22 -0.57 -5.45 -2.52
CA GLU A 22 -1.63 -6.37 -3.03
C GLU A 22 -1.08 -7.79 -3.15
N GLY A 23 0.08 -7.94 -3.72
CA GLY A 23 0.68 -9.30 -3.86
C GLY A 23 1.06 -9.83 -2.49
N ILE A 24 1.93 -9.14 -1.78
CA ILE A 24 2.34 -9.62 -0.44
C ILE A 24 1.11 -10.11 0.34
N CYS A 25 0.05 -9.35 0.34
CA CYS A 25 -1.17 -9.77 1.07
C CYS A 25 -1.82 -10.97 0.37
N ARG A 26 -1.80 -10.99 -0.93
CA ARG A 26 -2.43 -12.13 -1.67
C ARG A 26 -1.70 -13.44 -1.31
N ASP A 27 -0.40 -13.43 -1.31
CA ASP A 27 0.35 -14.68 -0.97
C ASP A 27 0.44 -14.86 0.55
N MET A 28 0.77 -13.82 1.26
CA MET A 28 0.88 -13.94 2.74
C MET A 28 -0.49 -14.31 3.34
N VAL A 29 -1.54 -13.70 2.86
CA VAL A 29 -2.89 -14.01 3.42
C VAL A 29 -3.98 -13.63 2.40
N GLY A 30 -3.73 -13.83 1.14
CA GLY A 30 -4.74 -13.47 0.12
C GLY A 30 -6.09 -14.09 0.51
N ASP A 31 -6.08 -15.11 1.31
CA ASP A 31 -7.35 -15.75 1.74
C ASP A 31 -8.32 -14.70 2.28
N LYS A 32 -7.81 -13.57 2.70
CA LYS A 32 -8.71 -12.51 3.24
C LYS A 32 -8.87 -11.38 2.21
N LEU A 33 -8.87 -10.16 2.65
CA LEU A 33 -9.03 -9.02 1.69
C LEU A 33 -8.25 -7.80 2.19
N ILE A 34 -8.90 -6.90 2.86
CA ILE A 34 -8.22 -5.68 3.38
C ILE A 34 -7.08 -5.24 2.45
N ILE A 35 -7.23 -5.43 1.17
CA ILE A 35 -6.14 -5.00 0.24
C ILE A 35 -6.59 -3.81 -0.60
N ASP A 36 -6.28 -2.62 -0.17
CA ASP A 36 -6.68 -1.41 -0.95
C ASP A 36 -5.45 -0.54 -1.24
N SER A 37 -4.97 -0.57 -2.46
CA SER A 37 -3.77 0.26 -2.79
C SER A 37 -4.21 1.59 -3.41
N ALA A 38 -3.68 2.69 -2.92
CA ALA A 38 -4.08 4.01 -3.49
C ALA A 38 -2.99 5.05 -3.21
N ALA A 39 -3.27 6.29 -3.52
CA ALA A 39 -2.25 7.37 -3.29
C ALA A 39 -2.91 8.74 -3.34
N THR A 40 -2.44 9.67 -2.56
CA THR A 40 -3.04 11.03 -2.57
C THR A 40 -2.29 11.94 -3.54
N SER A 41 -2.31 11.65 -4.81
CA SER A 41 -1.60 12.50 -5.79
C SER A 41 -2.33 12.48 -7.14
N GLY A 42 -2.20 11.41 -7.88
CA GLY A 42 -2.88 11.33 -9.20
C GLY A 42 -2.15 12.22 -10.21
N PHE A 43 -1.43 11.61 -11.13
CA PHE A 43 -0.69 12.41 -12.14
C PHE A 43 -0.13 11.50 -13.23
N HIS A 44 0.40 10.37 -12.86
CA HIS A 44 0.95 9.43 -13.88
C HIS A 44 0.29 8.06 -13.76
N VAL A 45 -0.90 8.01 -13.22
CA VAL A 45 -1.61 6.71 -13.07
C VAL A 45 -1.94 6.13 -14.44
N GLY A 46 -1.74 6.88 -15.49
CA GLY A 46 -2.05 6.37 -16.85
C GLY A 46 -0.74 6.02 -17.57
N GLN A 47 0.19 5.42 -16.88
CA GLN A 47 1.48 5.07 -17.52
C GLN A 47 2.39 4.34 -16.53
N SER A 48 3.67 4.59 -16.59
CA SER A 48 4.61 3.91 -15.64
C SER A 48 4.68 2.41 -15.96
N PRO A 49 5.69 2.04 -16.68
CA PRO A 49 5.88 0.61 -17.06
C PRO A 49 6.27 -0.21 -15.83
N ASP A 50 5.30 -0.64 -15.05
CA ASP A 50 5.61 -1.44 -13.84
C ASP A 50 5.66 -2.94 -14.19
N THR A 51 6.07 -3.26 -15.38
CA THR A 51 6.14 -4.69 -15.78
C THR A 51 7.35 -5.33 -15.11
N ARG A 52 8.37 -4.55 -14.86
CA ARG A 52 9.58 -5.09 -14.20
C ARG A 52 9.28 -5.32 -12.71
N SER A 53 8.77 -4.33 -12.04
CA SER A 53 8.44 -4.49 -10.60
C SER A 53 7.38 -5.58 -10.44
N GLN A 54 6.33 -5.52 -11.21
CA GLN A 54 5.27 -6.55 -11.10
C GLN A 54 5.88 -7.93 -11.43
N LYS A 55 6.67 -8.00 -12.45
CA LYS A 55 7.31 -9.30 -12.82
C LYS A 55 8.05 -9.85 -11.60
N VAL A 56 9.07 -9.19 -11.16
CA VAL A 56 9.82 -9.69 -9.97
C VAL A 56 8.83 -9.91 -8.82
N CYS A 57 7.81 -9.10 -8.76
CA CYS A 57 6.79 -9.26 -7.69
C CYS A 57 6.27 -10.69 -7.69
N LYS A 58 5.76 -11.14 -8.81
CA LYS A 58 5.24 -12.53 -8.89
C LYS A 58 6.40 -13.52 -8.69
N SER A 59 7.57 -13.16 -9.15
CA SER A 59 8.75 -14.06 -8.99
C SER A 59 9.23 -14.02 -7.54
N ASN A 60 8.74 -13.09 -6.76
CA ASN A 60 9.17 -13.00 -5.34
C ASN A 60 7.99 -13.33 -4.44
N GLY A 61 6.81 -13.00 -4.87
CA GLY A 61 5.60 -13.30 -4.07
C GLY A 61 4.56 -12.19 -4.24
N VAL A 62 4.18 -11.91 -5.46
CA VAL A 62 3.16 -10.84 -5.69
C VAL A 62 2.50 -11.03 -7.05
N ASP A 63 1.42 -11.78 -7.10
CA ASP A 63 0.73 -12.01 -8.40
C ASP A 63 -0.34 -10.93 -8.63
N ILE A 64 -0.05 -9.97 -9.46
CA ILE A 64 -1.05 -8.90 -9.73
C ILE A 64 -1.10 -8.57 -11.22
N SER A 65 -1.63 -7.43 -11.57
CA SER A 65 -1.70 -7.06 -13.02
C SER A 65 -2.17 -5.61 -13.17
N LYS A 66 -1.52 -4.85 -14.00
CA LYS A 66 -1.93 -3.43 -14.19
C LYS A 66 -2.02 -2.72 -12.84
N GLN A 67 -0.95 -2.13 -12.38
CA GLN A 67 -0.99 -1.43 -11.07
C GLN A 67 -2.25 -0.57 -10.96
N ARG A 68 -2.63 0.07 -12.03
CA ARG A 68 -3.85 0.93 -11.99
C ARG A 68 -3.81 1.84 -10.75
N ALA A 69 -3.40 3.06 -10.92
CA ALA A 69 -3.34 4.00 -9.76
C ALA A 69 -4.53 4.96 -9.80
N ARG A 70 -4.91 5.49 -8.67
CA ARG A 70 -6.06 6.44 -8.65
C ARG A 70 -5.92 7.41 -7.48
N GLN A 71 -6.56 8.55 -7.54
CA GLN A 71 -6.46 9.53 -6.44
C GLN A 71 -7.38 9.13 -5.28
N ILE A 72 -6.84 8.99 -4.09
CA ILE A 72 -7.69 8.59 -2.94
C ILE A 72 -8.58 9.77 -2.50
N THR A 73 -9.80 9.79 -2.96
CA THR A 73 -10.72 10.90 -2.58
C THR A 73 -11.10 10.80 -1.10
N LYS A 74 -12.22 11.36 -0.72
CA LYS A 74 -12.64 11.28 0.71
C LYS A 74 -13.37 9.96 0.97
N ALA A 75 -13.63 9.20 -0.06
CA ALA A 75 -14.34 7.90 0.14
C ALA A 75 -13.44 6.91 0.87
N ASP A 76 -12.16 7.17 0.89
CA ASP A 76 -11.23 6.23 1.59
C ASP A 76 -11.58 6.15 3.08
N PHE A 77 -12.35 7.08 3.56
CA PHE A 77 -12.73 7.06 5.01
C PHE A 77 -13.90 6.10 5.23
N SER A 78 -14.36 5.44 4.20
CA SER A 78 -15.51 4.50 4.36
C SER A 78 -15.22 3.20 3.59
N LYS A 79 -14.82 3.30 2.36
CA LYS A 79 -14.54 2.07 1.57
C LYS A 79 -13.66 1.11 2.38
N PHE A 80 -12.82 1.64 3.22
CA PHE A 80 -11.93 0.75 4.04
C PHE A 80 -11.92 1.23 5.50
N ASP A 81 -11.61 0.35 6.42
CA ASP A 81 -11.59 0.74 7.85
C ASP A 81 -10.15 1.01 8.30
N VAL A 82 -9.19 0.66 7.49
CA VAL A 82 -7.76 0.90 7.89
C VAL A 82 -7.00 1.55 6.73
N ILE A 83 -6.13 2.48 7.04
CA ILE A 83 -5.34 3.14 5.96
C ILE A 83 -3.85 3.09 6.28
N ALA A 84 -3.04 2.68 5.35
CA ALA A 84 -1.58 2.61 5.61
C ALA A 84 -0.84 3.66 4.78
N ALA A 85 0.12 4.33 5.38
CA ALA A 85 0.87 5.37 4.62
C ALA A 85 2.35 4.97 4.51
N LEU A 86 2.93 5.16 3.35
CA LEU A 86 4.38 4.80 3.18
C LEU A 86 5.26 6.03 3.37
N ASP A 87 4.79 7.19 2.98
CA ASP A 87 5.60 8.42 3.16
C ASP A 87 4.95 9.34 4.20
N GLN A 88 5.45 10.54 4.33
CA GLN A 88 4.86 11.47 5.34
C GLN A 88 3.86 12.40 4.66
N SER A 89 4.13 12.82 3.46
CA SER A 89 3.19 13.73 2.74
C SER A 89 1.75 13.25 2.93
N ILE A 90 1.54 11.97 2.96
CA ILE A 90 0.16 11.44 3.14
C ILE A 90 -0.31 11.63 4.59
N LEU A 91 0.35 11.00 5.51
CA LEU A 91 -0.04 11.15 6.95
C LEU A 91 -0.09 12.64 7.33
N SER A 92 0.54 13.48 6.55
CA SER A 92 0.55 14.93 6.88
C SER A 92 -0.57 15.65 6.11
N ASP A 93 -0.87 15.20 4.92
CA ASP A 93 -1.95 15.85 4.12
C ASP A 93 -3.28 15.12 4.32
N ILE A 94 -3.31 13.85 4.03
CA ILE A 94 -4.58 13.08 4.20
C ILE A 94 -5.20 13.38 5.57
N ASN A 95 -4.39 13.60 6.56
CA ASN A 95 -4.93 13.90 7.92
C ASN A 95 -5.39 15.35 8.00
N SER A 96 -5.11 16.13 6.99
CA SER A 96 -5.52 17.56 7.00
C SER A 96 -6.99 17.68 6.54
N MET A 97 -7.50 16.69 5.88
CA MET A 97 -8.92 16.75 5.41
C MET A 97 -9.82 15.92 6.33
N LYS A 98 -9.33 14.82 6.82
CA LYS A 98 -10.16 13.97 7.72
C LYS A 98 -10.65 14.79 8.91
N PRO A 99 -11.91 14.61 9.23
CA PRO A 99 -12.51 15.34 10.37
C PRO A 99 -12.00 14.78 11.71
N SER A 100 -12.69 13.83 12.25
CA SER A 100 -12.25 13.24 13.55
C SER A 100 -12.73 11.80 13.68
N ASN A 101 -13.78 11.57 14.43
CA ASN A 101 -14.30 10.18 14.58
C ASN A 101 -14.76 9.64 13.23
N CYS A 102 -13.85 9.22 12.41
CA CYS A 102 -14.25 8.68 11.07
C CYS A 102 -14.47 7.17 11.15
N ARG A 103 -14.63 6.52 10.03
CA ARG A 103 -14.84 5.04 10.05
C ARG A 103 -13.54 4.31 9.70
N ALA A 104 -12.41 4.89 10.01
CA ALA A 104 -11.12 4.23 9.69
C ALA A 104 -9.95 5.04 10.27
N LYS A 105 -8.85 4.39 10.53
CA LYS A 105 -7.68 5.13 11.10
C LYS A 105 -6.47 4.97 10.18
N VAL A 106 -5.60 5.95 10.16
CA VAL A 106 -4.40 5.86 9.29
C VAL A 106 -3.15 5.57 10.12
N VAL A 107 -2.23 4.81 9.60
CA VAL A 107 -1.00 4.48 10.36
C VAL A 107 0.24 4.64 9.47
N LEU A 108 1.32 5.13 10.01
CA LEU A 108 2.56 5.31 9.20
C LEU A 108 3.37 4.00 9.19
N PHE A 109 3.72 3.53 8.03
CA PHE A 109 4.51 2.26 7.96
C PHE A 109 6.01 2.56 8.12
N ASN A 110 6.45 3.67 7.59
CA ASN A 110 7.91 4.01 7.71
C ASN A 110 8.21 5.30 6.93
N PRO A 111 9.36 5.85 7.18
CA PRO A 111 9.78 7.09 6.49
C PRO A 111 10.19 6.79 5.05
N PRO A 112 10.48 7.82 4.32
CA PRO A 112 10.89 7.67 2.90
C PRO A 112 12.31 7.11 2.82
N ASN A 113 12.56 6.01 3.46
CA ASN A 113 13.94 5.41 3.43
C ASN A 113 13.84 3.88 3.40
N GLY A 114 12.97 3.32 4.19
CA GLY A 114 12.83 1.84 4.22
C GLY A 114 12.21 1.36 2.90
N VAL A 115 10.95 1.57 2.71
CA VAL A 115 10.29 1.13 1.44
C VAL A 115 11.00 1.74 0.24
N ASP A 116 11.59 0.92 -0.59
CA ASP A 116 12.31 1.47 -1.78
C ASP A 116 11.31 1.76 -2.91
N ASP A 117 11.56 2.77 -3.70
CA ASP A 117 10.64 3.11 -4.81
C ASP A 117 11.30 2.81 -6.16
N PRO A 118 11.26 1.58 -6.54
CA PRO A 118 11.86 1.15 -7.83
C PRO A 118 11.00 1.63 -9.01
N TYR A 119 11.53 2.49 -9.85
CA TYR A 119 10.75 2.98 -11.01
C TYR A 119 11.35 2.46 -12.31
N TYR A 120 12.65 2.39 -12.39
CA TYR A 120 13.30 1.88 -13.64
C TYR A 120 14.67 1.29 -13.30
N SER A 121 14.70 0.33 -12.42
CA SER A 121 16.01 -0.30 -12.06
C SER A 121 15.79 -1.43 -11.06
N SER A 122 16.50 -2.52 -11.21
CA SER A 122 16.33 -3.66 -10.27
C SER A 122 16.36 -3.16 -8.82
N ASP A 123 17.06 -2.10 -8.56
CA ASP A 123 17.12 -1.57 -7.17
C ASP A 123 15.71 -1.27 -6.66
N GLY A 124 15.33 -1.88 -5.57
CA GLY A 124 13.96 -1.64 -5.01
C GLY A 124 13.14 -2.92 -5.09
N PHE A 125 12.99 -3.47 -6.26
CA PHE A 125 12.20 -4.73 -6.42
C PHE A 125 12.38 -5.63 -5.19
N PRO A 126 13.61 -5.91 -4.86
CA PRO A 126 13.90 -6.78 -3.69
C PRO A 126 13.60 -6.02 -2.40
N THR A 127 14.24 -4.91 -2.17
CA THR A 127 13.99 -4.14 -0.92
C THR A 127 12.49 -3.85 -0.78
N MET A 128 11.86 -3.38 -1.81
CA MET A 128 10.40 -3.09 -1.73
C MET A 128 9.66 -4.30 -1.14
N PHE A 129 9.60 -5.38 -1.86
CA PHE A 129 8.91 -6.60 -1.33
C PHE A 129 9.30 -6.82 0.12
N ALA A 130 10.58 -6.90 0.39
CA ALA A 130 11.03 -7.12 1.80
C ALA A 130 10.37 -6.07 2.71
N SER A 131 10.27 -4.86 2.25
CA SER A 131 9.64 -3.80 3.08
C SER A 131 8.15 -4.11 3.28
N ILE A 132 7.42 -4.24 2.20
CA ILE A 132 5.97 -4.55 2.33
C ILE A 132 5.77 -5.65 3.38
N SER A 133 6.54 -6.70 3.28
CA SER A 133 6.40 -7.82 4.27
C SER A 133 6.93 -7.40 5.65
N LYS A 134 8.19 -7.07 5.74
CA LYS A 134 8.75 -6.66 7.06
C LYS A 134 7.80 -5.68 7.76
N GLU A 135 6.96 -5.01 7.01
CA GLU A 135 6.01 -4.05 7.64
C GLU A 135 4.58 -4.57 7.49
N MET A 136 4.42 -5.81 7.14
CA MET A 136 3.05 -6.37 6.98
C MET A 136 2.83 -7.52 7.97
N LYS A 137 3.88 -8.13 8.45
CA LYS A 137 3.72 -9.25 9.42
C LYS A 137 3.52 -8.70 10.83
N PRO A 138 4.36 -7.76 11.18
CA PRO A 138 4.27 -7.14 12.53
C PRO A 138 3.13 -6.12 12.57
N PHE A 139 2.55 -5.81 11.44
CA PHE A 139 1.44 -4.82 11.42
C PHE A 139 0.09 -5.54 11.27
N LEU A 140 -0.13 -6.18 10.16
CA LEU A 140 -1.42 -6.89 9.95
C LEU A 140 -1.69 -7.84 11.12
N THR A 141 -0.67 -8.27 11.80
CA THR A 141 -0.87 -9.21 12.95
C THR A 141 -1.11 -8.42 14.24
N GLU A 142 -0.59 -7.23 14.33
CA GLU A 142 -0.79 -6.41 15.58
C GLU A 142 -1.81 -5.31 15.33
N HIS A 143 -2.14 -5.06 14.10
CA HIS A 143 -3.14 -3.98 13.80
C HIS A 143 -4.56 -4.53 13.92
N GLY A 144 -4.80 -5.36 14.90
CA GLY A 144 -6.16 -5.94 15.07
C GLY A 144 -6.57 -6.64 13.78
N LEU A 145 -5.70 -7.43 13.21
CA LEU A 145 -6.04 -8.14 11.95
C LEU A 145 -5.62 -9.61 12.03
N ILE A 146 -4.36 -9.86 12.24
CA ILE A 146 -3.89 -11.27 12.33
C ILE A 146 -4.27 -12.04 11.07
N ALA A 1 -12.07 -17.43 13.78
CA ALA A 1 -13.17 -16.71 13.06
C ALA A 1 -13.25 -15.26 13.53
N ALA A 2 -12.64 -14.34 12.82
CA ALA A 2 -12.68 -12.92 13.23
C ALA A 2 -13.22 -12.05 12.08
N GLU A 3 -13.82 -10.93 12.40
CA GLU A 3 -14.37 -10.05 11.33
C GLU A 3 -13.26 -9.63 10.37
N LYS A 4 -13.56 -9.52 9.11
CA LYS A 4 -12.53 -9.09 8.14
C LYS A 4 -12.42 -7.57 8.18
N LYS A 5 -11.30 -7.03 7.77
CA LYS A 5 -11.16 -5.55 7.82
C LYS A 5 -10.73 -5.00 6.46
N ALA A 6 -10.21 -3.80 6.45
CA ALA A 6 -9.77 -3.18 5.17
C ALA A 6 -8.54 -2.29 5.38
N VAL A 7 -7.48 -2.57 4.68
CA VAL A 7 -6.24 -1.75 4.82
C VAL A 7 -5.97 -0.98 3.53
N LEU A 8 -5.90 0.32 3.60
CA LEU A 8 -5.65 1.12 2.38
C LEU A 8 -4.16 1.43 2.23
N PHE A 9 -3.40 0.50 1.73
CA PHE A 9 -1.93 0.75 1.57
C PHE A 9 -1.69 1.70 0.39
N VAL A 10 -0.76 2.61 0.53
CA VAL A 10 -0.49 3.58 -0.57
C VAL A 10 0.78 4.38 -0.26
N CYS A 11 1.25 5.14 -1.21
CA CYS A 11 2.47 5.96 -0.98
C CYS A 11 2.31 7.34 -1.64
N LEU A 12 2.08 7.37 -2.92
CA LEU A 12 1.91 8.67 -3.63
C LEU A 12 1.09 8.48 -4.90
N GLY A 13 1.39 7.46 -5.66
CA GLY A 13 0.62 7.22 -6.92
C GLY A 13 0.07 5.79 -6.90
N ASN A 14 0.40 5.02 -5.90
CA ASN A 14 -0.11 3.62 -5.84
C ASN A 14 0.45 2.80 -7.00
N ILE A 15 1.62 3.13 -7.46
CA ILE A 15 2.23 2.36 -8.59
C ILE A 15 3.22 1.34 -8.05
N CYS A 16 3.93 1.67 -7.01
CA CYS A 16 4.92 0.72 -6.44
C CYS A 16 4.37 0.10 -5.14
N ARG A 17 3.08 0.18 -4.95
CA ARG A 17 2.49 -0.40 -3.70
C ARG A 17 1.21 -1.18 -4.04
N SER A 18 0.49 -0.76 -5.04
CA SER A 18 -0.75 -1.49 -5.42
C SER A 18 -0.43 -2.92 -5.83
N PRO A 19 0.40 -3.04 -6.83
CA PRO A 19 0.81 -4.37 -7.34
C PRO A 19 1.76 -5.06 -6.35
N ALA A 20 2.15 -4.37 -5.31
CA ALA A 20 3.08 -4.98 -4.33
C ALA A 20 2.33 -5.31 -3.03
N CYS A 21 1.47 -4.44 -2.59
CA CYS A 21 0.71 -4.71 -1.34
C CYS A 21 -0.34 -5.80 -1.57
N GLU A 22 -0.96 -5.81 -2.72
CA GLU A 22 -1.98 -6.83 -3.01
C GLU A 22 -1.33 -8.23 -3.08
N GLY A 23 -0.22 -8.34 -3.74
CA GLY A 23 0.45 -9.66 -3.84
C GLY A 23 1.06 -10.03 -2.48
N ILE A 24 1.80 -9.13 -1.88
CA ILE A 24 2.42 -9.43 -0.56
C ILE A 24 1.34 -9.87 0.44
N CYS A 25 0.23 -9.18 0.46
CA CYS A 25 -0.85 -9.55 1.42
C CYS A 25 -1.45 -10.91 1.02
N ARG A 26 -1.86 -11.04 -0.21
CA ARG A 26 -2.46 -12.33 -0.66
C ARG A 26 -1.47 -13.48 -0.43
N ASP A 27 -0.20 -13.20 -0.43
CA ASP A 27 0.81 -14.28 -0.20
C ASP A 27 1.07 -14.46 1.29
N MET A 28 0.95 -13.40 2.05
CA MET A 28 1.20 -13.51 3.52
C MET A 28 -0.02 -14.13 4.23
N VAL A 29 -1.17 -14.01 3.64
CA VAL A 29 -2.40 -14.59 4.28
C VAL A 29 -3.02 -15.65 3.38
N GLY A 30 -2.80 -15.55 2.09
CA GLY A 30 -3.40 -16.55 1.16
C GLY A 30 -4.46 -15.88 0.29
N ASP A 31 -5.51 -15.38 0.88
CA ASP A 31 -6.57 -14.72 0.08
C ASP A 31 -7.69 -14.22 1.00
N LYS A 32 -7.43 -13.21 1.78
CA LYS A 32 -8.47 -12.68 2.71
C LYS A 32 -9.07 -11.39 2.13
N LEU A 33 -9.24 -10.39 2.96
CA LEU A 33 -9.82 -9.11 2.45
C LEU A 33 -8.94 -7.93 2.87
N ILE A 34 -9.46 -7.01 3.62
CA ILE A 34 -8.65 -5.83 4.05
C ILE A 34 -7.66 -5.40 2.96
N ILE A 35 -8.00 -5.61 1.72
CA ILE A 35 -7.07 -5.21 0.63
C ILE A 35 -7.55 -3.91 -0.03
N ASP A 36 -6.93 -2.81 0.28
CA ASP A 36 -7.35 -1.51 -0.32
C ASP A 36 -6.12 -0.71 -0.75
N SER A 37 -6.14 -0.18 -1.95
CA SER A 37 -4.97 0.62 -2.42
C SER A 37 -5.33 2.10 -2.49
N ALA A 38 -4.40 2.96 -2.19
CA ALA A 38 -4.71 4.43 -2.24
C ALA A 38 -3.59 5.17 -2.97
N ALA A 39 -3.73 6.46 -3.10
CA ALA A 39 -2.68 7.26 -3.80
C ALA A 39 -2.98 8.76 -3.68
N THR A 40 -2.48 9.38 -2.64
CA THR A 40 -2.73 10.84 -2.46
C THR A 40 -1.69 11.66 -3.23
N SER A 41 -1.91 11.86 -4.51
CA SER A 41 -0.93 12.65 -5.32
C SER A 41 -1.29 12.57 -6.79
N GLY A 42 -1.44 11.38 -7.33
CA GLY A 42 -1.79 11.25 -8.77
C GLY A 42 -0.74 11.98 -9.62
N PHE A 43 0.12 11.24 -10.26
CA PHE A 43 1.17 11.88 -11.10
C PHE A 43 1.49 11.00 -12.31
N HIS A 44 1.65 9.72 -12.10
CA HIS A 44 1.96 8.81 -13.24
C HIS A 44 0.92 7.69 -13.31
N VAL A 45 -0.28 7.93 -12.85
CA VAL A 45 -1.33 6.88 -12.89
C VAL A 45 -1.65 6.51 -14.33
N GLY A 46 -1.94 5.26 -14.59
CA GLY A 46 -2.25 4.84 -15.99
C GLY A 46 -0.98 4.86 -16.83
N GLN A 47 0.15 4.65 -16.21
CA GLN A 47 1.43 4.67 -16.98
C GLN A 47 2.61 4.32 -16.05
N SER A 48 3.71 4.99 -16.21
CA SER A 48 4.89 4.70 -15.34
C SER A 48 5.45 3.31 -15.64
N PRO A 49 6.69 3.29 -16.06
CA PRO A 49 7.35 2.00 -16.40
C PRO A 49 7.60 1.18 -15.13
N ASP A 50 6.57 0.59 -14.59
CA ASP A 50 6.73 -0.23 -13.35
C ASP A 50 6.92 -1.71 -13.73
N THR A 51 7.53 -1.97 -14.84
CA THR A 51 7.75 -3.39 -15.25
C THR A 51 8.80 -4.01 -14.35
N ARG A 52 9.64 -3.20 -13.76
CA ARG A 52 10.68 -3.74 -12.85
C ARG A 52 10.01 -4.20 -11.55
N SER A 53 9.24 -3.34 -10.94
CA SER A 53 8.55 -3.74 -9.68
C SER A 53 7.59 -4.89 -9.95
N GLN A 54 6.75 -4.76 -10.95
CA GLN A 54 5.80 -5.86 -11.26
C GLN A 54 6.59 -7.14 -11.56
N LYS A 55 7.64 -7.02 -12.34
CA LYS A 55 8.46 -8.22 -12.66
C LYS A 55 8.94 -8.88 -11.37
N VAL A 56 9.82 -8.24 -10.65
CA VAL A 56 10.32 -8.83 -9.38
C VAL A 56 9.14 -9.32 -8.55
N CYS A 57 8.03 -8.62 -8.63
CA CYS A 57 6.83 -9.04 -7.85
C CYS A 57 6.44 -10.46 -8.25
N LYS A 58 6.29 -10.71 -9.52
CA LYS A 58 5.91 -12.08 -9.96
C LYS A 58 7.13 -13.00 -9.89
N SER A 59 8.30 -12.44 -9.74
CA SER A 59 9.53 -13.27 -9.65
C SER A 59 9.85 -13.58 -8.19
N ASN A 60 9.22 -12.91 -7.28
CA ASN A 60 9.49 -13.17 -5.83
C ASN A 60 8.22 -13.69 -5.16
N GLY A 61 7.07 -13.28 -5.64
CA GLY A 61 5.80 -13.75 -5.05
C GLY A 61 4.82 -12.60 -4.91
N VAL A 62 4.10 -12.29 -5.95
CA VAL A 62 3.11 -11.17 -5.88
C VAL A 62 2.05 -11.33 -6.97
N ASP A 63 0.80 -11.44 -6.59
CA ASP A 63 -0.27 -11.59 -7.61
C ASP A 63 -0.79 -10.22 -8.04
N ILE A 64 -1.01 -10.03 -9.32
CA ILE A 64 -1.52 -8.71 -9.80
C ILE A 64 -2.18 -8.87 -11.17
N SER A 65 -3.24 -8.14 -11.42
CA SER A 65 -3.92 -8.25 -12.73
C SER A 65 -4.93 -7.11 -12.90
N LYS A 66 -4.66 -5.97 -12.32
CA LYS A 66 -5.59 -4.82 -12.43
C LYS A 66 -4.82 -3.49 -12.39
N GLN A 67 -4.34 -3.11 -11.25
CA GLN A 67 -3.58 -1.83 -11.15
C GLN A 67 -4.46 -0.66 -11.58
N ARG A 68 -4.93 0.12 -10.64
CA ARG A 68 -5.79 1.29 -10.99
C ARG A 68 -5.28 2.55 -10.30
N ALA A 69 -4.05 2.92 -10.53
CA ALA A 69 -3.50 4.15 -9.88
C ALA A 69 -4.51 5.30 -9.99
N ARG A 70 -4.73 6.01 -8.91
CA ARG A 70 -5.70 7.13 -8.96
C ARG A 70 -5.53 8.02 -7.71
N GLN A 71 -5.94 9.25 -7.79
CA GLN A 71 -5.80 10.16 -6.62
C GLN A 71 -6.93 9.88 -5.61
N ILE A 72 -6.59 9.81 -4.35
CA ILE A 72 -7.63 9.55 -3.31
C ILE A 72 -8.69 10.66 -3.33
N THR A 73 -9.88 10.37 -2.89
CA THR A 73 -10.94 11.41 -2.87
C THR A 73 -11.46 11.62 -1.44
N LYS A 74 -12.08 10.63 -0.88
CA LYS A 74 -12.60 10.77 0.52
C LYS A 74 -13.22 9.45 0.99
N ALA A 75 -13.81 8.72 0.11
CA ALA A 75 -14.43 7.42 0.51
C ALA A 75 -13.37 6.49 1.11
N ASP A 76 -12.12 6.79 0.90
CA ASP A 76 -11.04 5.93 1.46
C ASP A 76 -11.13 5.88 2.98
N PHE A 77 -11.74 6.87 3.59
CA PHE A 77 -11.86 6.88 5.07
C PHE A 77 -13.13 6.15 5.50
N SER A 78 -13.77 5.46 4.59
CA SER A 78 -15.02 4.73 4.95
C SER A 78 -14.95 3.29 4.44
N LYS A 79 -14.84 3.10 3.15
CA LYS A 79 -14.77 1.71 2.60
C LYS A 79 -13.77 0.89 3.41
N PHE A 80 -12.82 1.53 4.04
CA PHE A 80 -11.82 0.77 4.84
C PHE A 80 -11.67 1.38 6.23
N ASP A 81 -11.26 0.60 7.19
CA ASP A 81 -11.10 1.14 8.57
C ASP A 81 -9.62 1.36 8.89
N VAL A 82 -8.74 0.71 8.18
CA VAL A 82 -7.29 0.88 8.44
C VAL A 82 -6.58 1.37 7.18
N ILE A 83 -5.68 2.31 7.31
CA ILE A 83 -4.95 2.82 6.12
C ILE A 83 -3.44 2.70 6.34
N ALA A 84 -2.72 2.29 5.33
CA ALA A 84 -1.24 2.15 5.47
C ALA A 84 -0.51 3.03 4.46
N ALA A 85 0.38 3.87 4.92
CA ALA A 85 1.13 4.75 3.98
C ALA A 85 2.58 4.29 3.86
N LEU A 86 3.21 4.55 2.74
CA LEU A 86 4.62 4.13 2.57
C LEU A 86 5.57 5.28 2.92
N ASP A 87 5.26 6.47 2.47
CA ASP A 87 6.13 7.63 2.77
C ASP A 87 5.50 8.50 3.87
N GLN A 88 6.24 9.43 4.41
CA GLN A 88 5.69 10.31 5.48
C GLN A 88 4.86 11.43 4.86
N SER A 89 5.37 12.09 3.85
CA SER A 89 4.61 13.20 3.21
C SER A 89 3.15 12.79 3.02
N ILE A 90 2.91 11.73 2.29
CA ILE A 90 1.51 11.28 2.06
C ILE A 90 0.74 11.27 3.39
N LEU A 91 1.39 10.92 4.46
CA LEU A 91 0.70 10.90 5.78
C LEU A 91 0.42 12.32 6.26
N SER A 92 1.39 13.19 6.17
CA SER A 92 1.17 14.59 6.63
C SER A 92 0.07 15.26 5.80
N ASP A 93 -0.07 14.87 4.56
CA ASP A 93 -1.13 15.47 3.70
C ASP A 93 -2.44 14.70 3.85
N ILE A 94 -2.41 13.41 3.66
CA ILE A 94 -3.66 12.61 3.78
C ILE A 94 -4.38 12.95 5.10
N ASN A 95 -3.63 13.17 6.14
CA ASN A 95 -4.26 13.50 7.45
C ASN A 95 -4.68 14.98 7.47
N SER A 96 -4.17 15.76 6.57
CA SER A 96 -4.54 17.22 6.54
C SER A 96 -5.80 17.42 5.69
N MET A 97 -6.29 16.37 5.09
CA MET A 97 -7.52 16.50 4.25
C MET A 97 -8.68 15.73 4.89
N LYS A 98 -8.39 14.92 5.87
CA LYS A 98 -9.47 14.13 6.53
C LYS A 98 -10.50 15.08 7.16
N PRO A 99 -11.74 14.64 7.14
CA PRO A 99 -12.84 15.45 7.70
C PRO A 99 -12.77 15.46 9.23
N SER A 100 -13.77 15.99 9.88
CA SER A 100 -13.76 16.02 11.37
C SER A 100 -14.64 14.88 11.92
N ASN A 101 -15.32 14.17 11.07
CA ASN A 101 -16.18 13.06 11.55
C ASN A 101 -15.86 11.78 10.79
N CYS A 102 -14.64 11.32 10.85
CA CYS A 102 -14.27 10.07 10.13
C CYS A 102 -14.42 8.86 11.05
N ARG A 103 -14.20 7.68 10.54
CA ARG A 103 -14.33 6.46 11.39
C ARG A 103 -13.22 5.46 11.04
N ALA A 104 -12.19 5.91 10.37
CA ALA A 104 -11.08 4.99 10.00
C ALA A 104 -9.79 5.39 10.72
N LYS A 105 -8.69 4.80 10.37
CA LYS A 105 -7.40 5.15 11.03
C LYS A 105 -6.24 5.05 10.03
N VAL A 106 -5.20 5.81 10.23
CA VAL A 106 -4.05 5.75 9.29
C VAL A 106 -2.80 5.28 10.03
N VAL A 107 -1.94 4.55 9.37
CA VAL A 107 -0.70 4.06 10.04
C VAL A 107 0.46 4.02 9.04
N LEU A 108 1.66 3.99 9.53
CA LEU A 108 2.85 3.96 8.62
C LEU A 108 3.18 2.51 8.24
N PHE A 109 3.58 2.29 7.02
CA PHE A 109 3.92 0.90 6.59
C PHE A 109 5.42 0.66 6.74
N ASN A 110 6.24 1.58 6.30
CA ASN A 110 7.71 1.40 6.42
C ASN A 110 8.35 2.66 7.01
N PRO A 111 9.54 2.49 7.51
CA PRO A 111 10.28 3.61 8.12
C PRO A 111 10.82 4.55 7.04
N PRO A 112 11.30 5.69 7.47
CA PRO A 112 11.85 6.68 6.51
C PRO A 112 13.23 6.22 6.01
N ASN A 113 13.34 5.01 5.56
CA ASN A 113 14.65 4.51 5.06
C ASN A 113 14.64 4.46 3.52
N GLY A 114 13.54 4.08 2.93
CA GLY A 114 13.47 4.01 1.45
C GLY A 114 12.73 2.74 1.03
N VAL A 115 11.42 2.79 0.99
CA VAL A 115 10.64 1.60 0.59
C VAL A 115 9.82 1.90 -0.67
N ASP A 116 9.85 3.11 -1.14
CA ASP A 116 9.07 3.47 -2.35
C ASP A 116 9.96 4.22 -3.35
N ASP A 117 9.62 4.19 -4.61
CA ASP A 117 10.44 4.90 -5.62
C ASP A 117 9.78 4.81 -7.00
N PRO A 118 10.01 5.81 -7.80
CA PRO A 118 9.43 5.85 -9.17
C PRO A 118 10.14 4.83 -10.07
N TYR A 119 11.17 5.26 -10.75
CA TYR A 119 11.91 4.32 -11.65
C TYR A 119 13.11 3.73 -10.92
N TYR A 120 14.12 4.51 -10.67
CA TYR A 120 15.33 4.00 -9.97
C TYR A 120 15.94 2.83 -10.76
N SER A 121 17.23 2.66 -10.67
CA SER A 121 17.89 1.55 -11.41
C SER A 121 17.27 0.20 -11.02
N SER A 122 17.67 -0.33 -9.89
CA SER A 122 17.11 -1.63 -9.45
C SER A 122 17.31 -1.82 -7.94
N ASP A 123 17.51 -0.74 -7.22
CA ASP A 123 17.72 -0.87 -5.75
C ASP A 123 16.42 -0.53 -5.01
N GLY A 124 15.30 -0.72 -5.64
CA GLY A 124 14.00 -0.41 -4.96
C GLY A 124 13.03 -1.56 -5.19
N PHE A 125 12.93 -2.06 -6.39
CA PHE A 125 12.00 -3.18 -6.67
C PHE A 125 12.16 -4.28 -5.62
N PRO A 126 13.37 -4.65 -5.33
CA PRO A 126 13.64 -5.71 -4.32
C PRO A 126 13.35 -5.19 -2.92
N THR A 127 14.02 -4.16 -2.50
CA THR A 127 13.78 -3.61 -1.13
C THR A 127 12.29 -3.35 -0.93
N MET A 128 11.66 -2.70 -1.86
CA MET A 128 10.20 -2.40 -1.73
C MET A 128 9.46 -3.63 -1.19
N PHE A 129 9.24 -4.62 -2.02
CA PHE A 129 8.53 -5.84 -1.56
C PHE A 129 9.21 -6.41 -0.30
N ALA A 130 10.47 -6.68 -0.38
CA ALA A 130 11.19 -7.25 0.81
C ALA A 130 10.84 -6.45 2.07
N SER A 131 10.44 -5.22 1.91
CA SER A 131 10.08 -4.39 3.10
C SER A 131 8.60 -4.58 3.42
N ILE A 132 7.75 -4.20 2.51
CA ILE A 132 6.29 -4.38 2.74
C ILE A 132 6.02 -5.83 3.15
N SER A 133 6.93 -6.72 2.82
CA SER A 133 6.74 -8.14 3.18
C SER A 133 7.40 -8.41 4.54
N LYS A 134 8.67 -8.12 4.67
CA LYS A 134 9.35 -8.35 5.98
C LYS A 134 8.54 -7.71 7.10
N GLU A 135 7.76 -6.72 6.78
CA GLU A 135 6.94 -6.04 7.83
C GLU A 135 5.46 -6.10 7.46
N MET A 136 4.97 -7.28 7.13
CA MET A 136 3.53 -7.39 6.76
C MET A 136 2.82 -8.31 7.75
N LYS A 137 3.56 -9.19 8.39
CA LYS A 137 2.93 -10.11 9.37
C LYS A 137 2.79 -9.42 10.74
N PRO A 138 3.79 -8.68 11.12
CA PRO A 138 3.77 -7.96 12.41
C PRO A 138 2.92 -6.68 12.30
N PHE A 139 2.50 -6.35 11.11
CA PHE A 139 1.68 -5.12 10.93
C PHE A 139 0.21 -5.40 11.28
N LEU A 140 -0.46 -6.18 10.49
CA LEU A 140 -1.89 -6.49 10.79
C LEU A 140 -2.00 -7.34 12.06
N THR A 141 -0.94 -8.03 12.40
CA THR A 141 -0.99 -8.88 13.63
C THR A 141 -1.09 -7.99 14.88
N GLU A 142 -0.51 -6.82 14.83
CA GLU A 142 -0.56 -5.90 16.01
C GLU A 142 -1.58 -4.79 15.77
N HIS A 143 -1.84 -4.47 14.53
CA HIS A 143 -2.82 -3.40 14.22
C HIS A 143 -4.22 -3.82 14.65
N GLY A 144 -4.39 -5.06 15.03
CA GLY A 144 -5.74 -5.53 15.46
C GLY A 144 -6.26 -6.58 14.47
N LEU A 145 -5.54 -7.65 14.31
CA LEU A 145 -5.98 -8.71 13.36
C LEU A 145 -5.24 -10.02 13.64
N ILE A 146 -5.39 -10.56 14.82
CA ILE A 146 -4.70 -11.83 15.15
C ILE A 146 -5.72 -12.94 15.45
N ALA A 1 -19.60 -3.26 14.68
CA ALA A 1 -19.55 -4.64 15.22
C ALA A 1 -18.68 -5.54 14.34
N ALA A 2 -17.64 -6.08 14.89
CA ALA A 2 -16.74 -6.97 14.08
C ALA A 2 -16.26 -6.22 12.84
N GLU A 3 -15.45 -5.21 13.01
CA GLU A 3 -14.93 -4.45 11.85
C GLU A 3 -14.18 -5.37 10.89
N LYS A 4 -14.39 -5.21 9.61
CA LYS A 4 -13.67 -6.07 8.64
C LYS A 4 -12.21 -5.65 8.57
N LYS A 5 -11.61 -5.70 7.42
CA LYS A 5 -10.18 -5.30 7.32
C LYS A 5 -9.91 -4.59 6.00
N ALA A 6 -8.97 -3.69 6.00
CA ALA A 6 -8.64 -2.94 4.75
C ALA A 6 -7.52 -1.93 5.01
N VAL A 7 -6.37 -2.13 4.42
CA VAL A 7 -5.24 -1.19 4.64
C VAL A 7 -5.09 -0.26 3.44
N LEU A 8 -4.94 1.02 3.69
CA LEU A 8 -4.77 1.98 2.57
C LEU A 8 -3.30 2.13 2.18
N PHE A 9 -2.78 1.21 1.43
CA PHE A 9 -1.35 1.30 1.02
C PHE A 9 -1.16 2.49 0.07
N VAL A 10 -0.50 3.53 0.52
CA VAL A 10 -0.30 4.72 -0.36
C VAL A 10 1.15 5.21 -0.28
N CYS A 11 1.63 5.85 -1.30
CA CYS A 11 3.03 6.36 -1.30
C CYS A 11 3.10 7.75 -1.94
N LEU A 12 2.65 7.87 -3.15
CA LEU A 12 2.70 9.20 -3.82
C LEU A 12 2.18 9.10 -5.26
N GLY A 13 2.82 8.30 -6.07
CA GLY A 13 2.37 8.15 -7.48
C GLY A 13 1.22 7.13 -7.55
N ASN A 14 0.94 6.47 -6.47
CA ASN A 14 -0.17 5.47 -6.47
C ASN A 14 0.20 4.28 -7.38
N ILE A 15 1.47 4.01 -7.53
CA ILE A 15 1.89 2.87 -8.39
C ILE A 15 2.94 2.03 -7.69
N CYS A 16 3.82 2.65 -6.94
CA CYS A 16 4.87 1.89 -6.23
C CYS A 16 4.28 0.62 -5.60
N ARG A 17 3.20 0.76 -4.88
CA ARG A 17 2.57 -0.43 -4.25
C ARG A 17 1.41 -0.93 -5.10
N SER A 18 1.39 -2.20 -5.41
CA SER A 18 0.28 -2.75 -6.25
C SER A 18 0.58 -4.20 -6.63
N PRO A 19 1.66 -4.37 -7.34
CA PRO A 19 2.07 -5.72 -7.79
C PRO A 19 2.62 -6.53 -6.60
N ALA A 20 3.14 -5.85 -5.60
CA ALA A 20 3.69 -6.57 -4.43
C ALA A 20 2.77 -6.41 -3.22
N CYS A 21 2.02 -5.35 -3.18
CA CYS A 21 1.09 -5.15 -2.03
C CYS A 21 -0.16 -5.98 -2.24
N GLU A 22 -0.86 -5.75 -3.31
CA GLU A 22 -2.08 -6.55 -3.59
C GLU A 22 -1.71 -8.04 -3.62
N GLY A 23 -0.48 -8.34 -3.95
CA GLY A 23 -0.04 -9.76 -4.00
C GLY A 23 0.15 -10.27 -2.58
N ILE A 24 0.96 -9.62 -1.80
CA ILE A 24 1.19 -10.09 -0.40
C ILE A 24 -0.17 -10.28 0.30
N CYS A 25 -1.05 -9.33 0.13
CA CYS A 25 -2.39 -9.44 0.79
C CYS A 25 -3.25 -10.47 0.08
N ARG A 26 -3.10 -10.60 -1.21
CA ARG A 26 -3.92 -11.60 -1.96
C ARG A 26 -3.53 -13.01 -1.55
N ASP A 27 -2.26 -13.25 -1.35
CA ASP A 27 -1.82 -14.62 -0.94
C ASP A 27 -2.05 -14.82 0.57
N MET A 28 -1.78 -13.81 1.35
CA MET A 28 -1.98 -13.94 2.82
C MET A 28 -3.48 -13.96 3.15
N VAL A 29 -4.25 -13.13 2.51
CA VAL A 29 -5.72 -13.10 2.78
C VAL A 29 -6.47 -12.53 1.58
N GLY A 30 -6.14 -12.96 0.39
CA GLY A 30 -6.84 -12.44 -0.82
C GLY A 30 -8.34 -12.72 -0.70
N ASP A 31 -8.72 -13.65 0.14
CA ASP A 31 -10.16 -13.97 0.31
C ASP A 31 -10.82 -13.01 1.29
N LYS A 32 -10.31 -11.81 1.39
CA LYS A 32 -10.91 -10.83 2.34
C LYS A 32 -10.68 -9.40 1.83
N LEU A 33 -10.21 -8.52 2.67
CA LEU A 33 -9.97 -7.11 2.22
C LEU A 33 -8.55 -6.67 2.58
N ILE A 34 -8.42 -5.75 3.50
CA ILE A 34 -7.07 -5.26 3.93
C ILE A 34 -6.27 -4.72 2.72
N ILE A 35 -6.84 -4.72 1.55
CA ILE A 35 -6.09 -4.22 0.36
C ILE A 35 -6.72 -2.95 -0.19
N ASP A 36 -6.13 -1.81 0.08
CA ASP A 36 -6.70 -0.54 -0.45
C ASP A 36 -5.56 0.37 -0.94
N SER A 37 -5.37 0.44 -2.22
CA SER A 37 -4.27 1.30 -2.77
C SER A 37 -4.76 2.74 -2.91
N ALA A 38 -3.97 3.70 -2.46
CA ALA A 38 -4.40 5.12 -2.58
C ALA A 38 -3.18 6.02 -2.78
N ALA A 39 -3.40 7.25 -3.16
CA ALA A 39 -2.25 8.18 -3.38
C ALA A 39 -2.73 9.46 -4.06
N THR A 40 -3.13 10.43 -3.29
CA THR A 40 -3.61 11.72 -3.89
C THR A 40 -2.54 12.31 -4.81
N SER A 41 -2.66 12.07 -6.09
CA SER A 41 -1.64 12.62 -7.05
C SER A 41 -1.91 12.10 -8.46
N GLY A 42 -1.82 10.80 -8.66
CA GLY A 42 -2.07 10.24 -10.02
C GLY A 42 -0.92 10.62 -10.95
N PHE A 43 -1.15 11.54 -11.85
CA PHE A 43 -0.07 11.96 -12.79
C PHE A 43 0.52 10.73 -13.49
N HIS A 44 1.50 10.11 -12.89
CA HIS A 44 2.12 8.91 -13.52
C HIS A 44 1.10 7.77 -13.59
N VAL A 45 -0.03 7.93 -12.97
CA VAL A 45 -1.06 6.85 -13.01
C VAL A 45 -1.28 6.37 -14.44
N GLY A 46 -1.24 5.08 -14.67
CA GLY A 46 -1.44 4.56 -16.05
C GLY A 46 -0.09 4.30 -16.70
N GLN A 47 0.93 5.02 -16.30
CA GLN A 47 2.28 4.81 -16.91
C GLN A 47 3.26 4.29 -15.85
N SER A 48 4.44 4.84 -15.81
CA SER A 48 5.45 4.38 -14.80
C SER A 48 5.95 2.98 -15.16
N PRO A 49 7.24 2.82 -15.07
CA PRO A 49 7.86 1.51 -15.38
C PRO A 49 7.49 0.47 -14.32
N ASP A 50 6.33 -0.12 -14.44
CA ASP A 50 5.90 -1.14 -13.43
C ASP A 50 6.51 -2.50 -13.77
N THR A 51 7.40 -2.54 -14.73
CA THR A 51 8.03 -3.84 -15.11
C THR A 51 9.03 -4.23 -14.02
N ARG A 52 9.56 -3.27 -13.33
CA ARG A 52 10.53 -3.58 -12.25
C ARG A 52 9.77 -4.16 -11.05
N SER A 53 8.72 -3.52 -10.65
CA SER A 53 7.92 -4.03 -9.50
C SER A 53 7.33 -5.40 -9.84
N GLN A 54 6.69 -5.50 -10.99
CA GLN A 54 6.11 -6.81 -11.38
C GLN A 54 7.21 -7.85 -11.49
N LYS A 55 8.30 -7.51 -12.13
CA LYS A 55 9.42 -8.47 -12.27
C LYS A 55 9.84 -8.96 -10.88
N VAL A 56 10.44 -8.09 -10.09
CA VAL A 56 10.86 -8.51 -8.73
C VAL A 56 9.70 -9.21 -8.03
N CYS A 57 8.50 -8.77 -8.29
CA CYS A 57 7.32 -9.42 -7.65
C CYS A 57 7.35 -10.93 -7.95
N LYS A 58 7.49 -11.28 -9.20
CA LYS A 58 7.54 -12.73 -9.55
C LYS A 58 8.88 -13.31 -9.12
N SER A 59 9.88 -12.48 -8.96
CA SER A 59 11.22 -12.99 -8.53
C SER A 59 11.25 -13.16 -7.01
N ASN A 60 10.28 -12.61 -6.33
CA ASN A 60 10.25 -12.75 -4.85
C ASN A 60 9.09 -13.65 -4.45
N GLY A 61 8.19 -13.88 -5.37
CA GLY A 61 7.02 -14.75 -5.07
C GLY A 61 5.83 -13.89 -4.67
N VAL A 62 4.91 -13.68 -5.58
CA VAL A 62 3.72 -12.84 -5.26
C VAL A 62 2.71 -12.90 -6.41
N ASP A 63 1.44 -12.87 -6.10
CA ASP A 63 0.40 -12.93 -7.17
C ASP A 63 0.12 -11.51 -7.71
N ILE A 64 0.39 -11.30 -8.97
CA ILE A 64 0.14 -9.96 -9.57
C ILE A 64 -0.67 -10.09 -10.85
N SER A 65 -1.09 -8.99 -11.42
CA SER A 65 -1.88 -9.06 -12.69
C SER A 65 -1.96 -7.67 -13.35
N LYS A 66 -0.96 -6.85 -13.14
CA LYS A 66 -0.97 -5.50 -13.75
C LYS A 66 -2.21 -4.72 -13.28
N GLN A 67 -2.10 -3.42 -13.19
CA GLN A 67 -3.27 -2.62 -12.73
C GLN A 67 -3.03 -1.13 -13.06
N ARG A 68 -3.59 -0.25 -12.28
CA ARG A 68 -3.39 1.21 -12.54
C ARG A 68 -3.55 2.00 -11.24
N ALA A 69 -3.43 3.30 -11.30
CA ALA A 69 -3.56 4.12 -10.07
C ALA A 69 -4.91 4.87 -10.08
N ARG A 70 -5.71 4.67 -9.07
CA ARG A 70 -7.03 5.37 -9.02
C ARG A 70 -7.02 6.42 -7.90
N GLN A 71 -5.86 6.92 -7.56
CA GLN A 71 -5.79 7.95 -6.48
C GLN A 71 -6.79 7.62 -5.36
N ILE A 72 -7.26 8.63 -4.66
CA ILE A 72 -8.23 8.38 -3.56
C ILE A 72 -9.40 9.36 -3.66
N THR A 73 -10.48 9.09 -2.97
CA THR A 73 -11.65 10.01 -3.03
C THR A 73 -12.06 10.45 -1.62
N LYS A 74 -12.75 9.60 -0.90
CA LYS A 74 -13.16 9.97 0.48
C LYS A 74 -13.61 8.73 1.25
N ALA A 75 -14.26 7.81 0.58
CA ALA A 75 -14.73 6.57 1.27
C ALA A 75 -13.54 5.86 1.94
N ASP A 76 -12.35 6.13 1.49
CA ASP A 76 -11.16 5.47 2.10
C ASP A 76 -11.29 5.42 3.62
N PHE A 77 -12.00 6.36 4.20
CA PHE A 77 -12.16 6.36 5.68
C PHE A 77 -13.08 5.21 6.11
N SER A 78 -14.14 4.99 5.39
CA SER A 78 -15.07 3.87 5.76
C SER A 78 -14.75 2.62 4.95
N LYS A 79 -14.61 2.76 3.66
CA LYS A 79 -14.29 1.58 2.80
C LYS A 79 -13.19 0.73 3.46
N PHE A 80 -12.38 1.34 4.29
CA PHE A 80 -11.29 0.55 4.94
C PHE A 80 -11.24 0.86 6.44
N ASP A 81 -10.33 0.26 7.15
CA ASP A 81 -10.24 0.52 8.62
C ASP A 81 -8.85 1.06 8.98
N VAL A 82 -7.85 0.69 8.24
CA VAL A 82 -6.48 1.20 8.55
C VAL A 82 -5.82 1.78 7.30
N ILE A 83 -5.08 2.84 7.44
CA ILE A 83 -4.41 3.47 6.26
C ILE A 83 -2.89 3.33 6.38
N ALA A 84 -2.23 2.94 5.34
CA ALA A 84 -0.75 2.78 5.39
C ALA A 84 -0.08 3.86 4.53
N ALA A 85 0.78 4.65 5.12
CA ALA A 85 1.48 5.71 4.34
C ALA A 85 2.92 5.31 4.06
N LEU A 86 3.38 5.52 2.86
CA LEU A 86 4.79 5.15 2.53
C LEU A 86 5.66 6.40 2.38
N ASP A 87 5.16 7.53 2.77
CA ASP A 87 5.95 8.79 2.66
C ASP A 87 5.54 9.79 3.73
N GLN A 88 6.22 10.89 3.83
CA GLN A 88 5.86 11.92 4.86
C GLN A 88 4.71 12.79 4.35
N SER A 89 4.89 13.44 3.23
CA SER A 89 3.80 14.29 2.69
C SER A 89 2.48 13.52 2.65
N ILE A 90 2.49 12.36 2.07
CA ILE A 90 1.24 11.54 2.01
C ILE A 90 0.53 11.56 3.36
N LEU A 91 1.24 11.27 4.42
CA LEU A 91 0.61 11.28 5.77
C LEU A 91 0.12 12.68 6.10
N SER A 92 1.00 13.65 6.05
CA SER A 92 0.57 15.05 6.35
C SER A 92 -0.61 15.44 5.46
N ASP A 93 -0.83 14.73 4.39
CA ASP A 93 -1.95 15.05 3.48
C ASP A 93 -3.24 14.38 3.98
N ILE A 94 -3.30 13.08 3.89
CA ILE A 94 -4.52 12.36 4.36
C ILE A 94 -4.93 12.86 5.75
N ASN A 95 -4.02 12.85 6.68
CA ASN A 95 -4.36 13.35 8.05
C ASN A 95 -4.82 14.80 7.97
N SER A 96 -4.55 15.45 6.87
CA SER A 96 -4.98 16.87 6.73
C SER A 96 -6.45 16.95 6.34
N MET A 97 -6.88 16.08 5.47
CA MET A 97 -8.32 16.10 5.05
C MET A 97 -9.18 15.29 6.03
N LYS A 98 -8.58 14.33 6.69
CA LYS A 98 -9.36 13.51 7.66
C LYS A 98 -10.27 14.41 8.51
N PRO A 99 -11.46 13.93 8.74
CA PRO A 99 -12.45 14.69 9.54
C PRO A 99 -12.06 14.68 11.02
N SER A 100 -12.99 14.97 11.88
CA SER A 100 -12.67 14.97 13.35
C SER A 100 -13.22 13.70 14.00
N ASN A 101 -13.92 12.89 13.25
CA ASN A 101 -14.47 11.63 13.84
C ASN A 101 -14.71 10.59 12.73
N CYS A 102 -13.94 9.54 12.72
CA CYS A 102 -14.13 8.49 11.68
C CYS A 102 -14.03 7.10 12.30
N ARG A 103 -13.75 6.10 11.50
CA ARG A 103 -13.64 4.72 12.04
C ARG A 103 -12.37 4.05 11.52
N ALA A 104 -11.33 4.82 11.28
CA ALA A 104 -10.06 4.21 10.78
C ALA A 104 -8.87 5.07 11.22
N LYS A 105 -7.72 4.47 11.31
CA LYS A 105 -6.51 5.24 11.74
C LYS A 105 -5.46 5.26 10.62
N VAL A 106 -4.52 6.17 10.68
CA VAL A 106 -3.48 6.23 9.63
C VAL A 106 -2.10 5.93 10.22
N VAL A 107 -1.37 5.03 9.62
CA VAL A 107 -0.01 4.70 10.15
C VAL A 107 1.02 4.75 9.03
N LEU A 108 2.29 4.80 9.38
CA LEU A 108 3.35 4.84 8.32
C LEU A 108 4.09 3.51 8.27
N PHE A 109 4.25 2.95 7.10
CA PHE A 109 4.97 1.64 6.98
C PHE A 109 6.47 1.85 7.16
N ASN A 110 7.09 2.61 6.29
CA ASN A 110 8.55 2.85 6.42
C ASN A 110 8.92 4.20 5.80
N PRO A 111 10.16 4.55 5.93
CA PRO A 111 10.66 5.83 5.37
C PRO A 111 10.81 5.73 3.85
N PRO A 112 11.16 6.83 3.24
CA PRO A 112 11.34 6.87 1.78
C PRO A 112 12.64 6.15 1.37
N ASN A 113 13.31 5.55 2.31
CA ASN A 113 14.58 4.83 1.98
C ASN A 113 14.38 3.32 2.12
N GLY A 114 13.22 2.90 2.53
CA GLY A 114 12.98 1.43 2.70
C GLY A 114 11.88 0.99 1.73
N VAL A 115 10.71 0.71 2.24
CA VAL A 115 9.59 0.26 1.35
C VAL A 115 9.08 1.46 0.53
N ASP A 116 9.80 1.87 -0.47
CA ASP A 116 9.36 3.01 -1.30
C ASP A 116 9.97 2.93 -2.70
N ASP A 117 9.21 3.23 -3.72
CA ASP A 117 9.74 3.17 -5.10
C ASP A 117 9.81 4.58 -5.70
N PRO A 118 11.01 5.06 -5.88
CA PRO A 118 11.21 6.41 -6.45
C PRO A 118 10.90 6.41 -7.96
N TYR A 119 11.88 6.16 -8.78
CA TYR A 119 11.63 6.15 -10.25
C TYR A 119 12.83 5.53 -10.98
N TYR A 120 12.57 4.84 -12.06
CA TYR A 120 13.69 4.21 -12.82
C TYR A 120 14.69 3.57 -11.86
N SER A 121 15.96 3.69 -12.13
CA SER A 121 16.99 3.09 -11.23
C SER A 121 16.61 3.34 -9.77
N SER A 122 16.34 2.30 -9.02
CA SER A 122 15.96 2.48 -7.59
C SER A 122 16.29 1.21 -6.80
N ASP A 123 15.97 1.20 -5.53
CA ASP A 123 16.25 0.00 -4.69
C ASP A 123 15.05 -0.32 -3.80
N GLY A 124 13.90 0.16 -4.15
CA GLY A 124 12.70 -0.10 -3.32
C GLY A 124 11.88 -1.24 -3.93
N PHE A 125 12.03 -1.47 -5.21
CA PHE A 125 11.27 -2.56 -5.86
C PHE A 125 11.30 -3.83 -5.00
N PRO A 126 12.49 -4.27 -4.71
CA PRO A 126 12.66 -5.48 -3.85
C PRO A 126 12.28 -5.17 -2.41
N THR A 127 12.71 -4.04 -1.90
CA THR A 127 12.37 -3.68 -0.50
C THR A 127 10.85 -3.55 -0.34
N MET A 128 10.16 -3.22 -1.41
CA MET A 128 8.69 -3.08 -1.33
C MET A 128 8.06 -4.41 -0.88
N PHE A 129 8.08 -5.39 -1.75
CA PHE A 129 7.50 -6.71 -1.38
C PHE A 129 8.34 -7.36 -0.28
N ALA A 130 9.58 -6.96 -0.16
CA ALA A 130 10.45 -7.56 0.89
C ALA A 130 9.93 -7.18 2.28
N SER A 131 9.53 -5.95 2.45
CA SER A 131 8.99 -5.53 3.79
C SER A 131 7.52 -5.90 3.86
N ILE A 132 6.86 -5.88 2.74
CA ILE A 132 5.41 -6.24 2.72
C ILE A 132 5.26 -7.73 3.02
N SER A 133 6.26 -8.51 2.69
CA SER A 133 6.18 -9.98 2.96
C SER A 133 7.02 -10.33 4.19
N LYS A 134 8.00 -9.53 4.51
CA LYS A 134 8.85 -9.84 5.70
C LYS A 134 8.24 -9.23 6.97
N GLU A 135 7.37 -8.27 6.81
CA GLU A 135 6.74 -7.63 8.01
C GLU A 135 5.22 -7.71 7.93
N MET A 136 4.70 -8.82 7.47
CA MET A 136 3.21 -8.96 7.36
C MET A 136 2.61 -9.40 8.70
N LYS A 137 3.41 -9.97 9.56
CA LYS A 137 2.89 -10.43 10.88
C LYS A 137 2.94 -9.30 11.91
N PRO A 138 4.04 -8.60 11.94
CA PRO A 138 4.20 -7.49 12.91
C PRO A 138 3.41 -6.26 12.44
N PHE A 139 2.70 -6.37 11.35
CA PHE A 139 1.91 -5.21 10.86
C PHE A 139 0.42 -5.45 11.08
N LEU A 140 -0.16 -6.36 10.35
CA LEU A 140 -1.62 -6.64 10.52
C LEU A 140 -1.90 -7.15 11.94
N THR A 141 -1.08 -8.04 12.43
CA THR A 141 -1.29 -8.58 13.80
C THR A 141 -1.13 -7.47 14.84
N GLU A 142 -0.64 -6.33 14.44
CA GLU A 142 -0.45 -5.21 15.41
C GLU A 142 -1.55 -4.15 15.22
N HIS A 143 -1.79 -3.76 13.99
CA HIS A 143 -2.84 -2.74 13.75
C HIS A 143 -4.09 -3.05 14.58
N GLY A 144 -4.28 -4.28 14.93
CA GLY A 144 -5.48 -4.65 15.73
C GLY A 144 -6.21 -5.81 15.05
N LEU A 145 -5.49 -6.71 14.45
CA LEU A 145 -6.15 -7.86 13.77
C LEU A 145 -5.39 -9.16 14.07
N ILE A 146 -4.48 -9.55 13.20
CA ILE A 146 -3.72 -10.81 13.44
C ILE A 146 -2.53 -10.90 12.49
N ALA A 1 -10.88 -13.77 19.42
CA ALA A 1 -11.26 -12.91 18.25
C ALA A 1 -10.20 -13.03 17.15
N ALA A 2 -10.61 -13.17 15.93
CA ALA A 2 -9.63 -13.27 14.82
C ALA A 2 -10.28 -12.85 13.50
N GLU A 3 -10.99 -11.76 13.49
CA GLU A 3 -11.64 -11.29 12.23
C GLU A 3 -10.62 -10.67 11.30
N LYS A 4 -11.07 -10.19 10.17
CA LYS A 4 -10.13 -9.56 9.21
C LYS A 4 -10.53 -8.10 9.04
N LYS A 5 -9.58 -7.23 8.86
CA LYS A 5 -9.92 -5.78 8.71
C LYS A 5 -9.46 -5.26 7.36
N ALA A 6 -9.25 -3.97 7.26
CA ALA A 6 -8.79 -3.38 5.97
C ALA A 6 -7.63 -2.40 6.21
N VAL A 7 -6.74 -2.28 5.27
CA VAL A 7 -5.59 -1.35 5.44
C VAL A 7 -5.32 -0.61 4.12
N LEU A 8 -5.54 0.68 4.11
CA LEU A 8 -5.31 1.46 2.85
C LEU A 8 -3.82 1.74 2.66
N PHE A 9 -3.17 0.99 1.80
CA PHE A 9 -1.73 1.23 1.56
C PHE A 9 -1.57 2.30 0.45
N VAL A 10 -1.18 3.49 0.82
CA VAL A 10 -1.02 4.55 -0.21
C VAL A 10 0.29 5.32 -0.03
N CYS A 11 0.57 6.25 -0.91
CA CYS A 11 1.84 7.02 -0.79
C CYS A 11 2.04 7.87 -2.06
N LEU A 12 1.08 8.66 -2.42
CA LEU A 12 1.22 9.50 -3.65
C LEU A 12 1.57 8.63 -4.84
N GLY A 13 2.84 8.42 -5.09
CA GLY A 13 3.25 7.57 -6.25
C GLY A 13 3.34 6.11 -5.82
N ASN A 14 2.23 5.43 -5.73
CA ASN A 14 2.26 4.00 -5.30
C ASN A 14 3.14 3.18 -6.25
N ILE A 15 3.00 3.38 -7.53
CA ILE A 15 3.83 2.61 -8.50
C ILE A 15 5.25 2.43 -7.97
N CYS A 16 5.72 3.38 -7.20
CA CYS A 16 7.10 3.26 -6.65
C CYS A 16 7.07 3.40 -5.13
N ARG A 17 6.03 2.91 -4.51
CA ARG A 17 5.92 3.00 -3.03
C ARG A 17 4.99 1.92 -2.49
N SER A 18 5.48 0.73 -2.35
CA SER A 18 4.63 -0.39 -1.81
C SER A 18 3.38 -0.57 -2.68
N PRO A 19 3.56 -0.53 -3.96
CA PRO A 19 2.43 -0.72 -4.90
C PRO A 19 2.02 -2.19 -4.93
N ALA A 20 2.91 -3.06 -4.54
CA ALA A 20 2.57 -4.51 -4.54
C ALA A 20 1.95 -4.90 -3.19
N CYS A 21 1.67 -3.94 -2.35
CA CYS A 21 1.06 -4.27 -1.03
C CYS A 21 -0.23 -5.04 -1.25
N GLU A 22 -0.97 -4.66 -2.23
CA GLU A 22 -2.25 -5.35 -2.54
C GLU A 22 -1.97 -6.82 -2.89
N GLY A 23 -0.97 -7.06 -3.69
CA GLY A 23 -0.65 -8.47 -4.07
C GLY A 23 0.01 -9.18 -2.89
N ILE A 24 1.17 -8.74 -2.48
CA ILE A 24 1.87 -9.40 -1.35
C ILE A 24 0.86 -9.73 -0.24
N CYS A 25 0.01 -8.80 0.10
CA CYS A 25 -0.99 -9.06 1.17
C CYS A 25 -2.08 -10.01 0.66
N ARG A 26 -2.50 -9.83 -0.56
CA ARG A 26 -3.54 -10.73 -1.12
C ARG A 26 -3.11 -12.18 -0.99
N ASP A 27 -1.84 -12.44 -1.14
CA ASP A 27 -1.34 -13.84 -1.01
C ASP A 27 -0.99 -14.16 0.45
N MET A 28 -0.54 -13.18 1.18
CA MET A 28 -0.19 -13.44 2.61
C MET A 28 -1.45 -13.58 3.46
N VAL A 29 -2.54 -12.98 3.05
CA VAL A 29 -3.80 -13.10 3.84
C VAL A 29 -4.94 -13.65 2.96
N GLY A 30 -4.82 -13.52 1.67
CA GLY A 30 -5.89 -14.03 0.78
C GLY A 30 -6.76 -12.87 0.28
N ASP A 31 -7.88 -13.15 -0.32
CA ASP A 31 -8.76 -12.07 -0.81
C ASP A 31 -9.56 -11.46 0.34
N LYS A 32 -8.95 -10.58 1.10
CA LYS A 32 -9.67 -9.96 2.25
C LYS A 32 -9.88 -8.47 1.98
N LEU A 33 -9.69 -7.64 2.99
CA LEU A 33 -9.88 -6.17 2.78
C LEU A 33 -8.60 -5.42 3.12
N ILE A 34 -7.92 -5.82 4.17
CA ILE A 34 -6.66 -5.14 4.57
C ILE A 34 -5.91 -4.62 3.33
N ILE A 35 -6.02 -5.30 2.25
CA ILE A 35 -5.33 -4.86 1.00
C ILE A 35 -6.08 -3.69 0.36
N ASP A 36 -5.77 -2.48 0.74
CA ASP A 36 -6.46 -1.31 0.13
C ASP A 36 -5.42 -0.34 -0.45
N SER A 37 -4.80 -0.72 -1.53
CA SER A 37 -3.78 0.18 -2.15
C SER A 37 -4.46 1.36 -2.84
N ALA A 38 -4.00 2.55 -2.59
CA ALA A 38 -4.63 3.74 -3.23
C ALA A 38 -3.57 4.79 -3.55
N ALA A 39 -3.98 5.96 -3.97
CA ALA A 39 -2.99 7.03 -4.29
C ALA A 39 -3.69 8.38 -4.42
N THR A 40 -3.04 9.45 -4.04
CA THR A 40 -3.68 10.79 -4.14
C THR A 40 -2.77 11.75 -4.93
N SER A 41 -2.75 11.61 -6.22
CA SER A 41 -1.88 12.51 -7.05
C SER A 41 -2.43 12.62 -8.47
N GLY A 42 -2.55 11.52 -9.16
CA GLY A 42 -3.08 11.56 -10.55
C GLY A 42 -1.98 12.02 -11.51
N PHE A 43 -0.76 11.61 -11.27
CA PHE A 43 0.36 12.02 -12.17
C PHE A 43 1.10 10.79 -12.67
N HIS A 44 1.62 9.99 -11.78
CA HIS A 44 2.36 8.78 -12.22
C HIS A 44 1.40 7.61 -12.46
N VAL A 45 0.52 7.74 -13.40
CA VAL A 45 -0.45 6.64 -13.68
C VAL A 45 -0.81 6.60 -15.17
N GLY A 46 -1.11 5.44 -15.68
CA GLY A 46 -1.47 5.35 -17.13
C GLY A 46 -0.22 4.99 -17.94
N GLN A 47 0.77 4.42 -17.31
CA GLN A 47 2.01 4.06 -18.05
C GLN A 47 2.96 3.28 -17.14
N SER A 48 4.25 3.41 -17.35
CA SER A 48 5.23 2.68 -16.50
C SER A 48 5.13 1.17 -16.75
N PRO A 49 6.23 0.60 -17.17
CA PRO A 49 6.28 -0.85 -17.46
C PRO A 49 6.16 -1.65 -16.16
N ASP A 50 4.97 -1.97 -15.75
CA ASP A 50 4.80 -2.76 -14.49
C ASP A 50 4.85 -4.26 -14.78
N THR A 51 5.30 -4.64 -15.95
CA THR A 51 5.37 -6.08 -16.28
C THR A 51 6.53 -6.70 -15.51
N ARG A 52 7.60 -5.96 -15.39
CA ARG A 52 8.77 -6.49 -14.64
C ARG A 52 8.44 -6.50 -13.15
N SER A 53 7.75 -5.51 -12.68
CA SER A 53 7.39 -5.46 -11.23
C SER A 53 6.44 -6.60 -10.90
N GLN A 54 5.30 -6.66 -11.54
CA GLN A 54 4.35 -7.78 -11.25
C GLN A 54 5.05 -9.11 -11.51
N LYS A 55 5.75 -9.20 -12.60
CA LYS A 55 6.48 -10.46 -12.92
C LYS A 55 7.36 -10.86 -11.73
N VAL A 56 8.44 -10.16 -11.51
CA VAL A 56 9.33 -10.49 -10.37
C VAL A 56 8.48 -10.79 -9.13
N CYS A 57 7.41 -10.05 -8.96
CA CYS A 57 6.53 -10.29 -7.78
C CYS A 57 6.09 -11.75 -7.77
N LYS A 58 5.58 -12.23 -8.87
CA LYS A 58 5.13 -13.65 -8.93
C LYS A 58 6.36 -14.57 -8.82
N SER A 59 7.49 -14.10 -9.26
CA SER A 59 8.72 -14.93 -9.18
C SER A 59 9.34 -14.83 -7.78
N ASN A 60 8.85 -13.92 -6.98
CA ASN A 60 9.40 -13.76 -5.60
C ASN A 60 8.37 -14.25 -4.59
N GLY A 61 7.12 -14.10 -4.91
CA GLY A 61 6.05 -14.57 -3.98
C GLY A 61 4.96 -13.50 -3.87
N VAL A 62 4.33 -13.17 -4.96
CA VAL A 62 3.25 -12.15 -4.91
C VAL A 62 2.77 -11.82 -6.34
N ASP A 63 1.50 -11.66 -6.52
CA ASP A 63 0.96 -11.35 -7.88
C ASP A 63 0.88 -9.82 -8.07
N ILE A 64 1.17 -9.35 -9.25
CA ILE A 64 1.11 -7.88 -9.49
C ILE A 64 2.21 -7.16 -8.72
N SER A 65 2.23 -5.86 -8.76
CA SER A 65 3.28 -5.12 -8.02
C SER A 65 3.10 -3.61 -8.23
N LYS A 66 2.56 -3.22 -9.36
CA LYS A 66 2.35 -1.77 -9.63
C LYS A 66 0.85 -1.47 -9.75
N GLN A 67 0.50 -0.30 -10.19
CA GLN A 67 -0.95 0.04 -10.33
C GLN A 67 -1.11 1.48 -10.82
N ARG A 68 -2.10 1.73 -11.63
CA ARG A 68 -2.31 3.11 -12.14
C ARG A 68 -2.60 4.06 -10.97
N ALA A 69 -1.58 4.50 -10.29
CA ALA A 69 -1.79 5.42 -9.13
C ALA A 69 -2.70 6.58 -9.55
N ARG A 70 -3.98 6.44 -9.37
CA ARG A 70 -4.92 7.54 -9.75
C ARG A 70 -5.38 8.30 -8.50
N GLN A 71 -6.58 8.81 -8.52
CA GLN A 71 -7.09 9.56 -7.34
C GLN A 71 -8.09 8.70 -6.56
N ILE A 72 -8.12 8.85 -5.27
CA ILE A 72 -9.07 8.04 -4.44
C ILE A 72 -10.45 8.68 -4.46
N THR A 73 -11.43 8.02 -3.88
CA THR A 73 -12.80 8.58 -3.86
C THR A 73 -13.10 9.20 -2.49
N LYS A 74 -12.12 9.26 -1.63
CA LYS A 74 -12.33 9.86 -0.27
C LYS A 74 -13.25 8.95 0.55
N ALA A 75 -13.61 7.81 0.03
CA ALA A 75 -14.52 6.90 0.79
C ALA A 75 -13.69 6.00 1.73
N ASP A 76 -12.40 6.11 1.68
CA ASP A 76 -11.55 5.26 2.57
C ASP A 76 -11.78 5.63 4.03
N PHE A 77 -12.22 6.84 4.29
CA PHE A 77 -12.46 7.25 5.70
C PHE A 77 -13.88 6.86 6.14
N SER A 78 -14.51 5.98 5.40
CA SER A 78 -15.89 5.57 5.77
C SER A 78 -15.99 4.04 5.83
N LYS A 79 -15.04 3.34 5.29
CA LYS A 79 -15.09 1.85 5.32
C LYS A 79 -13.79 1.30 5.90
N PHE A 80 -13.35 0.16 5.41
CA PHE A 80 -12.08 -0.44 5.91
C PHE A 80 -11.94 -0.23 7.42
N ASP A 81 -10.73 -0.30 7.92
CA ASP A 81 -10.52 -0.11 9.38
C ASP A 81 -9.32 0.80 9.64
N VAL A 82 -8.24 0.59 8.92
CA VAL A 82 -7.03 1.44 9.13
C VAL A 82 -6.41 1.84 7.79
N ILE A 83 -5.63 2.88 7.78
CA ILE A 83 -4.99 3.32 6.51
C ILE A 83 -3.46 3.39 6.69
N ALA A 84 -2.73 2.68 5.90
CA ALA A 84 -1.24 2.71 6.03
C ALA A 84 -0.62 3.46 4.85
N ALA A 85 0.27 4.38 5.13
CA ALA A 85 0.90 5.14 4.02
C ALA A 85 2.42 4.89 4.01
N LEU A 86 3.06 5.18 2.91
CA LEU A 86 4.53 4.95 2.83
C LEU A 86 5.29 6.23 3.21
N ASP A 87 4.86 7.35 2.72
CA ASP A 87 5.56 8.63 3.05
C ASP A 87 4.78 9.40 4.13
N GLN A 88 5.30 10.51 4.56
CA GLN A 88 4.60 11.32 5.60
C GLN A 88 3.65 12.33 4.95
N SER A 89 4.05 12.91 3.85
CA SER A 89 3.16 13.89 3.16
C SER A 89 1.73 13.38 3.14
N ILE A 90 1.54 12.12 2.92
CA ILE A 90 0.15 11.56 2.89
C ILE A 90 -0.49 11.66 4.28
N LEU A 91 0.18 11.14 5.28
CA LEU A 91 -0.39 11.21 6.67
C LEU A 91 -0.50 12.67 7.11
N SER A 92 0.16 13.57 6.44
CA SER A 92 0.09 15.00 6.84
C SER A 92 -1.09 15.69 6.15
N ASP A 93 -1.33 15.37 4.91
CA ASP A 93 -2.46 16.01 4.19
C ASP A 93 -3.74 15.19 4.36
N ILE A 94 -3.61 13.92 4.66
CA ILE A 94 -4.83 13.07 4.84
C ILE A 94 -5.59 13.51 6.10
N ASN A 95 -4.89 13.86 7.14
CA ASN A 95 -5.58 14.29 8.39
C ASN A 95 -6.26 15.65 8.18
N SER A 96 -5.87 16.37 7.17
CA SER A 96 -6.49 17.70 6.92
C SER A 96 -7.86 17.52 6.24
N MET A 97 -7.98 16.53 5.40
CA MET A 97 -9.28 16.30 4.71
C MET A 97 -10.13 15.30 5.51
N LYS A 98 -9.50 14.39 6.20
CA LYS A 98 -10.25 13.39 7.00
C LYS A 98 -11.48 14.03 7.66
N PRO A 99 -12.55 13.28 7.67
CA PRO A 99 -13.81 13.76 8.28
C PRO A 99 -13.70 13.80 9.80
N SER A 100 -14.74 14.20 10.47
CA SER A 100 -14.69 14.26 11.96
C SER A 100 -15.67 13.24 12.57
N ASN A 101 -16.06 12.26 11.80
CA ASN A 101 -17.01 11.24 12.33
C ASN A 101 -16.82 9.91 11.59
N CYS A 102 -15.81 9.16 11.95
CA CYS A 102 -15.58 7.85 11.27
C CYS A 102 -15.07 6.82 12.28
N ARG A 103 -14.66 5.67 11.80
CA ARG A 103 -14.16 4.62 12.74
C ARG A 103 -12.88 3.99 12.18
N ALA A 104 -11.86 4.77 11.98
CA ALA A 104 -10.59 4.23 11.43
C ALA A 104 -9.43 5.21 11.65
N LYS A 105 -8.22 4.77 11.50
CA LYS A 105 -7.06 5.70 11.70
C LYS A 105 -5.97 5.39 10.67
N VAL A 106 -4.98 6.23 10.59
CA VAL A 106 -3.88 5.99 9.60
C VAL A 106 -2.57 5.66 10.32
N VAL A 107 -1.60 5.17 9.61
CA VAL A 107 -0.31 4.82 10.26
C VAL A 107 0.84 4.89 9.24
N LEU A 108 2.04 5.06 9.70
CA LEU A 108 3.20 5.14 8.76
C LEU A 108 3.84 3.77 8.60
N PHE A 109 3.98 3.30 7.38
CA PHE A 109 4.60 1.97 7.15
C PHE A 109 6.12 2.12 7.00
N ASN A 110 6.85 1.97 8.06
CA ASN A 110 8.33 2.10 7.97
C ASN A 110 8.72 3.54 7.58
N PRO A 111 9.94 3.88 7.87
CA PRO A 111 10.45 5.24 7.56
C PRO A 111 10.71 5.38 6.07
N PRO A 112 11.05 6.57 5.67
CA PRO A 112 11.34 6.85 4.23
C PRO A 112 12.69 6.25 3.84
N ASN A 113 12.89 4.98 4.10
CA ASN A 113 14.18 4.33 3.74
C ASN A 113 13.94 2.94 3.17
N GLY A 114 13.32 2.07 3.91
CA GLY A 114 13.05 0.70 3.41
C GLY A 114 12.03 0.77 2.27
N VAL A 115 10.96 1.49 2.47
CA VAL A 115 9.93 1.60 1.39
C VAL A 115 10.22 2.81 0.50
N ASP A 116 11.45 2.99 0.09
CA ASP A 116 11.79 4.15 -0.77
C ASP A 116 12.73 3.71 -1.90
N ASP A 117 12.28 3.76 -3.12
CA ASP A 117 13.15 3.34 -4.26
C ASP A 117 12.94 4.27 -5.45
N PRO A 118 14.02 4.54 -6.13
CA PRO A 118 13.97 5.44 -7.31
C PRO A 118 13.29 4.73 -8.50
N TYR A 119 13.13 3.44 -8.40
CA TYR A 119 12.48 2.70 -9.53
C TYR A 119 13.15 3.07 -10.85
N TYR A 120 14.43 3.23 -10.86
CA TYR A 120 15.14 3.59 -12.13
C TYR A 120 15.03 2.44 -13.14
N SER A 121 15.34 1.24 -12.74
CA SER A 121 15.24 0.09 -13.68
C SER A 121 14.67 -1.13 -12.97
N SER A 122 15.42 -1.71 -12.06
CA SER A 122 14.91 -2.91 -11.33
C SER A 122 15.42 -2.90 -9.88
N ASP A 123 15.37 -1.76 -9.23
CA ASP A 123 15.85 -1.69 -7.82
C ASP A 123 14.65 -1.65 -6.86
N GLY A 124 13.46 -1.52 -7.38
CA GLY A 124 12.26 -1.48 -6.50
C GLY A 124 11.73 -2.89 -6.29
N PHE A 125 11.72 -3.70 -7.33
CA PHE A 125 11.21 -5.09 -7.18
C PHE A 125 11.76 -5.74 -5.91
N PRO A 126 13.05 -5.61 -5.71
CA PRO A 126 13.68 -6.20 -4.50
C PRO A 126 13.31 -5.40 -3.25
N THR A 127 13.59 -4.13 -3.25
CA THR A 127 13.25 -3.29 -2.06
C THR A 127 11.73 -3.23 -1.88
N MET A 128 11.02 -2.78 -2.88
CA MET A 128 9.54 -2.69 -2.78
C MET A 128 8.99 -3.93 -2.06
N PHE A 129 9.05 -5.08 -2.69
CA PHE A 129 8.53 -6.31 -2.03
C PHE A 129 9.21 -6.52 -0.68
N ALA A 130 10.50 -6.36 -0.62
CA ALA A 130 11.22 -6.54 0.68
C ALA A 130 10.48 -5.80 1.79
N SER A 131 10.33 -4.51 1.67
CA SER A 131 9.61 -3.74 2.72
C SER A 131 8.15 -4.17 2.79
N ILE A 132 7.51 -4.30 1.66
CA ILE A 132 6.08 -4.71 1.65
C ILE A 132 5.87 -5.86 2.63
N SER A 133 6.63 -6.91 2.51
CA SER A 133 6.48 -8.06 3.45
C SER A 133 7.20 -7.77 4.77
N LYS A 134 8.33 -7.14 4.71
CA LYS A 134 9.09 -6.82 5.97
C LYS A 134 8.15 -6.16 6.99
N GLU A 135 7.19 -5.42 6.53
CA GLU A 135 6.26 -4.75 7.49
C GLU A 135 4.91 -5.48 7.51
N MET A 136 4.75 -6.45 6.65
CA MET A 136 3.45 -7.21 6.61
C MET A 136 3.45 -8.29 7.68
N LYS A 137 4.36 -8.23 8.61
CA LYS A 137 4.42 -9.27 9.69
C LYS A 137 3.87 -8.70 11.00
N PRO A 138 4.55 -7.71 11.52
CA PRO A 138 4.13 -7.08 12.79
C PRO A 138 2.87 -6.23 12.57
N PHE A 139 2.42 -6.12 11.35
CA PHE A 139 1.20 -5.31 11.09
C PHE A 139 -0.04 -6.21 11.11
N LEU A 140 -0.17 -7.09 10.14
CA LEU A 140 -1.35 -7.99 10.10
C LEU A 140 -1.61 -8.58 11.48
N THR A 141 -0.57 -8.73 12.27
CA THR A 141 -0.75 -9.31 13.63
C THR A 141 -1.93 -8.66 14.35
N GLU A 142 -1.77 -7.44 14.79
CA GLU A 142 -2.89 -6.75 15.51
C GLU A 142 -3.52 -5.68 14.62
N HIS A 143 -3.03 -5.50 13.43
CA HIS A 143 -3.61 -4.46 12.54
C HIS A 143 -4.17 -5.07 11.25
N GLY A 144 -4.70 -6.26 11.32
CA GLY A 144 -5.25 -6.89 10.08
C GLY A 144 -5.66 -8.32 10.36
N LEU A 145 -5.03 -8.96 11.32
CA LEU A 145 -5.38 -10.37 11.62
C LEU A 145 -4.44 -10.94 12.69
N ILE A 146 -3.35 -11.54 12.26
CA ILE A 146 -2.40 -12.13 13.23
C ILE A 146 -1.05 -12.40 12.56
N ALA A 1 -15.65 -16.37 16.31
CA ALA A 1 -15.90 -15.23 15.38
C ALA A 1 -14.58 -14.80 14.72
N ALA A 2 -14.66 -14.28 13.52
CA ALA A 2 -13.42 -13.84 12.82
C ALA A 2 -13.74 -13.37 11.40
N GLU A 3 -13.59 -12.10 11.13
CA GLU A 3 -13.89 -11.59 9.77
C GLU A 3 -12.65 -10.92 9.17
N LYS A 4 -12.59 -10.81 7.87
CA LYS A 4 -11.42 -10.15 7.23
C LYS A 4 -11.62 -8.63 7.25
N LYS A 5 -10.70 -7.89 6.72
CA LYS A 5 -10.87 -6.40 6.73
C LYS A 5 -10.33 -5.79 5.42
N ALA A 6 -10.06 -4.52 5.42
CA ALA A 6 -9.55 -3.86 4.19
C ALA A 6 -8.47 -2.82 4.51
N VAL A 7 -7.31 -2.98 3.96
CA VAL A 7 -6.22 -2.01 4.21
C VAL A 7 -5.92 -1.23 2.93
N LEU A 8 -6.01 0.07 2.99
CA LEU A 8 -5.76 0.89 1.77
C LEU A 8 -4.30 1.35 1.72
N PHE A 9 -3.42 0.53 1.21
CA PHE A 9 -2.00 0.93 1.12
C PHE A 9 -1.86 2.18 0.25
N VAL A 10 -1.29 3.22 0.77
CA VAL A 10 -1.15 4.48 -0.03
C VAL A 10 0.31 4.92 -0.10
N CYS A 11 0.62 5.86 -0.95
CA CYS A 11 2.01 6.35 -1.06
C CYS A 11 2.06 7.62 -1.92
N LEU A 12 3.06 7.78 -2.74
CA LEU A 12 3.15 9.00 -3.59
C LEU A 12 3.14 8.61 -5.06
N GLY A 13 2.00 8.27 -5.59
CA GLY A 13 1.92 7.89 -7.03
C GLY A 13 1.20 6.55 -7.16
N ASN A 14 0.90 5.90 -6.06
CA ASN A 14 0.20 4.59 -6.12
C ASN A 14 0.77 3.73 -7.25
N ILE A 15 2.06 3.79 -7.46
CA ILE A 15 2.69 2.98 -8.54
C ILE A 15 4.07 2.48 -8.11
N CYS A 16 4.97 3.38 -7.81
CA CYS A 16 6.33 2.95 -7.37
C CYS A 16 6.50 3.16 -5.87
N ARG A 17 5.68 2.52 -5.08
CA ARG A 17 5.80 2.68 -3.61
C ARG A 17 5.27 1.43 -2.89
N SER A 18 4.08 0.99 -3.23
CA SER A 18 3.52 -0.21 -2.57
C SER A 18 2.55 -0.96 -3.50
N PRO A 19 2.98 -1.16 -4.70
CA PRO A 19 2.15 -1.87 -5.70
C PRO A 19 2.12 -3.37 -5.40
N ALA A 20 3.03 -3.83 -4.58
CA ALA A 20 3.06 -5.28 -4.24
C ALA A 20 2.23 -5.54 -2.97
N CYS A 21 1.54 -4.55 -2.49
CA CYS A 21 0.72 -4.76 -1.26
C CYS A 21 -0.38 -5.77 -1.55
N GLU A 22 -0.91 -5.75 -2.74
CA GLU A 22 -1.99 -6.71 -3.10
C GLU A 22 -1.43 -8.14 -3.16
N GLY A 23 -0.41 -8.35 -3.96
CA GLY A 23 0.17 -9.71 -4.07
C GLY A 23 0.73 -10.13 -2.71
N ILE A 24 1.55 -9.32 -2.10
CA ILE A 24 2.11 -9.69 -0.77
C ILE A 24 0.99 -9.99 0.22
N CYS A 25 -0.02 -9.17 0.25
CA CYS A 25 -1.14 -9.41 1.21
C CYS A 25 -1.87 -10.72 0.86
N ARG A 26 -1.97 -11.02 -0.41
CA ARG A 26 -2.66 -12.28 -0.82
C ARG A 26 -1.85 -13.50 -0.35
N ASP A 27 -0.56 -13.47 -0.56
CA ASP A 27 0.29 -14.63 -0.12
C ASP A 27 0.49 -14.59 1.40
N MET A 28 0.59 -13.43 1.97
CA MET A 28 0.79 -13.34 3.44
C MET A 28 -0.51 -13.65 4.18
N VAL A 29 -1.59 -13.07 3.76
CA VAL A 29 -2.90 -13.33 4.44
C VAL A 29 -4.05 -13.18 3.45
N GLY A 30 -3.92 -13.75 2.27
CA GLY A 30 -5.01 -13.64 1.27
C GLY A 30 -6.37 -13.85 1.96
N ASP A 31 -6.39 -14.62 3.01
CA ASP A 31 -7.67 -14.87 3.73
C ASP A 31 -8.25 -13.55 4.26
N LYS A 32 -7.43 -12.76 4.90
CA LYS A 32 -7.92 -11.46 5.44
C LYS A 32 -8.32 -10.52 4.29
N LEU A 33 -7.77 -10.74 3.13
CA LEU A 33 -8.13 -9.87 1.97
C LEU A 33 -7.58 -8.46 2.19
N ILE A 34 -8.33 -7.63 2.86
CA ILE A 34 -7.87 -6.23 3.13
C ILE A 34 -6.96 -5.71 2.01
N ILE A 35 -7.23 -6.06 0.78
CA ILE A 35 -6.35 -5.56 -0.32
C ILE A 35 -6.89 -4.24 -0.89
N ASP A 36 -6.41 -3.14 -0.39
CA ASP A 36 -6.88 -1.82 -0.90
C ASP A 36 -5.68 -0.87 -1.04
N SER A 37 -5.85 0.21 -1.74
CA SER A 37 -4.71 1.15 -1.91
C SER A 37 -5.19 2.47 -2.52
N ALA A 38 -4.40 3.51 -2.43
CA ALA A 38 -4.81 4.82 -3.00
C ALA A 38 -3.63 5.80 -3.00
N ALA A 39 -3.91 7.06 -3.17
CA ALA A 39 -2.80 8.06 -3.19
C ALA A 39 -3.38 9.48 -3.29
N THR A 40 -2.54 10.48 -3.38
CA THR A 40 -3.05 11.87 -3.47
C THR A 40 -2.05 12.75 -4.25
N SER A 41 -1.26 12.15 -5.09
CA SER A 41 -0.26 12.95 -5.87
C SER A 41 -0.38 12.62 -7.36
N GLY A 42 -1.27 11.72 -7.72
CA GLY A 42 -1.42 11.37 -9.16
C GLY A 42 -0.06 11.05 -9.75
N PHE A 43 0.49 11.95 -10.52
CA PHE A 43 1.82 11.70 -11.15
C PHE A 43 1.74 10.52 -12.12
N HIS A 44 2.04 10.76 -13.37
CA HIS A 44 1.98 9.65 -14.37
C HIS A 44 0.59 9.01 -14.36
N VAL A 45 0.40 8.00 -13.54
CA VAL A 45 -0.94 7.32 -13.49
C VAL A 45 -1.37 6.91 -14.90
N GLY A 46 -0.86 5.82 -15.39
CA GLY A 46 -1.25 5.36 -16.76
C GLY A 46 -0.02 5.40 -17.68
N GLN A 47 1.15 5.43 -17.11
CA GLN A 47 2.38 5.48 -17.96
C GLN A 47 3.53 4.77 -17.24
N SER A 48 3.24 4.03 -16.20
CA SER A 48 4.31 3.33 -15.46
C SER A 48 4.26 1.82 -15.75
N PRO A 49 5.27 1.36 -16.45
CA PRO A 49 5.34 -0.08 -16.81
C PRO A 49 5.62 -0.93 -15.56
N ASP A 50 4.60 -1.55 -15.02
CA ASP A 50 4.80 -2.39 -13.81
C ASP A 50 5.21 -3.81 -14.19
N THR A 51 5.82 -3.97 -15.35
CA THR A 51 6.26 -5.32 -15.78
C THR A 51 7.49 -5.72 -14.98
N ARG A 52 8.30 -4.76 -14.63
CA ARG A 52 9.52 -5.07 -13.85
C ARG A 52 9.11 -5.44 -12.42
N SER A 53 8.34 -4.60 -11.79
CA SER A 53 7.90 -4.90 -10.40
C SER A 53 7.13 -6.23 -10.39
N GLN A 54 6.15 -6.37 -11.23
CA GLN A 54 5.39 -7.64 -11.29
C GLN A 54 6.35 -8.82 -11.49
N LYS A 55 7.13 -8.77 -12.54
CA LYS A 55 8.11 -9.86 -12.79
C LYS A 55 8.83 -10.21 -11.48
N VAL A 56 9.63 -9.31 -10.97
CA VAL A 56 10.34 -9.60 -9.69
C VAL A 56 9.36 -10.22 -8.70
N CYS A 57 8.13 -9.77 -8.72
CA CYS A 57 7.12 -10.34 -7.79
C CYS A 57 6.98 -11.85 -8.07
N LYS A 58 6.96 -12.22 -9.32
CA LYS A 58 6.85 -13.67 -9.66
C LYS A 58 8.16 -14.37 -9.33
N SER A 59 9.25 -13.66 -9.37
CA SER A 59 10.57 -14.27 -9.06
C SER A 59 10.84 -14.21 -7.55
N ASN A 60 10.02 -13.50 -6.83
CA ASN A 60 10.23 -13.40 -5.35
C ASN A 60 9.12 -14.16 -4.64
N GLY A 61 7.97 -14.28 -5.28
CA GLY A 61 6.85 -15.02 -4.66
C GLY A 61 5.68 -14.06 -4.39
N VAL A 62 4.91 -13.77 -5.40
CA VAL A 62 3.75 -12.84 -5.20
C VAL A 62 3.07 -12.56 -6.55
N ASP A 63 1.94 -11.91 -6.53
CA ASP A 63 1.24 -11.61 -7.81
C ASP A 63 0.31 -10.40 -7.63
N ILE A 64 0.18 -9.59 -8.64
CA ILE A 64 -0.69 -8.39 -8.53
C ILE A 64 -1.58 -8.28 -9.77
N SER A 65 -2.61 -7.47 -9.70
CA SER A 65 -3.51 -7.31 -10.88
C SER A 65 -3.44 -5.88 -11.41
N LYS A 66 -2.39 -5.53 -12.11
CA LYS A 66 -2.27 -4.15 -12.65
C LYS A 66 -2.27 -3.13 -11.50
N GLN A 67 -1.65 -2.01 -11.71
CA GLN A 67 -1.61 -0.97 -10.63
C GLN A 67 -2.56 0.18 -10.98
N ARG A 68 -2.28 0.89 -12.05
CA ARG A 68 -3.16 2.02 -12.44
C ARG A 68 -3.52 2.87 -11.21
N ALA A 69 -2.66 3.79 -10.83
CA ALA A 69 -2.95 4.64 -9.65
C ALA A 69 -4.37 5.21 -9.73
N ARG A 70 -4.94 5.59 -8.63
CA ARG A 70 -6.32 6.16 -8.65
C ARG A 70 -6.49 7.20 -7.54
N GLN A 71 -5.44 7.92 -7.24
CA GLN A 71 -5.52 8.96 -6.16
C GLN A 71 -6.41 8.46 -5.01
N ILE A 72 -7.03 9.36 -4.29
CA ILE A 72 -7.90 8.93 -3.16
C ILE A 72 -8.97 10.00 -2.90
N THR A 73 -10.21 9.60 -2.82
CA THR A 73 -11.30 10.59 -2.57
C THR A 73 -11.64 10.62 -1.08
N LYS A 74 -12.50 11.52 -0.67
CA LYS A 74 -12.87 11.61 0.77
C LYS A 74 -13.77 10.43 1.15
N ALA A 75 -14.17 9.65 0.18
CA ALA A 75 -15.05 8.48 0.49
C ALA A 75 -14.24 7.34 1.10
N ASP A 76 -13.00 7.18 0.67
CA ASP A 76 -12.16 6.09 1.23
C ASP A 76 -12.34 6.00 2.75
N PHE A 77 -12.26 7.12 3.43
CA PHE A 77 -12.43 7.09 4.91
C PHE A 77 -13.66 6.26 5.29
N SER A 78 -14.65 6.24 4.44
CA SER A 78 -15.88 5.45 4.74
C SER A 78 -16.07 4.34 3.70
N LYS A 79 -15.00 3.85 3.15
CA LYS A 79 -15.11 2.77 2.12
C LYS A 79 -14.26 1.56 2.54
N PHE A 80 -13.46 1.70 3.55
CA PHE A 80 -12.61 0.57 4.00
C PHE A 80 -12.55 0.51 5.54
N ASP A 81 -11.52 -0.07 6.07
CA ASP A 81 -11.40 -0.13 7.56
C ASP A 81 -10.08 0.48 8.03
N VAL A 82 -9.00 0.17 7.37
CA VAL A 82 -7.68 0.75 7.79
C VAL A 82 -6.93 1.32 6.58
N ILE A 83 -6.35 2.47 6.73
CA ILE A 83 -5.60 3.08 5.59
C ILE A 83 -4.11 3.19 5.94
N ALA A 84 -3.25 2.97 4.99
CA ALA A 84 -1.79 3.06 5.28
C ALA A 84 -1.11 3.99 4.27
N ALA A 85 0.08 4.45 4.58
CA ALA A 85 0.79 5.36 3.63
C ALA A 85 2.29 5.06 3.66
N LEU A 86 2.95 5.19 2.53
CA LEU A 86 4.41 4.91 2.49
C LEU A 86 5.19 5.99 3.25
N ASP A 87 5.40 7.12 2.62
CA ASP A 87 6.16 8.22 3.30
C ASP A 87 5.26 8.96 4.29
N GLN A 88 5.81 9.90 5.02
CA GLN A 88 4.98 10.66 6.01
C GLN A 88 4.09 11.66 5.28
N SER A 89 4.61 12.32 4.28
CA SER A 89 3.80 13.31 3.52
C SER A 89 2.37 12.77 3.32
N ILE A 90 2.25 11.57 2.83
CA ILE A 90 0.90 10.98 2.62
C ILE A 90 0.16 10.87 3.97
N LEU A 91 0.73 10.17 4.90
CA LEU A 91 0.07 10.02 6.23
C LEU A 91 -0.51 11.37 6.68
N SER A 92 0.33 12.37 6.85
CA SER A 92 -0.17 13.70 7.26
C SER A 92 -1.26 14.19 6.30
N ASP A 93 -1.07 13.95 5.02
CA ASP A 93 -2.10 14.39 4.04
C ASP A 93 -3.47 13.84 4.41
N ILE A 94 -3.58 12.56 4.58
CA ILE A 94 -4.90 11.96 4.95
C ILE A 94 -5.39 12.57 6.26
N ASN A 95 -4.61 12.48 7.30
CA ASN A 95 -5.03 13.06 8.61
C ASN A 95 -5.15 14.59 8.47
N SER A 96 -4.53 15.16 7.47
CA SER A 96 -4.62 16.63 7.28
C SER A 96 -6.01 17.03 6.81
N MET A 97 -6.83 16.06 6.47
CA MET A 97 -8.21 16.37 6.00
C MET A 97 -9.23 15.61 6.84
N LYS A 98 -9.03 14.33 7.02
CA LYS A 98 -9.98 13.52 7.83
C LYS A 98 -10.41 14.30 9.07
N PRO A 99 -11.69 14.21 9.35
CA PRO A 99 -12.25 14.92 10.53
C PRO A 99 -11.83 14.23 11.84
N SER A 100 -12.53 14.47 12.91
CA SER A 100 -12.17 13.82 14.20
C SER A 100 -13.16 12.71 14.54
N ASN A 101 -14.08 12.43 13.65
CA ASN A 101 -15.08 11.36 13.92
C ASN A 101 -15.24 10.46 12.70
N CYS A 102 -14.71 9.28 12.74
CA CYS A 102 -14.83 8.35 11.59
C CYS A 102 -14.76 6.90 12.06
N ARG A 103 -14.73 5.97 11.14
CA ARG A 103 -14.66 4.53 11.52
C ARG A 103 -13.39 3.89 10.95
N ALA A 104 -12.36 4.67 10.77
CA ALA A 104 -11.10 4.09 10.22
C ALA A 104 -9.88 4.85 10.78
N LYS A 105 -8.70 4.43 10.44
CA LYS A 105 -7.49 5.12 10.95
C LYS A 105 -6.40 5.14 9.88
N VAL A 106 -5.37 5.95 10.06
CA VAL A 106 -4.29 6.00 9.05
C VAL A 106 -2.96 5.55 9.68
N VAL A 107 -2.24 4.69 9.01
CA VAL A 107 -0.95 4.21 9.57
C VAL A 107 0.17 4.38 8.53
N LEU A 108 1.38 4.52 8.98
CA LEU A 108 2.51 4.69 8.02
C LEU A 108 3.27 3.37 7.85
N PHE A 109 3.79 3.12 6.68
CA PHE A 109 4.54 1.85 6.45
C PHE A 109 6.04 2.14 6.36
N ASN A 110 6.79 1.71 7.34
CA ASN A 110 8.26 1.96 7.31
C ASN A 110 8.54 3.47 7.26
N PRO A 111 9.77 3.82 7.50
CA PRO A 111 10.17 5.24 7.47
C PRO A 111 10.29 5.74 6.03
N PRO A 112 10.43 7.02 5.89
CA PRO A 112 10.55 7.64 4.55
C PRO A 112 11.93 7.34 3.94
N ASN A 113 12.32 6.10 3.92
CA ASN A 113 13.65 5.75 3.35
C ASN A 113 13.66 4.28 2.89
N GLY A 114 13.18 3.39 3.71
CA GLY A 114 13.17 1.96 3.33
C GLY A 114 12.42 1.79 2.00
N VAL A 115 11.14 2.02 1.99
CA VAL A 115 10.36 1.88 0.73
C VAL A 115 10.15 3.26 0.08
N ASP A 116 10.93 3.57 -0.91
CA ASP A 116 10.77 4.89 -1.59
C ASP A 116 11.70 4.99 -2.80
N ASP A 117 11.24 4.55 -3.94
CA ASP A 117 12.09 4.61 -5.16
C ASP A 117 11.23 4.83 -6.41
N PRO A 118 11.61 5.80 -7.20
CA PRO A 118 10.86 6.11 -8.44
C PRO A 118 11.10 5.03 -9.50
N TYR A 119 12.10 5.19 -10.32
CA TYR A 119 12.38 4.16 -11.37
C TYR A 119 13.89 4.12 -11.67
N TYR A 120 14.69 4.57 -10.76
CA TYR A 120 16.17 4.54 -10.98
C TYR A 120 16.66 3.09 -11.05
N SER A 121 17.19 2.69 -12.19
CA SER A 121 17.69 1.30 -12.31
C SER A 121 16.60 0.30 -11.89
N SER A 122 16.99 -0.77 -11.25
CA SER A 122 15.97 -1.77 -10.82
C SER A 122 16.23 -2.19 -9.37
N ASP A 123 16.60 -1.26 -8.52
CA ASP A 123 16.87 -1.60 -7.10
C ASP A 123 15.61 -1.40 -6.25
N GLY A 124 14.46 -1.60 -6.83
CA GLY A 124 13.19 -1.40 -6.06
C GLY A 124 12.36 -2.69 -6.11
N PHE A 125 12.17 -3.23 -7.28
CA PHE A 125 11.36 -4.48 -7.40
C PHE A 125 11.72 -5.45 -6.27
N PRO A 126 12.99 -5.66 -6.07
CA PRO A 126 13.44 -6.58 -4.99
C PRO A 126 13.22 -5.94 -3.62
N THR A 127 13.77 -4.78 -3.40
CA THR A 127 13.58 -4.10 -2.08
C THR A 127 12.09 -3.85 -1.84
N MET A 128 11.42 -3.25 -2.77
CA MET A 128 9.97 -2.98 -2.60
C MET A 128 9.29 -4.19 -1.97
N PHE A 129 9.28 -5.30 -2.65
CA PHE A 129 8.64 -6.51 -2.08
C PHE A 129 9.26 -6.83 -0.71
N ALA A 130 10.56 -6.73 -0.61
CA ALA A 130 11.23 -7.03 0.68
C ALA A 130 10.48 -6.34 1.83
N SER A 131 10.32 -5.04 1.75
CA SER A 131 9.59 -4.32 2.82
C SER A 131 8.10 -4.64 2.73
N ILE A 132 7.56 -4.63 1.54
CA ILE A 132 6.12 -4.94 1.36
C ILE A 132 5.74 -6.13 2.24
N SER A 133 6.61 -7.09 2.38
CA SER A 133 6.30 -8.27 3.23
C SER A 133 6.90 -8.09 4.62
N LYS A 134 8.13 -7.62 4.69
CA LYS A 134 8.77 -7.41 6.02
C LYS A 134 7.80 -6.76 7.00
N GLU A 135 7.12 -5.74 6.57
CA GLU A 135 6.15 -5.06 7.48
C GLU A 135 4.71 -5.46 7.12
N MET A 136 4.50 -6.72 6.83
CA MET A 136 3.12 -7.18 6.49
C MET A 136 2.62 -8.17 7.52
N LYS A 137 3.42 -8.51 8.50
CA LYS A 137 2.98 -9.47 9.54
C LYS A 137 2.66 -8.74 10.84
N PRO A 138 3.66 -8.13 11.41
CA PRO A 138 3.48 -7.39 12.69
C PRO A 138 2.74 -6.08 12.43
N PHE A 139 2.36 -5.81 11.21
CA PHE A 139 1.64 -4.56 10.90
C PHE A 139 0.13 -4.75 11.06
N LEU A 140 -0.48 -5.53 10.22
CA LEU A 140 -1.95 -5.76 10.34
C LEU A 140 -2.25 -6.68 11.52
N THR A 141 -1.29 -7.47 11.92
CA THR A 141 -1.52 -8.40 13.06
C THR A 141 -1.88 -7.61 14.33
N GLU A 142 -1.18 -6.53 14.57
CA GLU A 142 -1.48 -5.70 15.78
C GLU A 142 -2.41 -4.54 15.41
N HIS A 143 -2.23 -3.97 14.26
CA HIS A 143 -3.10 -2.83 13.85
C HIS A 143 -4.57 -3.14 14.18
N GLY A 144 -4.90 -4.39 14.25
CA GLY A 144 -6.32 -4.76 14.56
C GLY A 144 -6.86 -5.68 13.47
N LEU A 145 -6.35 -6.88 13.37
CA LEU A 145 -6.85 -7.82 12.31
C LEU A 145 -6.60 -9.26 12.75
N ILE A 146 -6.38 -9.49 14.01
CA ILE A 146 -6.13 -10.88 14.49
C ILE A 146 -7.18 -11.28 15.52
N ALA A 1 -14.77 -15.62 11.32
CA ALA A 1 -14.60 -15.64 9.84
C ALA A 1 -14.31 -14.24 9.32
N ALA A 2 -14.41 -14.04 8.03
CA ALA A 2 -14.13 -12.68 7.46
C ALA A 2 -12.84 -12.12 8.05
N GLU A 3 -12.77 -10.83 8.24
CA GLU A 3 -11.54 -10.23 8.81
C GLU A 3 -11.88 -8.94 9.56
N LYS A 4 -10.91 -8.37 10.23
CA LYS A 4 -11.15 -7.13 10.99
C LYS A 4 -11.52 -5.98 10.04
N LYS A 5 -10.59 -5.52 9.25
CA LYS A 5 -10.91 -4.40 8.32
C LYS A 5 -10.02 -4.44 7.08
N ALA A 6 -9.85 -3.31 6.45
CA ALA A 6 -9.00 -3.25 5.24
C ALA A 6 -7.82 -2.29 5.45
N VAL A 7 -6.73 -2.50 4.76
CA VAL A 7 -5.55 -1.59 4.93
C VAL A 7 -5.34 -0.78 3.65
N LEU A 8 -5.27 0.51 3.78
CA LEU A 8 -5.05 1.37 2.57
C LEU A 8 -3.56 1.58 2.32
N PHE A 9 -2.92 0.63 1.67
CA PHE A 9 -1.47 0.78 1.38
C PHE A 9 -1.28 1.89 0.34
N VAL A 10 -0.59 2.93 0.70
CA VAL A 10 -0.38 4.05 -0.27
C VAL A 10 1.10 4.45 -0.32
N CYS A 11 1.51 5.11 -1.35
CA CYS A 11 2.93 5.54 -1.47
C CYS A 11 3.07 6.70 -2.45
N LEU A 12 2.14 7.62 -2.42
CA LEU A 12 2.20 8.79 -3.36
C LEU A 12 2.19 8.29 -4.81
N GLY A 13 1.15 7.62 -5.21
CA GLY A 13 1.07 7.12 -6.61
C GLY A 13 0.67 5.64 -6.61
N ASN A 14 0.92 4.94 -5.54
CA ASN A 14 0.55 3.50 -5.48
C ASN A 14 1.25 2.73 -6.60
N ILE A 15 2.24 3.33 -7.21
CA ILE A 15 2.96 2.63 -8.31
C ILE A 15 4.45 2.53 -8.00
N CYS A 16 4.86 3.08 -6.89
CA CYS A 16 6.31 3.02 -6.52
C CYS A 16 6.47 2.87 -5.00
N ARG A 17 7.65 2.52 -4.56
CA ARG A 17 7.88 2.34 -3.10
C ARG A 17 7.17 1.09 -2.59
N SER A 18 5.88 0.99 -2.80
CA SER A 18 5.15 -0.22 -2.31
C SER A 18 3.90 -0.47 -3.17
N PRO A 19 4.09 -0.48 -4.46
CA PRO A 19 2.97 -0.73 -5.40
C PRO A 19 2.64 -2.22 -5.45
N ALA A 20 3.57 -3.05 -5.04
CA ALA A 20 3.33 -4.52 -5.05
C ALA A 20 2.62 -4.96 -3.77
N CYS A 21 2.24 -4.03 -2.94
CA CYS A 21 1.55 -4.40 -1.68
C CYS A 21 0.30 -5.21 -2.00
N GLU A 22 -0.29 -4.96 -3.14
CA GLU A 22 -1.51 -5.70 -3.55
C GLU A 22 -1.18 -7.17 -3.80
N GLY A 23 -0.06 -7.43 -4.42
CA GLY A 23 0.32 -8.85 -4.70
C GLY A 23 0.79 -9.52 -3.41
N ILE A 24 1.68 -8.89 -2.69
CA ILE A 24 2.18 -9.51 -1.42
C ILE A 24 1.00 -9.77 -0.47
N CYS A 25 0.11 -8.82 -0.34
CA CYS A 25 -1.05 -9.02 0.58
C CYS A 25 -2.03 -10.05 -0.01
N ARG A 26 -2.29 -9.95 -1.29
CA ARG A 26 -3.24 -10.92 -1.92
C ARG A 26 -2.72 -12.34 -1.75
N ASP A 27 -1.43 -12.54 -1.85
CA ASP A 27 -0.86 -13.91 -1.69
C ASP A 27 -0.82 -14.29 -0.22
N MET A 28 -0.46 -13.36 0.63
CA MET A 28 -0.39 -13.67 2.09
C MET A 28 -1.79 -13.94 2.65
N VAL A 29 -2.72 -13.05 2.39
CA VAL A 29 -4.11 -13.26 2.90
C VAL A 29 -5.12 -12.58 1.97
N GLY A 30 -4.97 -12.74 0.68
CA GLY A 30 -5.92 -12.11 -0.26
C GLY A 30 -7.32 -12.69 -0.05
N ASP A 31 -7.41 -13.85 0.55
CA ASP A 31 -8.74 -14.47 0.78
C ASP A 31 -9.53 -13.65 1.80
N LYS A 32 -8.93 -12.67 2.40
CA LYS A 32 -9.66 -11.83 3.40
C LYS A 32 -9.77 -10.39 2.91
N LEU A 33 -9.56 -9.44 3.78
CA LEU A 33 -9.65 -8.01 3.37
C LEU A 33 -8.32 -7.30 3.62
N ILE A 34 -8.33 -6.24 4.38
CA ILE A 34 -7.07 -5.47 4.67
C ILE A 34 -6.29 -5.16 3.39
N ILE A 35 -6.83 -5.49 2.24
CA ILE A 35 -6.09 -5.18 0.98
C ILE A 35 -6.71 -3.98 0.27
N ASP A 36 -6.18 -2.80 0.48
CA ASP A 36 -6.74 -1.60 -0.19
C ASP A 36 -5.60 -0.72 -0.71
N SER A 37 -5.40 -0.70 -2.00
CA SER A 37 -4.31 0.14 -2.57
C SER A 37 -4.82 1.54 -2.89
N ALA A 38 -4.16 2.55 -2.40
CA ALA A 38 -4.61 3.95 -2.68
C ALA A 38 -3.41 4.88 -2.84
N ALA A 39 -3.63 6.07 -3.34
CA ALA A 39 -2.49 7.02 -3.53
C ALA A 39 -3.02 8.42 -3.80
N THR A 40 -2.93 9.30 -2.84
CA THR A 40 -3.42 10.69 -3.06
C THR A 40 -2.39 11.51 -3.83
N SER A 41 -2.43 11.45 -5.13
CA SER A 41 -1.45 12.23 -5.94
C SER A 41 -1.64 11.94 -7.43
N GLY A 42 -2.38 12.78 -8.11
CA GLY A 42 -2.61 12.56 -9.56
C GLY A 42 -1.36 12.96 -10.35
N PHE A 43 -0.49 12.02 -10.63
CA PHE A 43 0.75 12.35 -11.39
C PHE A 43 1.28 11.11 -12.10
N HIS A 44 1.23 9.98 -11.45
CA HIS A 44 1.74 8.72 -12.10
C HIS A 44 0.57 7.84 -12.52
N VAL A 45 0.13 7.97 -13.74
CA VAL A 45 -1.01 7.14 -14.21
C VAL A 45 -0.88 6.85 -15.71
N GLY A 46 -1.55 5.84 -16.20
CA GLY A 46 -1.45 5.51 -17.65
C GLY A 46 0.02 5.42 -18.06
N GLN A 47 0.89 5.14 -17.12
CA GLN A 47 2.34 5.04 -17.46
C GLN A 47 3.07 4.23 -16.39
N SER A 48 4.32 4.54 -16.16
CA SER A 48 5.09 3.78 -15.13
C SER A 48 5.18 2.31 -15.50
N PRO A 49 6.22 1.98 -16.22
CA PRO A 49 6.44 0.58 -16.66
C PRO A 49 6.79 -0.31 -15.46
N ASP A 50 5.80 -0.73 -14.70
CA ASP A 50 6.08 -1.59 -13.53
C ASP A 50 5.97 -3.07 -13.91
N THR A 51 6.34 -3.40 -15.12
CA THR A 51 6.27 -4.83 -15.55
C THR A 51 7.43 -5.59 -14.91
N ARG A 52 8.53 -4.93 -14.70
CA ARG A 52 9.69 -5.60 -14.07
C ARG A 52 9.40 -5.82 -12.58
N SER A 53 8.97 -4.79 -11.91
CA SER A 53 8.65 -4.92 -10.46
C SER A 53 7.53 -5.94 -10.27
N GLN A 54 6.44 -5.79 -10.99
CA GLN A 54 5.32 -6.76 -10.85
C GLN A 54 5.79 -8.14 -11.32
N LYS A 55 6.65 -8.18 -12.30
CA LYS A 55 7.16 -9.49 -12.80
C LYS A 55 7.86 -10.22 -11.66
N VAL A 56 8.97 -9.71 -11.21
CA VAL A 56 9.69 -10.37 -10.09
C VAL A 56 8.73 -10.57 -8.92
N CYS A 57 7.84 -9.63 -8.73
CA CYS A 57 6.86 -9.77 -7.63
C CYS A 57 6.15 -11.12 -7.74
N LYS A 58 5.63 -11.44 -8.90
CA LYS A 58 4.94 -12.74 -9.08
C LYS A 58 5.97 -13.87 -9.00
N SER A 59 7.18 -13.61 -9.44
CA SER A 59 8.23 -14.67 -9.40
C SER A 59 8.77 -14.82 -7.97
N ASN A 60 8.40 -13.91 -7.10
CA ASN A 60 8.87 -14.01 -5.68
C ASN A 60 7.68 -14.31 -4.78
N GLY A 61 6.52 -13.91 -5.20
CA GLY A 61 5.30 -14.16 -4.37
C GLY A 61 4.44 -12.90 -4.32
N VAL A 62 4.09 -12.37 -5.47
CA VAL A 62 3.24 -11.15 -5.49
C VAL A 62 2.54 -11.02 -6.84
N ASP A 63 1.25 -11.22 -6.87
CA ASP A 63 0.50 -11.11 -8.15
C ASP A 63 -0.37 -9.85 -8.15
N ILE A 64 -0.21 -9.00 -9.14
CA ILE A 64 -1.03 -7.76 -9.18
C ILE A 64 -2.11 -7.88 -10.28
N SER A 65 -2.98 -6.92 -10.37
CA SER A 65 -4.04 -6.97 -11.41
C SER A 65 -4.11 -5.65 -12.17
N LYS A 66 -4.19 -4.55 -11.46
CA LYS A 66 -4.26 -3.23 -12.15
C LYS A 66 -3.42 -2.20 -11.40
N GLN A 67 -2.15 -2.13 -11.69
CA GLN A 67 -1.27 -1.14 -10.98
C GLN A 67 -1.37 0.23 -11.66
N ARG A 68 -2.54 0.79 -11.71
CA ARG A 68 -2.69 2.13 -12.36
C ARG A 68 -3.36 3.11 -11.39
N ALA A 69 -2.60 3.94 -10.76
CA ALA A 69 -3.19 4.92 -9.80
C ALA A 69 -4.43 5.57 -10.41
N ARG A 70 -5.29 6.13 -9.59
CA ARG A 70 -6.52 6.77 -10.12
C ARG A 70 -7.09 7.74 -9.09
N GLN A 71 -6.25 8.48 -8.42
CA GLN A 71 -6.74 9.45 -7.40
C GLN A 71 -7.46 8.72 -6.27
N ILE A 72 -7.06 8.96 -5.04
CA ILE A 72 -7.71 8.27 -3.90
C ILE A 72 -9.15 8.77 -3.73
N THR A 73 -10.11 7.88 -3.76
CA THR A 73 -11.52 8.32 -3.61
C THR A 73 -11.81 8.70 -2.15
N LYS A 74 -13.04 9.02 -1.85
CA LYS A 74 -13.39 9.40 -0.45
C LYS A 74 -13.86 8.17 0.35
N ALA A 75 -14.19 7.12 -0.34
CA ALA A 75 -14.66 5.90 0.36
C ALA A 75 -13.55 5.36 1.29
N ASP A 76 -12.32 5.74 1.03
CA ASP A 76 -11.21 5.25 1.90
C ASP A 76 -11.52 5.53 3.37
N PHE A 77 -12.26 6.57 3.64
CA PHE A 77 -12.60 6.89 5.06
C PHE A 77 -13.84 6.11 5.51
N SER A 78 -13.86 4.82 5.25
CA SER A 78 -15.05 4.01 5.66
C SER A 78 -14.94 2.60 5.09
N LYS A 79 -14.91 2.47 3.80
CA LYS A 79 -14.81 1.12 3.18
C LYS A 79 -13.79 0.27 3.94
N PHE A 80 -12.83 0.89 4.57
CA PHE A 80 -11.82 0.13 5.33
C PHE A 80 -11.64 0.71 6.73
N ASP A 81 -10.42 0.89 7.18
CA ASP A 81 -10.21 1.46 8.53
C ASP A 81 -8.71 1.61 8.83
N VAL A 82 -7.89 0.79 8.24
CA VAL A 82 -6.42 0.90 8.50
C VAL A 82 -5.72 1.55 7.31
N ILE A 83 -5.69 2.85 7.26
CA ILE A 83 -5.01 3.53 6.12
C ILE A 83 -3.49 3.40 6.26
N ALA A 84 -2.85 2.69 5.37
CA ALA A 84 -1.38 2.53 5.47
C ALA A 84 -0.66 3.53 4.56
N ALA A 85 0.22 4.32 5.10
CA ALA A 85 0.95 5.31 4.27
C ALA A 85 2.46 5.00 4.27
N LEU A 86 3.04 4.88 3.10
CA LEU A 86 4.50 4.58 3.05
C LEU A 86 5.31 5.73 3.65
N ASP A 87 5.11 6.93 3.17
CA ASP A 87 5.87 8.09 3.72
C ASP A 87 4.98 8.91 4.65
N GLN A 88 5.38 10.12 4.97
CA GLN A 88 4.56 10.96 5.89
C GLN A 88 3.67 11.89 5.06
N SER A 89 4.16 12.38 3.96
CA SER A 89 3.34 13.31 3.12
C SER A 89 1.91 12.77 3.01
N ILE A 90 1.75 11.50 2.76
CA ILE A 90 0.38 10.92 2.65
C ILE A 90 -0.37 11.07 3.97
N LEU A 91 0.27 10.73 5.06
CA LEU A 91 -0.41 10.86 6.39
C LEU A 91 -0.76 12.32 6.67
N SER A 92 0.03 13.23 6.17
CA SER A 92 -0.25 14.68 6.40
C SER A 92 -1.36 15.17 5.45
N ASP A 93 -1.44 14.59 4.29
CA ASP A 93 -2.49 15.02 3.31
C ASP A 93 -3.83 14.38 3.67
N ILE A 94 -3.87 13.08 3.77
CA ILE A 94 -5.16 12.40 4.12
C ILE A 94 -5.82 13.10 5.32
N ASN A 95 -5.05 13.43 6.31
CA ASN A 95 -5.63 14.11 7.51
C ASN A 95 -6.03 15.55 7.17
N SER A 96 -5.42 16.11 6.15
CA SER A 96 -5.77 17.51 5.77
C SER A 96 -7.20 17.57 5.21
N MET A 97 -7.80 16.44 4.97
CA MET A 97 -9.19 16.43 4.43
C MET A 97 -10.13 15.77 5.44
N LYS A 98 -9.79 14.60 5.90
CA LYS A 98 -10.66 13.90 6.89
C LYS A 98 -11.22 14.89 7.91
N PRO A 99 -12.52 14.82 8.08
CA PRO A 99 -13.19 15.73 9.05
C PRO A 99 -12.89 15.31 10.49
N SER A 100 -13.66 15.78 11.43
CA SER A 100 -13.40 15.40 12.85
C SER A 100 -14.39 14.31 13.29
N ASN A 101 -14.85 13.50 12.38
CA ASN A 101 -15.81 12.42 12.74
C ASN A 101 -15.64 11.22 11.81
N CYS A 102 -14.86 10.25 12.19
CA CYS A 102 -14.66 9.06 11.31
C CYS A 102 -14.41 7.82 12.16
N ARG A 103 -14.23 6.69 11.53
CA ARG A 103 -13.97 5.44 12.31
C ARG A 103 -12.78 4.69 11.72
N ALA A 104 -12.10 5.28 10.77
CA ALA A 104 -10.94 4.60 10.15
C ALA A 104 -9.63 5.24 10.64
N LYS A 105 -8.76 4.46 11.22
CA LYS A 105 -7.47 5.02 11.73
C LYS A 105 -6.43 5.03 10.60
N VAL A 106 -5.39 5.80 10.75
CA VAL A 106 -4.34 5.85 9.69
C VAL A 106 -2.96 5.53 10.29
N VAL A 107 -2.26 4.59 9.73
CA VAL A 107 -0.92 4.23 10.26
C VAL A 107 0.15 4.41 9.18
N LEU A 108 1.39 4.55 9.57
CA LEU A 108 2.47 4.73 8.56
C LEU A 108 3.45 3.55 8.63
N PHE A 109 3.93 3.10 7.50
CA PHE A 109 4.88 1.96 7.50
C PHE A 109 6.31 2.45 7.26
N ASN A 110 7.17 2.34 8.23
CA ASN A 110 8.57 2.80 8.07
C ASN A 110 8.60 4.30 7.71
N PRO A 111 9.60 4.97 8.22
CA PRO A 111 9.76 6.42 7.96
C PRO A 111 10.24 6.66 6.54
N PRO A 112 10.34 7.91 6.17
CA PRO A 112 10.80 8.28 4.81
C PRO A 112 12.30 8.00 4.67
N ASN A 113 12.72 6.80 4.95
CA ASN A 113 14.16 6.47 4.82
C ASN A 113 14.35 4.95 4.67
N GLY A 114 13.32 4.26 4.30
CA GLY A 114 13.44 2.77 4.14
C GLY A 114 12.76 2.35 2.84
N VAL A 115 11.50 2.02 2.90
CA VAL A 115 10.78 1.58 1.68
C VAL A 115 10.80 2.70 0.63
N ASP A 116 11.86 2.80 -0.14
CA ASP A 116 11.94 3.87 -1.17
C ASP A 116 12.34 3.26 -2.52
N ASP A 117 11.62 3.60 -3.56
CA ASP A 117 11.95 3.04 -4.91
C ASP A 117 11.34 3.91 -6.01
N PRO A 118 12.18 4.72 -6.60
CA PRO A 118 11.74 5.63 -7.68
C PRO A 118 11.46 4.83 -8.97
N TYR A 119 12.46 4.67 -9.80
CA TYR A 119 12.26 3.90 -11.06
C TYR A 119 13.58 3.82 -11.84
N TYR A 120 14.68 3.77 -11.15
CA TYR A 120 15.99 3.68 -11.85
C TYR A 120 16.41 2.22 -12.01
N SER A 121 16.25 1.67 -13.19
CA SER A 121 16.64 0.25 -13.41
C SER A 121 15.87 -0.67 -12.45
N SER A 122 16.01 -1.95 -12.61
CA SER A 122 15.28 -2.89 -11.70
C SER A 122 15.87 -2.84 -10.29
N ASP A 123 15.74 -1.72 -9.63
CA ASP A 123 16.31 -1.60 -8.25
C ASP A 123 15.17 -1.39 -7.24
N GLY A 124 15.14 -2.16 -6.19
CA GLY A 124 14.06 -2.00 -5.17
C GLY A 124 13.14 -3.22 -5.20
N PHE A 125 12.93 -3.79 -6.35
CA PHE A 125 12.04 -4.98 -6.45
C PHE A 125 12.31 -5.95 -5.28
N PRO A 126 13.56 -6.26 -5.06
CA PRO A 126 13.92 -7.17 -3.95
C PRO A 126 13.72 -6.49 -2.60
N THR A 127 14.46 -5.45 -2.33
CA THR A 127 14.30 -4.74 -1.02
C THR A 127 12.83 -4.35 -0.83
N MET A 128 12.27 -3.64 -1.77
CA MET A 128 10.84 -3.24 -1.64
C MET A 128 10.01 -4.41 -1.10
N PHE A 129 9.83 -5.43 -1.89
CA PHE A 129 9.03 -6.60 -1.42
C PHE A 129 9.45 -6.96 0.01
N ALA A 130 10.73 -7.09 0.26
CA ALA A 130 11.19 -7.43 1.63
C ALA A 130 10.49 -6.53 2.65
N SER A 131 10.46 -5.25 2.40
CA SER A 131 9.78 -4.33 3.35
C SER A 131 8.26 -4.46 3.24
N ILE A 132 7.77 -4.74 2.05
CA ILE A 132 6.30 -4.90 1.88
C ILE A 132 5.78 -5.97 2.84
N SER A 133 6.47 -7.07 2.94
CA SER A 133 6.01 -8.16 3.86
C SER A 133 6.50 -7.88 5.28
N LYS A 134 7.70 -7.39 5.41
CA LYS A 134 8.25 -7.09 6.77
C LYS A 134 7.47 -5.95 7.42
N GLU A 135 6.77 -5.17 6.64
CA GLU A 135 5.99 -4.04 7.22
C GLU A 135 4.57 -4.50 7.56
N MET A 136 4.05 -5.45 6.84
CA MET A 136 2.67 -5.94 7.13
C MET A 136 2.73 -7.24 7.93
N LYS A 137 3.90 -7.67 8.32
CA LYS A 137 4.02 -8.93 9.09
C LYS A 137 3.86 -8.62 10.59
N PRO A 138 4.62 -7.66 11.05
CA PRO A 138 4.56 -7.26 12.48
C PRO A 138 3.35 -6.36 12.73
N PHE A 139 2.66 -5.97 11.70
CA PHE A 139 1.48 -5.07 11.89
C PHE A 139 0.18 -5.85 11.64
N LEU A 140 -0.17 -6.06 10.40
CA LEU A 140 -1.42 -6.80 10.10
C LEU A 140 -1.55 -8.03 11.01
N THR A 141 -0.45 -8.54 11.50
CA THR A 141 -0.51 -9.74 12.38
C THR A 141 -0.68 -9.30 13.85
N GLU A 142 -0.14 -8.18 14.21
CA GLU A 142 -0.26 -7.71 15.62
C GLU A 142 -1.27 -6.57 15.71
N HIS A 143 -1.29 -5.69 14.75
CA HIS A 143 -2.25 -4.56 14.79
C HIS A 143 -3.62 -5.04 15.28
N GLY A 144 -3.95 -6.27 15.03
CA GLY A 144 -5.26 -6.80 15.49
C GLY A 144 -6.00 -7.43 14.30
N LEU A 145 -5.43 -8.45 13.71
CA LEU A 145 -6.10 -9.10 12.55
C LEU A 145 -5.63 -10.55 12.42
N ILE A 146 -4.37 -10.80 12.64
CA ILE A 146 -3.84 -12.19 12.53
C ILE A 146 -2.82 -12.46 13.64
N ALA A 1 -17.35 -9.47 17.25
CA ALA A 1 -16.16 -8.82 17.89
C ALA A 1 -14.95 -8.87 16.93
N ALA A 2 -14.88 -9.88 16.12
CA ALA A 2 -13.74 -9.98 15.16
C ALA A 2 -14.18 -9.58 13.76
N GLU A 3 -13.63 -8.51 13.24
CA GLU A 3 -14.03 -8.07 11.87
C GLU A 3 -12.81 -8.06 10.95
N LYS A 4 -13.03 -8.02 9.67
CA LYS A 4 -11.88 -7.99 8.72
C LYS A 4 -11.18 -6.64 8.83
N LYS A 5 -10.53 -6.21 7.79
CA LYS A 5 -9.84 -4.88 7.87
C LYS A 5 -9.60 -4.33 6.46
N ALA A 6 -8.74 -3.34 6.35
CA ALA A 6 -8.45 -2.75 5.01
C ALA A 6 -7.45 -1.62 5.16
N VAL A 7 -6.19 -1.87 4.91
CA VAL A 7 -5.17 -0.79 5.05
C VAL A 7 -5.00 -0.05 3.72
N LEU A 8 -4.88 1.24 3.76
CA LEU A 8 -4.72 2.02 2.51
C LEU A 8 -3.23 2.16 2.17
N PHE A 9 -2.68 1.22 1.45
CA PHE A 9 -1.24 1.31 1.09
C PHE A 9 -1.04 2.39 0.03
N VAL A 10 -0.34 3.44 0.38
CA VAL A 10 -0.11 4.54 -0.62
C VAL A 10 0.99 5.48 -0.15
N CYS A 11 1.42 6.38 -0.99
CA CYS A 11 2.49 7.34 -0.61
C CYS A 11 2.88 8.20 -1.81
N LEU A 12 2.01 9.09 -2.22
CA LEU A 12 2.33 9.96 -3.38
C LEU A 12 2.80 9.10 -4.57
N GLY A 13 2.06 8.08 -4.89
CA GLY A 13 2.45 7.20 -6.03
C GLY A 13 1.49 6.02 -6.13
N ASN A 14 0.27 6.26 -6.53
CA ASN A 14 -0.72 5.15 -6.65
C ASN A 14 -0.07 3.94 -7.32
N ILE A 15 0.65 4.16 -8.39
CA ILE A 15 1.30 3.02 -9.09
C ILE A 15 2.30 2.33 -8.16
N CYS A 16 2.61 2.94 -7.05
CA CYS A 16 3.58 2.31 -6.10
C CYS A 16 2.83 1.63 -4.95
N ARG A 17 3.42 0.62 -4.36
CA ARG A 17 2.74 -0.09 -3.24
C ARG A 17 1.44 -0.73 -3.72
N SER A 18 1.22 -0.75 -5.01
CA SER A 18 -0.03 -1.37 -5.54
C SER A 18 0.19 -2.86 -5.84
N PRO A 19 1.05 -3.12 -6.79
CA PRO A 19 1.35 -4.51 -7.19
C PRO A 19 2.22 -5.18 -6.12
N ALA A 20 2.59 -4.46 -5.09
CA ALA A 20 3.44 -5.06 -4.02
C ALA A 20 2.60 -5.39 -2.79
N CYS A 21 1.78 -4.48 -2.35
CA CYS A 21 0.94 -4.75 -1.15
C CYS A 21 -0.13 -5.79 -1.49
N GLU A 22 -0.70 -5.70 -2.67
CA GLU A 22 -1.74 -6.68 -3.08
C GLU A 22 -1.16 -8.10 -3.11
N GLY A 23 0.01 -8.25 -3.68
CA GLY A 23 0.64 -9.60 -3.74
C GLY A 23 1.06 -10.04 -2.34
N ILE A 24 1.75 -9.19 -1.62
CA ILE A 24 2.19 -9.56 -0.25
C ILE A 24 0.99 -10.05 0.58
N CYS A 25 -0.05 -9.27 0.64
CA CYS A 25 -1.25 -9.69 1.43
C CYS A 25 -1.94 -10.86 0.74
N ARG A 26 -2.43 -10.65 -0.46
CA ARG A 26 -3.13 -11.77 -1.18
C ARG A 26 -2.28 -13.04 -1.10
N ASP A 27 -1.01 -12.92 -0.89
CA ASP A 27 -0.14 -14.14 -0.80
C ASP A 27 -0.16 -14.70 0.62
N MET A 28 -0.02 -13.85 1.61
CA MET A 28 -0.03 -14.33 3.01
C MET A 28 -1.47 -14.51 3.52
N VAL A 29 -2.43 -14.19 2.70
CA VAL A 29 -3.85 -14.35 3.15
C VAL A 29 -4.66 -15.10 2.07
N GLY A 30 -4.28 -14.99 0.84
CA GLY A 30 -5.03 -15.70 -0.23
C GLY A 30 -5.96 -14.71 -0.95
N ASP A 31 -6.86 -14.09 -0.22
CA ASP A 31 -7.79 -13.12 -0.84
C ASP A 31 -8.76 -12.57 0.20
N LYS A 32 -8.54 -11.37 0.66
CA LYS A 32 -9.46 -10.78 1.67
C LYS A 32 -9.44 -9.26 1.57
N LEU A 33 -9.38 -8.58 2.68
CA LEU A 33 -9.37 -7.09 2.65
C LEU A 33 -8.01 -6.56 3.14
N ILE A 34 -8.01 -5.66 4.09
CA ILE A 34 -6.74 -5.10 4.64
C ILE A 34 -5.84 -4.59 3.51
N ILE A 35 -6.30 -4.61 2.29
CA ILE A 35 -5.44 -4.12 1.17
C ILE A 35 -6.18 -3.07 0.34
N ASP A 36 -5.71 -1.85 0.37
CA ASP A 36 -6.37 -0.78 -0.43
C ASP A 36 -5.31 0.17 -0.99
N SER A 37 -5.13 0.16 -2.29
CA SER A 37 -4.12 1.06 -2.90
C SER A 37 -4.65 2.49 -2.98
N ALA A 38 -3.90 3.44 -2.48
CA ALA A 38 -4.37 4.85 -2.53
C ALA A 38 -3.29 5.76 -3.14
N ALA A 39 -3.58 7.03 -3.28
CA ALA A 39 -2.57 7.96 -3.87
C ALA A 39 -3.02 9.40 -3.67
N THR A 40 -2.54 10.05 -2.64
CA THR A 40 -2.94 11.46 -2.38
C THR A 40 -2.96 12.24 -3.70
N SER A 41 -2.07 11.95 -4.60
CA SER A 41 -2.04 12.68 -5.90
C SER A 41 -2.33 11.71 -7.05
N GLY A 42 -2.09 12.13 -8.27
CA GLY A 42 -2.34 11.24 -9.43
C GLY A 42 -1.84 11.91 -10.71
N PHE A 43 -0.56 11.90 -10.94
CA PHE A 43 -0.01 12.55 -12.16
C PHE A 43 0.90 11.56 -12.92
N HIS A 44 1.05 10.37 -12.41
CA HIS A 44 1.92 9.38 -13.09
C HIS A 44 1.12 8.11 -13.42
N VAL A 45 -0.06 7.99 -12.87
CA VAL A 45 -0.89 6.78 -13.16
C VAL A 45 -1.22 6.70 -14.65
N GLY A 46 -1.57 5.54 -15.12
CA GLY A 46 -1.92 5.39 -16.57
C GLY A 46 -0.63 5.30 -17.39
N GLN A 47 0.46 4.92 -16.77
CA GLN A 47 1.74 4.81 -17.52
C GLN A 47 2.82 4.19 -16.63
N SER A 48 4.05 4.57 -16.83
CA SER A 48 5.15 4.01 -15.98
C SER A 48 5.29 2.51 -16.22
N PRO A 49 6.38 2.13 -16.82
CA PRO A 49 6.64 0.70 -17.11
C PRO A 49 6.89 -0.08 -15.81
N ASP A 50 5.85 -0.56 -15.19
CA ASP A 50 6.03 -1.32 -13.93
C ASP A 50 6.30 -2.80 -14.23
N THR A 51 6.92 -3.07 -15.35
CA THR A 51 7.22 -4.49 -15.70
C THR A 51 8.37 -4.99 -14.83
N ARG A 52 9.20 -4.08 -14.39
CA ARG A 52 10.33 -4.50 -13.52
C ARG A 52 9.80 -4.87 -12.13
N SER A 53 9.08 -3.98 -11.51
CA SER A 53 8.51 -4.29 -10.17
C SER A 53 7.59 -5.51 -10.28
N GLN A 54 6.67 -5.49 -11.21
CA GLN A 54 5.76 -6.66 -11.37
C GLN A 54 6.59 -7.90 -11.70
N LYS A 55 7.57 -7.75 -12.55
CA LYS A 55 8.43 -8.92 -12.92
C LYS A 55 8.97 -9.56 -11.64
N VAL A 56 9.80 -8.87 -10.91
CA VAL A 56 10.35 -9.44 -9.66
C VAL A 56 9.19 -9.96 -8.81
N CYS A 57 8.09 -9.26 -8.82
CA CYS A 57 6.92 -9.72 -8.03
C CYS A 57 6.60 -11.17 -8.37
N LYS A 58 6.45 -11.48 -9.63
CA LYS A 58 6.16 -12.88 -10.03
C LYS A 58 7.39 -13.76 -9.79
N SER A 59 8.56 -13.17 -9.84
CA SER A 59 9.81 -13.95 -9.62
C SER A 59 10.01 -14.19 -8.11
N ASN A 60 9.26 -13.51 -7.30
CA ASN A 60 9.38 -13.70 -5.83
C ASN A 60 8.16 -14.45 -5.31
N GLY A 61 7.10 -14.43 -6.07
CA GLY A 61 5.86 -15.14 -5.66
C GLY A 61 4.81 -14.14 -5.20
N VAL A 62 3.90 -13.78 -6.07
CA VAL A 62 2.84 -12.79 -5.69
C VAL A 62 1.60 -13.00 -6.55
N ASP A 63 0.89 -11.94 -6.83
CA ASP A 63 -0.34 -12.06 -7.68
C ASP A 63 -1.00 -10.70 -7.84
N ILE A 64 -1.08 -10.20 -9.05
CA ILE A 64 -1.71 -8.87 -9.27
C ILE A 64 -2.42 -8.84 -10.63
N SER A 65 -1.86 -9.48 -11.62
CA SER A 65 -2.51 -9.48 -12.97
C SER A 65 -2.45 -8.09 -13.59
N LYS A 66 -3.16 -7.15 -13.02
CA LYS A 66 -3.15 -5.76 -13.57
C LYS A 66 -3.02 -4.74 -12.45
N GLN A 67 -3.11 -3.48 -12.77
CA GLN A 67 -3.01 -2.43 -11.71
C GLN A 67 -4.02 -1.32 -11.96
N ARG A 68 -3.76 -0.45 -12.89
CA ARG A 68 -4.72 0.66 -13.17
C ARG A 68 -5.11 1.37 -11.88
N ALA A 69 -4.33 2.31 -11.44
CA ALA A 69 -4.66 3.04 -10.18
C ALA A 69 -5.78 4.05 -10.44
N ARG A 70 -6.20 4.76 -9.42
CA ARG A 70 -7.28 5.77 -9.61
C ARG A 70 -7.17 6.87 -8.56
N GLN A 71 -5.97 7.15 -8.12
CA GLN A 71 -5.79 8.23 -7.10
C GLN A 71 -6.65 7.94 -5.86
N ILE A 72 -6.36 8.56 -4.75
CA ILE A 72 -7.16 8.32 -3.52
C ILE A 72 -8.61 8.76 -3.75
N THR A 73 -9.43 8.67 -2.73
CA THR A 73 -10.86 9.09 -2.89
C THR A 73 -11.41 9.61 -1.56
N LYS A 74 -12.29 10.55 -1.61
CA LYS A 74 -12.87 11.09 -0.34
C LYS A 74 -13.56 9.98 0.45
N ALA A 75 -13.80 8.86 -0.17
CA ALA A 75 -14.47 7.73 0.54
C ALA A 75 -13.41 6.84 1.21
N ASP A 76 -12.16 7.05 0.91
CA ASP A 76 -11.10 6.21 1.53
C ASP A 76 -11.37 6.04 3.02
N PHE A 77 -11.75 7.10 3.69
CA PHE A 77 -12.02 7.00 5.15
C PHE A 77 -13.13 5.98 5.40
N SER A 78 -13.89 5.64 4.39
CA SER A 78 -14.99 4.65 4.57
C SER A 78 -14.67 3.37 3.80
N LYS A 79 -14.20 3.48 2.59
CA LYS A 79 -13.87 2.28 1.79
C LYS A 79 -13.07 1.29 2.64
N PHE A 80 -12.35 1.77 3.61
CA PHE A 80 -11.54 0.86 4.47
C PHE A 80 -11.51 1.39 5.91
N ASP A 81 -10.86 0.69 6.80
CA ASP A 81 -10.79 1.16 8.21
C ASP A 81 -9.36 1.52 8.60
N VAL A 82 -8.40 1.13 7.81
CA VAL A 82 -6.98 1.47 8.15
C VAL A 82 -6.29 2.13 6.95
N ILE A 83 -5.43 3.07 7.21
CA ILE A 83 -4.70 3.76 6.09
C ILE A 83 -3.20 3.48 6.21
N ALA A 84 -2.62 2.86 5.22
CA ALA A 84 -1.16 2.57 5.28
C ALA A 84 -0.36 3.60 4.47
N ALA A 85 0.40 4.42 5.14
CA ALA A 85 1.20 5.45 4.40
C ALA A 85 2.68 5.03 4.38
N LEU A 86 3.32 5.11 3.24
CA LEU A 86 4.75 4.71 3.17
C LEU A 86 5.65 5.86 3.63
N ASP A 87 5.23 7.08 3.41
CA ASP A 87 6.07 8.24 3.84
C ASP A 87 5.32 9.09 4.87
N GLN A 88 5.93 10.13 5.34
CA GLN A 88 5.25 11.00 6.35
C GLN A 88 4.42 12.07 5.65
N SER A 89 4.96 12.65 4.61
CA SER A 89 4.19 13.70 3.87
C SER A 89 2.75 13.25 3.67
N ILE A 90 2.55 12.06 3.19
CA ILE A 90 1.16 11.56 2.97
C ILE A 90 0.34 11.70 4.25
N LEU A 91 0.92 11.45 5.38
CA LEU A 91 0.17 11.58 6.67
C LEU A 91 -0.09 13.05 6.97
N SER A 92 0.89 13.89 6.76
CA SER A 92 0.70 15.34 7.04
C SER A 92 -0.39 15.92 6.12
N ASP A 93 -0.51 15.38 4.93
CA ASP A 93 -1.55 15.89 4.00
C ASP A 93 -2.87 15.16 4.21
N ILE A 94 -2.87 13.86 4.10
CA ILE A 94 -4.13 13.10 4.32
C ILE A 94 -4.85 13.59 5.57
N ASN A 95 -4.10 14.00 6.56
CA ASN A 95 -4.74 14.50 7.82
C ASN A 95 -5.25 15.92 7.63
N SER A 96 -4.81 16.59 6.59
CA SER A 96 -5.28 17.99 6.36
C SER A 96 -6.61 17.98 5.59
N MET A 97 -7.02 16.84 5.11
CA MET A 97 -8.30 16.77 4.36
C MET A 97 -9.34 15.97 5.16
N LYS A 98 -8.91 15.15 6.06
CA LYS A 98 -9.87 14.34 6.87
C LYS A 98 -10.96 15.25 7.44
N PRO A 99 -12.11 14.67 7.65
CA PRO A 99 -13.26 15.43 8.20
C PRO A 99 -13.03 15.74 9.68
N SER A 100 -12.73 14.74 10.47
CA SER A 100 -12.49 14.98 11.92
C SER A 100 -12.44 13.66 12.68
N ASN A 101 -13.01 12.63 12.13
CA ASN A 101 -12.99 11.31 12.82
C ASN A 101 -13.34 10.19 11.84
N CYS A 102 -14.60 9.98 11.59
CA CYS A 102 -15.02 8.89 10.64
C CYS A 102 -14.78 7.52 11.29
N ARG A 103 -14.51 6.53 10.49
CA ARG A 103 -14.27 5.17 11.06
C ARG A 103 -13.02 4.55 10.44
N ALA A 104 -11.88 5.14 10.64
CA ALA A 104 -10.63 4.59 10.05
C ALA A 104 -9.41 5.05 10.86
N LYS A 105 -8.32 4.31 10.80
CA LYS A 105 -7.11 4.71 11.56
C LYS A 105 -5.92 4.83 10.61
N VAL A 106 -5.10 5.83 10.80
CA VAL A 106 -3.91 6.00 9.91
C VAL A 106 -2.69 5.34 10.52
N VAL A 107 -1.89 4.68 9.72
CA VAL A 107 -0.67 4.01 10.27
C VAL A 107 0.52 4.25 9.34
N LEU A 108 1.68 4.44 9.91
CA LEU A 108 2.90 4.68 9.06
C LEU A 108 3.62 3.35 8.80
N PHE A 109 3.98 3.11 7.56
CA PHE A 109 4.70 1.84 7.23
C PHE A 109 6.21 2.02 7.43
N ASN A 110 6.68 3.24 7.41
CA ASN A 110 8.14 3.47 7.59
C ASN A 110 8.43 4.97 7.60
N PRO A 111 9.61 5.31 8.06
CA PRO A 111 10.02 6.74 8.12
C PRO A 111 10.36 7.25 6.73
N PRO A 112 10.62 8.53 6.65
CA PRO A 112 10.96 9.16 5.36
C PRO A 112 12.38 8.77 4.93
N ASN A 113 12.68 7.50 4.91
CA ASN A 113 14.05 7.06 4.50
C ASN A 113 13.99 6.32 3.16
N GLY A 114 13.03 5.44 3.00
CA GLY A 114 12.92 4.69 1.72
C GLY A 114 12.80 3.19 2.01
N VAL A 115 11.62 2.65 1.92
CA VAL A 115 11.43 1.20 2.19
C VAL A 115 10.81 0.51 0.98
N ASP A 116 10.39 1.27 0.01
CA ASP A 116 9.77 0.65 -1.20
C ASP A 116 10.62 0.99 -2.44
N ASP A 117 10.01 1.51 -3.48
CA ASP A 117 10.78 1.85 -4.70
C ASP A 117 10.05 2.92 -5.52
N PRO A 118 10.29 4.15 -5.16
CA PRO A 118 9.65 5.29 -5.87
C PRO A 118 10.26 5.47 -7.25
N TYR A 119 10.26 4.45 -8.06
CA TYR A 119 10.86 4.58 -9.43
C TYR A 119 12.21 5.27 -9.35
N TYR A 120 12.66 5.83 -10.45
CA TYR A 120 13.99 6.52 -10.43
C TYR A 120 15.11 5.51 -10.23
N SER A 121 14.80 4.24 -10.27
CA SER A 121 15.86 3.20 -10.07
C SER A 121 15.21 1.82 -9.97
N SER A 122 16.00 0.78 -10.08
CA SER A 122 15.42 -0.59 -9.98
C SER A 122 15.90 -1.27 -8.69
N ASP A 123 16.93 -0.76 -8.09
CA ASP A 123 17.44 -1.38 -6.82
C ASP A 123 16.41 -1.19 -5.69
N GLY A 124 15.29 -1.85 -5.79
CA GLY A 124 14.26 -1.71 -4.72
C GLY A 124 13.08 -2.64 -5.02
N PHE A 125 12.79 -2.86 -6.28
CA PHE A 125 11.66 -3.76 -6.63
C PHE A 125 11.65 -5.00 -5.74
N PRO A 126 12.78 -5.64 -5.65
CA PRO A 126 12.90 -6.86 -4.81
C PRO A 126 12.88 -6.48 -3.32
N THR A 127 13.80 -5.64 -2.91
CA THR A 127 13.83 -5.24 -1.47
C THR A 127 12.45 -4.73 -1.03
N MET A 128 11.81 -3.94 -1.86
CA MET A 128 10.47 -3.42 -1.49
C MET A 128 9.58 -4.58 -1.03
N PHE A 129 9.08 -5.36 -1.95
CA PHE A 129 8.21 -6.50 -1.55
C PHE A 129 8.84 -7.27 -0.39
N ALA A 130 10.06 -7.71 -0.57
CA ALA A 130 10.74 -8.47 0.53
C ALA A 130 10.64 -7.71 1.85
N SER A 131 10.46 -6.42 1.79
CA SER A 131 10.35 -5.62 3.04
C SER A 131 8.88 -5.52 3.45
N ILE A 132 8.07 -5.00 2.57
CA ILE A 132 6.61 -4.88 2.90
C ILE A 132 6.09 -6.26 3.29
N SER A 133 6.80 -7.30 2.92
CA SER A 133 6.36 -8.68 3.28
C SER A 133 7.12 -9.17 4.50
N LYS A 134 8.43 -9.05 4.49
CA LYS A 134 9.23 -9.51 5.66
C LYS A 134 8.80 -8.75 6.91
N GLU A 135 8.12 -7.65 6.75
CA GLU A 135 7.68 -6.85 7.92
C GLU A 135 6.14 -6.83 7.98
N MET A 136 5.50 -7.62 7.16
CA MET A 136 4.02 -7.63 7.15
C MET A 136 3.48 -8.51 8.28
N LYS A 137 4.34 -8.94 9.16
CA LYS A 137 3.87 -9.80 10.29
C LYS A 137 3.47 -8.93 11.49
N PRO A 138 4.35 -8.05 11.88
CA PRO A 138 4.08 -7.16 13.02
C PRO A 138 3.12 -6.02 12.61
N PHE A 139 2.60 -6.08 11.41
CA PHE A 139 1.67 -5.01 10.95
C PHE A 139 0.22 -5.43 11.16
N LEU A 140 -0.19 -6.51 10.54
CA LEU A 140 -1.60 -6.97 10.70
C LEU A 140 -1.74 -7.83 11.96
N THR A 141 -0.64 -8.25 12.52
CA THR A 141 -0.71 -9.10 13.75
C THR A 141 -1.20 -8.26 14.94
N GLU A 142 -0.86 -7.01 14.96
CA GLU A 142 -1.31 -6.15 16.09
C GLU A 142 -2.49 -5.27 15.66
N HIS A 143 -2.46 -4.78 14.45
CA HIS A 143 -3.58 -3.92 13.97
C HIS A 143 -4.92 -4.53 14.37
N GLY A 144 -5.01 -5.83 14.43
CA GLY A 144 -6.29 -6.48 14.83
C GLY A 144 -6.55 -7.69 13.92
N LEU A 145 -5.82 -8.75 14.12
CA LEU A 145 -6.02 -9.97 13.28
C LEU A 145 -5.38 -11.19 13.95
N ILE A 146 -4.09 -11.17 14.12
CA ILE A 146 -3.41 -12.33 14.76
C ILE A 146 -2.34 -11.84 15.74
N ALA A 1 -10.56 -7.46 18.54
CA ALA A 1 -11.62 -8.44 18.15
C ALA A 1 -11.07 -9.43 17.13
N ALA A 2 -11.77 -10.52 16.91
CA ALA A 2 -11.29 -11.53 15.93
C ALA A 2 -12.07 -11.40 14.62
N GLU A 3 -12.20 -10.21 14.11
CA GLU A 3 -12.95 -10.02 12.84
C GLU A 3 -12.02 -9.46 11.75
N LYS A 4 -12.36 -9.66 10.52
CA LYS A 4 -11.50 -9.12 9.42
C LYS A 4 -11.87 -7.66 9.16
N LYS A 5 -10.95 -6.87 8.71
CA LYS A 5 -11.28 -5.44 8.47
C LYS A 5 -10.71 -4.98 7.12
N ALA A 6 -10.48 -3.71 6.97
CA ALA A 6 -9.93 -3.21 5.68
C ALA A 6 -8.77 -2.24 5.92
N VAL A 7 -7.69 -2.37 5.20
CA VAL A 7 -6.54 -1.44 5.40
C VAL A 7 -6.19 -0.77 4.07
N LEU A 8 -6.19 0.54 4.04
CA LEU A 8 -5.85 1.25 2.77
C LEU A 8 -4.35 1.32 2.56
N PHE A 9 -3.82 0.50 1.69
CA PHE A 9 -2.35 0.51 1.42
C PHE A 9 -2.03 1.60 0.39
N VAL A 10 -1.50 2.71 0.83
CA VAL A 10 -1.18 3.81 -0.12
C VAL A 10 0.26 4.30 0.10
N CYS A 11 0.77 5.11 -0.79
CA CYS A 11 2.15 5.62 -0.64
C CYS A 11 2.33 6.91 -1.45
N LEU A 12 2.25 6.82 -2.75
CA LEU A 12 2.42 8.04 -3.59
C LEU A 12 2.54 7.65 -5.07
N GLY A 13 1.58 8.03 -5.87
CA GLY A 13 1.64 7.68 -7.32
C GLY A 13 0.75 6.47 -7.60
N ASN A 14 0.55 5.63 -6.62
CA ASN A 14 -0.31 4.43 -6.83
C ASN A 14 0.41 3.43 -7.74
N ILE A 15 1.62 3.72 -8.12
CA ILE A 15 2.37 2.77 -9.01
C ILE A 15 3.36 1.96 -8.18
N CYS A 16 4.01 2.58 -7.24
CA CYS A 16 4.99 1.84 -6.40
C CYS A 16 4.59 1.94 -4.92
N ARG A 17 4.98 0.97 -4.13
CA ARG A 17 4.62 1.01 -2.68
C ARG A 17 3.10 1.13 -2.52
N SER A 18 2.36 0.23 -3.10
CA SER A 18 0.87 0.29 -2.98
C SER A 18 0.22 -0.81 -3.82
N PRO A 19 0.53 -0.79 -5.09
CA PRO A 19 -0.04 -1.81 -6.02
C PRO A 19 0.60 -3.17 -5.77
N ALA A 20 1.66 -3.21 -5.01
CA ALA A 20 2.33 -4.52 -4.72
C ALA A 20 1.81 -5.09 -3.41
N CYS A 21 1.10 -4.30 -2.64
CA CYS A 21 0.56 -4.80 -1.35
C CYS A 21 -0.44 -5.92 -1.61
N GLU A 22 -1.30 -5.73 -2.57
CA GLU A 22 -2.31 -6.79 -2.89
C GLU A 22 -1.61 -8.14 -2.99
N GLY A 23 -0.59 -8.24 -3.80
CA GLY A 23 0.13 -9.52 -3.94
C GLY A 23 0.78 -9.89 -2.60
N ILE A 24 1.42 -8.94 -1.97
CA ILE A 24 2.06 -9.23 -0.65
C ILE A 24 1.07 -9.97 0.26
N CYS A 25 -0.10 -9.42 0.43
CA CYS A 25 -1.11 -10.09 1.31
C CYS A 25 -1.53 -11.43 0.71
N ARG A 26 -1.76 -11.47 -0.57
CA ARG A 26 -2.17 -12.75 -1.22
C ARG A 26 -1.17 -13.85 -0.88
N ASP A 27 0.10 -13.55 -0.96
CA ASP A 27 1.13 -14.59 -0.65
C ASP A 27 1.41 -14.61 0.86
N MET A 28 1.03 -13.57 1.56
CA MET A 28 1.28 -13.53 3.03
C MET A 28 0.19 -14.30 3.78
N VAL A 29 -1.01 -14.32 3.24
CA VAL A 29 -2.12 -15.05 3.93
C VAL A 29 -3.25 -15.35 2.95
N GLY A 30 -2.95 -15.42 1.68
CA GLY A 30 -4.01 -15.69 0.67
C GLY A 30 -5.02 -14.55 0.67
N ASP A 31 -4.57 -13.35 0.83
CA ASP A 31 -5.51 -12.18 0.84
C ASP A 31 -6.39 -12.22 2.09
N LYS A 32 -5.91 -11.69 3.18
CA LYS A 32 -6.71 -11.69 4.43
C LYS A 32 -7.59 -10.43 4.49
N LEU A 33 -8.10 -10.01 3.36
CA LEU A 33 -8.96 -8.80 3.33
C LEU A 33 -8.11 -7.53 3.57
N ILE A 34 -8.66 -6.57 4.27
CA ILE A 34 -7.91 -5.32 4.55
C ILE A 34 -7.00 -4.91 3.39
N ILE A 35 -7.29 -5.36 2.20
CA ILE A 35 -6.44 -4.99 1.02
C ILE A 35 -7.08 -3.81 0.27
N ASP A 36 -6.74 -2.60 0.64
CA ASP A 36 -7.33 -1.43 -0.06
C ASP A 36 -6.22 -0.54 -0.64
N SER A 37 -5.66 -0.92 -1.75
CA SER A 37 -4.57 -0.10 -2.37
C SER A 37 -5.14 1.25 -2.83
N ALA A 38 -4.50 2.33 -2.48
CA ALA A 38 -5.00 3.66 -2.90
C ALA A 38 -3.84 4.62 -3.17
N ALA A 39 -4.13 5.85 -3.48
CA ALA A 39 -3.05 6.84 -3.76
C ALA A 39 -3.48 8.24 -3.32
N THR A 40 -2.55 9.07 -2.93
CA THR A 40 -2.91 10.45 -2.48
C THR A 40 -3.04 11.36 -3.70
N SER A 41 -1.94 11.80 -4.25
CA SER A 41 -2.01 12.70 -5.44
C SER A 41 -1.63 11.93 -6.70
N GLY A 42 -2.52 11.14 -7.21
CA GLY A 42 -2.20 10.35 -8.44
C GLY A 42 -1.86 11.32 -9.58
N PHE A 43 -0.59 11.54 -9.81
CA PHE A 43 -0.19 12.47 -10.92
C PHE A 43 0.59 11.71 -11.98
N HIS A 44 0.96 10.49 -11.72
CA HIS A 44 1.73 9.70 -12.72
C HIS A 44 0.93 8.46 -13.13
N VAL A 45 0.25 8.53 -14.25
CA VAL A 45 -0.55 7.36 -14.71
C VAL A 45 -0.11 6.93 -16.11
N GLY A 46 -0.20 5.67 -16.42
CA GLY A 46 0.21 5.20 -17.78
C GLY A 46 1.55 5.83 -18.16
N GLN A 47 2.34 6.18 -17.18
CA GLN A 47 3.66 6.80 -17.49
C GLN A 47 4.76 6.13 -16.66
N SER A 48 4.47 5.03 -16.04
CA SER A 48 5.49 4.32 -15.22
C SER A 48 5.78 2.93 -15.81
N PRO A 49 6.69 2.24 -15.18
CA PRO A 49 7.06 0.88 -15.62
C PRO A 49 5.92 -0.11 -15.38
N ASP A 50 5.47 -0.24 -14.17
CA ASP A 50 4.35 -1.18 -13.87
C ASP A 50 4.80 -2.63 -14.09
N THR A 51 5.31 -2.94 -15.25
CA THR A 51 5.77 -4.32 -15.52
C THR A 51 7.05 -4.58 -14.74
N ARG A 52 7.75 -3.54 -14.40
CA ARG A 52 9.00 -3.71 -13.63
C ARG A 52 8.67 -4.09 -12.18
N SER A 53 7.92 -3.25 -11.51
CA SER A 53 7.53 -3.57 -10.11
C SER A 53 6.76 -4.89 -10.07
N GLN A 54 5.78 -5.04 -10.92
CA GLN A 54 5.00 -6.30 -10.94
C GLN A 54 5.95 -7.47 -11.27
N LYS A 55 6.85 -7.26 -12.18
CA LYS A 55 7.82 -8.33 -12.54
C LYS A 55 8.55 -8.80 -11.28
N VAL A 56 9.31 -7.94 -10.67
CA VAL A 56 10.03 -8.34 -9.43
C VAL A 56 9.03 -8.94 -8.45
N CYS A 57 7.83 -8.43 -8.43
CA CYS A 57 6.80 -8.98 -7.51
C CYS A 57 6.64 -10.48 -7.75
N LYS A 58 6.47 -10.87 -8.99
CA LYS A 58 6.33 -12.32 -9.29
C LYS A 58 7.66 -13.04 -9.03
N SER A 59 8.75 -12.35 -9.24
CA SER A 59 10.09 -12.99 -9.01
C SER A 59 10.40 -13.01 -7.50
N ASN A 60 9.62 -12.31 -6.72
CA ASN A 60 9.85 -12.29 -5.25
C ASN A 60 8.71 -13.02 -4.56
N GLY A 61 7.52 -12.90 -5.09
CA GLY A 61 6.36 -13.58 -4.47
C GLY A 61 5.15 -12.64 -4.47
N VAL A 62 4.56 -12.44 -5.62
CA VAL A 62 3.37 -11.54 -5.69
C VAL A 62 2.54 -11.84 -6.95
N ASP A 63 1.25 -11.78 -6.85
CA ASP A 63 0.39 -12.06 -8.04
C ASP A 63 -0.82 -11.13 -8.05
N ILE A 64 -0.81 -10.14 -8.90
CA ILE A 64 -1.97 -9.20 -8.96
C ILE A 64 -2.76 -9.42 -10.25
N SER A 65 -3.32 -8.39 -10.80
CA SER A 65 -4.11 -8.54 -12.06
C SER A 65 -3.94 -7.30 -12.95
N LYS A 66 -4.04 -6.14 -12.38
CA LYS A 66 -3.88 -4.90 -13.20
C LYS A 66 -3.31 -3.77 -12.34
N GLN A 67 -2.57 -2.87 -12.94
CA GLN A 67 -1.98 -1.75 -12.17
C GLN A 67 -2.27 -0.42 -12.86
N ARG A 68 -3.01 0.46 -12.21
CA ARG A 68 -3.33 1.77 -12.83
C ARG A 68 -3.56 2.83 -11.75
N ALA A 69 -2.83 3.90 -11.80
CA ALA A 69 -3.01 4.97 -10.78
C ALA A 69 -4.34 5.69 -10.99
N ARG A 70 -5.19 5.69 -10.00
CA ARG A 70 -6.51 6.38 -10.15
C ARG A 70 -6.78 7.27 -8.94
N GLN A 71 -5.78 7.55 -8.15
CA GLN A 71 -6.00 8.41 -6.95
C GLN A 71 -7.13 7.85 -6.09
N ILE A 72 -7.29 8.36 -4.90
CA ILE A 72 -8.38 7.84 -4.01
C ILE A 72 -9.62 8.72 -4.16
N THR A 73 -10.71 8.31 -3.56
CA THR A 73 -11.96 9.13 -3.65
C THR A 73 -12.28 9.77 -2.30
N LYS A 74 -11.34 9.80 -1.41
CA LYS A 74 -11.58 10.41 -0.07
C LYS A 74 -12.60 9.59 0.71
N ALA A 75 -13.00 8.47 0.18
CA ALA A 75 -14.01 7.62 0.89
C ALA A 75 -13.29 6.65 1.84
N ASP A 76 -12.05 6.34 1.57
CA ASP A 76 -11.31 5.41 2.47
C ASP A 76 -11.58 5.75 3.93
N PHE A 77 -11.84 7.00 4.22
CA PHE A 77 -12.12 7.39 5.64
C PHE A 77 -13.48 6.86 6.07
N SER A 78 -14.38 6.67 5.14
CA SER A 78 -15.73 6.15 5.51
C SER A 78 -16.03 4.88 4.72
N LYS A 79 -15.06 4.34 4.04
CA LYS A 79 -15.29 3.10 3.25
C LYS A 79 -14.61 1.90 3.93
N PHE A 80 -13.46 2.12 4.52
CA PHE A 80 -12.75 1.00 5.20
C PHE A 80 -12.67 1.26 6.71
N ASP A 81 -11.57 0.91 7.32
CA ASP A 81 -11.44 1.13 8.79
C ASP A 81 -10.00 1.56 9.12
N VAL A 82 -9.03 0.99 8.47
CA VAL A 82 -7.61 1.36 8.76
C VAL A 82 -6.92 1.80 7.47
N ILE A 83 -5.93 2.65 7.58
CA ILE A 83 -5.21 3.12 6.37
C ILE A 83 -3.70 2.98 6.56
N ALA A 84 -3.07 2.13 5.79
CA ALA A 84 -1.60 1.95 5.94
C ALA A 84 -0.85 2.78 4.90
N ALA A 85 0.22 3.41 5.28
CA ALA A 85 0.99 4.23 4.30
C ALA A 85 2.42 3.71 4.18
N LEU A 86 2.96 3.71 2.99
CA LEU A 86 4.36 3.20 2.81
C LEU A 86 5.34 4.38 2.86
N ASP A 87 4.87 5.56 3.12
CA ASP A 87 5.78 6.73 3.18
C ASP A 87 5.30 7.73 4.23
N GLN A 88 5.66 8.97 4.10
CA GLN A 88 5.21 10.00 5.09
C GLN A 88 4.34 11.05 4.41
N SER A 89 4.74 11.50 3.25
CA SER A 89 3.93 12.54 2.54
C SER A 89 2.44 12.18 2.60
N ILE A 90 2.13 10.93 2.68
CA ILE A 90 0.70 10.52 2.75
C ILE A 90 0.10 10.90 4.10
N LEU A 91 0.77 10.57 5.16
CA LEU A 91 0.23 10.91 6.52
C LEU A 91 0.28 12.43 6.73
N SER A 92 1.19 13.10 6.07
CA SER A 92 1.29 14.59 6.24
C SER A 92 0.19 15.27 5.41
N ASP A 93 -0.05 14.80 4.22
CA ASP A 93 -1.09 15.43 3.37
C ASP A 93 -2.49 14.88 3.73
N ILE A 94 -2.62 13.58 3.79
CA ILE A 94 -3.94 12.99 4.14
C ILE A 94 -4.54 13.71 5.35
N ASN A 95 -3.74 14.02 6.33
CA ASN A 95 -4.28 14.73 7.52
C ASN A 95 -4.74 16.14 7.15
N SER A 96 -4.48 16.56 5.94
CA SER A 96 -4.90 17.92 5.51
C SER A 96 -6.33 17.88 4.97
N MET A 97 -6.78 16.75 4.53
CA MET A 97 -8.16 16.65 3.99
C MET A 97 -9.08 15.94 5.00
N LYS A 98 -8.56 14.98 5.71
CA LYS A 98 -9.40 14.26 6.71
C LYS A 98 -10.28 15.26 7.48
N PRO A 99 -11.56 15.02 7.43
CA PRO A 99 -12.52 15.91 8.13
C PRO A 99 -12.46 15.68 9.63
N SER A 100 -13.37 16.27 10.37
CA SER A 100 -13.36 16.08 11.84
C SER A 100 -14.42 15.05 12.25
N ASN A 101 -14.94 14.32 11.31
CA ASN A 101 -15.97 13.30 11.64
C ASN A 101 -15.70 12.01 10.86
N CYS A 102 -14.96 11.10 11.45
CA CYS A 102 -14.66 9.81 10.74
C CYS A 102 -14.47 8.68 11.75
N ARG A 103 -14.26 7.49 11.28
CA ARG A 103 -14.08 6.34 12.20
C ARG A 103 -12.96 5.41 11.69
N ALA A 104 -12.04 5.95 10.95
CA ALA A 104 -10.92 5.10 10.43
C ALA A 104 -9.58 5.60 10.97
N LYS A 105 -8.72 4.69 11.35
CA LYS A 105 -7.39 5.12 11.89
C LYS A 105 -6.31 4.92 10.82
N VAL A 106 -5.23 5.64 10.93
CA VAL A 106 -4.14 5.50 9.92
C VAL A 106 -2.89 4.87 10.57
N VAL A 107 -2.03 4.29 9.79
CA VAL A 107 -0.81 3.66 10.35
C VAL A 107 0.35 3.76 9.36
N LEU A 108 1.51 4.15 9.81
CA LEU A 108 2.68 4.27 8.89
C LEU A 108 3.50 2.97 8.90
N PHE A 109 4.00 2.58 7.76
CA PHE A 109 4.80 1.32 7.71
C PHE A 109 6.29 1.64 7.94
N ASN A 110 6.89 2.37 7.05
CA ASN A 110 8.33 2.72 7.20
C ASN A 110 8.59 4.15 6.74
N PRO A 111 9.72 4.66 7.13
CA PRO A 111 10.10 6.05 6.76
C PRO A 111 10.51 6.10 5.28
N PRO A 112 10.76 7.30 4.81
CA PRO A 112 11.17 7.50 3.41
C PRO A 112 12.60 7.03 3.20
N ASN A 113 12.91 5.82 3.58
CA ASN A 113 14.30 5.31 3.41
C ASN A 113 14.28 3.78 3.28
N GLY A 114 13.47 3.12 4.06
CA GLY A 114 13.41 1.63 3.98
C GLY A 114 13.08 1.21 2.54
N VAL A 115 11.90 1.49 2.07
CA VAL A 115 11.53 1.11 0.68
C VAL A 115 11.58 2.34 -0.23
N ASP A 116 12.73 2.66 -0.76
CA ASP A 116 12.83 3.85 -1.65
C ASP A 116 12.06 3.60 -2.96
N ASP A 117 11.74 4.66 -3.67
CA ASP A 117 10.99 4.49 -4.94
C ASP A 117 11.83 4.99 -6.12
N PRO A 118 12.89 4.27 -6.38
CA PRO A 118 13.80 4.65 -7.49
C PRO A 118 13.16 4.35 -8.84
N TYR A 119 13.68 4.92 -9.90
CA TYR A 119 13.09 4.66 -11.24
C TYR A 119 14.20 4.31 -12.24
N TYR A 120 13.84 3.75 -13.37
CA TYR A 120 14.87 3.38 -14.38
C TYR A 120 15.99 2.57 -13.72
N SER A 121 15.69 1.88 -12.66
CA SER A 121 16.73 1.07 -11.98
C SER A 121 16.09 -0.09 -11.20
N SER A 122 16.85 -0.75 -10.36
CA SER A 122 16.28 -1.87 -9.57
C SER A 122 16.86 -1.87 -8.16
N ASP A 123 16.40 -0.97 -7.32
CA ASP A 123 16.93 -0.92 -5.92
C ASP A 123 15.77 -0.92 -4.92
N GLY A 124 14.65 -0.38 -5.30
CA GLY A 124 13.48 -0.35 -4.37
C GLY A 124 12.49 -1.45 -4.74
N PHE A 125 12.35 -1.72 -6.01
CA PHE A 125 11.40 -2.79 -6.44
C PHE A 125 11.48 -4.00 -5.50
N PRO A 126 12.67 -4.52 -5.35
CA PRO A 126 12.88 -5.68 -4.46
C PRO A 126 12.76 -5.26 -2.99
N THR A 127 13.60 -4.36 -2.55
CA THR A 127 13.53 -3.90 -1.14
C THR A 127 12.09 -3.53 -0.77
N MET A 128 11.41 -2.81 -1.64
CA MET A 128 10.01 -2.42 -1.34
C MET A 128 9.20 -3.65 -0.94
N PHE A 129 8.80 -4.45 -1.89
CA PHE A 129 8.01 -5.67 -1.55
C PHE A 129 8.67 -6.41 -0.38
N ALA A 130 9.89 -6.81 -0.54
CA ALA A 130 10.58 -7.53 0.58
C ALA A 130 10.35 -6.79 1.90
N SER A 131 10.12 -5.50 1.84
CA SER A 131 9.88 -4.73 3.10
C SER A 131 8.40 -4.78 3.43
N ILE A 132 7.59 -4.09 2.67
CA ILE A 132 6.13 -4.11 2.94
C ILE A 132 5.69 -5.54 3.27
N SER A 133 6.42 -6.51 2.79
CA SER A 133 6.06 -7.93 3.07
C SER A 133 6.74 -8.41 4.35
N LYS A 134 8.05 -8.42 4.38
CA LYS A 134 8.76 -8.89 5.60
C LYS A 134 8.22 -8.16 6.84
N GLU A 135 7.62 -7.01 6.65
CA GLU A 135 7.06 -6.27 7.80
C GLU A 135 5.53 -6.27 7.76
N MET A 136 4.97 -7.07 6.90
CA MET A 136 3.48 -7.12 6.79
C MET A 136 2.92 -8.14 7.77
N LYS A 137 3.77 -8.84 8.48
CA LYS A 137 3.29 -9.86 9.45
C LYS A 137 3.09 -9.25 10.84
N PRO A 138 4.08 -8.50 11.28
CA PRO A 138 4.02 -7.87 12.62
C PRO A 138 3.08 -6.66 12.58
N PHE A 139 2.47 -6.39 11.46
CA PHE A 139 1.55 -5.23 11.37
C PHE A 139 0.10 -5.72 11.34
N LEU A 140 -0.19 -6.69 10.53
CA LEU A 140 -1.58 -7.21 10.45
C LEU A 140 -1.87 -8.14 11.64
N THR A 141 -1.05 -9.13 11.85
CA THR A 141 -1.27 -10.06 12.98
C THR A 141 -1.62 -9.28 14.25
N GLU A 142 -1.18 -8.05 14.35
CA GLU A 142 -1.49 -7.24 15.56
C GLU A 142 -2.58 -6.21 15.25
N HIS A 143 -2.53 -5.60 14.10
CA HIS A 143 -3.57 -4.59 13.74
C HIS A 143 -4.96 -5.08 14.15
N GLY A 144 -5.13 -6.38 14.20
CA GLY A 144 -6.47 -6.92 14.59
C GLY A 144 -6.93 -7.93 13.53
N LEU A 145 -6.27 -9.03 13.41
CA LEU A 145 -6.68 -10.04 12.39
C LEU A 145 -6.08 -11.41 12.73
N ILE A 146 -4.79 -11.55 12.59
CA ILE A 146 -4.14 -12.86 12.90
C ILE A 146 -2.94 -12.64 13.82
#